data_6B4C
#
_entry.id   6B4C
#
_cell.length_a   173.884
_cell.length_b   209.566
_cell.length_c   233.941
_cell.angle_alpha   90.00
_cell.angle_beta   90.00
_cell.angle_gamma   90.00
#
_symmetry.space_group_name_H-M   'P 21 21 21'
#
loop_
_entity.id
_entity.type
_entity.pdbx_description
1 polymer Viperin
2 non-polymer 'SULFATE ION'
3 non-polymer 'CITRATE ANION'
4 water water
#
_entity_poly.entity_id   1
_entity_poly.type   'polypeptide(L)'
_entity_poly.pdbx_seq_one_letter_code
;GGRVRTGQVPVSVNYHFSRKCNKECLFCFHTATTSHVEKPENAKRGLTLLKQAGMKKINFAGGEPFLYPKFLGEMIDFCK
ETLQLESVSIVTNGSLVKEQFLQKHGRNIDILAVSCDSFNEATNIKIGRGSGDNVQKLYEIGSWCQKYDIKFKLNTVVNK
FNHLEDMNDHLNALQPFRWKCFQVLIVTGENDSDKTLRNAHSLTISDDEFDRFCERHSSQTCLVPEPNRLMAKSYLILDE
YMRFLDRNGQQPSKSILEVGVQQALQAVFWDEEAFVERGGIYDWNKSSCSSDSKDLEW
;
_entity_poly.pdbx_strand_id   A,B,C,D,E,F,G,H,I,J,K,L
#
# COMPACT_ATOMS: atom_id res chain seq x y z
N GLY A 7 15.03 22.04 -41.22
CA GLY A 7 16.34 21.99 -40.60
C GLY A 7 17.46 21.52 -41.53
N GLN A 8 18.49 22.33 -41.87
CA GLN A 8 19.09 23.50 -41.14
C GLN A 8 18.42 24.10 -39.86
N VAL A 9 19.28 24.13 -38.84
CA VAL A 9 19.08 24.65 -37.49
C VAL A 9 18.91 26.16 -37.64
N PRO A 10 18.25 26.86 -36.73
CA PRO A 10 18.19 28.32 -36.83
C PRO A 10 19.58 28.90 -36.62
N VAL A 11 19.69 30.20 -36.93
CA VAL A 11 20.95 30.90 -36.75
C VAL A 11 21.41 30.79 -35.32
N SER A 12 20.47 30.79 -34.37
CA SER A 12 20.78 30.85 -32.95
C SER A 12 20.31 29.59 -32.25
N VAL A 13 21.16 29.02 -31.39
CA VAL A 13 20.82 27.86 -30.60
C VAL A 13 21.13 28.13 -29.15
N ASN A 14 20.20 27.74 -28.26
CA ASN A 14 20.33 27.94 -26.82
C ASN A 14 20.80 26.66 -26.18
N TYR A 15 22.02 26.64 -25.66
CA TYR A 15 22.62 25.43 -25.16
C TYR A 15 22.46 25.41 -23.64
N HIS A 16 21.43 24.70 -23.17
CA HIS A 16 21.23 24.56 -21.73
C HIS A 16 22.13 23.42 -21.27
N PHE A 17 23.42 23.74 -21.07
CA PHE A 17 24.41 22.67 -20.91
C PHE A 17 24.41 22.02 -19.54
N SER A 18 23.63 22.53 -18.59
CA SER A 18 23.40 21.85 -17.32
C SER A 18 22.00 22.19 -16.87
N ARG A 19 21.48 21.45 -15.90
CA ARG A 19 20.08 21.54 -15.55
C ARG A 19 19.91 22.15 -14.16
N LYS A 20 18.83 22.92 -14.01
CA LYS A 20 18.38 23.51 -12.75
C LYS A 20 17.82 22.49 -11.74
N THR A 33 26.11 17.19 -5.93
CA THR A 33 26.15 15.95 -6.71
C THR A 33 26.78 16.08 -8.15
N THR A 34 26.24 16.80 -9.13
CA THR A 34 25.06 17.67 -9.03
C THR A 34 24.05 17.39 -10.15
N SER A 35 24.58 17.18 -11.38
CA SER A 35 23.87 17.25 -12.66
C SER A 35 24.79 16.84 -13.82
N HIS A 36 24.27 16.24 -14.90
CA HIS A 36 25.14 15.83 -16.01
C HIS A 36 25.60 17.03 -16.82
N VAL A 37 26.90 17.06 -17.17
CA VAL A 37 27.43 18.00 -18.14
C VAL A 37 28.33 17.26 -19.13
N GLU A 38 28.27 17.63 -20.40
CA GLU A 38 29.06 16.91 -21.38
C GLU A 38 30.55 17.12 -21.11
N LYS A 39 31.34 16.11 -21.45
CA LYS A 39 32.79 16.29 -21.47
C LYS A 39 33.17 17.31 -22.53
N PRO A 40 34.25 18.06 -22.32
CA PRO A 40 34.59 19.12 -23.27
C PRO A 40 34.82 18.63 -24.69
N GLU A 41 35.44 17.44 -24.89
CA GLU A 41 35.64 16.95 -26.25
C GLU A 41 34.30 16.67 -26.91
N ASN A 42 33.34 16.12 -26.15
CA ASN A 42 32.04 15.80 -26.74
C ASN A 42 31.28 17.07 -27.08
N ALA A 43 31.20 18.00 -26.14
CA ALA A 43 30.53 19.26 -26.44
C ALA A 43 31.19 19.98 -27.63
N LYS A 44 32.53 20.04 -27.65
CA LYS A 44 33.21 20.65 -28.80
C LYS A 44 32.73 20.00 -30.09
N ARG A 45 32.52 18.70 -30.07
CA ARG A 45 32.10 18.03 -31.29
C ARG A 45 30.65 18.33 -31.63
N GLY A 46 29.78 18.40 -30.60
CA GLY A 46 28.38 18.71 -30.85
C GLY A 46 28.20 20.09 -31.43
N LEU A 47 28.89 21.07 -30.85
CA LEU A 47 28.78 22.43 -31.37
C LEU A 47 29.34 22.52 -32.78
N THR A 48 30.39 21.74 -33.08
CA THR A 48 30.87 21.71 -34.47
C THR A 48 29.77 21.22 -35.40
N LEU A 49 29.07 20.16 -35.00
CA LEU A 49 27.95 19.68 -35.81
C LEU A 49 26.95 20.80 -36.02
N LEU A 50 26.62 21.53 -34.95
CA LEU A 50 25.67 22.63 -35.04
C LEU A 50 26.16 23.70 -36.03
N LYS A 51 27.45 24.05 -35.98
CA LYS A 51 27.97 25.04 -36.92
C LYS A 51 27.80 24.57 -38.35
N GLN A 52 28.20 23.32 -38.63
CA GLN A 52 28.11 22.78 -39.99
C GLN A 52 26.69 22.75 -40.48
N ALA A 53 25.73 22.79 -39.57
CA ALA A 53 24.33 22.73 -39.91
C ALA A 53 23.70 24.10 -40.04
N GLY A 54 24.45 25.18 -39.82
CA GLY A 54 23.92 26.52 -40.02
C GLY A 54 23.96 27.40 -38.80
N MET A 55 24.43 26.92 -37.66
CA MET A 55 24.46 27.74 -36.46
C MET A 55 25.47 28.85 -36.61
N LYS A 56 25.06 30.07 -36.30
CA LYS A 56 25.99 31.18 -36.26
C LYS A 56 26.06 31.87 -34.91
N LYS A 57 25.05 31.71 -34.06
CA LYS A 57 24.96 32.35 -32.74
C LYS A 57 24.65 31.29 -31.69
N ILE A 58 25.34 31.35 -30.57
CA ILE A 58 25.09 30.43 -29.46
C ILE A 58 24.83 31.22 -28.19
N ASN A 59 23.95 30.67 -27.36
CA ASN A 59 23.56 31.27 -26.09
C ASN A 59 23.63 30.19 -25.02
N PHE A 60 24.53 30.39 -24.05
CA PHE A 60 24.67 29.46 -22.93
C PHE A 60 23.66 29.80 -21.83
N ALA A 61 22.83 28.83 -21.49
CA ALA A 61 21.79 28.91 -20.48
C ALA A 61 21.77 27.49 -19.85
N GLY A 62 20.72 26.98 -19.20
CA GLY A 62 19.71 27.70 -18.48
C GLY A 62 19.94 27.30 -17.03
N GLY A 63 20.77 26.29 -16.82
CA GLY A 63 21.01 25.84 -15.47
C GLY A 63 21.48 26.96 -14.60
N GLU A 64 22.74 27.34 -14.76
CA GLU A 64 23.39 28.48 -14.13
C GLU A 64 24.82 28.35 -14.58
N PRO A 65 25.18 29.03 -15.66
CA PRO A 65 26.40 28.65 -16.36
C PRO A 65 27.64 28.88 -15.54
N PHE A 66 27.62 29.85 -14.63
CA PHE A 66 28.80 30.17 -13.83
C PHE A 66 28.98 29.25 -12.64
N LEU A 67 28.14 28.22 -12.51
CA LEU A 67 28.43 27.11 -11.64
C LEU A 67 29.53 26.22 -12.20
N TYR A 68 29.80 26.30 -13.51
CA TYR A 68 30.78 25.46 -14.18
C TYR A 68 31.66 26.35 -15.05
N PRO A 69 32.52 27.17 -14.42
CA PRO A 69 33.24 28.18 -15.22
C PRO A 69 34.33 27.59 -16.10
N LYS A 70 34.94 26.46 -15.73
CA LYS A 70 35.98 25.91 -16.58
C LYS A 70 35.41 25.44 -17.92
N PHE A 71 34.26 24.76 -17.88
CA PHE A 71 33.53 24.34 -19.07
C PHE A 71 32.99 25.54 -19.84
N LEU A 72 32.25 26.44 -19.17
CA LEU A 72 31.79 27.66 -19.80
C LEU A 72 32.91 28.36 -20.53
N GLY A 73 34.06 28.50 -19.87
CA GLY A 73 35.17 29.20 -20.47
C GLY A 73 35.77 28.46 -21.64
N GLU A 74 35.98 27.16 -21.51
CA GLU A 74 36.43 26.37 -22.65
C GLU A 74 35.48 26.50 -23.82
N MET A 75 34.18 26.42 -23.57
CA MET A 75 33.28 26.40 -24.72
C MET A 75 33.07 27.80 -25.29
N ILE A 76 33.17 28.85 -24.49
CA ILE A 76 33.15 30.19 -25.08
C ILE A 76 34.32 30.38 -26.03
N ASP A 77 35.54 30.06 -25.56
CA ASP A 77 36.73 30.23 -26.40
C ASP A 77 36.59 29.42 -27.67
N PHE A 78 36.20 28.15 -27.53
CA PHE A 78 36.08 27.29 -28.70
C PHE A 78 35.09 27.86 -29.71
N CYS A 79 33.99 28.43 -29.23
CA CYS A 79 32.97 28.88 -30.16
C CYS A 79 33.43 30.10 -30.93
N LYS A 80 34.12 31.00 -30.25
CA LYS A 80 34.52 32.26 -30.88
C LYS A 80 35.83 32.10 -31.64
N GLU A 81 36.80 31.39 -31.07
CA GLU A 81 38.11 31.25 -31.71
C GLU A 81 38.10 30.16 -32.78
N THR A 82 37.73 28.93 -32.41
CA THR A 82 37.73 27.84 -33.39
C THR A 82 36.56 27.92 -34.38
N LEU A 83 35.31 27.87 -33.89
CA LEU A 83 34.14 27.85 -34.75
C LEU A 83 33.81 29.21 -35.36
N GLN A 84 34.49 30.26 -34.92
CA GLN A 84 34.25 31.61 -35.40
C GLN A 84 32.77 31.94 -35.49
N LEU A 85 32.09 31.96 -34.36
CA LEU A 85 30.67 32.23 -34.34
C LEU A 85 30.44 33.73 -34.34
N GLU A 86 29.37 34.18 -35.00
CA GLU A 86 29.07 35.62 -35.01
C GLU A 86 28.75 36.15 -33.61
N SER A 87 28.16 35.33 -32.75
CA SER A 87 27.62 35.81 -31.47
C SER A 87 27.72 34.73 -30.40
N VAL A 88 28.19 35.10 -29.21
CA VAL A 88 28.34 34.18 -28.10
C VAL A 88 27.74 34.87 -26.88
N SER A 89 26.62 34.35 -26.38
CA SER A 89 25.87 35.00 -25.30
C SER A 89 25.83 34.09 -24.08
N ILE A 90 25.62 34.69 -22.91
CA ILE A 90 25.45 33.93 -21.68
C ILE A 90 24.27 34.50 -20.92
N VAL A 91 23.49 33.64 -20.27
CA VAL A 91 22.41 34.06 -19.38
C VAL A 91 22.74 33.60 -17.97
N THR A 92 22.50 34.47 -17.00
CA THR A 92 22.96 34.16 -15.65
C THR A 92 22.14 34.97 -14.67
N ASN A 93 22.11 34.48 -13.43
CA ASN A 93 21.53 35.27 -12.34
C ASN A 93 22.55 36.22 -11.74
N GLY A 94 23.79 36.19 -12.23
CA GLY A 94 24.83 37.10 -11.81
C GLY A 94 25.50 36.77 -10.50
N SER A 95 24.89 35.93 -9.67
CA SER A 95 25.41 35.68 -8.34
C SER A 95 26.87 35.19 -8.36
N LEU A 96 27.24 34.31 -9.28
CA LEU A 96 28.59 33.73 -9.28
C LEU A 96 29.52 34.31 -10.35
N VAL A 97 29.15 35.42 -11.00
CA VAL A 97 30.04 36.02 -11.97
C VAL A 97 31.19 36.70 -11.23
N LYS A 98 32.42 36.38 -11.58
CA LYS A 98 33.53 37.11 -10.96
C LYS A 98 34.31 37.82 -12.06
N GLU A 99 34.95 38.95 -11.71
CA GLU A 99 35.59 39.78 -12.73
C GLU A 99 36.72 39.03 -13.43
N GLN A 100 37.37 38.11 -12.74
CA GLN A 100 38.46 37.38 -13.36
C GLN A 100 38.00 36.59 -14.58
N PHE A 101 36.79 36.00 -14.53
CA PHE A 101 36.26 35.28 -15.68
C PHE A 101 36.03 36.22 -16.87
N LEU A 102 35.38 37.36 -16.63
CA LEU A 102 35.09 38.27 -17.73
C LEU A 102 36.37 38.82 -18.35
N GLN A 103 37.40 38.99 -17.55
CA GLN A 103 38.67 39.40 -18.14
C GLN A 103 39.31 38.26 -18.93
N LYS A 104 39.39 37.07 -18.33
CA LYS A 104 40.00 35.95 -19.03
C LYS A 104 39.32 35.65 -20.36
N HIS A 105 38.01 35.92 -20.49
CA HIS A 105 37.26 35.47 -21.66
C HIS A 105 36.48 36.56 -22.37
N GLY A 106 36.45 37.79 -21.85
CA GLY A 106 35.56 38.80 -22.37
C GLY A 106 35.76 39.07 -23.84
N ARG A 107 36.96 38.82 -24.37
CA ARG A 107 37.18 39.07 -25.78
C ARG A 107 36.28 38.19 -26.62
N ASN A 108 35.82 37.09 -26.04
CA ASN A 108 35.02 36.12 -26.76
C ASN A 108 33.54 36.17 -26.41
N ILE A 109 33.11 36.95 -25.41
CA ILE A 109 31.71 37.06 -25.01
C ILE A 109 31.09 38.33 -25.60
N ASP A 110 30.08 38.18 -26.47
CA ASP A 110 29.43 39.36 -27.06
C ASP A 110 28.34 39.94 -26.17
N ILE A 111 27.53 39.09 -25.55
CA ILE A 111 26.41 39.52 -24.72
C ILE A 111 26.41 38.71 -23.43
N LEU A 112 26.25 39.39 -22.30
CA LEU A 112 26.02 38.74 -21.03
C LEU A 112 24.66 39.25 -20.56
N ALA A 113 23.67 38.37 -20.52
CA ALA A 113 22.34 38.71 -20.04
C ALA A 113 22.19 38.25 -18.59
N VAL A 114 21.76 39.16 -17.72
CA VAL A 114 21.52 38.86 -16.31
C VAL A 114 20.03 38.89 -16.06
N SER A 115 19.53 37.85 -15.42
CA SER A 115 18.10 37.75 -15.16
C SER A 115 17.82 38.47 -13.85
N CYS A 116 17.00 39.50 -13.91
CA CYS A 116 16.69 40.32 -12.75
C CYS A 116 15.21 40.66 -12.76
N ASP A 117 14.46 40.17 -11.78
CA ASP A 117 13.03 40.38 -11.83
C ASP A 117 12.57 41.50 -10.92
N SER A 118 13.39 41.93 -9.96
CA SER A 118 12.96 42.97 -9.03
C SER A 118 14.18 43.55 -8.33
N PHE A 119 14.05 44.81 -7.91
CA PHE A 119 15.07 45.39 -7.05
C PHE A 119 14.63 45.47 -5.60
N ASN A 120 13.42 45.01 -5.27
CA ASN A 120 12.94 44.91 -3.89
C ASN A 120 13.19 43.52 -3.36
N GLU A 121 13.78 43.44 -2.16
CA GLU A 121 14.04 42.14 -1.56
C GLU A 121 12.75 41.38 -1.33
N ALA A 122 11.72 42.03 -0.78
CA ALA A 122 10.44 41.36 -0.57
C ALA A 122 9.90 40.76 -1.87
N THR A 123 9.80 41.57 -2.92
CA THR A 123 9.34 41.06 -4.21
C THR A 123 10.15 39.83 -4.63
N ASN A 124 11.47 39.92 -4.53
CA ASN A 124 12.28 38.80 -4.99
C ASN A 124 11.99 37.54 -4.20
N ILE A 125 11.88 37.64 -2.87
CA ILE A 125 11.57 36.45 -2.04
C ILE A 125 10.28 35.80 -2.51
N LYS A 126 9.27 36.61 -2.80
CA LYS A 126 7.97 36.05 -3.17
C LYS A 126 8.00 35.38 -4.53
N ILE A 127 8.87 35.83 -5.44
CA ILE A 127 8.96 35.17 -6.74
C ILE A 127 9.66 33.83 -6.61
N GLY A 128 10.54 33.66 -5.62
CA GLY A 128 11.23 32.40 -5.43
C GLY A 128 12.71 32.46 -5.80
N ARG A 129 13.42 33.47 -5.29
CA ARG A 129 14.75 33.85 -5.76
C ARG A 129 15.62 34.34 -4.63
N GLY A 130 15.03 35.11 -3.72
CA GLY A 130 15.77 35.91 -2.76
C GLY A 130 16.39 35.03 -1.70
N SER A 131 16.83 35.63 -0.61
CA SER A 131 16.75 37.06 -0.39
C SER A 131 17.88 37.80 -1.07
N GLY A 132 17.66 39.11 -1.36
CA GLY A 132 18.69 40.03 -1.82
C GLY A 132 19.68 40.28 -0.70
N ASP A 133 20.48 41.35 -0.72
CA ASP A 133 20.58 42.39 -1.76
C ASP A 133 21.40 41.99 -3.03
N ASN A 134 20.68 41.65 -4.10
CA ASN A 134 21.35 41.37 -5.35
C ASN A 134 21.88 42.63 -6.00
N VAL A 135 21.42 43.81 -5.58
CA VAL A 135 21.40 44.96 -6.47
C VAL A 135 22.82 45.49 -6.71
N GLN A 136 23.68 45.52 -5.70
CA GLN A 136 25.01 46.07 -5.97
C GLN A 136 25.78 45.19 -6.92
N LYS A 137 25.60 43.87 -6.81
CA LYS A 137 26.29 42.95 -7.71
C LYS A 137 25.91 43.22 -9.17
N LEU A 138 24.65 43.58 -9.42
CA LEU A 138 24.22 43.90 -10.77
C LEU A 138 25.00 45.09 -11.32
N TYR A 139 25.11 46.16 -10.53
CA TYR A 139 25.92 47.31 -10.92
C TYR A 139 27.38 46.92 -11.18
N GLU A 140 27.96 46.09 -10.30
CA GLU A 140 29.32 45.59 -10.57
C GLU A 140 29.40 44.93 -11.95
N ILE A 141 28.46 44.02 -12.27
CA ILE A 141 28.50 43.31 -13.54
C ILE A 141 28.36 44.29 -14.70
N GLY A 142 27.33 45.13 -14.67
CA GLY A 142 27.17 46.12 -15.73
C GLY A 142 28.45 46.87 -16.04
N SER A 143 29.21 47.23 -14.99
CA SER A 143 30.43 47.97 -15.22
C SER A 143 31.54 47.06 -15.75
N TRP A 144 31.69 45.85 -15.21
CA TRP A 144 32.63 44.93 -15.82
C TRP A 144 32.29 44.69 -17.29
N CYS A 145 31.03 44.83 -17.67
CA CYS A 145 30.70 44.57 -19.06
C CYS A 145 31.32 45.62 -19.98
N GLN A 146 31.30 46.91 -19.58
CA GLN A 146 31.91 47.92 -20.46
C GLN A 146 33.42 47.82 -20.42
N LYS A 147 34.01 47.54 -19.27
CA LYS A 147 35.44 47.35 -19.22
C LYS A 147 35.91 46.26 -20.19
N TYR A 148 35.14 45.21 -20.40
CA TYR A 148 35.63 44.10 -21.22
C TYR A 148 34.90 43.94 -22.55
N ASP A 149 34.13 44.96 -22.99
CA ASP A 149 33.50 45.03 -24.31
C ASP A 149 32.37 44.00 -24.46
N ILE A 150 31.60 43.82 -23.40
CA ILE A 150 30.48 42.88 -23.39
C ILE A 150 29.20 43.68 -23.35
N LYS A 151 28.33 43.45 -24.34
CA LYS A 151 26.99 44.04 -24.32
C LYS A 151 26.25 43.52 -23.09
N PHE A 152 25.68 44.44 -22.32
CA PHE A 152 25.06 44.13 -21.04
C PHE A 152 23.54 44.16 -21.22
N LYS A 153 22.90 43.00 -21.08
CA LYS A 153 21.46 42.83 -21.28
C LYS A 153 20.77 42.48 -19.97
N LEU A 154 19.52 42.92 -19.79
CA LEU A 154 18.71 42.52 -18.64
C LEU A 154 17.46 41.78 -19.08
N ASN A 155 17.19 40.65 -18.43
CA ASN A 155 16.00 39.83 -18.67
C ASN A 155 15.08 39.89 -17.46
N THR A 156 13.85 40.35 -17.66
CA THR A 156 12.88 40.49 -16.58
C THR A 156 11.58 39.79 -16.93
N VAL A 157 11.05 39.00 -16.01
CA VAL A 157 9.71 38.43 -16.18
C VAL A 157 8.74 39.26 -15.34
N VAL A 158 7.75 39.85 -16.00
CA VAL A 158 6.74 40.66 -15.31
C VAL A 158 5.60 39.74 -14.87
N ASN A 159 5.30 39.73 -13.58
CA ASN A 159 4.39 38.76 -13.01
C ASN A 159 3.57 39.45 -11.94
N LYS A 160 2.77 38.66 -11.21
CA LYS A 160 1.87 39.27 -10.25
C LYS A 160 2.60 40.12 -9.22
N PHE A 161 3.85 39.78 -8.91
CA PHE A 161 4.51 40.39 -7.76
C PHE A 161 5.33 41.62 -8.12
N ASN A 162 5.71 41.82 -9.38
CA ASN A 162 6.51 42.97 -9.76
C ASN A 162 5.83 43.88 -10.76
N HIS A 163 4.58 43.62 -11.14
CA HIS A 163 3.99 44.34 -12.26
C HIS A 163 3.66 45.79 -11.93
N LEU A 164 3.77 46.21 -10.68
CA LEU A 164 3.57 47.60 -10.31
C LEU A 164 4.88 48.30 -9.98
N GLU A 165 5.99 47.56 -10.00
CA GLU A 165 7.26 48.14 -9.59
C GLU A 165 7.71 49.19 -10.59
N ASP A 166 8.34 50.25 -10.08
CA ASP A 166 9.00 51.23 -10.91
C ASP A 166 10.51 50.96 -10.91
N MET A 167 11.08 50.76 -12.09
CA MET A 167 12.50 50.45 -12.16
C MET A 167 13.29 51.51 -12.93
N ASN A 168 12.65 52.62 -13.34
CA ASN A 168 13.31 53.60 -14.19
C ASN A 168 14.62 54.08 -13.57
N ASP A 169 14.63 54.36 -12.26
CA ASP A 169 15.86 54.85 -11.67
C ASP A 169 16.98 53.84 -11.86
N HIS A 170 16.75 52.60 -11.45
CA HIS A 170 17.81 51.61 -11.58
C HIS A 170 18.21 51.37 -13.03
N LEU A 171 17.25 51.46 -13.95
CA LEU A 171 17.61 51.21 -15.35
C LEU A 171 18.38 52.38 -15.93
N ASN A 172 18.08 53.60 -15.49
CA ASN A 172 18.87 54.75 -15.91
C ASN A 172 20.29 54.60 -15.43
N ALA A 173 20.48 54.08 -14.22
CA ALA A 173 21.83 53.84 -13.73
C ALA A 173 22.53 52.73 -14.50
N LEU A 174 21.81 51.64 -14.83
CA LEU A 174 22.47 50.43 -15.33
C LEU A 174 22.75 50.50 -16.82
N GLN A 175 21.94 51.26 -17.57
CA GLN A 175 22.02 51.42 -19.01
C GLN A 175 22.36 50.12 -19.75
N PRO A 176 21.55 49.09 -19.61
CA PRO A 176 21.71 47.94 -20.48
C PRO A 176 21.48 48.36 -21.91
N PHE A 177 22.10 47.66 -22.85
CA PHE A 177 21.80 47.94 -24.24
C PHE A 177 20.48 47.32 -24.66
N ARG A 178 19.97 46.37 -23.89
CA ARG A 178 18.66 45.79 -24.15
C ARG A 178 18.06 45.37 -22.83
N TRP A 179 16.79 45.70 -22.62
CA TRP A 179 16.00 45.26 -21.45
C TRP A 179 14.82 44.45 -21.97
N LYS A 180 14.91 43.11 -21.91
CA LYS A 180 13.85 42.25 -22.41
C LYS A 180 12.88 41.95 -21.28
N CYS A 181 11.60 42.27 -21.49
CA CYS A 181 10.56 42.13 -20.45
C CYS A 181 9.48 41.16 -20.94
N PHE A 182 9.45 39.97 -20.34
CA PHE A 182 8.52 38.91 -20.72
C PHE A 182 7.32 38.94 -19.81
N GLN A 183 6.12 38.90 -20.40
CA GLN A 183 4.91 38.61 -19.65
C GLN A 183 4.93 37.17 -19.16
N VAL A 184 4.75 36.97 -17.84
CA VAL A 184 4.83 35.63 -17.27
C VAL A 184 3.84 34.72 -17.96
N LEU A 185 4.22 33.46 -18.11
CA LEU A 185 3.36 32.44 -18.67
C LEU A 185 3.69 31.16 -17.92
N ILE A 186 2.69 30.49 -17.34
CA ILE A 186 2.95 29.28 -16.59
C ILE A 186 2.33 28.08 -17.28
N VAL A 187 3.10 26.98 -17.37
CA VAL A 187 2.64 25.71 -17.93
C VAL A 187 2.24 24.74 -16.81
N THR A 188 1.27 23.88 -17.11
CA THR A 188 0.74 22.95 -16.11
C THR A 188 1.11 21.48 -16.41
N THR A 196 -3.37 21.00 -7.86
CA THR A 196 -2.78 21.50 -6.63
C THR A 196 -1.85 22.72 -6.86
N LEU A 197 -1.87 23.32 -8.06
CA LEU A 197 -0.99 24.48 -8.27
C LEU A 197 -1.82 25.73 -8.13
N ARG A 198 -2.48 26.22 -9.19
CA ARG A 198 -3.29 27.45 -9.08
C ARG A 198 -2.45 28.61 -8.56
N ASN A 199 -1.36 28.32 -7.79
CA ASN A 199 -0.40 29.37 -7.46
C ASN A 199 0.33 29.75 -8.74
N ALA A 200 -0.14 29.19 -9.87
CA ALA A 200 0.07 29.75 -11.21
C ALA A 200 -0.96 30.86 -11.53
N HIS A 201 -2.26 30.54 -11.71
CA HIS A 201 -3.20 31.63 -12.04
C HIS A 201 -3.10 32.75 -10.99
N SER A 202 -2.71 32.39 -9.75
CA SER A 202 -2.22 33.30 -8.72
C SER A 202 -0.85 33.89 -9.04
N LEU A 203 -0.57 34.23 -10.31
CA LEU A 203 0.74 34.77 -10.67
C LEU A 203 0.69 35.35 -12.07
N THR A 204 -0.33 34.96 -12.85
CA THR A 204 -0.60 35.59 -14.13
C THR A 204 -0.91 37.07 -13.96
N ILE A 205 -0.81 37.80 -15.05
CA ILE A 205 -1.21 39.20 -15.10
C ILE A 205 -1.95 39.43 -16.42
N SER A 206 -2.91 40.35 -16.41
CA SER A 206 -3.63 40.63 -17.63
C SER A 206 -2.70 41.30 -18.64
N ASP A 207 -3.14 41.36 -19.89
CA ASP A 207 -2.33 42.08 -20.85
C ASP A 207 -2.34 43.57 -20.55
N ASP A 208 -3.40 44.05 -19.89
CA ASP A 208 -3.42 45.46 -19.51
C ASP A 208 -2.39 45.74 -18.41
N GLU A 209 -2.38 44.91 -17.36
CA GLU A 209 -1.35 45.02 -16.34
C GLU A 209 0.04 44.99 -16.95
N PHE A 210 0.27 44.06 -17.88
CA PHE A 210 1.56 44.01 -18.54
C PHE A 210 1.84 45.28 -19.32
N ASP A 211 0.85 45.78 -20.06
CA ASP A 211 1.06 47.00 -20.84
C ASP A 211 1.29 48.19 -19.92
N ARG A 212 0.55 48.28 -18.82
CA ARG A 212 0.79 49.39 -17.88
C ARG A 212 2.20 49.33 -17.29
N PHE A 213 2.79 48.13 -17.19
CA PHE A 213 4.19 48.07 -16.78
C PHE A 213 5.07 48.66 -17.87
N CYS A 214 4.78 48.32 -19.12
CA CYS A 214 5.62 48.79 -20.22
C CYS A 214 5.52 50.30 -20.38
N GLU A 215 4.31 50.87 -20.30
CA GLU A 215 4.18 52.31 -20.35
C GLU A 215 4.91 52.96 -19.19
N ARG A 216 4.74 52.41 -17.99
CA ARG A 216 5.42 52.99 -16.84
C ARG A 216 6.92 53.13 -17.07
N HIS A 217 7.47 52.45 -18.07
CA HIS A 217 8.90 52.52 -18.38
C HIS A 217 9.13 53.01 -19.80
N SER A 218 8.21 53.81 -20.34
CA SER A 218 8.26 54.22 -21.74
C SER A 218 9.49 55.10 -22.02
N SER A 219 9.92 55.86 -21.03
CA SER A 219 11.14 56.65 -21.06
C SER A 219 12.43 55.86 -21.27
N GLN A 220 12.33 54.60 -21.71
CA GLN A 220 13.43 53.64 -21.58
C GLN A 220 13.67 52.97 -22.92
N THR A 221 14.77 53.33 -23.58
CA THR A 221 14.93 52.98 -24.97
C THR A 221 15.40 51.55 -25.15
N CYS A 222 16.09 50.99 -24.16
CA CYS A 222 16.48 49.58 -24.20
C CYS A 222 15.30 48.63 -24.05
N LEU A 223 14.11 49.12 -23.70
CA LEU A 223 12.98 48.28 -23.33
C LEU A 223 12.43 47.55 -24.55
N VAL A 224 12.46 46.22 -24.52
CA VAL A 224 11.88 45.39 -25.58
C VAL A 224 10.84 44.48 -24.96
N PRO A 225 9.55 44.79 -25.05
CA PRO A 225 8.53 43.94 -24.44
C PRO A 225 8.29 42.70 -25.28
N GLU A 226 7.93 41.62 -24.60
CA GLU A 226 7.47 40.40 -25.27
C GLU A 226 6.20 39.92 -24.56
N PRO A 227 5.03 40.25 -25.10
CA PRO A 227 3.79 39.75 -24.50
C PRO A 227 3.50 38.31 -24.91
N ASN A 228 2.66 37.66 -24.10
CA ASN A 228 2.25 36.30 -24.44
C ASN A 228 1.59 36.25 -25.82
N ARG A 229 0.87 37.31 -26.22
CA ARG A 229 0.17 37.30 -27.52
C ARG A 229 1.14 37.15 -28.69
N LEU A 230 2.38 37.58 -28.52
CA LEU A 230 3.30 37.53 -29.65
C LEU A 230 4.71 37.23 -29.12
N MET A 231 5.04 35.95 -29.02
CA MET A 231 6.36 35.52 -28.56
C MET A 231 7.33 35.36 -29.74
N ALA A 232 8.62 35.52 -29.45
CA ALA A 232 9.61 35.33 -30.51
C ALA A 232 9.62 33.88 -30.95
N LYS A 233 9.92 33.66 -32.24
CA LYS A 233 9.89 32.33 -32.81
C LYS A 233 11.32 31.77 -32.96
N SER A 234 11.44 30.59 -33.59
CA SER A 234 12.73 29.93 -33.89
C SER A 234 13.58 29.67 -32.67
N TYR A 235 12.95 29.33 -31.53
CA TYR A 235 13.66 29.21 -30.25
C TYR A 235 13.90 27.74 -29.96
N LEU A 236 15.13 27.28 -30.17
CA LEU A 236 15.50 25.87 -30.10
C LEU A 236 16.42 25.63 -28.92
N ILE A 237 16.07 24.67 -28.08
CA ILE A 237 16.89 24.37 -26.90
C ILE A 237 17.65 23.05 -27.12
N LEU A 238 18.94 23.09 -26.82
CA LEU A 238 19.85 21.97 -26.84
C LEU A 238 20.18 21.64 -25.38
N ASP A 239 19.85 20.43 -24.94
CA ASP A 239 19.88 20.16 -23.51
C ASP A 239 21.24 19.60 -23.09
N GLU A 240 21.37 19.20 -21.83
CA GLU A 240 22.69 18.87 -21.31
C GLU A 240 23.27 17.60 -21.93
N TYR A 241 22.47 16.80 -22.63
CA TYR A 241 22.95 15.68 -23.40
C TYR A 241 23.06 16.02 -24.87
N MET A 242 22.94 17.30 -25.22
CA MET A 242 22.97 17.76 -26.62
C MET A 242 21.87 17.08 -27.41
N ARG A 243 20.70 17.03 -26.80
CA ARG A 243 19.45 16.67 -27.45
C ARG A 243 18.62 17.93 -27.62
N PHE A 244 17.79 17.95 -28.65
CA PHE A 244 16.85 19.05 -28.81
C PHE A 244 15.56 18.78 -28.03
N LEU A 245 14.90 19.85 -27.59
CA LEU A 245 13.56 19.72 -27.00
C LEU A 245 12.49 20.09 -28.02
N ASP A 246 11.28 19.55 -27.82
CA ASP A 246 10.18 19.85 -28.73
C ASP A 246 9.58 21.22 -28.43
N ARG A 247 8.49 21.57 -29.11
CA ARG A 247 7.90 22.90 -29.02
C ARG A 247 7.34 23.17 -27.63
N ASN A 248 7.38 22.18 -26.75
CA ASN A 248 6.84 22.35 -25.41
C ASN A 248 7.89 22.17 -24.32
N GLY A 249 9.16 22.19 -24.68
CA GLY A 249 10.21 21.94 -23.73
C GLY A 249 10.40 20.49 -23.32
N GLN A 250 9.76 19.53 -24.02
CA GLN A 250 9.84 18.14 -23.59
C GLN A 250 10.22 17.17 -24.71
N GLN A 251 10.00 15.90 -24.44
CA GLN A 251 10.20 14.79 -25.39
C GLN A 251 11.47 14.99 -26.19
N PRO A 252 12.64 15.00 -25.52
CA PRO A 252 13.90 15.24 -26.26
C PRO A 252 14.17 14.16 -27.28
N SER A 253 14.74 14.57 -28.41
CA SER A 253 15.33 13.65 -29.37
C SER A 253 16.50 12.89 -28.75
N LYS A 254 17.09 11.94 -29.48
CA LYS A 254 18.39 11.42 -29.11
C LYS A 254 19.43 12.53 -29.32
N SER A 255 20.58 12.40 -28.67
CA SER A 255 21.63 13.41 -28.78
C SER A 255 22.10 13.61 -30.22
N ILE A 256 22.43 14.85 -30.59
CA ILE A 256 22.99 15.07 -31.91
C ILE A 256 24.29 14.29 -32.07
N LEU A 257 25.00 14.06 -30.96
CA LEU A 257 26.20 13.23 -30.99
C LEU A 257 25.92 11.84 -31.52
N GLU A 258 24.69 11.36 -31.38
CA GLU A 258 24.30 10.02 -31.84
C GLU A 258 23.65 10.05 -33.22
N VAL A 259 22.61 10.86 -33.42
CA VAL A 259 21.85 10.81 -34.68
C VAL A 259 22.11 12.02 -35.56
N GLY A 260 22.95 12.96 -35.15
CA GLY A 260 23.21 14.15 -35.94
C GLY A 260 22.07 15.14 -35.91
N VAL A 261 22.32 16.30 -36.52
CA VAL A 261 21.47 17.47 -36.28
C VAL A 261 20.12 17.31 -36.98
N GLN A 262 20.12 16.95 -38.27
CA GLN A 262 18.82 17.05 -38.90
C GLN A 262 17.89 15.93 -38.50
N GLN A 263 18.41 14.74 -38.22
CA GLN A 263 17.54 13.67 -37.72
C GLN A 263 16.99 14.01 -36.34
N ALA A 264 17.78 14.65 -35.49
CA ALA A 264 17.27 15.03 -34.19
C ALA A 264 16.23 16.14 -34.30
N LEU A 265 16.32 16.99 -35.34
CA LEU A 265 15.31 18.02 -35.55
C LEU A 265 13.95 17.42 -35.91
N GLN A 266 13.92 16.44 -36.82
CA GLN A 266 12.67 15.78 -37.14
C GLN A 266 12.10 15.06 -35.92
N ALA A 267 12.97 14.52 -35.07
CA ALA A 267 12.50 13.80 -33.89
C ALA A 267 11.67 14.69 -32.99
N VAL A 268 11.87 16.00 -33.04
CA VAL A 268 11.13 16.93 -32.18
C VAL A 268 10.21 17.84 -33.01
N PHE A 269 9.82 17.42 -34.21
CA PHE A 269 8.84 18.15 -35.02
C PHE A 269 9.24 19.61 -35.21
N TRP A 270 10.49 19.83 -35.63
CA TRP A 270 11.02 21.18 -35.72
C TRP A 270 10.27 21.97 -36.77
N ASP A 271 9.79 23.13 -36.35
CA ASP A 271 8.98 24.05 -37.16
C ASP A 271 9.22 25.44 -36.58
N GLU A 272 9.86 26.34 -37.35
CA GLU A 272 10.24 27.64 -36.80
C GLU A 272 9.10 28.34 -36.04
N GLU A 273 7.91 28.44 -36.66
CA GLU A 273 6.80 29.21 -36.08
C GLU A 273 6.23 28.60 -34.81
N ALA A 274 6.41 27.31 -34.58
CA ALA A 274 5.85 26.72 -33.37
C ALA A 274 6.80 26.74 -32.19
N PHE A 275 8.07 27.05 -32.43
CA PHE A 275 9.03 27.00 -31.34
C PHE A 275 9.15 28.39 -30.74
N VAL A 276 8.19 28.71 -29.87
CA VAL A 276 8.18 30.02 -29.23
C VAL A 276 9.26 30.10 -28.16
N GLU A 277 9.60 31.33 -27.79
CA GLU A 277 10.62 31.54 -26.77
C GLU A 277 10.12 31.15 -25.38
N ARG A 278 10.94 30.36 -24.69
CA ARG A 278 10.65 29.92 -23.33
C ARG A 278 11.12 30.90 -22.26
N GLY A 279 11.78 32.01 -22.62
CA GLY A 279 12.32 32.92 -21.61
C GLY A 279 11.26 33.46 -20.63
N GLY A 280 10.05 33.68 -21.11
CA GLY A 280 9.06 34.19 -20.19
C GLY A 280 8.26 33.11 -19.52
N ILE A 281 8.56 31.88 -19.82
CA ILE A 281 7.72 30.75 -19.43
C ILE A 281 8.22 30.19 -18.11
N TYR A 282 7.32 29.80 -17.24
CA TYR A 282 7.65 29.05 -16.03
C TYR A 282 7.27 27.58 -16.24
N ASP A 283 8.27 26.74 -16.62
CA ASP A 283 8.13 25.30 -16.99
C ASP A 283 8.01 24.40 -15.75
N TRP A 284 6.78 24.04 -15.37
CA TRP A 284 6.52 23.32 -14.12
C TRP A 284 6.07 21.87 -14.37
N GLY B 7 4.08 12.21 -49.28
CA GLY B 7 3.23 11.03 -49.18
C GLY B 7 1.94 11.21 -48.36
N GLN B 8 0.84 10.46 -48.57
CA GLN B 8 0.65 9.25 -49.43
C GLN B 8 1.55 8.09 -49.03
N VAL B 9 0.97 6.88 -49.05
CA VAL B 9 1.64 5.71 -48.50
C VAL B 9 2.98 5.53 -49.19
N PRO B 10 4.03 5.15 -48.49
CA PRO B 10 5.30 4.90 -49.17
C PRO B 10 5.20 3.65 -50.01
N VAL B 11 6.16 3.53 -50.93
CA VAL B 11 6.22 2.38 -51.82
C VAL B 11 6.31 1.10 -51.00
N SER B 12 6.93 1.18 -49.82
CA SER B 12 7.31 0.01 -49.06
C SER B 12 6.77 0.11 -47.66
N VAL B 13 6.10 -0.95 -47.22
CA VAL B 13 5.44 -1.03 -45.92
C VAL B 13 5.94 -2.26 -45.17
N ASN B 14 6.16 -2.13 -43.87
CA ASN B 14 6.66 -3.22 -43.05
C ASN B 14 5.51 -3.75 -42.18
N TYR B 15 5.04 -4.94 -42.47
CA TYR B 15 3.89 -5.52 -41.79
C TYR B 15 4.42 -6.42 -40.67
N HIS B 16 4.38 -5.91 -39.44
CA HIS B 16 4.68 -6.71 -38.25
C HIS B 16 3.42 -7.46 -37.86
N PHE B 17 3.13 -8.55 -38.59
CA PHE B 17 1.83 -9.20 -38.46
C PHE B 17 1.69 -10.02 -37.18
N SER B 18 2.78 -10.26 -36.47
CA SER B 18 2.70 -10.72 -35.10
C SER B 18 3.73 -9.93 -34.29
N ARG B 19 3.58 -9.93 -32.97
CA ARG B 19 4.42 -9.08 -32.12
C ARG B 19 5.40 -9.93 -31.33
N LYS B 20 6.53 -9.30 -30.96
CA LYS B 20 7.59 -9.99 -30.22
C LYS B 20 7.14 -10.33 -28.79
N CYS B 21 7.17 -11.62 -28.44
CA CYS B 21 6.83 -12.08 -27.07
C CYS B 21 8.09 -12.55 -26.31
N THR B 31 3.39 -21.26 -23.82
CA THR B 31 3.00 -21.45 -22.41
C THR B 31 2.03 -20.34 -21.95
N ALA B 32 0.83 -20.28 -22.56
CA ALA B 32 0.36 -21.20 -23.61
C ALA B 32 -0.02 -20.46 -24.92
N THR B 33 0.79 -19.43 -25.27
CA THR B 33 0.79 -18.48 -26.41
C THR B 33 -0.48 -17.69 -26.80
N THR B 34 -0.47 -16.39 -26.54
CA THR B 34 -1.36 -15.53 -27.33
C THR B 34 -0.46 -14.52 -28.08
N SER B 35 -1.02 -13.41 -28.55
CA SER B 35 -0.52 -12.51 -29.59
C SER B 35 -1.51 -12.58 -30.72
N HIS B 36 -2.19 -11.47 -30.92
CA HIS B 36 -3.16 -11.34 -31.99
C HIS B 36 -2.46 -11.50 -33.33
N VAL B 37 -3.11 -12.21 -34.26
CA VAL B 37 -2.80 -12.14 -35.68
C VAL B 37 -4.12 -11.98 -36.40
N GLU B 38 -4.16 -11.09 -37.39
CA GLU B 38 -5.36 -10.90 -38.17
C GLU B 38 -5.82 -12.21 -38.78
N LYS B 39 -7.13 -12.32 -39.01
CA LYS B 39 -7.59 -13.42 -39.82
C LYS B 39 -7.15 -13.16 -41.25
N PRO B 40 -6.89 -14.21 -42.02
CA PRO B 40 -6.45 -14.01 -43.40
C PRO B 40 -7.38 -13.17 -44.26
N GLU B 41 -8.71 -13.26 -44.09
CA GLU B 41 -9.60 -12.40 -44.87
C GLU B 41 -9.34 -10.92 -44.58
N ASN B 42 -9.11 -10.58 -43.30
CA ASN B 42 -8.89 -9.18 -42.92
C ASN B 42 -7.55 -8.68 -43.41
N ALA B 43 -6.49 -9.44 -43.16
CA ALA B 43 -5.19 -9.06 -43.68
C ALA B 43 -5.26 -8.82 -45.18
N LYS B 44 -6.01 -9.66 -45.89
CA LYS B 44 -6.09 -9.48 -47.33
C LYS B 44 -6.80 -8.18 -47.66
N ARG B 45 -7.85 -7.82 -46.91
CA ARG B 45 -8.51 -6.55 -47.19
C ARG B 45 -7.59 -5.38 -46.87
N GLY B 46 -6.87 -5.47 -45.75
CA GLY B 46 -5.96 -4.40 -45.41
C GLY B 46 -4.86 -4.23 -46.43
N LEU B 47 -4.22 -5.36 -46.79
CA LEU B 47 -3.14 -5.32 -47.76
C LEU B 47 -3.63 -4.75 -49.08
N THR B 48 -4.87 -5.10 -49.45
CA THR B 48 -5.48 -4.55 -50.65
C THR B 48 -5.65 -3.04 -50.53
N LEU B 49 -6.19 -2.57 -49.40
CA LEU B 49 -6.25 -1.14 -49.11
C LEU B 49 -4.91 -0.45 -49.32
N LEU B 50 -3.82 -1.05 -48.80
CA LEU B 50 -2.48 -0.49 -48.97
C LEU B 50 -2.07 -0.46 -50.44
N LYS B 51 -2.34 -1.55 -51.17
CA LYS B 51 -1.98 -1.54 -52.59
C LYS B 51 -2.71 -0.42 -53.30
N GLN B 52 -4.04 -0.32 -53.12
CA GLN B 52 -4.78 0.78 -53.75
C GLN B 52 -4.25 2.13 -53.33
N ALA B 53 -3.65 2.23 -52.14
CA ALA B 53 -3.11 3.50 -51.71
C ALA B 53 -1.74 3.79 -52.28
N GLY B 54 -1.13 2.84 -53.01
CA GLY B 54 0.15 3.03 -53.64
C GLY B 54 1.30 2.19 -53.12
N MET B 55 1.05 1.23 -52.24
CA MET B 55 2.14 0.34 -51.81
C MET B 55 2.55 -0.60 -52.94
N LYS B 56 3.86 -0.75 -53.14
CA LYS B 56 4.40 -1.64 -54.18
C LYS B 56 5.34 -2.71 -53.64
N LYS B 57 5.81 -2.56 -52.41
CA LYS B 57 6.71 -3.50 -51.74
C LYS B 57 6.17 -3.78 -50.35
N ILE B 58 6.18 -5.06 -49.95
CA ILE B 58 5.82 -5.42 -48.60
C ILE B 58 6.92 -6.27 -47.97
N ASN B 59 7.06 -6.13 -46.65
CA ASN B 59 8.10 -6.78 -45.86
C ASN B 59 7.43 -7.35 -44.62
N PHE B 60 7.42 -8.68 -44.50
CA PHE B 60 6.83 -9.34 -43.35
C PHE B 60 7.89 -9.49 -42.28
N ALA B 61 7.67 -8.82 -41.14
CA ALA B 61 8.66 -8.80 -40.07
C ALA B 61 7.97 -8.81 -38.72
N GLY B 62 8.60 -8.19 -37.72
CA GLY B 62 8.07 -8.19 -36.37
C GLY B 62 8.13 -9.58 -35.81
N GLY B 63 9.36 -10.11 -35.76
CA GLY B 63 9.62 -11.53 -35.61
C GLY B 63 8.64 -12.22 -34.70
N GLU B 64 8.42 -13.50 -34.92
CA GLU B 64 9.14 -14.28 -35.88
C GLU B 64 8.14 -14.80 -36.89
N PRO B 65 8.24 -14.34 -38.13
CA PRO B 65 7.24 -14.74 -39.13
C PRO B 65 7.04 -16.24 -39.26
N PHE B 66 8.10 -17.05 -39.15
CA PHE B 66 7.94 -18.48 -39.42
C PHE B 66 7.32 -19.22 -38.26
N LEU B 67 6.96 -18.52 -37.20
CA LEU B 67 6.09 -19.10 -36.19
C LEU B 67 4.65 -19.25 -36.69
N TYR B 68 4.31 -18.61 -37.80
CA TYR B 68 2.95 -18.62 -38.37
C TYR B 68 3.05 -18.98 -39.86
N PRO B 69 3.39 -20.24 -40.18
CA PRO B 69 3.66 -20.59 -41.59
C PRO B 69 2.45 -20.52 -42.49
N LYS B 70 1.29 -20.98 -42.03
CA LYS B 70 0.10 -20.93 -42.87
C LYS B 70 -0.23 -19.49 -43.24
N PHE B 71 -0.39 -18.64 -42.23
CA PHE B 71 -0.64 -17.23 -42.47
C PHE B 71 0.42 -16.62 -43.37
N LEU B 72 1.71 -16.81 -43.03
CA LEU B 72 2.82 -16.30 -43.85
C LEU B 72 2.68 -16.72 -45.31
N GLY B 73 2.43 -18.02 -45.53
CA GLY B 73 2.30 -18.51 -46.89
C GLY B 73 1.17 -17.84 -47.63
N GLU B 74 -0.02 -17.84 -47.03
CA GLU B 74 -1.17 -17.19 -47.64
C GLU B 74 -0.88 -15.76 -48.02
N MET B 75 -0.34 -14.97 -47.08
CA MET B 75 -0.21 -13.56 -47.37
C MET B 75 0.90 -13.31 -48.38
N ILE B 76 1.98 -14.12 -48.33
CA ILE B 76 2.99 -14.07 -49.37
C ILE B 76 2.38 -14.34 -50.73
N ASP B 77 1.66 -15.45 -50.86
CA ASP B 77 1.05 -15.79 -52.14
C ASP B 77 0.11 -14.67 -52.57
N PHE B 78 -0.78 -14.26 -51.66
CA PHE B 78 -1.74 -13.20 -51.97
C PHE B 78 -1.04 -11.96 -52.50
N CYS B 79 0.06 -11.56 -51.86
CA CYS B 79 0.72 -10.32 -52.22
C CYS B 79 1.33 -10.39 -53.60
N LYS B 80 2.01 -11.48 -53.92
CA LYS B 80 2.70 -11.55 -55.21
C LYS B 80 1.75 -11.95 -56.32
N GLU B 81 0.91 -12.96 -56.07
CA GLU B 81 0.06 -13.48 -57.12
C GLU B 81 -1.11 -12.54 -57.36
N THR B 82 -1.97 -12.33 -56.37
CA THR B 82 -3.15 -11.54 -56.72
C THR B 82 -2.95 -10.00 -56.62
N LEU B 83 -2.07 -9.48 -55.74
CA LEU B 83 -1.85 -8.02 -55.68
C LEU B 83 -0.74 -7.53 -56.59
N GLN B 84 0.10 -8.45 -57.07
CA GLN B 84 1.19 -8.13 -58.00
C GLN B 84 2.10 -7.01 -57.48
N LEU B 85 2.52 -7.17 -56.23
CA LEU B 85 3.49 -6.23 -55.67
C LEU B 85 4.84 -6.43 -56.33
N GLU B 86 5.60 -5.34 -56.43
CA GLU B 86 6.93 -5.43 -57.01
C GLU B 86 7.85 -6.32 -56.16
N SER B 87 7.77 -6.21 -54.83
CA SER B 87 8.67 -6.95 -53.97
C SER B 87 7.97 -7.48 -52.72
N VAL B 88 8.30 -8.71 -52.33
CA VAL B 88 7.80 -9.35 -51.13
C VAL B 88 9.00 -9.84 -50.35
N SER B 89 9.12 -9.46 -49.08
CA SER B 89 10.27 -9.80 -48.25
C SER B 89 9.82 -10.40 -46.94
N ILE B 90 10.71 -11.18 -46.35
CA ILE B 90 10.54 -11.71 -45.01
C ILE B 90 11.82 -11.45 -44.23
N VAL B 91 11.66 -11.11 -42.95
CA VAL B 91 12.78 -11.03 -42.02
C VAL B 91 12.57 -12.12 -40.98
N THR B 92 13.63 -12.87 -40.68
CA THR B 92 13.50 -14.04 -39.82
C THR B 92 14.78 -14.24 -39.06
N ASN B 93 14.70 -14.85 -37.90
CA ASN B 93 15.93 -15.26 -37.25
C ASN B 93 16.49 -16.56 -37.84
N GLY B 94 15.70 -17.26 -38.67
CA GLY B 94 16.17 -18.45 -39.33
C GLY B 94 15.92 -19.73 -38.57
N SER B 95 15.68 -19.63 -37.27
CA SER B 95 15.49 -20.82 -36.45
C SER B 95 14.41 -21.75 -37.01
N LEU B 96 13.27 -21.19 -37.43
CA LEU B 96 12.16 -22.06 -37.80
C LEU B 96 11.98 -22.20 -39.31
N VAL B 97 12.91 -21.71 -40.11
CA VAL B 97 12.81 -21.82 -41.57
C VAL B 97 13.09 -23.26 -41.98
N LYS B 98 12.15 -23.88 -42.69
CA LYS B 98 12.30 -25.21 -43.25
C LYS B 98 12.30 -25.11 -44.77
N GLU B 99 13.04 -26.02 -45.43
CA GLU B 99 13.25 -25.86 -46.87
C GLU B 99 11.94 -26.03 -47.66
N GLN B 100 11.05 -26.90 -47.18
CA GLN B 100 9.76 -27.07 -47.85
C GLN B 100 9.00 -25.75 -48.02
N PHE B 101 9.16 -24.80 -47.09
CA PHE B 101 8.43 -23.53 -47.19
C PHE B 101 8.97 -22.71 -48.36
N LEU B 102 10.31 -22.62 -48.46
CA LEU B 102 10.91 -21.86 -49.56
C LEU B 102 10.68 -22.52 -50.91
N GLN B 103 10.67 -23.85 -50.96
CA GLN B 103 10.32 -24.54 -52.20
C GLN B 103 8.92 -24.17 -52.64
N LYS B 104 7.95 -24.25 -51.72
CA LYS B 104 6.54 -24.09 -52.04
C LYS B 104 6.20 -22.66 -52.40
N HIS B 105 6.83 -21.69 -51.72
CA HIS B 105 6.49 -20.28 -51.91
C HIS B 105 7.57 -19.47 -52.59
N GLY B 106 8.69 -20.08 -52.98
CA GLY B 106 9.84 -19.31 -53.42
C GLY B 106 9.57 -18.37 -54.56
N ARG B 107 8.62 -18.72 -55.44
CA ARG B 107 8.36 -17.84 -56.59
C ARG B 107 7.74 -16.52 -56.16
N ASN B 108 7.19 -16.46 -54.95
CA ASN B 108 6.53 -15.28 -54.42
C ASN B 108 7.34 -14.59 -53.33
N ILE B 109 8.58 -15.03 -53.09
CA ILE B 109 9.47 -14.42 -52.10
C ILE B 109 10.64 -13.80 -52.87
N ASP B 110 10.72 -12.46 -52.83
CA ASP B 110 11.81 -11.78 -53.51
C ASP B 110 13.08 -11.73 -52.68
N ILE B 111 12.96 -11.53 -51.38
CA ILE B 111 14.12 -11.41 -50.51
C ILE B 111 13.80 -12.09 -49.20
N LEU B 112 14.70 -12.96 -48.75
CA LEU B 112 14.65 -13.54 -47.41
C LEU B 112 15.81 -12.95 -46.65
N ALA B 113 15.52 -12.21 -45.59
CA ALA B 113 16.56 -11.56 -44.80
C ALA B 113 16.65 -12.25 -43.45
N VAL B 114 17.85 -12.70 -43.11
CA VAL B 114 18.08 -13.40 -41.86
C VAL B 114 18.81 -12.49 -40.90
N SER B 115 18.33 -12.44 -39.68
CA SER B 115 18.95 -11.68 -38.64
C SER B 115 20.12 -12.47 -38.04
N CYS B 116 21.31 -11.92 -38.14
CA CYS B 116 22.49 -12.59 -37.60
C CYS B 116 23.44 -11.55 -37.04
N ASP B 117 23.66 -11.58 -35.73
CA ASP B 117 24.50 -10.57 -35.09
C ASP B 117 25.91 -11.08 -34.80
N SER B 118 26.09 -12.39 -34.62
CA SER B 118 27.40 -12.89 -34.28
C SER B 118 27.47 -14.35 -34.69
N PHE B 119 28.69 -14.83 -34.97
CA PHE B 119 28.93 -16.25 -35.14
C PHE B 119 29.57 -16.91 -33.91
N ASN B 120 29.84 -16.15 -32.85
CA ASN B 120 30.45 -16.69 -31.65
C ASN B 120 29.37 -16.84 -30.57
N GLU B 121 29.33 -18.03 -29.96
CA GLU B 121 28.20 -18.35 -29.10
C GLU B 121 28.15 -17.41 -27.91
N ALA B 122 29.30 -17.15 -27.29
CA ALA B 122 29.30 -16.27 -26.11
C ALA B 122 28.82 -14.88 -26.48
N THR B 123 29.12 -14.42 -27.69
CA THR B 123 28.65 -13.12 -28.10
C THR B 123 27.13 -13.11 -28.25
N ASN B 124 26.55 -14.15 -28.85
CA ASN B 124 25.10 -14.14 -29.03
C ASN B 124 24.36 -14.21 -27.70
N ILE B 125 24.88 -14.96 -26.73
CA ILE B 125 24.25 -15.03 -25.41
C ILE B 125 24.18 -13.64 -24.80
N LYS B 126 25.31 -12.91 -24.81
CA LYS B 126 25.34 -11.58 -24.22
C LYS B 126 24.40 -10.62 -24.93
N ILE B 127 24.42 -10.61 -26.26
CA ILE B 127 23.45 -9.77 -26.99
C ILE B 127 22.02 -10.10 -26.58
N GLY B 128 21.72 -11.36 -26.27
CA GLY B 128 20.40 -11.75 -25.85
C GLY B 128 19.65 -12.58 -26.88
N ARG B 129 20.38 -13.33 -27.70
CA ARG B 129 19.82 -14.18 -28.74
C ARG B 129 19.98 -15.65 -28.43
N GLY B 130 20.25 -15.99 -27.15
CA GLY B 130 20.52 -17.35 -26.66
C GLY B 130 21.73 -18.02 -27.30
N SER B 131 21.73 -19.36 -27.25
CA SER B 131 22.92 -20.15 -27.57
C SER B 131 23.03 -20.44 -29.08
N GLY B 132 24.28 -20.42 -29.58
CA GLY B 132 24.64 -21.10 -30.81
C GLY B 132 24.83 -22.57 -30.42
N ASP B 133 25.48 -23.38 -31.25
CA ASP B 133 25.86 -23.03 -32.60
C ASP B 133 24.72 -23.27 -33.61
N ASN B 134 24.36 -22.21 -34.33
CA ASN B 134 23.34 -22.27 -35.36
C ASN B 134 23.91 -21.81 -36.70
N VAL B 135 25.19 -22.08 -36.93
CA VAL B 135 25.87 -21.50 -38.07
C VAL B 135 25.63 -22.31 -39.34
N GLN B 136 25.55 -23.65 -39.22
CA GLN B 136 25.20 -24.43 -40.40
C GLN B 136 23.81 -24.08 -40.92
N LYS B 137 22.87 -23.74 -40.03
CA LYS B 137 21.53 -23.39 -40.49
C LYS B 137 21.55 -22.11 -41.29
N LEU B 138 22.42 -21.16 -40.98
CA LEU B 138 22.53 -20.00 -41.84
C LEU B 138 22.99 -20.42 -43.23
N TYR B 139 24.02 -21.27 -43.31
CA TYR B 139 24.51 -21.70 -44.61
C TYR B 139 23.43 -22.46 -45.36
N GLU B 140 22.66 -23.30 -44.67
CA GLU B 140 21.62 -24.06 -45.34
C GLU B 140 20.59 -23.15 -45.98
N ILE B 141 20.16 -22.11 -45.24
CA ILE B 141 19.17 -21.15 -45.75
C ILE B 141 19.69 -20.45 -46.99
N GLY B 142 20.94 -19.99 -46.96
CA GLY B 142 21.53 -19.40 -48.15
C GLY B 142 21.43 -20.32 -49.35
N SER B 143 21.57 -21.63 -49.11
CA SER B 143 21.47 -22.60 -50.19
C SER B 143 20.07 -22.65 -50.74
N TRP B 144 19.09 -22.85 -49.86
CA TRP B 144 17.71 -22.87 -50.28
C TRP B 144 17.34 -21.60 -51.02
N CYS B 145 17.88 -20.45 -50.58
CA CYS B 145 17.57 -19.21 -51.29
C CYS B 145 18.10 -19.26 -52.71
N GLN B 146 19.35 -19.72 -52.87
CA GLN B 146 19.91 -19.92 -54.19
C GLN B 146 19.08 -20.90 -54.99
N LYS B 147 18.74 -22.03 -54.36
CA LYS B 147 18.09 -23.11 -55.06
C LYS B 147 16.72 -22.71 -55.62
N TYR B 148 15.99 -21.83 -54.93
CA TYR B 148 14.63 -21.47 -55.30
C TYR B 148 14.51 -20.03 -55.76
N ASP B 149 15.63 -19.38 -56.10
CA ASP B 149 15.63 -18.10 -56.77
C ASP B 149 15.14 -17.01 -55.83
N ILE B 150 15.69 -17.01 -54.62
CA ILE B 150 15.36 -16.02 -53.61
C ILE B 150 16.63 -15.29 -53.24
N LYS B 151 16.56 -13.96 -53.24
CA LYS B 151 17.72 -13.18 -52.88
C LYS B 151 17.92 -13.32 -51.38
N PHE B 152 19.16 -13.44 -50.96
CA PHE B 152 19.51 -13.82 -49.60
C PHE B 152 20.18 -12.63 -48.95
N LYS B 153 19.62 -12.14 -47.84
CA LYS B 153 20.09 -10.92 -47.19
C LYS B 153 20.46 -11.19 -45.73
N LEU B 154 21.53 -10.58 -45.23
CA LEU B 154 21.88 -10.69 -43.83
C LEU B 154 21.81 -9.33 -43.16
N ASN B 155 21.07 -9.26 -42.06
CA ASN B 155 20.95 -8.06 -41.26
C ASN B 155 21.74 -8.24 -39.98
N THR B 156 22.72 -7.36 -39.76
CA THR B 156 23.54 -7.37 -38.55
C THR B 156 23.43 -6.04 -37.82
N VAL B 157 23.27 -6.13 -36.51
CA VAL B 157 23.35 -4.98 -35.63
C VAL B 157 24.71 -5.01 -34.95
N VAL B 158 25.55 -4.02 -35.26
CA VAL B 158 26.87 -3.91 -34.65
C VAL B 158 26.73 -3.22 -33.30
N ASN B 159 27.27 -3.83 -32.24
CA ASN B 159 27.08 -3.31 -30.89
C ASN B 159 28.32 -3.60 -30.06
N LYS B 160 28.23 -3.33 -28.76
CA LYS B 160 29.40 -3.44 -27.89
C LYS B 160 30.02 -4.81 -27.96
N PHE B 161 29.20 -5.84 -28.10
CA PHE B 161 29.67 -7.20 -27.96
C PHE B 161 30.23 -7.78 -29.24
N ASN B 162 29.87 -7.27 -30.40
CA ASN B 162 30.43 -7.88 -31.59
C ASN B 162 31.27 -6.91 -32.42
N HIS B 163 31.53 -5.69 -31.92
CA HIS B 163 32.05 -4.70 -32.85
C HIS B 163 33.47 -5.03 -33.30
N LEU B 164 34.18 -5.89 -32.56
CA LEU B 164 35.53 -6.31 -32.93
C LEU B 164 35.56 -7.64 -33.67
N GLU B 165 34.43 -8.32 -33.81
CA GLU B 165 34.40 -9.64 -34.42
C GLU B 165 34.81 -9.54 -35.87
N ASP B 166 35.55 -10.54 -36.36
CA ASP B 166 35.88 -10.64 -37.79
C ASP B 166 34.97 -11.68 -38.42
N MET B 167 34.19 -11.25 -39.39
CA MET B 167 33.16 -12.11 -39.95
C MET B 167 33.45 -12.51 -41.37
N ASN B 168 34.65 -12.21 -41.88
CA ASN B 168 34.89 -12.33 -43.31
C ASN B 168 34.78 -13.78 -43.78
N ASP B 169 35.35 -14.70 -43.04
CA ASP B 169 35.37 -16.07 -43.53
C ASP B 169 33.95 -16.58 -43.72
N HIS B 170 33.07 -16.31 -42.74
CA HIS B 170 31.67 -16.71 -42.89
C HIS B 170 30.98 -15.95 -44.02
N LEU B 171 31.28 -14.67 -44.17
CA LEU B 171 30.59 -13.96 -45.22
C LEU B 171 31.08 -14.33 -46.62
N ASN B 172 32.32 -14.80 -46.74
CA ASN B 172 32.69 -15.37 -48.04
C ASN B 172 31.99 -16.69 -48.25
N ALA B 173 31.76 -17.45 -47.18
CA ALA B 173 31.07 -18.70 -47.34
C ALA B 173 29.60 -18.50 -47.73
N LEU B 174 28.93 -17.52 -47.13
CA LEU B 174 27.49 -17.36 -47.33
C LEU B 174 27.14 -16.54 -48.59
N GLN B 175 27.96 -15.56 -48.94
CA GLN B 175 27.78 -14.65 -50.07
C GLN B 175 26.34 -14.20 -50.17
N PRO B 176 25.88 -13.37 -49.24
CA PRO B 176 24.54 -12.79 -49.38
C PRO B 176 24.60 -11.69 -50.40
N PHE B 177 23.54 -11.55 -51.17
CA PHE B 177 23.54 -10.45 -52.12
C PHE B 177 23.64 -9.11 -51.40
N ARG B 178 23.32 -9.07 -50.12
CA ARG B 178 23.43 -7.82 -49.39
C ARG B 178 23.54 -8.11 -47.89
N TRP B 179 24.45 -7.38 -47.25
CA TRP B 179 24.71 -7.50 -45.83
C TRP B 179 24.54 -6.11 -45.22
N LYS B 180 23.42 -5.88 -44.55
CA LYS B 180 23.13 -4.60 -43.94
C LYS B 180 23.67 -4.60 -42.52
N CYS B 181 24.51 -3.61 -42.18
CA CYS B 181 25.13 -3.52 -40.86
C CYS B 181 24.69 -2.23 -40.17
N PHE B 182 23.80 -2.35 -39.19
CA PHE B 182 23.31 -1.18 -38.48
C PHE B 182 24.18 -0.91 -37.26
N GLN B 183 24.64 0.32 -37.12
CA GLN B 183 25.13 0.75 -35.82
C GLN B 183 23.97 0.74 -34.85
N VAL B 184 24.17 0.13 -33.69
CA VAL B 184 23.08 -0.05 -32.75
C VAL B 184 22.61 1.31 -32.24
N LEU B 185 21.34 1.38 -31.85
CA LEU B 185 20.74 2.57 -31.26
C LEU B 185 19.75 2.09 -30.22
N ILE B 186 19.82 2.64 -29.01
CA ILE B 186 18.94 2.20 -27.92
C ILE B 186 18.04 3.35 -27.50
N VAL B 187 16.73 3.08 -27.35
CA VAL B 187 15.78 4.08 -26.90
C VAL B 187 15.37 3.90 -25.44
N THR B 188 14.46 4.76 -24.97
CA THR B 188 14.28 5.00 -23.55
C THR B 188 12.89 5.54 -23.19
N ARG B 198 18.61 0.72 -16.24
CA ARG B 198 18.53 0.73 -17.70
C ARG B 198 19.74 1.40 -18.38
N ASN B 199 20.61 2.06 -17.59
CA ASN B 199 21.90 2.58 -18.09
C ASN B 199 22.68 1.52 -18.84
N ALA B 200 22.29 0.24 -18.65
CA ALA B 200 22.58 -0.91 -19.49
C ALA B 200 22.35 -0.64 -20.98
N HIS B 201 22.49 0.64 -21.38
CA HIS B 201 22.81 1.06 -22.74
C HIS B 201 24.13 1.84 -22.79
N SER B 202 25.19 1.29 -22.18
CA SER B 202 26.57 1.49 -22.60
C SER B 202 27.05 0.30 -23.40
N LEU B 203 26.09 -0.45 -23.96
CA LEU B 203 26.12 -1.35 -25.11
C LEU B 203 26.20 -0.59 -26.44
N THR B 204 26.18 0.73 -26.40
CA THR B 204 26.47 1.54 -27.57
C THR B 204 27.92 1.42 -27.98
N ILE B 205 28.20 1.84 -29.20
CA ILE B 205 29.55 1.88 -29.73
C ILE B 205 29.76 3.24 -30.38
N SER B 206 30.99 3.72 -30.33
CA SER B 206 31.34 4.98 -30.96
C SER B 206 31.23 4.87 -32.48
N ASP B 207 31.24 6.01 -33.15
CA ASP B 207 31.16 5.95 -34.60
C ASP B 207 32.46 5.43 -35.20
N ASP B 208 33.57 5.59 -34.49
CA ASP B 208 34.82 5.03 -34.99
C ASP B 208 34.89 3.53 -34.75
N GLU B 209 34.47 3.07 -33.56
CA GLU B 209 34.30 1.63 -33.34
C GLU B 209 33.47 1.03 -34.46
N PHE B 210 32.41 1.75 -34.86
CA PHE B 210 31.55 1.29 -35.93
C PHE B 210 32.23 1.33 -37.27
N ASP B 211 33.00 2.39 -37.55
CA ASP B 211 33.63 2.41 -38.85
C ASP B 211 34.79 1.42 -38.92
N ARG B 212 35.46 1.13 -37.80
CA ARG B 212 36.50 0.11 -37.84
C ARG B 212 35.92 -1.28 -38.06
N PHE B 213 34.75 -1.56 -37.47
CA PHE B 213 34.05 -2.77 -37.87
C PHE B 213 33.83 -2.80 -39.37
N CYS B 214 33.42 -1.68 -39.96
CA CYS B 214 33.17 -1.67 -41.40
C CYS B 214 34.47 -1.79 -42.18
N GLU B 215 35.53 -1.09 -41.75
CA GLU B 215 36.77 -1.13 -42.51
C GLU B 215 37.31 -2.56 -42.53
N ARG B 216 37.19 -3.23 -41.40
CA ARG B 216 37.65 -4.60 -41.29
C ARG B 216 36.88 -5.52 -42.23
N HIS B 217 35.76 -5.09 -42.77
CA HIS B 217 35.03 -5.95 -43.70
C HIS B 217 34.93 -5.31 -45.07
N SER B 218 35.91 -4.47 -45.42
CA SER B 218 35.85 -3.70 -46.66
C SER B 218 35.91 -4.58 -47.91
N SER B 219 36.62 -5.71 -47.86
CA SER B 219 36.65 -6.63 -49.00
C SER B 219 35.27 -7.19 -49.35
N GLN B 220 34.32 -7.19 -48.41
CA GLN B 220 32.98 -7.72 -48.65
C GLN B 220 32.19 -6.75 -49.50
N THR B 221 31.95 -7.10 -50.77
CA THR B 221 31.28 -6.16 -51.65
C THR B 221 29.80 -6.01 -51.32
N CYS B 222 29.22 -6.92 -50.53
CA CYS B 222 27.80 -6.91 -50.19
C CYS B 222 27.46 -6.01 -49.01
N LEU B 223 28.47 -5.43 -48.34
CA LEU B 223 28.24 -4.73 -47.08
C LEU B 223 27.64 -3.36 -47.33
N VAL B 224 26.45 -3.15 -46.78
CA VAL B 224 25.84 -1.83 -46.80
C VAL B 224 25.78 -1.34 -45.36
N PRO B 225 26.62 -0.40 -44.93
CA PRO B 225 26.53 0.08 -43.56
C PRO B 225 25.46 1.15 -43.42
N GLU B 226 24.95 1.28 -42.19
CA GLU B 226 23.97 2.31 -41.86
C GLU B 226 24.31 2.82 -40.46
N PRO B 227 25.02 3.94 -40.37
CA PRO B 227 25.30 4.54 -39.09
C PRO B 227 24.11 5.33 -38.56
N ASN B 228 24.12 5.53 -37.23
CA ASN B 228 23.09 6.38 -36.63
C ASN B 228 23.11 7.78 -37.24
N ARG B 229 24.29 8.27 -37.64
CA ARG B 229 24.46 9.55 -38.33
C ARG B 229 23.42 9.76 -39.42
N LEU B 230 23.07 8.68 -40.13
CA LEU B 230 22.28 8.79 -41.36
C LEU B 230 21.52 7.48 -41.58
N MET B 231 20.28 7.43 -41.13
CA MET B 231 19.43 6.25 -41.24
C MET B 231 18.51 6.40 -42.44
N ALA B 232 18.08 5.26 -42.97
CA ALA B 232 17.18 5.24 -44.11
C ALA B 232 15.81 5.77 -43.71
N LYS B 233 15.11 6.35 -44.68
CA LYS B 233 13.86 7.06 -44.43
C LYS B 233 12.65 6.30 -44.99
N SER B 234 11.48 6.93 -44.85
CA SER B 234 10.20 6.36 -45.35
C SER B 234 9.93 4.98 -44.78
N TYR B 235 10.33 4.74 -43.53
CA TYR B 235 10.19 3.43 -42.91
C TYR B 235 8.90 3.41 -42.09
N LEU B 236 7.88 2.76 -42.63
CA LEU B 236 6.53 2.75 -42.07
C LEU B 236 6.24 1.37 -41.52
N ILE B 237 5.69 1.28 -40.31
CA ILE B 237 5.37 -0.01 -39.69
C ILE B 237 3.86 -0.16 -39.56
N LEU B 238 3.36 -1.34 -39.97
CA LEU B 238 1.95 -1.70 -39.90
C LEU B 238 1.86 -2.82 -38.88
N ASP B 239 1.38 -2.48 -37.69
CA ASP B 239 0.83 -3.27 -36.59
C ASP B 239 0.27 -4.65 -36.89
N GLU B 240 0.23 -5.50 -35.86
CA GLU B 240 -0.51 -6.73 -36.03
C GLU B 240 -2.01 -6.51 -36.03
N TYR B 241 -2.46 -5.30 -35.72
CA TYR B 241 -3.86 -4.95 -35.87
C TYR B 241 -4.07 -4.12 -37.11
N MET B 242 -3.01 -3.96 -37.91
CA MET B 242 -3.03 -3.18 -39.15
C MET B 242 -3.28 -1.71 -38.85
N ARG B 243 -2.66 -1.26 -37.76
CA ARG B 243 -2.50 0.13 -37.41
C ARG B 243 -1.11 0.61 -37.79
N PHE B 244 -0.97 1.89 -38.10
CA PHE B 244 0.35 2.46 -38.29
C PHE B 244 0.94 2.92 -36.96
N LEU B 245 2.27 2.84 -36.84
CA LEU B 245 3.01 3.41 -35.71
C LEU B 245 3.61 4.74 -36.14
N ASP B 246 3.87 5.60 -35.15
CA ASP B 246 4.44 6.90 -35.47
C ASP B 246 5.96 6.81 -35.58
N ARG B 247 6.63 7.97 -35.69
CA ARG B 247 8.06 8.08 -35.94
C ARG B 247 8.89 7.57 -34.77
N ASN B 248 8.23 7.16 -33.70
CA ASN B 248 8.93 6.54 -32.58
C ASN B 248 8.46 5.12 -32.32
N GLY B 249 7.72 4.52 -33.25
CA GLY B 249 7.24 3.16 -33.08
C GLY B 249 6.18 2.99 -32.02
N GLN B 250 5.57 4.08 -31.53
CA GLN B 250 4.44 3.97 -30.62
C GLN B 250 3.18 4.66 -31.12
N GLN B 251 2.19 4.82 -30.22
CA GLN B 251 0.98 5.61 -30.45
C GLN B 251 0.27 5.20 -31.72
N PRO B 252 -0.25 4.00 -31.79
CA PRO B 252 -0.76 3.50 -33.06
C PRO B 252 -2.03 4.22 -33.51
N SER B 253 -2.17 4.36 -34.82
CA SER B 253 -3.41 4.87 -35.38
C SER B 253 -4.53 3.85 -35.12
N LYS B 254 -5.77 4.18 -35.49
CA LYS B 254 -6.73 3.10 -35.59
C LYS B 254 -6.32 2.17 -36.72
N SER B 255 -6.92 0.98 -36.78
CA SER B 255 -6.64 0.10 -37.90
C SER B 255 -7.04 0.75 -39.23
N ILE B 256 -6.26 0.46 -40.28
CA ILE B 256 -6.64 0.87 -41.62
C ILE B 256 -7.95 0.21 -42.04
N LEU B 257 -8.31 -0.90 -41.38
CA LEU B 257 -9.58 -1.59 -41.61
C LEU B 257 -10.76 -0.85 -41.01
N GLU B 258 -10.50 0.08 -40.08
CA GLU B 258 -11.53 0.95 -39.53
C GLU B 258 -11.58 2.28 -40.23
N VAL B 259 -10.43 2.93 -40.43
CA VAL B 259 -10.42 4.32 -40.89
C VAL B 259 -9.73 4.50 -42.24
N GLY B 260 -9.07 3.47 -42.76
CA GLY B 260 -8.43 3.58 -44.06
C GLY B 260 -7.00 4.11 -43.98
N VAL B 261 -6.30 4.01 -45.06
CA VAL B 261 -4.92 4.40 -45.10
C VAL B 261 -4.62 5.86 -44.89
N GLN B 262 -5.23 6.73 -45.66
CA GLN B 262 -4.98 8.15 -45.57
C GLN B 262 -5.23 8.76 -44.23
N GLN B 263 -6.29 8.36 -43.59
CA GLN B 263 -6.63 8.89 -42.31
C GLN B 263 -5.75 8.30 -41.23
N ALA B 264 -5.34 7.07 -41.39
CA ALA B 264 -4.47 6.48 -40.38
C ALA B 264 -3.11 7.14 -40.44
N LEU B 265 -2.64 7.43 -41.65
CA LEU B 265 -1.37 8.10 -41.84
C LEU B 265 -1.35 9.45 -41.14
N GLN B 266 -2.38 10.27 -41.40
CA GLN B 266 -2.45 11.55 -40.69
C GLN B 266 -2.41 11.33 -39.18
N ALA B 267 -2.97 10.23 -38.70
CA ALA B 267 -3.05 10.02 -37.27
C ALA B 267 -1.67 9.83 -36.65
N VAL B 268 -0.72 9.31 -37.40
CA VAL B 268 0.61 9.07 -36.87
C VAL B 268 1.60 10.13 -37.34
N PHE B 269 1.10 11.26 -37.83
CA PHE B 269 1.95 12.38 -38.25
C PHE B 269 2.92 11.93 -39.33
N TRP B 270 2.40 11.19 -40.31
CA TRP B 270 3.22 10.65 -41.38
C TRP B 270 3.97 11.76 -42.09
N ASP B 271 5.28 11.60 -42.17
CA ASP B 271 6.15 12.54 -42.86
C ASP B 271 7.42 11.77 -43.14
N GLU B 272 7.73 11.56 -44.42
CA GLU B 272 8.62 10.45 -44.74
C GLU B 272 10.05 10.72 -44.30
N GLU B 273 10.52 11.97 -44.37
CA GLU B 273 11.85 12.26 -43.86
C GLU B 273 12.02 11.95 -42.37
N ALA B 274 10.94 11.89 -41.60
CA ALA B 274 11.06 11.69 -40.16
C ALA B 274 10.95 10.24 -39.72
N PHE B 275 10.49 9.33 -40.59
CA PHE B 275 10.30 7.93 -40.20
C PHE B 275 11.57 7.15 -40.55
N VAL B 276 12.50 7.10 -39.58
CA VAL B 276 13.79 6.46 -39.84
C VAL B 276 13.63 4.95 -39.71
N GLU B 277 14.54 4.24 -40.37
CA GLU B 277 14.61 2.79 -40.28
C GLU B 277 14.84 2.32 -38.85
N ARG B 278 14.08 1.34 -38.43
CA ARG B 278 14.12 0.87 -37.05
C ARG B 278 14.80 -0.50 -36.94
N GLY B 279 15.41 -0.97 -38.03
CA GLY B 279 16.17 -2.22 -38.02
C GLY B 279 17.42 -2.19 -37.16
N GLY B 280 17.99 -1.00 -36.91
CA GLY B 280 19.15 -0.85 -36.06
C GLY B 280 18.80 -0.49 -34.66
N ILE B 281 17.52 -0.21 -34.40
CA ILE B 281 17.07 0.32 -33.13
C ILE B 281 16.66 -0.83 -32.20
N TYR B 282 17.15 -0.80 -30.97
CA TYR B 282 16.63 -1.66 -29.90
C TYR B 282 15.64 -0.84 -29.10
N ASP B 283 14.33 -1.20 -29.19
CA ASP B 283 13.22 -0.38 -28.66
C ASP B 283 12.82 -0.86 -27.26
N TRP B 284 13.26 -0.10 -26.25
CA TRP B 284 13.00 -0.38 -24.84
C TRP B 284 12.23 0.77 -24.18
N GLY C 7 -3.33 27.02 -42.00
CA GLY C 7 -2.70 27.57 -40.81
C GLY C 7 -3.50 28.71 -40.18
N GLN C 8 -4.52 29.16 -40.89
CA GLN C 8 -5.48 30.09 -40.33
C GLN C 8 -6.60 29.30 -39.67
N VAL C 9 -7.46 30.00 -38.91
CA VAL C 9 -8.56 29.28 -38.27
C VAL C 9 -9.55 28.85 -39.34
N PRO C 10 -10.24 27.74 -39.19
CA PRO C 10 -11.19 27.33 -40.23
C PRO C 10 -12.44 28.19 -40.16
N VAL C 11 -13.19 28.13 -41.26
CA VAL C 11 -14.47 28.81 -41.34
C VAL C 11 -15.30 28.59 -40.09
N SER C 12 -15.27 27.37 -39.59
CA SER C 12 -16.16 26.91 -38.55
C SER C 12 -15.32 26.46 -37.35
N VAL C 13 -15.79 26.83 -36.16
CA VAL C 13 -15.15 26.49 -34.90
C VAL C 13 -16.22 25.92 -33.98
N ASN C 14 -15.93 24.80 -33.35
CA ASN C 14 -16.85 24.18 -32.42
C ASN C 14 -16.43 24.56 -31.02
N TYR C 15 -17.30 25.27 -30.30
CA TYR C 15 -16.98 25.78 -28.97
C TYR C 15 -17.62 24.84 -27.95
N HIS C 16 -16.84 23.93 -27.40
CA HIS C 16 -17.36 23.08 -26.34
C HIS C 16 -17.23 23.85 -25.04
N PHE C 17 -18.19 24.76 -24.81
CA PHE C 17 -18.01 25.76 -23.76
C PHE C 17 -18.28 25.23 -22.37
N SER C 18 -18.70 23.99 -22.25
CA SER C 18 -18.87 23.34 -20.96
C SER C 18 -18.59 21.88 -21.16
N ARG C 19 -17.95 21.25 -20.18
CA ARG C 19 -17.57 19.85 -20.28
C ARG C 19 -18.73 18.96 -19.84
N LYS C 20 -18.77 17.76 -20.41
CA LYS C 20 -19.75 16.74 -20.00
C LYS C 20 -19.50 16.28 -18.56
N CYS C 21 -20.60 16.14 -17.79
CA CYS C 21 -20.50 15.72 -16.37
C CYS C 21 -21.42 14.55 -15.96
N THR C 33 -22.53 20.33 -7.63
CA THR C 33 -22.12 20.12 -9.05
C THR C 33 -21.32 21.31 -9.68
N THR C 34 -20.51 21.06 -10.72
CA THR C 34 -19.59 22.09 -11.27
C THR C 34 -19.35 21.76 -12.75
N SER C 35 -18.23 22.27 -13.30
CA SER C 35 -17.75 22.41 -14.67
C SER C 35 -17.42 23.88 -14.91
N HIS C 36 -16.21 24.19 -15.34
CA HIS C 36 -15.87 25.56 -15.65
C HIS C 36 -16.61 26.03 -16.90
N VAL C 37 -17.02 27.32 -16.89
CA VAL C 37 -17.47 28.05 -18.07
C VAL C 37 -16.85 29.43 -18.00
N GLU C 38 -16.42 29.96 -19.14
CA GLU C 38 -15.88 31.32 -19.14
C GLU C 38 -16.91 32.32 -18.63
N LYS C 39 -16.43 33.37 -17.96
CA LYS C 39 -17.27 34.55 -17.76
C LYS C 39 -17.64 35.10 -19.14
N PRO C 40 -18.84 35.67 -19.30
CA PRO C 40 -19.22 36.15 -20.63
C PRO C 40 -18.32 37.25 -21.20
N GLU C 41 -17.72 38.13 -20.40
CA GLU C 41 -16.83 39.12 -20.99
C GLU C 41 -15.64 38.43 -21.64
N ASN C 42 -15.08 37.42 -20.96
CA ASN C 42 -13.96 36.68 -21.52
C ASN C 42 -14.36 35.91 -22.76
N ALA C 43 -15.49 35.21 -22.68
CA ALA C 43 -15.96 34.49 -23.85
C ALA C 43 -16.13 35.43 -25.03
N LYS C 44 -16.69 36.62 -24.78
CA LYS C 44 -16.88 37.60 -25.85
C LYS C 44 -15.54 38.02 -26.45
N ARG C 45 -14.48 38.12 -25.64
CA ARG C 45 -13.18 38.48 -26.23
C ARG C 45 -12.64 37.32 -27.06
N GLY C 46 -12.69 36.10 -26.51
CA GLY C 46 -12.20 34.95 -27.24
C GLY C 46 -12.87 34.78 -28.58
N LEU C 47 -14.20 34.84 -28.59
CA LEU C 47 -14.93 34.73 -29.84
C LEU C 47 -14.54 35.83 -30.82
N THR C 48 -14.29 37.05 -30.32
CA THR C 48 -13.82 38.14 -31.18
C THR C 48 -12.47 37.80 -31.78
N LEU C 49 -11.56 37.28 -30.96
CA LEU C 49 -10.29 36.82 -31.49
C LEU C 49 -10.49 35.79 -32.63
N LEU C 50 -11.44 34.87 -32.47
CA LEU C 50 -11.65 33.90 -33.54
C LEU C 50 -12.19 34.57 -34.79
N LYS C 51 -13.07 35.58 -34.65
CA LYS C 51 -13.61 36.22 -35.84
C LYS C 51 -12.51 36.90 -36.63
N GLN C 52 -11.66 37.66 -35.92
CA GLN C 52 -10.53 38.33 -36.53
C GLN C 52 -9.58 37.37 -37.20
N ALA C 53 -9.57 36.12 -36.77
CA ALA C 53 -8.71 35.10 -37.35
C ALA C 53 -9.39 34.36 -38.48
N GLY C 54 -10.60 34.74 -38.83
CA GLY C 54 -11.26 34.14 -39.97
C GLY C 54 -12.48 33.34 -39.67
N MET C 55 -12.90 33.23 -38.42
CA MET C 55 -14.09 32.43 -38.13
C MET C 55 -15.32 33.12 -38.69
N LYS C 56 -16.18 32.34 -39.33
CA LYS C 56 -17.46 32.86 -39.81
C LYS C 56 -18.65 32.01 -39.38
N LYS C 57 -18.44 30.81 -38.88
CA LYS C 57 -19.50 29.94 -38.35
C LYS C 57 -19.08 29.43 -36.98
N ILE C 58 -19.99 29.40 -36.03
CA ILE C 58 -19.71 28.84 -34.70
C ILE C 58 -20.76 27.79 -34.38
N ASN C 59 -20.34 26.73 -33.69
CA ASN C 59 -21.23 25.65 -33.31
C ASN C 59 -21.09 25.45 -31.81
N PHE C 60 -22.15 25.77 -31.07
CA PHE C 60 -22.15 25.60 -29.63
C PHE C 60 -22.48 24.16 -29.31
N ALA C 61 -21.49 23.46 -28.76
CA ALA C 61 -21.64 22.06 -28.41
C ALA C 61 -20.93 21.78 -27.09
N GLY C 62 -20.34 20.61 -26.96
CA GLY C 62 -19.75 20.19 -25.72
C GLY C 62 -20.72 19.53 -24.80
N GLY C 63 -22.01 19.82 -24.96
CA GLY C 63 -23.07 19.11 -24.27
C GLY C 63 -22.93 19.44 -22.83
N GLU C 64 -24.05 19.65 -22.18
CA GLU C 64 -25.29 19.97 -22.81
C GLU C 64 -25.37 21.48 -22.73
N PRO C 65 -25.42 22.17 -23.88
CA PRO C 65 -25.48 23.63 -23.85
C PRO C 65 -26.69 24.17 -23.10
N PHE C 66 -27.84 23.53 -23.18
CA PHE C 66 -29.01 24.12 -22.53
C PHE C 66 -28.99 23.98 -21.02
N LEU C 67 -27.95 23.40 -20.46
CA LEU C 67 -27.75 23.51 -19.03
C LEU C 67 -27.35 24.93 -18.62
N TYR C 68 -26.93 25.77 -19.57
CA TYR C 68 -26.44 27.12 -19.28
C TYR C 68 -27.12 28.12 -20.19
N PRO C 69 -28.42 28.35 -20.03
CA PRO C 69 -29.15 29.09 -21.05
C PRO C 69 -28.81 30.57 -21.12
N LYS C 70 -28.43 31.24 -20.02
CA LYS C 70 -28.06 32.65 -20.13
C LYS C 70 -26.75 32.82 -20.86
N PHE C 71 -25.76 31.98 -20.52
CA PHE C 71 -24.52 31.99 -21.29
C PHE C 71 -24.81 31.65 -22.75
N LEU C 72 -25.46 30.52 -23.01
CA LEU C 72 -25.85 30.18 -24.37
C LEU C 72 -26.49 31.37 -25.07
N GLY C 73 -27.51 31.94 -24.43
CA GLY C 73 -28.23 33.05 -25.03
C GLY C 73 -27.37 34.26 -25.30
N GLU C 74 -26.57 34.68 -24.32
CA GLU C 74 -25.68 35.81 -24.52
C GLU C 74 -24.74 35.59 -25.70
N MET C 75 -24.08 34.42 -25.75
CA MET C 75 -23.10 34.21 -26.80
C MET C 75 -23.77 34.06 -28.16
N ILE C 76 -24.98 33.49 -28.19
CA ILE C 76 -25.73 33.42 -29.45
C ILE C 76 -26.00 34.83 -29.99
N ASP C 77 -26.67 35.67 -29.19
CA ASP C 77 -26.90 37.06 -29.59
C ASP C 77 -25.59 37.73 -29.95
N PHE C 78 -24.57 37.59 -29.09
CA PHE C 78 -23.31 38.28 -29.38
C PHE C 78 -22.76 37.88 -30.73
N CYS C 79 -22.80 36.59 -31.03
CA CYS C 79 -22.16 36.13 -32.26
C CYS C 79 -22.89 36.63 -33.47
N LYS C 80 -24.22 36.53 -33.45
CA LYS C 80 -25.02 36.94 -34.62
C LYS C 80 -25.11 38.45 -34.73
N GLU C 81 -25.43 39.15 -33.63
CA GLU C 81 -25.60 40.60 -33.62
C GLU C 81 -24.27 41.35 -33.73
N THR C 82 -23.37 41.19 -32.77
CA THR C 82 -22.22 42.07 -32.92
C THR C 82 -21.05 41.48 -33.73
N LEU C 83 -20.87 40.17 -33.82
CA LEU C 83 -19.78 39.70 -34.67
C LEU C 83 -20.22 39.46 -36.10
N GLN C 84 -21.53 39.25 -36.29
CA GLN C 84 -22.18 39.04 -37.59
C GLN C 84 -21.67 37.79 -38.29
N LEU C 85 -21.69 36.68 -37.57
CA LEU C 85 -21.31 35.40 -38.14
C LEU C 85 -22.37 34.90 -39.12
N GLU C 86 -21.94 34.19 -40.15
CA GLU C 86 -22.87 33.64 -41.12
C GLU C 86 -23.81 32.64 -40.49
N SER C 87 -23.27 31.80 -39.62
CA SER C 87 -24.00 30.67 -39.08
C SER C 87 -23.75 30.54 -37.58
N VAL C 88 -24.82 30.23 -36.85
CA VAL C 88 -24.80 29.99 -35.42
C VAL C 88 -25.63 28.74 -35.16
N SER C 89 -25.00 27.68 -34.70
CA SER C 89 -25.63 26.38 -34.51
C SER C 89 -25.47 25.92 -33.06
N ILE C 90 -26.30 24.97 -32.67
CA ILE C 90 -26.26 24.39 -31.33
C ILE C 90 -26.45 22.90 -31.49
N VAL C 91 -25.71 22.11 -30.70
CA VAL C 91 -26.01 20.69 -30.57
C VAL C 91 -26.61 20.50 -29.19
N THR C 92 -27.55 19.56 -29.08
CA THR C 92 -28.25 19.38 -27.81
C THR C 92 -28.86 18.00 -27.80
N ASN C 93 -29.18 17.51 -26.61
CA ASN C 93 -30.00 16.31 -26.57
C ASN C 93 -31.48 16.60 -26.46
N GLY C 94 -31.87 17.86 -26.36
CA GLY C 94 -33.25 18.24 -26.42
C GLY C 94 -33.98 18.29 -25.10
N SER C 95 -33.48 17.64 -24.05
CA SER C 95 -34.23 17.48 -22.80
C SER C 95 -34.70 18.80 -22.24
N LEU C 96 -33.79 19.77 -22.19
CA LEU C 96 -34.00 21.02 -21.48
C LEU C 96 -34.23 22.19 -22.43
N VAL C 97 -34.41 21.92 -23.71
CA VAL C 97 -34.81 22.97 -24.64
C VAL C 97 -36.23 23.39 -24.33
N LYS C 98 -36.41 24.68 -24.05
CA LYS C 98 -37.71 25.27 -23.74
C LYS C 98 -38.12 26.23 -24.86
N GLU C 99 -39.41 26.22 -25.20
CA GLU C 99 -39.84 27.01 -26.33
C GLU C 99 -39.55 28.49 -26.12
N GLN C 100 -39.54 28.94 -24.87
CA GLN C 100 -39.30 30.35 -24.66
C GLN C 100 -37.88 30.74 -25.07
N PHE C 101 -36.92 29.81 -24.98
CA PHE C 101 -35.54 30.10 -25.40
C PHE C 101 -35.45 30.26 -26.93
N LEU C 102 -36.02 29.30 -27.68
CA LEU C 102 -36.01 29.41 -29.13
C LEU C 102 -36.69 30.70 -29.57
N GLN C 103 -37.77 31.07 -28.91
CA GLN C 103 -38.44 32.31 -29.27
C GLN C 103 -37.58 33.52 -28.94
N LYS C 104 -37.08 33.61 -27.73
CA LYS C 104 -36.29 34.79 -27.36
C LYS C 104 -35.05 34.89 -28.23
N HIS C 105 -34.54 33.78 -28.77
CA HIS C 105 -33.26 33.83 -29.45
C HIS C 105 -33.28 33.34 -30.89
N GLY C 106 -34.41 32.78 -31.37
CA GLY C 106 -34.40 32.10 -32.65
C GLY C 106 -33.97 32.96 -33.83
N ARG C 107 -34.16 34.27 -33.74
CA ARG C 107 -33.75 35.08 -34.86
C ARG C 107 -32.26 34.96 -35.10
N ASN C 108 -31.50 34.52 -34.10
CA ASN C 108 -30.05 34.43 -34.20
C ASN C 108 -29.53 33.00 -34.25
N ILE C 109 -30.40 31.99 -34.25
CA ILE C 109 -30.00 30.60 -34.28
C ILE C 109 -30.28 30.07 -35.68
N ASP C 110 -29.24 29.70 -36.44
CA ASP C 110 -29.49 29.16 -37.79
C ASP C 110 -29.82 27.66 -37.79
N ILE C 111 -29.14 26.86 -36.97
CA ILE C 111 -29.30 25.41 -36.96
C ILE C 111 -29.36 24.94 -35.51
N LEU C 112 -30.32 24.06 -35.21
CA LEU C 112 -30.40 23.35 -33.94
C LEU C 112 -30.35 21.86 -34.26
N ALA C 113 -29.27 21.21 -33.88
CA ALA C 113 -29.08 19.78 -34.11
C ALA C 113 -29.39 19.05 -32.82
N VAL C 114 -30.25 18.06 -32.91
CA VAL C 114 -30.60 17.22 -31.76
C VAL C 114 -29.94 15.86 -31.95
N SER C 115 -29.40 15.32 -30.88
CA SER C 115 -28.75 14.03 -30.96
C SER C 115 -29.80 12.98 -30.64
N CYS C 116 -30.12 12.16 -31.62
CA CYS C 116 -31.08 11.07 -31.49
C CYS C 116 -30.45 9.81 -32.07
N ASP C 117 -30.24 8.81 -31.22
CA ASP C 117 -29.64 7.56 -31.67
C ASP C 117 -30.66 6.44 -31.83
N SER C 118 -31.82 6.54 -31.19
CA SER C 118 -32.84 5.53 -31.35
C SER C 118 -34.18 6.08 -30.92
N PHE C 119 -35.24 5.44 -31.42
CA PHE C 119 -36.61 5.71 -30.98
C PHE C 119 -37.18 4.63 -30.07
N ASN C 120 -36.43 3.53 -29.83
CA ASN C 120 -36.83 2.46 -28.92
C ASN C 120 -36.13 2.61 -27.58
N GLU C 121 -36.92 2.59 -26.50
CA GLU C 121 -36.37 2.87 -25.18
C GLU C 121 -35.30 1.86 -24.82
N ALA C 122 -35.56 0.58 -25.10
CA ALA C 122 -34.56 -0.45 -24.80
C ALA C 122 -33.23 -0.14 -25.46
N THR C 123 -33.26 0.16 -26.76
CA THR C 123 -32.04 0.53 -27.46
C THR C 123 -31.34 1.70 -26.78
N ASN C 124 -32.09 2.75 -26.45
CA ASN C 124 -31.44 3.92 -25.87
C ASN C 124 -30.79 3.56 -24.56
N ILE C 125 -31.43 2.67 -23.80
CA ILE C 125 -30.88 2.31 -22.50
C ILE C 125 -29.52 1.63 -22.66
N LYS C 126 -29.43 0.68 -23.60
CA LYS C 126 -28.19 -0.07 -23.82
C LYS C 126 -27.07 0.79 -24.41
N ILE C 127 -27.43 1.78 -25.23
CA ILE C 127 -26.44 2.67 -25.80
C ILE C 127 -25.81 3.52 -24.73
N GLY C 128 -26.58 3.89 -23.72
CA GLY C 128 -26.06 4.69 -22.63
C GLY C 128 -26.74 6.04 -22.47
N ARG C 129 -28.04 6.12 -22.82
CA ARG C 129 -28.79 7.37 -22.86
C ARG C 129 -29.99 7.43 -21.93
N GLY C 130 -30.24 6.40 -21.10
CA GLY C 130 -31.28 6.48 -20.10
C GLY C 130 -32.68 6.22 -20.64
N SER C 131 -33.65 6.23 -19.72
CA SER C 131 -35.02 5.80 -20.01
C SER C 131 -35.82 6.88 -20.75
N GLY C 132 -36.58 6.45 -21.78
CA GLY C 132 -37.43 7.32 -22.58
C GLY C 132 -38.75 7.58 -21.87
N ASP C 133 -39.83 7.81 -22.63
CA ASP C 133 -39.82 7.82 -24.08
C ASP C 133 -39.97 9.28 -24.59
N ASN C 134 -38.83 9.98 -24.68
CA ASN C 134 -38.79 11.38 -25.02
C ASN C 134 -38.90 11.64 -26.51
N VAL C 135 -39.49 10.74 -27.30
CA VAL C 135 -39.59 11.05 -28.72
C VAL C 135 -40.65 12.11 -28.97
N GLN C 136 -41.63 12.26 -28.09
CA GLN C 136 -42.54 13.39 -28.27
C GLN C 136 -41.77 14.71 -28.21
N LYS C 137 -40.76 14.80 -27.33
CA LYS C 137 -40.02 16.06 -27.21
C LYS C 137 -39.27 16.41 -28.48
N LEU C 138 -38.83 15.40 -29.23
CA LEU C 138 -38.23 15.65 -30.53
C LEU C 138 -39.21 16.30 -31.49
N TYR C 139 -40.47 15.84 -31.49
CA TYR C 139 -41.45 16.37 -32.43
C TYR C 139 -41.80 17.81 -32.12
N GLU C 140 -41.88 18.14 -30.83
CA GLU C 140 -42.12 19.54 -30.47
C GLU C 140 -40.96 20.41 -30.85
N ILE C 141 -39.75 19.94 -30.57
CA ILE C 141 -38.57 20.68 -30.98
C ILE C 141 -38.57 20.87 -32.48
N GLY C 142 -38.80 19.81 -33.23
CA GLY C 142 -38.89 19.94 -34.68
C GLY C 142 -39.91 20.99 -35.12
N SER C 143 -41.09 20.99 -34.52
CA SER C 143 -42.04 22.01 -34.94
C SER C 143 -41.65 23.39 -34.40
N TRP C 144 -41.15 23.50 -33.16
CA TRP C 144 -40.62 24.79 -32.69
C TRP C 144 -39.64 25.40 -33.71
N CYS C 145 -38.82 24.55 -34.32
CA CYS C 145 -37.82 25.06 -35.24
C CYS C 145 -38.48 25.74 -36.42
N GLN C 146 -39.43 25.04 -37.04
CA GLN C 146 -40.17 25.64 -38.13
C GLN C 146 -40.89 26.92 -37.71
N LYS C 147 -41.44 26.95 -36.50
CA LYS C 147 -42.08 28.16 -36.01
C LYS C 147 -41.11 29.32 -35.88
N TYR C 148 -39.82 29.09 -35.65
CA TYR C 148 -38.94 30.24 -35.41
C TYR C 148 -37.84 30.39 -36.45
N ASP C 149 -37.96 29.71 -37.59
CA ASP C 149 -37.04 29.85 -38.72
C ASP C 149 -35.68 29.34 -38.30
N ILE C 150 -35.64 28.09 -37.86
CA ILE C 150 -34.41 27.42 -37.43
C ILE C 150 -34.32 26.10 -38.18
N LYS C 151 -33.21 25.89 -38.87
CA LYS C 151 -33.03 24.63 -39.55
C LYS C 151 -32.86 23.54 -38.52
N PHE C 152 -33.53 22.42 -38.73
CA PHE C 152 -33.67 21.36 -37.75
C PHE C 152 -32.86 20.16 -38.21
N LYS C 153 -31.85 19.78 -37.43
CA LYS C 153 -30.89 18.75 -37.82
C LYS C 153 -30.90 17.61 -36.80
N LEU C 154 -30.83 16.37 -37.30
CA LEU C 154 -30.73 15.18 -36.46
C LEU C 154 -29.35 14.56 -36.62
N ASN C 155 -28.70 14.28 -35.47
CA ASN C 155 -27.39 13.64 -35.41
C ASN C 155 -27.55 12.24 -34.83
N THR C 156 -27.25 11.22 -35.63
CA THR C 156 -27.40 9.85 -35.18
C THR C 156 -26.06 9.15 -35.27
N VAL C 157 -25.71 8.46 -34.22
CA VAL C 157 -24.56 7.58 -34.20
C VAL C 157 -25.07 6.16 -34.37
N VAL C 158 -24.76 5.51 -35.49
CA VAL C 158 -25.27 4.16 -35.70
C VAL C 158 -24.20 3.16 -35.27
N ASN C 159 -24.62 2.22 -34.42
CA ASN C 159 -23.76 1.36 -33.64
C ASN C 159 -24.40 -0.01 -33.54
N LYS C 160 -23.83 -0.89 -32.70
CA LYS C 160 -24.27 -2.28 -32.65
C LYS C 160 -25.73 -2.40 -32.22
N PHE C 161 -26.21 -1.47 -31.38
CA PHE C 161 -27.53 -1.63 -30.79
C PHE C 161 -28.66 -1.09 -31.65
N ASN C 162 -28.38 -0.18 -32.58
CA ASN C 162 -29.43 0.45 -33.38
C ASN C 162 -29.24 0.25 -34.87
N HIS C 163 -28.27 -0.57 -35.27
CA HIS C 163 -27.94 -0.59 -36.69
C HIS C 163 -28.96 -1.35 -37.50
N LEU C 164 -29.90 -2.03 -36.84
CA LEU C 164 -30.99 -2.70 -37.53
C LEU C 164 -32.30 -1.90 -37.49
N GLU C 165 -32.35 -0.83 -36.72
CA GLU C 165 -33.59 -0.11 -36.52
C GLU C 165 -34.06 0.51 -37.82
N ASP C 166 -35.39 0.57 -37.97
CA ASP C 166 -36.02 1.30 -39.08
C ASP C 166 -36.57 2.62 -38.55
N MET C 167 -36.08 3.72 -39.11
CA MET C 167 -36.43 5.03 -38.60
C MET C 167 -37.25 5.84 -39.60
N ASN C 168 -37.72 5.22 -40.68
CA ASN C 168 -38.29 5.99 -41.79
C ASN C 168 -39.57 6.70 -41.37
N ASP C 169 -40.50 5.99 -40.72
CA ASP C 169 -41.73 6.65 -40.31
C ASP C 169 -41.43 7.92 -39.53
N HIS C 170 -40.54 7.82 -38.52
CA HIS C 170 -40.20 8.99 -37.71
C HIS C 170 -39.49 10.06 -38.52
N LEU C 171 -38.59 9.66 -39.40
CA LEU C 171 -37.91 10.67 -40.20
C LEU C 171 -38.89 11.34 -41.16
N ASN C 172 -39.87 10.58 -41.66
CA ASN C 172 -40.86 11.16 -42.56
C ASN C 172 -41.71 12.19 -41.84
N ALA C 173 -42.00 11.97 -40.55
CA ALA C 173 -42.75 12.93 -39.75
C ALA C 173 -41.90 14.14 -39.35
N LEU C 174 -40.70 13.91 -38.80
CA LEU C 174 -39.94 15.02 -38.24
C LEU C 174 -39.39 15.93 -39.33
N GLN C 175 -39.13 15.39 -40.52
CA GLN C 175 -38.71 16.16 -41.69
C GLN C 175 -37.56 17.11 -41.36
N PRO C 176 -36.45 16.60 -40.87
CA PRO C 176 -35.32 17.49 -40.60
C PRO C 176 -34.67 17.87 -41.91
N PHE C 177 -33.99 19.00 -41.92
CA PHE C 177 -33.36 19.37 -43.18
C PHE C 177 -32.06 18.62 -43.42
N ARG C 178 -31.48 17.99 -42.40
CA ARG C 178 -30.25 17.22 -42.55
C ARG C 178 -30.24 16.13 -41.48
N TRP C 179 -30.02 14.89 -41.90
CA TRP C 179 -29.95 13.76 -40.98
C TRP C 179 -28.55 13.19 -41.11
N LYS C 180 -27.69 13.49 -40.13
CA LYS C 180 -26.30 13.07 -40.17
C LYS C 180 -26.13 11.77 -39.40
N CYS C 181 -25.69 10.72 -40.09
CA CYS C 181 -25.60 9.37 -39.52
C CYS C 181 -24.13 9.00 -39.49
N PHE C 182 -23.56 8.93 -38.29
CA PHE C 182 -22.15 8.57 -38.15
C PHE C 182 -22.03 7.09 -37.89
N GLN C 183 -21.04 6.49 -38.53
CA GLN C 183 -20.65 5.16 -38.11
C GLN C 183 -19.88 5.31 -36.80
N VAL C 184 -20.23 4.49 -35.82
CA VAL C 184 -19.58 4.64 -34.53
C VAL C 184 -18.11 4.27 -34.67
N LEU C 185 -17.26 5.00 -33.95
CA LEU C 185 -15.83 4.75 -33.85
C LEU C 185 -15.45 4.88 -32.39
N ILE C 186 -14.81 3.87 -31.81
CA ILE C 186 -14.53 3.85 -30.38
C ILE C 186 -13.04 3.99 -30.17
N VAL C 187 -12.66 4.99 -29.35
CA VAL C 187 -11.26 5.39 -29.18
C VAL C 187 -10.75 4.91 -27.84
N THR C 188 -9.53 4.35 -27.86
CA THR C 188 -8.96 3.64 -26.73
C THR C 188 -7.53 4.03 -26.40
N THR C 196 -12.46 -4.02 -20.45
CA THR C 196 -12.98 -2.72 -20.87
C THR C 196 -12.62 -2.31 -22.34
N LEU C 197 -12.23 -3.32 -23.17
CA LEU C 197 -11.79 -3.16 -24.57
C LEU C 197 -12.69 -3.85 -25.62
N ARG C 198 -12.89 -5.17 -25.60
CA ARG C 198 -13.78 -5.80 -26.58
C ARG C 198 -15.28 -5.64 -26.29
N ASN C 199 -15.61 -5.15 -25.09
CA ASN C 199 -16.93 -4.58 -24.78
C ASN C 199 -17.22 -3.36 -25.66
N ALA C 200 -16.30 -2.38 -25.65
CA ALA C 200 -16.43 -1.23 -26.55
C ALA C 200 -16.28 -1.67 -28.00
N HIS C 201 -15.52 -2.77 -28.26
CA HIS C 201 -15.49 -3.35 -29.61
C HIS C 201 -16.79 -4.08 -29.96
N SER C 202 -17.39 -4.80 -28.99
CA SER C 202 -18.78 -5.22 -29.17
C SER C 202 -19.72 -4.03 -28.94
N LEU C 203 -19.47 -2.96 -29.72
CA LEU C 203 -20.33 -1.79 -29.91
C LEU C 203 -20.04 -1.26 -31.31
N THR C 204 -18.96 -1.75 -31.94
CA THR C 204 -18.65 -1.45 -33.33
C THR C 204 -19.62 -2.13 -34.29
N ILE C 205 -19.55 -1.72 -35.54
CA ILE C 205 -20.37 -2.32 -36.59
C ILE C 205 -19.53 -2.37 -37.86
N SER C 206 -19.78 -3.38 -38.67
CA SER C 206 -19.00 -3.54 -39.90
C SER C 206 -19.34 -2.43 -40.88
N ASP C 207 -18.49 -2.26 -41.88
CA ASP C 207 -18.82 -1.28 -42.89
C ASP C 207 -20.05 -1.71 -43.66
N ASP C 208 -20.27 -3.02 -43.81
CA ASP C 208 -21.48 -3.49 -44.48
C ASP C 208 -22.70 -3.18 -43.66
N GLU C 209 -22.66 -3.52 -42.36
CA GLU C 209 -23.76 -3.19 -41.47
C GLU C 209 -24.09 -1.72 -41.53
N PHE C 210 -23.08 -0.86 -41.50
CA PHE C 210 -23.39 0.57 -41.57
C PHE C 210 -24.04 0.90 -42.89
N ASP C 211 -23.64 0.23 -43.97
CA ASP C 211 -24.26 0.60 -45.25
C ASP C 211 -25.67 0.05 -45.38
N ARG C 212 -25.94 -1.10 -44.77
CA ARG C 212 -27.31 -1.58 -44.81
C ARG C 212 -28.24 -0.65 -44.04
N PHE C 213 -27.82 -0.15 -42.88
CA PHE C 213 -28.58 0.89 -42.20
C PHE C 213 -28.84 2.06 -43.13
N CYS C 214 -27.86 2.41 -43.95
CA CYS C 214 -28.02 3.57 -44.82
C CYS C 214 -29.02 3.31 -45.93
N GLU C 215 -28.95 2.14 -46.58
CA GLU C 215 -29.89 1.88 -47.66
C GLU C 215 -31.30 1.66 -47.13
N ARG C 216 -31.40 1.00 -45.97
CA ARG C 216 -32.70 0.86 -45.33
C ARG C 216 -33.41 2.19 -45.17
N HIS C 217 -32.69 3.32 -45.28
CA HIS C 217 -33.26 4.65 -45.17
C HIS C 217 -32.96 5.46 -46.43
N SER C 218 -32.79 4.78 -47.57
CA SER C 218 -32.34 5.46 -48.80
C SER C 218 -33.35 6.45 -49.35
N SER C 219 -34.63 6.33 -49.00
CA SER C 219 -35.65 7.26 -49.47
C SER C 219 -35.58 8.62 -48.79
N GLN C 220 -34.79 8.75 -47.71
CA GLN C 220 -34.67 10.01 -46.98
C GLN C 220 -33.72 10.94 -47.72
N THR C 221 -34.28 11.99 -48.32
CA THR C 221 -33.45 12.93 -49.05
C THR C 221 -32.51 13.70 -48.12
N CYS C 222 -32.78 13.72 -46.80
CA CYS C 222 -31.96 14.42 -45.83
C CYS C 222 -30.84 13.55 -45.22
N LEU C 223 -30.77 12.27 -45.57
CA LEU C 223 -29.72 11.43 -45.00
C LEU C 223 -28.35 11.83 -45.52
N VAL C 224 -27.41 12.00 -44.61
CA VAL C 224 -26.01 12.28 -44.98
C VAL C 224 -25.10 11.34 -44.21
N PRO C 225 -24.62 10.26 -44.82
CA PRO C 225 -23.82 9.30 -44.07
C PRO C 225 -22.40 9.80 -43.92
N GLU C 226 -21.78 9.38 -42.82
CA GLU C 226 -20.35 9.63 -42.62
C GLU C 226 -19.78 8.34 -42.06
N PRO C 227 -19.20 7.51 -42.89
CA PRO C 227 -18.54 6.30 -42.42
C PRO C 227 -17.17 6.63 -41.84
N ASN C 228 -16.70 5.72 -40.98
CA ASN C 228 -15.37 5.87 -40.40
C ASN C 228 -14.31 6.03 -41.46
N ARG C 229 -14.51 5.44 -42.63
CA ARG C 229 -13.49 5.37 -43.67
C ARG C 229 -13.33 6.69 -44.41
N LEU C 230 -14.26 7.63 -44.27
CA LEU C 230 -14.04 8.96 -44.81
C LEU C 230 -14.80 9.98 -43.96
N MET C 231 -14.14 10.50 -42.93
CA MET C 231 -14.72 11.49 -42.04
C MET C 231 -14.44 12.91 -42.54
N ALA C 232 -15.28 13.83 -42.09
CA ALA C 232 -15.10 15.25 -42.41
C ALA C 232 -13.80 15.76 -41.82
N LYS C 233 -13.23 16.77 -42.48
CA LYS C 233 -11.98 17.39 -42.07
C LYS C 233 -12.25 18.78 -41.48
N SER C 234 -11.16 19.45 -41.08
CA SER C 234 -11.22 20.84 -40.60
C SER C 234 -12.09 21.00 -39.35
N TYR C 235 -12.11 19.97 -38.49
CA TYR C 235 -12.95 19.93 -37.28
C TYR C 235 -12.09 20.40 -36.10
N LEU C 236 -12.27 21.67 -35.71
CA LEU C 236 -11.50 22.30 -34.64
C LEU C 236 -12.40 22.50 -33.43
N ILE C 237 -11.93 22.09 -32.24
CA ILE C 237 -12.66 22.20 -30.99
C ILE C 237 -11.98 23.23 -30.10
N LEU C 238 -12.77 24.15 -29.57
CA LEU C 238 -12.37 25.11 -28.53
C LEU C 238 -13.01 24.63 -27.23
N ASP C 239 -12.20 24.36 -26.22
CA ASP C 239 -12.73 23.73 -25.01
C ASP C 239 -13.22 24.81 -24.06
N GLU C 240 -13.59 24.43 -22.84
CA GLU C 240 -14.24 25.39 -21.96
C GLU C 240 -13.30 26.45 -21.44
N TYR C 241 -11.99 26.33 -21.66
CA TYR C 241 -11.06 27.39 -21.32
C TYR C 241 -10.63 28.17 -22.54
N MET C 242 -11.32 27.96 -23.64
CA MET C 242 -10.96 28.60 -24.91
C MET C 242 -9.56 28.15 -25.31
N ARG C 243 -9.28 26.88 -25.08
CA ARG C 243 -8.11 26.22 -25.60
C ARG C 243 -8.52 25.32 -26.76
N PHE C 244 -7.65 25.24 -27.77
CA PHE C 244 -7.83 24.27 -28.83
C PHE C 244 -7.39 22.87 -28.38
N LEU C 245 -8.05 21.86 -28.90
CA LEU C 245 -7.65 20.46 -28.70
C LEU C 245 -6.90 19.98 -29.93
N ASP C 246 -6.08 18.94 -29.75
CA ASP C 246 -5.28 18.41 -30.85
C ASP C 246 -6.12 17.44 -31.68
N ARG C 247 -5.46 16.74 -32.61
CA ARG C 247 -6.15 15.90 -33.56
C ARG C 247 -6.76 14.65 -32.92
N ASN C 248 -6.44 14.37 -31.65
CA ASN C 248 -7.03 13.29 -30.87
C ASN C 248 -7.97 13.78 -29.82
N GLY C 249 -8.32 15.05 -29.85
CA GLY C 249 -9.19 15.60 -28.84
C GLY C 249 -8.56 15.77 -27.49
N GLN C 250 -7.23 15.72 -27.37
CA GLN C 250 -6.60 16.02 -26.10
C GLN C 250 -5.48 17.03 -26.29
N GLN C 251 -4.54 17.04 -25.33
CA GLN C 251 -3.34 17.86 -25.18
C GLN C 251 -3.63 19.32 -25.53
N PRO C 252 -4.44 20.02 -24.74
CA PRO C 252 -4.91 21.34 -25.19
C PRO C 252 -3.79 22.36 -25.20
N SER C 253 -3.94 23.35 -26.08
CA SER C 253 -3.03 24.48 -26.08
C SER C 253 -3.26 25.32 -24.84
N LYS C 254 -2.49 26.40 -24.69
CA LYS C 254 -2.93 27.41 -23.73
C LYS C 254 -4.16 28.10 -24.30
N SER C 255 -4.90 28.82 -23.44
CA SER C 255 -6.08 29.53 -23.90
C SER C 255 -5.74 30.55 -24.99
N ILE C 256 -6.64 30.73 -25.96
CA ILE C 256 -6.44 31.82 -26.90
C ILE C 256 -6.47 33.15 -26.17
N LEU C 257 -7.08 33.18 -24.97
CA LEU C 257 -7.06 34.37 -24.14
C LEU C 257 -5.68 34.70 -23.61
N GLU C 258 -4.74 33.75 -23.65
CA GLU C 258 -3.38 33.97 -23.20
C GLU C 258 -2.37 34.07 -24.33
N VAL C 259 -2.46 33.26 -25.37
CA VAL C 259 -1.43 33.21 -26.39
C VAL C 259 -1.94 33.60 -27.77
N GLY C 260 -3.24 33.76 -27.96
CA GLY C 260 -3.77 34.12 -29.25
C GLY C 260 -4.08 32.92 -30.12
N VAL C 261 -4.92 33.12 -31.09
CA VAL C 261 -5.32 32.07 -31.98
C VAL C 261 -4.19 31.40 -32.73
N GLN C 262 -3.39 32.18 -33.41
CA GLN C 262 -2.30 31.69 -34.19
C GLN C 262 -1.37 30.78 -33.45
N GLN C 263 -0.95 31.21 -32.29
CA GLN C 263 -0.03 30.46 -31.48
C GLN C 263 -0.69 29.28 -30.83
N ALA C 264 -1.98 29.32 -30.61
CA ALA C 264 -2.65 28.22 -30.01
C ALA C 264 -2.80 27.16 -31.04
N LEU C 265 -2.97 27.54 -32.29
CA LEU C 265 -3.06 26.57 -33.38
C LEU C 265 -1.77 25.77 -33.51
N GLN C 266 -0.63 26.46 -33.49
CA GLN C 266 0.63 25.75 -33.62
C GLN C 266 0.82 24.78 -32.45
N ALA C 267 0.41 25.20 -31.27
CA ALA C 267 0.62 24.36 -30.10
C ALA C 267 -0.03 22.99 -30.27
N VAL C 268 -1.10 22.89 -31.05
CA VAL C 268 -1.82 21.64 -31.21
C VAL C 268 -1.61 21.06 -32.60
N PHE C 269 -0.56 21.49 -33.28
CA PHE C 269 -0.20 20.87 -34.55
C PHE C 269 -1.37 20.96 -35.52
N TRP C 270 -2.02 22.12 -35.55
CA TRP C 270 -3.17 22.31 -36.43
C TRP C 270 -2.82 21.95 -37.86
N ASP C 271 -3.76 21.30 -38.54
CA ASP C 271 -3.63 20.76 -39.89
C ASP C 271 -5.00 20.27 -40.39
N GLU C 272 -5.55 20.93 -41.42
CA GLU C 272 -6.94 20.72 -41.81
C GLU C 272 -7.23 19.24 -42.05
N GLU C 273 -6.35 18.56 -42.81
CA GLU C 273 -6.63 17.17 -43.18
C GLU C 273 -6.62 16.22 -42.00
N ALA C 274 -5.90 16.52 -40.92
CA ALA C 274 -5.77 15.59 -39.80
C ALA C 274 -6.86 15.74 -38.75
N PHE C 275 -7.59 16.85 -38.71
CA PHE C 275 -8.57 17.09 -37.67
C PHE C 275 -9.91 16.59 -38.19
N VAL C 276 -10.17 15.32 -37.95
CA VAL C 276 -11.40 14.71 -38.39
C VAL C 276 -12.52 15.03 -37.41
N GLU C 277 -13.72 14.93 -37.92
CA GLU C 277 -14.92 15.16 -37.14
C GLU C 277 -15.05 14.17 -36.00
N ARG C 278 -15.25 14.71 -34.80
CA ARG C 278 -15.38 13.89 -33.60
C ARG C 278 -16.83 13.60 -33.22
N GLY C 279 -17.78 13.88 -34.13
CA GLY C 279 -19.18 13.60 -33.84
C GLY C 279 -19.55 12.12 -33.93
N GLY C 280 -18.78 11.32 -34.65
CA GLY C 280 -19.07 9.91 -34.65
C GLY C 280 -18.36 9.17 -33.56
N ILE C 281 -17.52 9.88 -32.82
CA ILE C 281 -16.46 9.29 -32.01
C ILE C 281 -16.93 9.24 -30.56
N TYR C 282 -17.05 8.04 -30.02
CA TYR C 282 -17.13 7.83 -28.59
C TYR C 282 -15.72 7.86 -27.98
N ASP C 283 -15.39 8.94 -27.23
CA ASP C 283 -14.02 9.29 -26.78
C ASP C 283 -13.67 8.74 -25.38
N TRP C 284 -12.96 7.59 -25.32
CA TRP C 284 -12.60 7.01 -23.98
C TRP C 284 -11.11 6.72 -23.78
N GLY D 7 -30.76 25.17 32.73
CA GLY D 7 -31.35 24.10 31.94
C GLY D 7 -32.28 24.56 30.81
N GLN D 8 -32.85 23.61 30.03
CA GLN D 8 -33.79 23.81 28.84
C GLN D 8 -33.10 24.50 27.69
N VAL D 9 -33.38 24.24 26.40
CA VAL D 9 -34.34 23.46 25.55
C VAL D 9 -35.38 24.42 25.14
N PRO D 10 -35.32 24.74 23.85
CA PRO D 10 -36.06 25.87 23.30
C PRO D 10 -37.47 25.42 22.93
N VAL D 11 -38.33 26.41 22.69
CA VAL D 11 -39.71 26.07 22.37
C VAL D 11 -39.79 25.08 21.20
N SER D 12 -38.87 25.17 20.21
CA SER D 12 -38.90 24.30 19.02
C SER D 12 -37.69 23.39 18.95
N VAL D 13 -37.93 22.15 18.54
CA VAL D 13 -36.90 21.16 18.32
C VAL D 13 -37.12 20.59 16.93
N ASN D 14 -36.03 20.42 16.19
CA ASN D 14 -36.08 19.87 14.85
C ASN D 14 -35.61 18.43 14.90
N TYR D 15 -36.55 17.50 14.73
CA TYR D 15 -36.29 16.07 14.81
C TYR D 15 -36.01 15.55 13.40
N HIS D 16 -34.72 15.45 13.05
CA HIS D 16 -34.26 14.80 11.81
C HIS D 16 -34.28 13.29 12.05
N PHE D 17 -35.50 12.73 12.00
CA PHE D 17 -35.70 11.37 12.48
C PHE D 17 -35.12 10.30 11.56
N SER D 18 -34.79 10.64 10.32
CA SER D 18 -34.05 9.74 9.45
C SER D 18 -32.92 10.54 8.83
N ARG D 19 -31.90 9.87 8.30
CA ARG D 19 -30.78 10.60 7.73
C ARG D 19 -30.74 10.48 6.22
N LYS D 20 -30.30 11.57 5.60
CA LYS D 20 -30.13 11.74 4.16
C LYS D 20 -29.32 10.61 3.52
N CYS D 21 -30.03 9.61 2.97
CA CYS D 21 -29.44 8.45 2.28
C CYS D 21 -28.83 8.73 0.89
N ALA D 32 -32.78 -2.54 0.82
CA ALA D 32 -31.57 -1.73 0.57
C ALA D 32 -31.46 -0.51 1.56
N THR D 33 -32.58 0.18 1.87
CA THR D 33 -32.57 1.31 2.81
C THR D 33 -32.07 0.86 4.17
N THR D 34 -30.97 1.46 4.59
CA THR D 34 -30.31 1.08 5.81
C THR D 34 -30.34 2.18 6.86
N SER D 35 -30.88 3.38 6.53
CA SER D 35 -30.98 4.47 7.50
C SER D 35 -31.72 4.02 8.76
N HIS D 36 -31.17 4.35 9.92
CA HIS D 36 -31.79 4.02 11.18
C HIS D 36 -32.96 4.96 11.47
N VAL D 37 -34.05 4.40 11.98
CA VAL D 37 -35.17 5.18 12.47
C VAL D 37 -35.62 4.57 13.79
N GLU D 38 -35.86 5.40 14.78
CA GLU D 38 -36.31 4.89 16.05
C GLU D 38 -37.59 4.08 15.85
N LYS D 39 -37.80 3.08 16.72
CA LYS D 39 -39.11 2.47 16.81
C LYS D 39 -40.10 3.45 17.46
N PRO D 40 -41.37 3.41 17.06
CA PRO D 40 -42.33 4.43 17.54
C PRO D 40 -42.45 4.53 19.06
N GLU D 41 -42.32 3.41 19.80
CA GLU D 41 -42.37 3.45 21.26
C GLU D 41 -41.29 4.37 21.79
N ASN D 42 -40.06 4.18 21.29
CA ASN D 42 -38.90 4.93 21.77
C ASN D 42 -39.02 6.40 21.41
N ALA D 43 -39.45 6.69 20.18
CA ALA D 43 -39.62 8.08 19.75
C ALA D 43 -40.68 8.78 20.58
N LYS D 44 -41.81 8.11 20.81
CA LYS D 44 -42.81 8.63 21.74
C LYS D 44 -42.19 8.97 23.08
N ARG D 45 -41.32 8.09 23.59
CA ARG D 45 -40.68 8.37 24.87
C ARG D 45 -39.77 9.57 24.76
N GLY D 46 -39.02 9.64 23.67
CA GLY D 46 -38.14 10.76 23.46
C GLY D 46 -38.86 12.07 23.32
N LEU D 47 -39.94 12.08 22.54
CA LEU D 47 -40.69 13.31 22.39
C LEU D 47 -41.32 13.72 23.71
N THR D 48 -41.72 12.73 24.52
CA THR D 48 -42.24 13.06 25.85
C THR D 48 -41.17 13.72 26.73
N LEU D 49 -39.95 13.18 26.72
CA LEU D 49 -38.88 13.81 27.48
C LEU D 49 -38.67 15.25 27.04
N LEU D 50 -38.81 15.50 25.73
CA LEU D 50 -38.59 16.84 25.22
C LEU D 50 -39.70 17.79 25.65
N LYS D 51 -40.96 17.30 25.63
CA LYS D 51 -42.09 18.12 26.09
C LYS D 51 -41.95 18.48 27.56
N GLN D 52 -41.57 17.50 28.39
CA GLN D 52 -41.30 17.74 29.80
C GLN D 52 -40.18 18.75 30.00
N ALA D 53 -39.22 18.81 29.07
CA ALA D 53 -38.11 19.75 29.22
C ALA D 53 -38.44 21.12 28.69
N GLY D 54 -39.60 21.29 28.07
CA GLY D 54 -40.01 22.62 27.66
C GLY D 54 -40.38 22.73 26.21
N MET D 55 -40.28 21.66 25.42
CA MET D 55 -40.58 21.76 23.99
C MET D 55 -42.07 22.00 23.82
N LYS D 56 -42.40 22.95 22.94
CA LYS D 56 -43.77 23.28 22.57
C LYS D 56 -44.08 23.07 21.10
N LYS D 57 -43.07 23.13 20.22
CA LYS D 57 -43.25 23.00 18.78
C LYS D 57 -42.25 21.96 18.26
N ILE D 58 -42.70 21.02 17.45
CA ILE D 58 -41.77 20.09 16.84
C ILE D 58 -41.78 20.28 15.33
N ASN D 59 -40.61 20.04 14.73
CA ASN D 59 -40.42 20.15 13.29
C ASN D 59 -39.80 18.84 12.79
N PHE D 60 -40.55 18.03 12.06
CA PHE D 60 -40.02 16.78 11.50
C PHE D 60 -39.28 17.10 10.20
N ALA D 61 -37.97 17.24 10.28
CA ALA D 61 -37.13 17.27 9.10
C ALA D 61 -36.33 15.95 9.19
N GLY D 62 -35.23 15.76 8.50
CA GLY D 62 -34.90 16.35 7.23
C GLY D 62 -33.88 15.31 6.91
N GLY D 63 -33.93 14.70 5.75
CA GLY D 63 -35.11 14.64 4.91
C GLY D 63 -34.96 13.16 4.78
N GLU D 64 -35.76 12.47 3.96
CA GLU D 64 -37.03 12.93 3.46
C GLU D 64 -38.11 12.27 4.32
N PRO D 65 -38.83 13.06 5.11
CA PRO D 65 -39.81 12.44 6.03
C PRO D 65 -40.80 11.57 5.31
N PHE D 66 -41.20 11.89 4.08
CA PHE D 66 -42.29 11.16 3.44
C PHE D 66 -41.82 9.84 2.85
N LEU D 67 -40.56 9.49 3.07
CA LEU D 67 -40.10 8.14 2.82
C LEU D 67 -40.56 7.18 3.91
N TYR D 68 -41.07 7.70 5.02
CA TYR D 68 -41.49 6.91 6.18
C TYR D 68 -42.86 7.36 6.64
N PRO D 69 -43.90 7.14 5.83
CA PRO D 69 -45.18 7.81 6.09
C PRO D 69 -45.83 7.31 7.35
N LYS D 70 -45.66 6.04 7.65
CA LYS D 70 -46.42 5.48 8.75
C LYS D 70 -45.83 5.91 10.08
N PHE D 71 -44.51 6.04 10.12
CA PHE D 71 -43.83 6.63 11.27
C PHE D 71 -44.15 8.10 11.38
N LEU D 72 -43.99 8.85 10.29
CA LEU D 72 -44.37 10.26 10.27
C LEU D 72 -45.78 10.45 10.80
N GLY D 73 -46.74 9.70 10.24
CA GLY D 73 -48.12 9.85 10.65
C GLY D 73 -48.33 9.58 12.14
N GLU D 74 -47.77 8.47 12.65
CA GLU D 74 -47.95 8.14 14.06
C GLU D 74 -47.42 9.23 14.95
N MET D 75 -46.21 9.72 14.64
CA MET D 75 -45.58 10.75 15.45
C MET D 75 -46.34 12.06 15.36
N ILE D 76 -46.88 12.39 14.19
CA ILE D 76 -47.66 13.62 14.03
C ILE D 76 -48.90 13.58 14.91
N ASP D 77 -49.65 12.47 14.83
CA ASP D 77 -50.82 12.31 15.69
C ASP D 77 -50.41 12.39 17.14
N PHE D 78 -49.37 11.63 17.52
CA PHE D 78 -48.91 11.61 18.89
C PHE D 78 -48.58 13.00 19.40
N CYS D 79 -47.85 13.76 18.60
CA CYS D 79 -47.40 15.06 19.08
C CYS D 79 -48.55 16.04 19.24
N LYS D 80 -49.53 15.97 18.34
CA LYS D 80 -50.65 16.91 18.39
C LYS D 80 -51.75 16.42 19.31
N GLU D 81 -52.09 15.13 19.24
CA GLU D 81 -53.17 14.64 20.08
C GLU D 81 -52.73 14.44 21.52
N THR D 82 -51.78 13.55 21.77
CA THR D 82 -51.50 13.20 23.15
C THR D 82 -50.45 14.11 23.83
N LEU D 83 -49.55 14.75 23.11
CA LEU D 83 -48.64 15.68 23.77
C LEU D 83 -49.14 17.12 23.74
N GLN D 84 -50.05 17.42 22.81
CA GLN D 84 -50.70 18.73 22.70
C GLN D 84 -49.66 19.82 22.47
N LEU D 85 -48.82 19.60 21.46
CA LEU D 85 -47.86 20.60 21.06
C LEU D 85 -48.56 21.74 20.33
N GLU D 86 -48.07 22.96 20.54
CA GLU D 86 -48.64 24.11 19.83
C GLU D 86 -48.45 24.00 18.33
N SER D 87 -47.39 23.33 17.88
CA SER D 87 -47.04 23.38 16.48
C SER D 87 -46.37 22.09 16.08
N VAL D 88 -46.88 21.47 15.02
CA VAL D 88 -46.27 20.31 14.38
C VAL D 88 -45.98 20.70 12.93
N SER D 89 -44.69 20.72 12.55
CA SER D 89 -44.29 21.06 11.19
C SER D 89 -43.57 19.89 10.54
N ILE D 90 -43.62 19.88 9.21
CA ILE D 90 -42.84 18.96 8.39
C ILE D 90 -42.13 19.75 7.31
N VAL D 91 -40.90 19.36 7.01
CA VAL D 91 -40.15 19.86 5.87
C VAL D 91 -39.98 18.70 4.91
N THR D 92 -40.21 18.95 3.62
CA THR D 92 -40.20 17.89 2.64
C THR D 92 -39.71 18.47 1.34
N ASN D 93 -39.23 17.60 0.46
CA ASN D 93 -38.98 18.06 -0.89
C ASN D 93 -40.18 17.84 -1.79
N GLY D 94 -41.26 17.28 -1.26
CA GLY D 94 -42.51 17.23 -1.91
C GLY D 94 -42.76 15.99 -2.74
N SER D 95 -41.71 15.40 -3.32
CA SER D 95 -41.93 14.42 -4.38
C SER D 95 -42.66 13.17 -3.90
N LEU D 96 -42.66 12.86 -2.61
CA LEU D 96 -43.36 11.68 -2.11
C LEU D 96 -44.64 11.97 -1.34
N VAL D 97 -45.07 13.23 -1.26
CA VAL D 97 -46.31 13.55 -0.54
C VAL D 97 -47.51 13.05 -1.32
N LYS D 98 -48.45 12.40 -0.63
CA LYS D 98 -49.67 11.90 -1.23
C LYS D 98 -50.87 12.57 -0.58
N GLU D 99 -51.88 12.90 -1.38
CA GLU D 99 -53.02 13.65 -0.86
C GLU D 99 -53.68 12.93 0.30
N GLN D 100 -53.77 11.59 0.19
CA GLN D 100 -54.42 10.82 1.24
C GLN D 100 -53.71 10.98 2.59
N PHE D 101 -52.38 11.17 2.60
CA PHE D 101 -51.68 11.42 3.85
C PHE D 101 -52.13 12.74 4.48
N LEU D 102 -52.20 13.81 3.68
CA LEU D 102 -52.57 15.11 4.23
C LEU D 102 -54.04 15.16 4.61
N GLN D 103 -54.85 14.30 4.03
CA GLN D 103 -56.24 14.30 4.42
C GLN D 103 -56.44 13.57 5.75
N LYS D 104 -55.78 12.43 5.94
CA LYS D 104 -55.89 11.67 7.18
C LYS D 104 -55.27 12.40 8.35
N HIS D 105 -54.16 13.09 8.14
CA HIS D 105 -53.43 13.68 9.26
C HIS D 105 -53.49 15.21 9.28
N GLY D 106 -54.19 15.83 8.33
CA GLY D 106 -54.16 17.29 8.22
C GLY D 106 -54.58 18.01 9.48
N ARG D 107 -55.57 17.46 10.20
CA ARG D 107 -55.97 18.05 11.48
C ARG D 107 -54.77 18.30 12.38
N ASN D 108 -53.71 17.48 12.27
CA ASN D 108 -52.59 17.56 13.19
C ASN D 108 -51.36 18.24 12.62
N ILE D 109 -51.34 18.57 11.33
CA ILE D 109 -50.20 19.23 10.71
C ILE D 109 -50.47 20.74 10.64
N ASP D 110 -49.65 21.52 11.33
CA ASP D 110 -49.85 22.96 11.26
C ASP D 110 -49.20 23.59 10.03
N ILE D 111 -47.96 23.21 9.72
CA ILE D 111 -47.21 23.80 8.62
C ILE D 111 -46.51 22.71 7.84
N LEU D 112 -46.66 22.72 6.53
CA LEU D 112 -45.91 21.81 5.68
C LEU D 112 -45.05 22.68 4.80
N ALA D 113 -43.74 22.61 5.01
CA ALA D 113 -42.77 23.39 4.22
C ALA D 113 -42.16 22.53 3.12
N VAL D 114 -42.15 23.06 1.89
CA VAL D 114 -41.50 22.37 0.79
C VAL D 114 -40.21 23.09 0.50
N SER D 115 -39.14 22.31 0.32
CA SER D 115 -37.82 22.83 0.02
C SER D 115 -37.73 23.03 -1.47
N CYS D 116 -37.67 24.28 -1.91
CA CYS D 116 -37.67 24.60 -3.34
C CYS D 116 -36.67 25.69 -3.64
N ASP D 117 -35.67 25.38 -4.48
CA ASP D 117 -34.64 26.34 -4.80
C ASP D 117 -34.78 26.96 -6.19
N SER D 118 -35.44 26.29 -7.12
CA SER D 118 -35.62 26.89 -8.44
C SER D 118 -36.83 26.32 -9.17
N PHE D 119 -37.35 27.12 -10.11
CA PHE D 119 -38.39 26.67 -11.01
C PHE D 119 -37.88 26.32 -12.39
N ASN D 120 -36.59 26.47 -12.65
CA ASN D 120 -35.97 26.10 -13.92
C ASN D 120 -35.31 24.75 -13.80
N GLU D 121 -35.58 23.86 -14.77
CA GLU D 121 -34.98 22.52 -14.68
C GLU D 121 -33.46 22.60 -14.71
N ALA D 122 -32.90 23.41 -15.60
CA ALA D 122 -31.44 23.48 -15.67
C ALA D 122 -30.83 23.92 -14.34
N THR D 123 -31.46 24.88 -13.66
CA THR D 123 -30.92 25.32 -12.38
C THR D 123 -30.97 24.22 -11.32
N ASN D 124 -32.06 23.48 -11.25
CA ASN D 124 -32.13 22.43 -10.23
C ASN D 124 -31.00 21.40 -10.44
N ILE D 125 -30.68 21.07 -11.68
CA ILE D 125 -29.67 20.04 -11.92
C ILE D 125 -28.31 20.51 -11.40
N LYS D 126 -27.95 21.75 -11.67
CA LYS D 126 -26.65 22.25 -11.23
C LYS D 126 -26.57 22.39 -9.71
N ILE D 127 -27.70 22.69 -9.05
CA ILE D 127 -27.73 22.67 -7.59
C ILE D 127 -27.65 21.25 -7.06
N GLY D 128 -28.01 20.26 -7.87
CA GLY D 128 -27.92 18.88 -7.43
C GLY D 128 -29.23 18.36 -6.90
N ARG D 129 -30.34 18.76 -7.49
CA ARG D 129 -31.65 18.28 -7.08
C ARG D 129 -32.36 17.49 -8.14
N GLY D 130 -32.14 17.79 -9.42
CA GLY D 130 -32.97 17.31 -10.51
C GLY D 130 -34.48 17.30 -10.27
N SER D 131 -35.27 16.86 -11.26
CA SER D 131 -34.90 16.72 -12.66
C SER D 131 -36.21 16.45 -13.39
N GLY D 132 -36.82 17.49 -13.95
CA GLY D 132 -38.01 17.32 -14.75
C GLY D 132 -39.13 18.25 -14.30
N ASP D 133 -40.22 18.21 -15.07
CA ASP D 133 -41.40 19.02 -14.80
C ASP D 133 -42.12 18.48 -13.56
N ASN D 134 -42.32 19.36 -12.56
CA ASN D 134 -43.10 19.03 -11.36
C ASN D 134 -42.56 17.77 -10.67
N VAL D 135 -41.22 17.71 -10.50
CA VAL D 135 -40.62 16.62 -9.73
C VAL D 135 -41.08 16.69 -8.28
N GLN D 136 -41.38 17.92 -7.81
CA GLN D 136 -41.71 18.21 -6.43
C GLN D 136 -43.22 18.42 -6.16
N LYS D 137 -44.10 18.48 -7.18
CA LYS D 137 -45.55 18.58 -6.96
C LYS D 137 -45.91 19.86 -6.18
N LEU D 138 -45.24 20.96 -6.49
CA LEU D 138 -45.39 22.15 -5.69
C LEU D 138 -46.83 22.64 -5.68
N TYR D 139 -47.42 22.77 -6.88
CA TYR D 139 -48.76 23.28 -6.99
C TYR D 139 -49.78 22.31 -6.41
N GLU D 140 -49.60 21.01 -6.68
CA GLU D 140 -50.39 19.98 -6.05
C GLU D 140 -50.42 20.17 -4.54
N ILE D 141 -49.25 20.34 -3.91
CA ILE D 141 -49.18 20.40 -2.46
C ILE D 141 -49.88 21.66 -1.95
N GLY D 142 -49.55 22.81 -2.54
CA GLY D 142 -50.24 24.03 -2.16
C GLY D 142 -51.74 23.86 -2.20
N SER D 143 -52.24 23.19 -3.24
CA SER D 143 -53.67 22.96 -3.34
C SER D 143 -54.14 22.07 -2.22
N TRP D 144 -53.36 21.04 -1.89
CA TRP D 144 -53.75 20.14 -0.81
C TRP D 144 -53.73 20.85 0.51
N CYS D 145 -52.78 21.74 0.72
CA CYS D 145 -52.75 22.50 1.99
C CYS D 145 -53.95 23.45 2.09
N GLN D 146 -54.34 24.09 0.98
CA GLN D 146 -55.55 24.90 1.00
C GLN D 146 -56.76 24.03 1.32
N LYS D 147 -56.80 22.85 0.71
CA LYS D 147 -57.92 21.95 0.88
C LYS D 147 -58.07 21.46 2.32
N TYR D 148 -56.97 21.23 3.05
CA TYR D 148 -57.06 20.58 4.37
C TYR D 148 -56.60 21.48 5.52
N ASP D 149 -56.55 22.79 5.31
CA ASP D 149 -56.30 23.77 6.37
C ASP D 149 -54.91 23.58 6.97
N ILE D 150 -53.90 23.37 6.12
CA ILE D 150 -52.49 23.32 6.51
C ILE D 150 -51.81 24.57 6.00
N LYS D 151 -51.03 25.22 6.86
CA LYS D 151 -50.23 26.36 6.41
C LYS D 151 -49.11 25.87 5.48
N PHE D 152 -48.91 26.60 4.38
CA PHE D 152 -48.05 26.16 3.29
C PHE D 152 -46.85 27.08 3.24
N LYS D 153 -45.64 26.52 3.40
CA LYS D 153 -44.41 27.30 3.45
C LYS D 153 -43.46 26.85 2.36
N LEU D 154 -42.64 27.78 1.88
CA LEU D 154 -41.57 27.45 0.94
C LEU D 154 -40.24 27.85 1.54
N ASN D 155 -39.26 26.93 1.52
CA ASN D 155 -37.89 27.22 1.94
C ASN D 155 -37.01 27.23 0.70
N THR D 156 -36.29 28.32 0.50
CA THR D 156 -35.42 28.52 -0.66
C THR D 156 -34.03 28.92 -0.20
N VAL D 157 -33.03 28.25 -0.73
CA VAL D 157 -31.64 28.64 -0.47
C VAL D 157 -31.15 29.39 -1.70
N VAL D 158 -30.84 30.68 -1.59
CA VAL D 158 -30.40 31.40 -2.77
C VAL D 158 -28.88 31.39 -2.85
N ASN D 159 -28.36 30.97 -4.01
CA ASN D 159 -26.97 30.63 -4.22
C ASN D 159 -26.58 31.10 -5.62
N LYS D 160 -25.36 30.74 -6.03
CA LYS D 160 -24.81 31.26 -7.29
C LYS D 160 -25.69 30.92 -8.49
N PHE D 161 -26.38 29.78 -8.45
CA PHE D 161 -27.09 29.31 -9.63
C PHE D 161 -28.50 29.85 -9.76
N ASN D 162 -29.09 30.37 -8.69
CA ASN D 162 -30.45 30.85 -8.79
C ASN D 162 -30.60 32.30 -8.36
N HIS D 163 -29.50 33.00 -8.06
CA HIS D 163 -29.62 34.31 -7.42
C HIS D 163 -30.11 35.39 -8.39
N LEU D 164 -30.16 35.10 -9.69
CA LEU D 164 -30.73 36.02 -10.68
C LEU D 164 -32.18 35.70 -11.06
N GLU D 165 -32.71 34.55 -10.61
CA GLU D 165 -34.01 34.05 -11.03
C GLU D 165 -35.13 34.99 -10.58
N ASP D 166 -36.15 35.09 -11.44
CA ASP D 166 -37.40 35.74 -11.10
C ASP D 166 -38.40 34.66 -10.76
N MET D 167 -38.98 34.75 -9.57
CA MET D 167 -39.90 33.74 -9.13
C MET D 167 -41.27 34.31 -8.86
N ASN D 168 -41.47 35.63 -9.08
CA ASN D 168 -42.69 36.26 -8.62
C ASN D 168 -43.92 35.59 -9.20
N ASP D 169 -43.87 35.18 -10.47
CA ASP D 169 -45.04 34.56 -11.08
C ASP D 169 -45.43 33.29 -10.36
N HIS D 170 -44.46 32.39 -10.16
CA HIS D 170 -44.77 31.16 -9.45
C HIS D 170 -45.20 31.42 -8.02
N LEU D 171 -44.60 32.42 -7.37
CA LEU D 171 -44.96 32.67 -5.98
C LEU D 171 -46.35 33.30 -5.87
N ASN D 172 -46.74 34.09 -6.87
CA ASN D 172 -48.09 34.63 -6.91
C ASN D 172 -49.10 33.53 -7.16
N ALA D 173 -48.72 32.47 -7.89
CA ALA D 173 -49.60 31.32 -8.04
C ALA D 173 -49.64 30.47 -6.77
N LEU D 174 -48.48 30.20 -6.15
CA LEU D 174 -48.44 29.27 -5.03
C LEU D 174 -48.94 29.91 -3.74
N GLN D 175 -48.63 31.17 -3.55
CA GLN D 175 -49.10 31.93 -2.39
C GLN D 175 -48.88 31.21 -1.07
N PRO D 176 -47.65 30.88 -0.72
CA PRO D 176 -47.39 30.35 0.60
C PRO D 176 -47.59 31.44 1.62
N PHE D 177 -47.91 31.05 2.85
CA PHE D 177 -48.02 32.06 3.88
C PHE D 177 -46.66 32.60 4.30
N ARG D 178 -45.59 31.87 3.98
CA ARG D 178 -44.24 32.25 4.38
C ARG D 178 -43.27 31.68 3.35
N TRP D 179 -42.42 32.56 2.83
CA TRP D 179 -41.37 32.19 1.88
C TRP D 179 -40.03 32.56 2.52
N LYS D 180 -39.31 31.54 2.99
CA LYS D 180 -38.07 31.73 3.72
C LYS D 180 -36.92 31.60 2.74
N CYS D 181 -36.12 32.66 2.60
CA CYS D 181 -35.02 32.68 1.63
C CYS D 181 -33.71 32.82 2.37
N PHE D 182 -32.93 31.73 2.42
CA PHE D 182 -31.61 31.71 3.03
C PHE D 182 -30.52 32.05 2.02
N GLN D 183 -29.60 32.93 2.41
CA GLN D 183 -28.32 33.05 1.74
C GLN D 183 -27.49 31.79 2.02
N VAL D 184 -27.03 31.15 0.94
CA VAL D 184 -26.24 29.95 1.10
C VAL D 184 -25.01 30.22 1.95
N LEU D 185 -24.56 29.19 2.66
CA LEU D 185 -23.34 29.20 3.44
C LEU D 185 -22.81 27.79 3.36
N ILE D 186 -21.53 27.61 3.05
CA ILE D 186 -20.98 26.26 2.98
C ILE D 186 -19.89 26.06 4.02
N VAL D 187 -19.84 24.85 4.56
CA VAL D 187 -18.87 24.49 5.60
C VAL D 187 -17.75 23.61 5.05
N THR D 188 -16.58 23.77 5.65
CA THR D 188 -15.30 23.33 5.12
C THR D 188 -14.32 23.00 6.26
N THR D 196 -10.56 21.29 -5.27
CA THR D 196 -10.94 20.00 -4.71
C THR D 196 -12.45 20.00 -4.41
N LEU D 197 -12.80 20.25 -3.14
CA LEU D 197 -14.11 20.77 -2.77
C LEU D 197 -14.05 22.22 -2.32
N ARG D 198 -12.82 22.73 -2.03
CA ARG D 198 -12.62 24.11 -1.58
C ARG D 198 -13.08 25.12 -2.64
N ASN D 199 -12.71 24.92 -3.92
CA ASN D 199 -13.19 25.84 -4.96
C ASN D 199 -14.73 25.78 -5.06
N ALA D 200 -15.35 24.61 -4.82
CA ALA D 200 -16.80 24.47 -4.69
C ALA D 200 -17.38 25.27 -3.51
N HIS D 201 -16.68 26.31 -3.02
CA HIS D 201 -17.30 27.58 -2.64
C HIS D 201 -17.61 28.31 -3.92
N SER D 202 -17.44 29.64 -4.00
CA SER D 202 -17.80 30.34 -5.26
C SER D 202 -19.21 30.00 -5.82
N LEU D 203 -19.81 28.88 -5.37
CA LEU D 203 -21.25 28.71 -5.13
C LEU D 203 -21.78 29.71 -4.08
N THR D 204 -20.89 30.37 -3.34
CA THR D 204 -21.28 31.52 -2.52
C THR D 204 -21.81 32.67 -3.39
N ILE D 205 -22.53 33.60 -2.75
CA ILE D 205 -22.96 34.83 -3.37
C ILE D 205 -22.71 35.99 -2.41
N SER D 206 -22.44 37.17 -2.96
CA SER D 206 -22.18 38.35 -2.14
C SER D 206 -23.45 38.81 -1.44
N ASP D 207 -23.26 39.61 -0.39
CA ASP D 207 -24.40 40.15 0.33
C ASP D 207 -25.21 41.09 -0.54
N ASP D 208 -24.60 41.64 -1.60
CA ASP D 208 -25.34 42.45 -2.55
C ASP D 208 -26.13 41.58 -3.50
N GLU D 209 -25.52 40.51 -4.01
CA GLU D 209 -26.28 39.57 -4.81
C GLU D 209 -27.50 39.07 -4.04
N PHE D 210 -27.35 38.75 -2.77
CA PHE D 210 -28.50 38.30 -1.99
C PHE D 210 -29.49 39.43 -1.84
N ASP D 211 -29.02 40.61 -1.47
CA ASP D 211 -29.99 41.67 -1.23
C ASP D 211 -30.73 42.01 -2.52
N ARG D 212 -30.12 41.80 -3.68
CA ARG D 212 -30.85 42.12 -4.90
C ARG D 212 -31.80 41.02 -5.31
N PHE D 213 -31.54 39.78 -4.93
CA PHE D 213 -32.56 38.78 -5.10
C PHE D 213 -33.79 39.14 -4.30
N CYS D 214 -33.59 39.67 -3.10
CA CYS D 214 -34.73 40.00 -2.25
C CYS D 214 -35.51 41.19 -2.78
N GLU D 215 -34.85 42.25 -3.27
CA GLU D 215 -35.57 43.38 -3.84
C GLU D 215 -36.34 42.97 -5.09
N ARG D 216 -35.73 42.17 -5.96
CA ARG D 216 -36.43 41.63 -7.12
C ARG D 216 -37.72 40.90 -6.77
N HIS D 217 -37.95 40.61 -5.48
CA HIS D 217 -39.17 39.96 -5.03
C HIS D 217 -39.85 40.75 -3.93
N SER D 218 -39.59 42.06 -3.84
CA SER D 218 -40.19 42.91 -2.81
C SER D 218 -41.71 42.89 -2.89
N SER D 219 -42.27 42.72 -4.09
CA SER D 219 -43.71 42.58 -4.23
C SER D 219 -44.30 41.52 -3.31
N GLN D 220 -43.47 40.59 -2.85
CA GLN D 220 -43.96 39.37 -2.25
C GLN D 220 -44.07 39.54 -0.74
N THR D 221 -45.29 39.64 -0.24
CA THR D 221 -45.47 39.94 1.18
C THR D 221 -44.96 38.80 2.05
N CYS D 222 -45.09 37.56 1.58
CA CYS D 222 -44.63 36.40 2.36
C CYS D 222 -43.11 36.28 2.47
N LEU D 223 -42.31 37.14 1.84
CA LEU D 223 -40.86 36.95 1.84
C LEU D 223 -40.26 37.26 3.21
N VAL D 224 -39.44 36.34 3.69
CA VAL D 224 -38.68 36.49 4.93
C VAL D 224 -37.21 36.18 4.64
N PRO D 225 -36.34 37.16 4.45
CA PRO D 225 -34.95 36.84 4.13
C PRO D 225 -34.18 36.50 5.40
N GLU D 226 -33.11 35.72 5.20
CA GLU D 226 -32.17 35.40 6.29
C GLU D 226 -30.77 35.42 5.70
N PRO D 227 -30.08 36.53 5.80
CA PRO D 227 -28.69 36.62 5.33
C PRO D 227 -27.73 35.97 6.31
N ASN D 228 -26.54 35.65 5.79
CA ASN D 228 -25.51 35.06 6.63
C ASN D 228 -25.08 35.99 7.77
N ARG D 229 -25.06 37.30 7.52
CA ARG D 229 -24.62 38.24 8.55
C ARG D 229 -25.56 38.29 9.74
N LEU D 230 -26.73 37.66 9.65
CA LEU D 230 -27.61 37.56 10.84
C LEU D 230 -28.59 36.39 10.76
N MET D 231 -28.18 35.20 11.18
CA MET D 231 -29.02 34.02 11.14
C MET D 231 -29.86 33.90 12.40
N ALA D 232 -30.94 33.14 12.30
CA ALA D 232 -31.79 32.90 13.46
C ALA D 232 -31.06 32.07 14.52
N LYS D 233 -31.46 32.22 15.76
CA LYS D 233 -30.78 31.55 16.85
C LYS D 233 -31.64 30.42 17.42
N SER D 234 -31.14 29.76 18.48
CA SER D 234 -31.89 28.72 19.23
C SER D 234 -32.27 27.53 18.37
N TYR D 235 -31.39 27.12 17.46
CA TYR D 235 -31.74 26.14 16.45
C TYR D 235 -31.12 24.81 16.86
N LEU D 236 -31.95 23.87 17.29
CA LEU D 236 -31.49 22.64 17.91
C LEU D 236 -31.96 21.43 17.13
N ILE D 237 -31.03 20.57 16.72
CA ILE D 237 -31.32 19.37 15.92
C ILE D 237 -31.25 18.13 16.79
N LEU D 238 -32.32 17.36 16.80
CA LEU D 238 -32.39 16.00 17.33
C LEU D 238 -32.17 15.04 16.16
N ASP D 239 -31.20 14.13 16.25
CA ASP D 239 -30.91 13.30 15.08
C ASP D 239 -31.68 11.97 15.14
N GLU D 240 -31.36 11.03 14.23
CA GLU D 240 -32.20 9.82 14.08
C GLU D 240 -32.10 8.87 15.26
N TYR D 241 -31.06 9.01 16.09
CA TYR D 241 -30.92 8.29 17.36
C TYR D 241 -31.35 9.14 18.55
N MET D 242 -31.96 10.29 18.30
CA MET D 242 -32.44 11.16 19.36
C MET D 242 -31.28 11.67 20.19
N ARG D 243 -30.18 11.98 19.51
CA ARG D 243 -29.07 12.72 20.08
C ARG D 243 -29.15 14.16 19.62
N PHE D 244 -28.54 15.06 20.37
CA PHE D 244 -28.40 16.44 19.91
C PHE D 244 -27.09 16.63 19.14
N LEU D 245 -27.06 17.61 18.24
CA LEU D 245 -25.85 18.00 17.53
C LEU D 245 -25.32 19.32 18.08
N ASP D 246 -24.03 19.58 17.89
CA ASP D 246 -23.44 20.78 18.46
C ASP D 246 -23.65 21.97 17.52
N ARG D 247 -23.03 23.12 17.83
CA ARG D 247 -23.05 24.33 16.99
C ARG D 247 -22.75 24.09 15.53
N ASN D 248 -22.02 23.03 15.20
CA ASN D 248 -21.70 22.73 13.81
C ASN D 248 -22.44 21.53 13.30
N GLY D 249 -23.45 21.06 14.03
CA GLY D 249 -24.10 19.84 13.60
C GLY D 249 -23.21 18.63 13.63
N GLN D 250 -22.14 18.64 14.42
CA GLN D 250 -21.25 17.51 14.59
C GLN D 250 -21.37 16.98 16.02
N GLN D 251 -20.55 16.00 16.33
CA GLN D 251 -20.27 15.61 17.73
C GLN D 251 -21.54 15.36 18.49
N PRO D 252 -22.37 14.42 18.04
CA PRO D 252 -23.64 14.19 18.75
C PRO D 252 -23.40 13.78 20.18
N SER D 253 -24.26 14.27 21.07
CA SER D 253 -24.36 13.81 22.45
C SER D 253 -24.78 12.36 22.47
N LYS D 254 -24.88 11.77 23.65
CA LYS D 254 -25.60 10.52 23.67
C LYS D 254 -27.10 10.77 23.51
N SER D 255 -27.84 9.70 23.20
CA SER D 255 -29.29 9.83 23.05
C SER D 255 -29.95 10.33 24.34
N ILE D 256 -30.96 11.20 24.20
CA ILE D 256 -31.72 11.62 25.38
C ILE D 256 -32.42 10.42 26.01
N LEU D 257 -32.69 9.39 25.21
CA LEU D 257 -33.22 8.13 25.72
C LEU D 257 -32.28 7.43 26.70
N GLU D 258 -30.99 7.71 26.63
CA GLU D 258 -29.95 7.16 27.51
C GLU D 258 -29.64 8.06 28.70
N VAL D 259 -29.32 9.33 28.45
CA VAL D 259 -28.81 10.24 29.47
C VAL D 259 -29.75 11.39 29.76
N GLY D 260 -30.87 11.49 29.05
CA GLY D 260 -31.84 12.52 29.34
C GLY D 260 -31.53 13.84 28.65
N VAL D 261 -32.51 14.73 28.69
CA VAL D 261 -32.43 15.96 27.89
C VAL D 261 -31.36 16.89 28.45
N GLN D 262 -31.40 17.13 29.77
CA GLN D 262 -30.48 18.10 30.35
C GLN D 262 -29.04 17.73 30.10
N GLN D 263 -28.69 16.45 30.31
CA GLN D 263 -27.30 16.06 30.21
C GLN D 263 -26.82 16.02 28.77
N ALA D 264 -27.69 15.63 27.82
CA ALA D 264 -27.34 15.70 26.40
C ALA D 264 -27.09 17.13 25.97
N LEU D 265 -27.88 18.08 26.46
CA LEU D 265 -27.64 19.50 26.16
C LEU D 265 -26.24 19.93 26.57
N GLN D 266 -25.84 19.66 27.82
CA GLN D 266 -24.49 19.98 28.25
C GLN D 266 -23.45 19.27 27.38
N ALA D 267 -23.73 18.04 26.96
CA ALA D 267 -22.74 17.31 26.17
C ALA D 267 -22.38 18.01 24.85
N VAL D 268 -23.31 18.77 24.26
CA VAL D 268 -23.07 19.46 22.99
C VAL D 268 -22.88 20.96 23.20
N PHE D 269 -22.60 21.39 24.42
CA PHE D 269 -22.32 22.80 24.75
C PHE D 269 -23.46 23.71 24.33
N TRP D 270 -24.68 23.31 24.70
CA TRP D 270 -25.86 24.08 24.33
C TRP D 270 -25.76 25.52 24.82
N ASP D 271 -25.96 26.46 23.90
CA ASP D 271 -25.98 27.90 24.19
C ASP D 271 -26.79 28.57 23.09
N GLU D 272 -27.93 29.19 23.43
CA GLU D 272 -28.90 29.58 22.40
C GLU D 272 -28.29 30.50 21.34
N GLU D 273 -27.54 31.54 21.75
CA GLU D 273 -27.03 32.49 20.79
C GLU D 273 -26.06 31.84 19.78
N ALA D 274 -25.48 30.70 20.10
CA ALA D 274 -24.49 30.08 19.24
C ALA D 274 -25.06 29.04 18.27
N PHE D 275 -26.29 28.62 18.46
CA PHE D 275 -26.88 27.58 17.63
C PHE D 275 -27.68 28.24 16.51
N VAL D 276 -27.00 28.52 15.39
CA VAL D 276 -27.61 29.24 14.28
C VAL D 276 -28.44 28.28 13.43
N GLU D 277 -29.41 28.87 12.70
CA GLU D 277 -30.23 28.20 11.70
C GLU D 277 -29.35 27.47 10.71
N ARG D 278 -29.55 26.17 10.59
CA ARG D 278 -28.79 25.39 9.62
C ARG D 278 -29.53 25.22 8.29
N GLY D 279 -30.74 25.80 8.17
CA GLY D 279 -31.58 25.69 6.99
C GLY D 279 -30.99 26.28 5.73
N GLY D 280 -30.04 27.22 5.86
CA GLY D 280 -29.40 27.80 4.71
C GLY D 280 -27.96 27.36 4.58
N ILE D 281 -27.59 26.24 5.21
CA ILE D 281 -26.20 25.79 5.33
C ILE D 281 -26.00 24.47 4.60
N TYR D 282 -25.23 24.46 3.54
CA TYR D 282 -24.77 23.19 2.97
C TYR D 282 -23.63 22.66 3.81
N ASP D 283 -23.92 21.65 4.66
CA ASP D 283 -22.96 21.08 5.63
C ASP D 283 -22.24 19.85 5.05
N TRP D 284 -21.01 20.05 4.55
CA TRP D 284 -20.20 19.01 3.85
C TRP D 284 -19.13 18.33 4.73
N GLY E 7 -13.71 30.58 38.07
CA GLY E 7 -13.28 30.51 39.47
C GLY E 7 -12.35 29.35 39.86
N GLN E 8 -12.78 28.56 40.86
CA GLN E 8 -11.93 27.59 41.56
C GLN E 8 -12.34 26.15 41.24
N VAL E 9 -11.53 25.24 41.76
CA VAL E 9 -11.54 23.80 41.50
C VAL E 9 -12.66 23.20 42.36
N PRO E 10 -13.19 22.02 42.06
CA PRO E 10 -14.19 21.42 42.96
C PRO E 10 -13.56 21.05 44.29
N VAL E 11 -14.43 20.79 45.27
CA VAL E 11 -14.01 20.23 46.55
C VAL E 11 -13.20 18.96 46.35
N SER E 12 -13.60 18.12 45.38
CA SER E 12 -13.05 16.78 45.19
C SER E 12 -12.41 16.68 43.82
N VAL E 13 -11.19 16.13 43.76
CA VAL E 13 -10.43 15.96 42.53
C VAL E 13 -10.00 14.50 42.43
N ASN E 14 -10.15 13.91 41.25
CA ASN E 14 -9.75 12.51 41.03
C ASN E 14 -8.42 12.51 40.32
N TYR E 15 -7.38 12.10 41.02
CA TYR E 15 -6.04 12.03 40.46
C TYR E 15 -5.84 10.64 39.84
N HIS E 16 -5.97 10.54 38.51
CA HIS E 16 -5.63 9.31 37.80
C HIS E 16 -4.13 9.24 37.56
N PHE E 17 -3.37 8.97 38.63
CA PHE E 17 -1.92 9.19 38.59
C PHE E 17 -1.18 8.18 37.73
N SER E 18 -1.82 7.13 37.24
CA SER E 18 -1.16 6.22 36.32
C SER E 18 -2.18 5.80 35.27
N ARG E 19 -1.71 5.65 34.02
CA ARG E 19 -2.62 5.33 32.92
C ARG E 19 -3.08 3.88 33.03
N LYS E 20 -4.31 3.63 32.55
CA LYS E 20 -5.01 2.35 32.77
C LYS E 20 -4.40 1.18 32.00
N CYS E 21 -3.09 1.23 31.70
CA CYS E 21 -2.31 0.07 31.22
C CYS E 21 -0.79 0.35 31.21
N THR E 33 7.14 -2.43 30.65
CA THR E 33 7.36 -1.28 31.56
C THR E 33 6.02 -0.59 31.87
N THR E 34 5.53 0.18 30.88
CA THR E 34 4.22 0.86 30.83
C THR E 34 4.29 2.30 31.34
N SER E 35 3.34 2.67 32.21
CA SER E 35 2.81 4.03 32.29
C SER E 35 3.78 5.07 32.88
N HIS E 36 3.58 6.32 32.46
CA HIS E 36 4.22 7.46 33.12
C HIS E 36 3.59 7.73 34.46
N VAL E 37 4.42 8.10 35.44
CA VAL E 37 3.97 8.55 36.75
C VAL E 37 4.87 9.70 37.16
N GLU E 38 4.30 10.73 37.75
CA GLU E 38 5.10 11.88 38.14
C GLU E 38 6.11 11.50 39.23
N LYS E 39 7.23 12.24 39.29
CA LYS E 39 8.12 12.12 40.44
C LYS E 39 7.45 12.73 41.66
N PRO E 40 7.61 12.12 42.84
CA PRO E 40 6.87 12.62 44.04
C PRO E 40 7.02 14.11 44.30
N GLU E 41 8.18 14.69 44.01
CA GLU E 41 8.38 16.11 44.26
C GLU E 41 7.45 16.95 43.39
N ASN E 42 7.27 16.54 42.12
CA ASN E 42 6.38 17.25 41.22
C ASN E 42 4.94 17.03 41.62
N ALA E 43 4.55 15.79 41.90
CA ALA E 43 3.19 15.51 42.31
C ALA E 43 2.83 16.26 43.59
N LYS E 44 3.78 16.45 44.50
CA LYS E 44 3.50 17.21 45.72
C LYS E 44 3.23 18.68 45.39
N ARG E 45 4.00 19.25 44.45
CA ARG E 45 3.75 20.63 44.04
C ARG E 45 2.39 20.77 43.40
N GLY E 46 2.03 19.79 42.56
CA GLY E 46 0.74 19.80 41.90
C GLY E 46 -0.41 19.77 42.89
N LEU E 47 -0.39 18.80 43.81
CA LEU E 47 -1.47 18.70 44.78
C LEU E 47 -1.50 19.91 45.69
N THR E 48 -0.34 20.50 45.92
CA THR E 48 -0.33 21.76 46.66
C THR E 48 -1.09 22.84 45.91
N LEU E 49 -0.77 23.01 44.61
CA LEU E 49 -1.50 23.98 43.79
C LEU E 49 -3.01 23.72 43.83
N LEU E 50 -3.41 22.45 43.78
CA LEU E 50 -4.83 22.11 43.87
C LEU E 50 -5.42 22.52 45.21
N LYS E 51 -4.70 22.25 46.31
CA LYS E 51 -5.20 22.64 47.62
C LYS E 51 -5.37 24.14 47.69
N GLN E 52 -4.35 24.88 47.25
CA GLN E 52 -4.49 26.34 47.26
C GLN E 52 -5.64 26.81 46.38
N ALA E 53 -6.03 26.01 45.39
CA ALA E 53 -7.13 26.37 44.51
C ALA E 53 -8.48 25.92 45.05
N GLY E 54 -8.48 25.26 46.20
CA GLY E 54 -9.72 24.86 46.84
C GLY E 54 -9.98 23.36 46.98
N MET E 55 -9.02 22.52 46.63
CA MET E 55 -9.28 21.10 46.78
C MET E 55 -9.26 20.73 48.25
N LYS E 56 -10.30 20.03 48.67
CA LYS E 56 -10.42 19.54 50.04
C LYS E 56 -10.46 18.02 50.11
N LYS E 57 -10.70 17.33 49.01
CA LYS E 57 -10.80 15.88 49.00
C LYS E 57 -10.10 15.32 47.76
N ILE E 58 -9.34 14.25 47.94
CA ILE E 58 -8.69 13.67 46.78
C ILE E 58 -9.10 12.22 46.66
N ASN E 59 -9.17 11.74 45.43
CA ASN E 59 -9.51 10.36 45.15
C ASN E 59 -8.43 9.84 44.22
N PHE E 60 -7.72 8.79 44.64
CA PHE E 60 -6.66 8.20 43.85
C PHE E 60 -7.24 7.05 43.03
N ALA E 61 -7.17 7.20 41.72
CA ALA E 61 -7.65 6.23 40.78
C ALA E 61 -6.64 6.34 39.64
N GLY E 62 -6.94 5.89 38.44
CA GLY E 62 -7.74 4.74 38.13
C GLY E 62 -6.84 4.44 36.97
N GLY E 63 -5.83 3.62 37.14
CA GLY E 63 -5.54 2.87 38.35
C GLY E 63 -4.76 1.91 37.52
N GLU E 64 -4.32 0.75 37.99
CA GLU E 64 -4.46 0.24 39.35
C GLU E 64 -3.46 0.91 40.28
N PRO E 65 -3.95 1.65 41.29
CA PRO E 65 -3.00 2.40 42.12
C PRO E 65 -2.03 1.52 42.86
N PHE E 66 -2.46 0.33 43.28
CA PHE E 66 -1.54 -0.49 44.05
C PHE E 66 -0.49 -1.14 43.21
N LEU E 67 -0.43 -0.83 41.92
CA LEU E 67 0.74 -1.11 41.11
C LEU E 67 1.92 -0.24 41.50
N TYR E 68 1.70 0.80 42.29
CA TYR E 68 2.74 1.78 42.60
C TYR E 68 2.70 2.09 44.08
N PRO E 69 3.01 1.10 44.94
CA PRO E 69 2.85 1.30 46.39
C PRO E 69 3.64 2.46 46.97
N LYS E 70 4.93 2.63 46.62
CA LYS E 70 5.69 3.69 47.28
C LYS E 70 5.11 5.05 46.92
N PHE E 71 4.75 5.24 45.65
CA PHE E 71 4.15 6.51 45.24
C PHE E 71 2.83 6.71 45.96
N LEU E 72 1.96 5.71 45.91
CA LEU E 72 0.65 5.84 46.51
C LEU E 72 0.79 6.14 47.99
N GLY E 73 1.71 5.46 48.67
CA GLY E 73 1.90 5.66 50.08
C GLY E 73 2.44 7.04 50.40
N GLU E 74 3.42 7.50 49.63
CA GLU E 74 3.98 8.84 49.83
C GLU E 74 2.91 9.91 49.62
N MET E 75 2.05 9.76 48.60
CA MET E 75 1.08 10.82 48.30
C MET E 75 -0.05 10.85 49.30
N ILE E 76 -0.50 9.68 49.74
CA ILE E 76 -1.53 9.56 50.78
C ILE E 76 -1.07 10.25 52.06
N ASP E 77 0.12 9.90 52.54
CA ASP E 77 0.65 10.54 53.74
C ASP E 77 0.74 12.04 53.54
N PHE E 78 1.26 12.46 52.40
CA PHE E 78 1.40 13.89 52.12
C PHE E 78 0.05 14.60 52.13
N CYS E 79 -0.97 14.01 51.53
CA CYS E 79 -2.26 14.67 51.44
C CYS E 79 -2.94 14.77 52.79
N LYS E 80 -2.90 13.68 53.57
CA LYS E 80 -3.61 13.68 54.85
C LYS E 80 -2.88 14.50 55.91
N GLU E 81 -1.56 14.35 55.98
CA GLU E 81 -0.79 14.92 57.07
C GLU E 81 -0.29 16.33 56.74
N THR E 82 0.44 16.49 55.65
CA THR E 82 0.96 17.85 55.48
C THR E 82 -0.01 18.78 54.74
N LEU E 83 -0.93 18.28 53.90
CA LEU E 83 -1.93 19.16 53.28
C LEU E 83 -3.25 19.23 54.03
N GLN E 84 -3.51 18.29 54.94
CA GLN E 84 -4.69 18.34 55.82
C GLN E 84 -5.97 18.33 55.03
N LEU E 85 -6.04 17.42 54.06
CA LEU E 85 -7.25 17.25 53.27
C LEU E 85 -8.31 16.51 54.09
N GLU E 86 -9.58 16.92 53.91
CA GLU E 86 -10.66 16.27 54.63
C GLU E 86 -10.81 14.80 54.25
N SER E 87 -10.54 14.45 53.00
CA SER E 87 -10.79 13.08 52.56
C SER E 87 -9.72 12.59 51.58
N VAL E 88 -9.21 11.39 51.84
CA VAL E 88 -8.27 10.72 50.95
C VAL E 88 -8.85 9.36 50.64
N SER E 89 -9.13 9.10 49.36
CA SER E 89 -9.78 7.88 48.88
C SER E 89 -8.89 7.18 47.87
N ILE E 90 -9.12 5.88 47.71
CA ILE E 90 -8.44 5.10 46.70
C ILE E 90 -9.45 4.18 46.05
N VAL E 91 -9.37 4.05 44.73
CA VAL E 91 -10.12 3.03 44.03
C VAL E 91 -9.12 2.00 43.58
N THR E 92 -9.49 0.73 43.66
CA THR E 92 -8.60 -0.37 43.35
C THR E 92 -9.49 -1.52 42.93
N ASN E 93 -8.90 -2.49 42.24
CA ASN E 93 -9.58 -3.77 42.06
C ASN E 93 -9.23 -4.77 43.15
N GLY E 94 -8.42 -4.36 44.13
CA GLY E 94 -8.10 -5.16 45.30
C GLY E 94 -7.05 -6.23 45.11
N SER E 95 -6.74 -6.61 43.87
CA SER E 95 -5.86 -7.74 43.64
C SER E 95 -4.48 -7.55 44.25
N LEU E 96 -3.97 -6.33 44.25
CA LEU E 96 -2.64 -6.07 44.75
C LEU E 96 -2.62 -5.43 46.13
N VAL E 97 -3.76 -5.34 46.81
CA VAL E 97 -3.79 -4.77 48.16
C VAL E 97 -3.15 -5.76 49.12
N LYS E 98 -2.11 -5.33 49.82
CA LYS E 98 -1.48 -6.14 50.84
C LYS E 98 -1.75 -5.51 52.19
N GLU E 99 -1.91 -6.35 53.24
CA GLU E 99 -2.27 -5.79 54.54
C GLU E 99 -1.26 -4.76 55.00
N GLN E 100 0.02 -5.00 54.73
CA GLN E 100 1.06 -4.11 55.24
C GLN E 100 0.86 -2.67 54.77
N PHE E 101 0.49 -2.47 53.50
CA PHE E 101 0.22 -1.11 53.04
C PHE E 101 -0.86 -0.46 53.90
N LEU E 102 -1.92 -1.20 54.21
CA LEU E 102 -2.99 -0.60 54.99
C LEU E 102 -2.55 -0.35 56.41
N GLN E 103 -1.72 -1.22 56.96
CA GLN E 103 -1.28 -1.01 58.34
C GLN E 103 -0.44 0.26 58.47
N LYS E 104 0.42 0.51 57.48
CA LYS E 104 1.31 1.66 57.53
C LYS E 104 0.59 2.97 57.14
N HIS E 105 -0.30 2.94 56.15
CA HIS E 105 -0.92 4.19 55.74
C HIS E 105 -2.39 4.32 56.15
N GLY E 106 -3.00 3.28 56.73
CA GLY E 106 -4.43 3.30 56.99
C GLY E 106 -4.92 4.50 57.79
N ARG E 107 -4.12 4.98 58.74
CA ARG E 107 -4.54 6.14 59.51
C ARG E 107 -4.83 7.35 58.63
N ASN E 108 -4.21 7.40 57.43
CA ASN E 108 -4.37 8.49 56.51
C ASN E 108 -5.34 8.18 55.36
N ILE E 109 -5.90 6.98 55.32
CA ILE E 109 -6.82 6.57 54.26
C ILE E 109 -8.25 6.62 54.79
N ASP E 110 -9.07 7.54 54.25
CA ASP E 110 -10.43 7.69 54.74
C ASP E 110 -11.37 6.67 54.09
N ILE E 111 -11.28 6.50 52.77
CA ILE E 111 -12.18 5.59 52.04
C ILE E 111 -11.33 4.72 51.13
N LEU E 112 -11.61 3.42 51.13
CA LEU E 112 -10.97 2.52 50.20
C LEU E 112 -12.12 1.85 49.44
N ALA E 113 -12.24 2.16 48.16
CA ALA E 113 -13.31 1.64 47.33
C ALA E 113 -12.75 0.55 46.43
N VAL E 114 -13.41 -0.60 46.44
CA VAL E 114 -13.00 -1.72 45.61
C VAL E 114 -14.04 -1.87 44.50
N SER E 115 -13.57 -1.98 43.27
CA SER E 115 -14.46 -2.11 42.13
C SER E 115 -14.76 -3.59 41.92
N CYS E 116 -16.04 -3.93 41.80
CA CYS E 116 -16.45 -5.33 41.87
C CYS E 116 -17.77 -5.48 41.14
N ASP E 117 -17.76 -6.17 40.00
CA ASP E 117 -18.95 -6.22 39.17
C ASP E 117 -19.72 -7.52 39.31
N SER E 118 -19.09 -8.58 39.81
CA SER E 118 -19.82 -9.83 39.98
C SER E 118 -19.07 -10.76 40.92
N PHE E 119 -19.82 -11.71 41.49
CA PHE E 119 -19.27 -12.75 42.33
C PHE E 119 -19.28 -14.10 41.65
N ASN E 120 -19.63 -14.15 40.37
CA ASN E 120 -19.60 -15.37 39.56
C ASN E 120 -18.44 -15.32 38.57
N GLU E 121 -17.57 -16.33 38.62
CA GLU E 121 -16.41 -16.38 37.74
C GLU E 121 -16.80 -16.16 36.28
N ALA E 122 -17.81 -16.90 35.81
CA ALA E 122 -18.21 -16.80 34.42
C ALA E 122 -18.63 -15.38 34.06
N THR E 123 -19.42 -14.73 34.92
CA THR E 123 -19.81 -13.37 34.63
C THR E 123 -18.60 -12.43 34.57
N ASN E 124 -17.62 -12.65 35.45
CA ASN E 124 -16.46 -11.75 35.44
C ASN E 124 -15.61 -11.97 34.20
N ILE E 125 -15.57 -13.20 33.71
CA ILE E 125 -14.82 -13.48 32.49
C ILE E 125 -15.45 -12.76 31.30
N LYS E 126 -16.76 -12.96 31.11
CA LYS E 126 -17.46 -12.32 30.00
C LYS E 126 -17.36 -10.81 30.04
N ILE E 127 -17.42 -10.24 31.24
CA ILE E 127 -17.27 -8.79 31.37
C ILE E 127 -15.86 -8.38 30.94
N GLY E 128 -14.87 -9.18 31.26
CA GLY E 128 -13.54 -8.90 30.79
C GLY E 128 -12.55 -8.74 31.92
N ARG E 129 -12.85 -9.30 33.09
CA ARG E 129 -12.00 -9.15 34.26
C ARG E 129 -11.28 -10.44 34.62
N GLY E 130 -11.34 -11.45 33.76
CA GLY E 130 -10.51 -12.63 33.90
C GLY E 130 -11.01 -13.49 35.02
N SER E 131 -10.54 -14.73 35.05
CA SER E 131 -11.05 -15.67 36.03
C SER E 131 -10.71 -15.18 37.44
N GLY E 132 -11.66 -15.39 38.38
CA GLY E 132 -11.45 -15.26 39.80
C GLY E 132 -11.03 -16.65 40.29
N ASP E 133 -11.69 -17.18 41.29
CA ASP E 133 -12.71 -16.45 42.00
C ASP E 133 -12.05 -15.79 43.26
N ASN E 134 -11.57 -14.54 43.09
CA ASN E 134 -10.88 -13.86 44.18
C ASN E 134 -11.95 -13.11 44.97
N VAL E 135 -13.03 -13.79 45.34
CA VAL E 135 -13.97 -13.19 46.29
C VAL E 135 -13.40 -13.24 47.71
N GLN E 136 -12.50 -14.18 47.99
CA GLN E 136 -11.95 -14.24 49.33
C GLN E 136 -11.14 -13.00 49.64
N LYS E 137 -10.49 -12.44 48.63
CA LYS E 137 -9.66 -11.25 48.82
C LYS E 137 -10.53 -10.05 49.15
N LEU E 138 -11.76 -10.04 48.62
CA LEU E 138 -12.72 -8.97 48.92
C LEU E 138 -13.06 -8.96 50.40
N TYR E 139 -13.25 -10.14 50.99
CA TYR E 139 -13.48 -10.23 52.43
C TYR E 139 -12.24 -9.85 53.22
N GLU E 140 -11.06 -10.25 52.75
CA GLU E 140 -9.86 -9.85 53.45
C GLU E 140 -9.77 -8.33 53.49
N ILE E 141 -9.94 -7.68 52.34
CA ILE E 141 -9.87 -6.22 52.31
C ILE E 141 -10.89 -5.61 53.27
N GLY E 142 -12.11 -6.17 53.28
CA GLY E 142 -13.12 -5.69 54.22
C GLY E 142 -12.64 -5.79 55.66
N SER E 143 -12.04 -6.93 56.01
CA SER E 143 -11.46 -7.10 57.34
C SER E 143 -10.43 -6.03 57.61
N TRP E 144 -9.46 -5.88 56.72
CA TRP E 144 -8.40 -4.92 56.94
C TRP E 144 -8.95 -3.51 57.11
N CYS E 145 -10.06 -3.22 56.42
CA CYS E 145 -10.60 -1.87 56.51
C CYS E 145 -11.20 -1.65 57.89
N GLN E 146 -11.87 -2.66 58.43
CA GLN E 146 -12.31 -2.55 59.81
C GLN E 146 -11.12 -2.51 60.74
N LYS E 147 -10.14 -3.37 60.50
CA LYS E 147 -8.98 -3.46 61.37
C LYS E 147 -8.27 -2.10 61.48
N TYR E 148 -8.24 -1.33 60.39
CA TYR E 148 -7.43 -0.12 60.38
C TYR E 148 -8.25 1.18 60.27
N ASP E 149 -9.58 1.10 60.47
CA ASP E 149 -10.46 2.27 60.57
C ASP E 149 -10.59 2.98 59.22
N ILE E 150 -10.91 2.21 58.19
CA ILE E 150 -11.03 2.71 56.86
C ILE E 150 -12.41 2.33 56.38
N LYS E 151 -13.16 3.32 55.90
CA LYS E 151 -14.48 3.04 55.35
C LYS E 151 -14.31 2.17 54.11
N PHE E 152 -15.20 1.20 53.96
CA PHE E 152 -15.09 0.17 52.94
C PHE E 152 -16.22 0.41 51.93
N LYS E 153 -15.85 0.57 50.65
CA LYS E 153 -16.80 0.92 49.60
C LYS E 153 -16.65 -0.02 48.41
N LEU E 154 -17.78 -0.44 47.85
CA LEU E 154 -17.82 -1.23 46.63
C LEU E 154 -18.41 -0.44 45.48
N ASN E 155 -17.75 -0.51 44.32
CA ASN E 155 -18.22 0.09 43.07
C ASN E 155 -18.62 -1.02 42.11
N THR E 156 -19.88 -1.04 41.70
CA THR E 156 -20.40 -2.03 40.75
C THR E 156 -20.94 -1.34 39.50
N VAL E 157 -20.55 -1.86 38.34
CA VAL E 157 -21.14 -1.46 37.07
C VAL E 157 -22.16 -2.52 36.67
N VAL E 158 -23.42 -2.13 36.60
CA VAL E 158 -24.50 -3.02 36.21
C VAL E 158 -24.58 -3.01 34.69
N ASN E 159 -24.32 -4.16 34.07
CA ASN E 159 -24.26 -4.31 32.62
C ASN E 159 -25.09 -5.49 32.19
N LYS E 160 -25.00 -5.86 30.90
CA LYS E 160 -25.80 -6.95 30.37
C LYS E 160 -25.50 -8.29 31.08
N PHE E 161 -24.25 -8.49 31.49
CA PHE E 161 -23.88 -9.78 32.04
C PHE E 161 -24.26 -9.95 33.51
N ASN E 162 -24.44 -8.88 34.28
CA ASN E 162 -24.69 -9.06 35.70
C ASN E 162 -26.02 -8.47 36.16
N HIS E 163 -26.85 -7.98 35.25
CA HIS E 163 -28.01 -7.22 35.71
C HIS E 163 -29.05 -8.10 36.39
N LEU E 164 -28.99 -9.42 36.18
CA LEU E 164 -29.90 -10.39 36.80
C LEU E 164 -29.32 -11.04 38.06
N GLU E 165 -28.06 -10.79 38.37
CA GLU E 165 -27.40 -11.42 39.50
C GLU E 165 -28.02 -10.97 40.82
N ASP E 166 -28.16 -11.91 41.76
CA ASP E 166 -28.54 -11.59 43.12
C ASP E 166 -27.28 -11.52 43.97
N MET E 167 -27.04 -10.36 44.56
CA MET E 167 -25.82 -10.15 45.32
C MET E 167 -26.10 -9.90 46.78
N ASN E 168 -27.35 -10.04 47.22
CA ASN E 168 -27.70 -9.61 48.56
C ASN E 168 -26.88 -10.31 49.63
N ASP E 169 -26.71 -11.64 49.50
CA ASP E 169 -26.01 -12.39 50.54
C ASP E 169 -24.57 -11.93 50.69
N HIS E 170 -23.86 -11.76 49.57
CA HIS E 170 -22.49 -11.27 49.68
C HIS E 170 -22.48 -9.87 50.31
N LEU E 171 -23.31 -8.97 49.79
CA LEU E 171 -23.28 -7.62 50.34
C LEU E 171 -23.62 -7.59 51.82
N ASN E 172 -24.41 -8.56 52.29
CA ASN E 172 -24.64 -8.69 53.72
C ASN E 172 -23.36 -9.10 54.44
N ALA E 173 -22.60 -10.05 53.86
CA ALA E 173 -21.33 -10.46 54.46
C ALA E 173 -20.32 -9.31 54.52
N LEU E 174 -20.16 -8.56 53.43
CA LEU E 174 -19.10 -7.56 53.41
C LEU E 174 -19.47 -6.26 54.11
N GLN E 175 -20.75 -5.99 54.37
CA GLN E 175 -21.27 -4.72 54.89
C GLN E 175 -20.39 -3.53 54.54
N PRO E 176 -20.32 -3.14 53.27
CA PRO E 176 -19.66 -1.87 52.93
C PRO E 176 -20.52 -0.72 53.40
N PHE E 177 -19.85 0.40 53.72
CA PHE E 177 -20.63 1.55 54.14
C PHE E 177 -21.36 2.19 52.98
N ARG E 178 -20.95 1.89 51.75
CA ARG E 178 -21.58 2.46 50.57
C ARG E 178 -21.36 1.52 49.40
N TRP E 179 -22.44 1.18 48.69
CA TRP E 179 -22.43 0.30 47.51
C TRP E 179 -22.94 1.12 46.34
N LYS E 180 -22.01 1.66 45.55
CA LYS E 180 -22.34 2.50 44.40
C LYS E 180 -22.56 1.60 43.19
N CYS E 181 -23.79 1.59 42.69
CA CYS E 181 -24.16 0.81 41.51
C CYS E 181 -24.40 1.76 40.35
N PHE E 182 -23.53 1.66 39.34
CA PHE E 182 -23.62 2.46 38.12
C PHE E 182 -24.32 1.65 37.04
N GLN E 183 -25.22 2.31 36.32
CA GLN E 183 -25.69 1.78 35.04
C GLN E 183 -24.62 2.02 33.97
N VAL E 184 -24.25 0.97 33.26
CA VAL E 184 -23.16 1.09 32.31
C VAL E 184 -23.55 2.04 31.17
N LEU E 185 -22.59 2.83 30.75
CA LEU E 185 -22.72 3.75 29.63
C LEU E 185 -21.53 3.47 28.75
N ILE E 186 -21.77 3.19 27.47
CA ILE E 186 -20.69 2.85 26.55
C ILE E 186 -20.44 4.00 25.56
N VAL E 187 -19.20 4.46 25.50
CA VAL E 187 -18.82 5.65 24.72
C VAL E 187 -17.95 5.24 23.53
N THR E 188 -18.36 5.66 22.33
CA THR E 188 -17.62 5.36 21.13
C THR E 188 -16.95 6.63 20.58
N ALA E 200 -20.62 -5.10 20.36
CA ALA E 200 -19.82 -4.03 20.96
C ALA E 200 -20.71 -3.16 21.89
N HIS E 201 -21.94 -2.87 21.41
CA HIS E 201 -22.93 -2.05 22.10
C HIS E 201 -24.15 -2.88 22.50
N SER E 202 -23.94 -4.18 22.71
CA SER E 202 -24.96 -5.05 23.24
C SER E 202 -24.70 -5.38 24.69
N LEU E 203 -23.79 -4.63 25.31
CA LEU E 203 -23.53 -4.71 26.74
C LEU E 203 -24.37 -3.72 27.55
N THR E 204 -25.16 -2.88 26.88
CA THR E 204 -26.06 -1.95 27.55
C THR E 204 -27.31 -2.67 28.09
N ILE E 205 -27.99 -1.99 29.02
CA ILE E 205 -29.21 -2.47 29.68
C ILE E 205 -30.23 -1.34 29.65
N SER E 206 -31.50 -1.71 29.57
CA SER E 206 -32.56 -0.71 29.58
C SER E 206 -32.61 -0.02 30.92
N ASP E 207 -33.33 1.09 30.98
CA ASP E 207 -33.59 1.65 32.29
C ASP E 207 -34.39 0.67 33.14
N ASP E 208 -35.29 -0.11 32.54
CA ASP E 208 -36.05 -1.09 33.33
C ASP E 208 -35.14 -2.16 33.90
N GLU E 209 -34.28 -2.73 33.06
CA GLU E 209 -33.38 -3.75 33.54
C GLU E 209 -32.55 -3.25 34.72
N PHE E 210 -32.17 -1.97 34.70
CA PHE E 210 -31.34 -1.42 35.76
C PHE E 210 -32.12 -1.16 37.05
N ASP E 211 -33.41 -0.79 36.96
CA ASP E 211 -34.16 -0.58 38.19
C ASP E 211 -34.66 -1.90 38.78
N ARG E 212 -34.85 -2.92 37.94
CA ARG E 212 -35.10 -4.23 38.48
C ARG E 212 -33.88 -4.78 39.21
N PHE E 213 -32.66 -4.48 38.71
CA PHE E 213 -31.49 -4.81 39.50
C PHE E 213 -31.50 -4.05 40.80
N CYS E 214 -31.90 -2.79 40.75
CA CYS E 214 -31.90 -1.99 41.96
C CYS E 214 -32.94 -2.50 42.96
N GLU E 215 -34.19 -2.69 42.53
CA GLU E 215 -35.20 -3.10 43.50
C GLU E 215 -34.95 -4.51 44.00
N ARG E 216 -34.31 -5.34 43.19
CA ARG E 216 -33.88 -6.64 43.66
C ARG E 216 -32.91 -6.53 44.81
N HIS E 217 -32.32 -5.36 45.01
CA HIS E 217 -31.39 -5.15 46.12
C HIS E 217 -31.88 -4.05 47.06
N SER E 218 -33.18 -3.74 47.04
CA SER E 218 -33.70 -2.59 47.74
C SER E 218 -33.58 -2.71 49.26
N SER E 219 -33.42 -3.93 49.79
CA SER E 219 -33.30 -4.13 51.23
C SER E 219 -31.99 -3.57 51.79
N GLN E 220 -31.07 -3.18 50.92
CA GLN E 220 -29.69 -2.94 51.26
C GLN E 220 -29.48 -1.45 51.51
N THR E 221 -29.21 -1.05 52.76
CA THR E 221 -29.19 0.37 53.09
C THR E 221 -27.95 1.06 52.54
N CYS E 222 -26.93 0.31 52.17
CA CYS E 222 -25.75 0.94 51.56
C CYS E 222 -25.89 1.25 50.06
N LEU E 223 -26.95 0.79 49.39
CA LEU E 223 -27.06 0.91 47.93
C LEU E 223 -27.31 2.36 47.54
N VAL E 224 -26.47 2.86 46.64
CA VAL E 224 -26.62 4.18 46.03
C VAL E 224 -26.59 3.98 44.51
N PRO E 225 -27.72 4.06 43.83
CA PRO E 225 -27.74 3.85 42.39
C PRO E 225 -27.46 5.14 41.64
N GLU E 226 -26.83 4.98 40.48
CA GLU E 226 -26.55 6.10 39.58
C GLU E 226 -26.96 5.67 38.20
N PRO E 227 -28.20 5.94 37.82
CA PRO E 227 -28.68 5.67 36.46
C PRO E 227 -28.12 6.68 35.47
N ASN E 228 -28.09 6.28 34.19
CA ASN E 228 -27.53 7.17 33.18
C ASN E 228 -28.29 8.50 33.12
N ARG E 229 -29.62 8.46 33.33
CA ARG E 229 -30.40 9.70 33.25
C ARG E 229 -30.07 10.71 34.33
N LEU E 230 -29.22 10.38 35.31
CA LEU E 230 -28.90 11.35 36.36
C LEU E 230 -27.58 10.98 37.01
N MET E 231 -26.49 11.42 36.41
CA MET E 231 -25.15 11.15 36.90
C MET E 231 -24.68 12.31 37.79
N ALA E 232 -23.83 11.98 38.76
CA ALA E 232 -23.23 13.01 39.60
C ALA E 232 -22.45 14.01 38.75
N LYS E 233 -22.41 15.26 39.20
CA LYS E 233 -21.72 16.34 38.51
C LYS E 233 -20.36 16.63 39.18
N SER E 234 -19.67 17.68 38.72
CA SER E 234 -18.40 18.18 39.31
C SER E 234 -17.28 17.14 39.36
N TYR E 235 -17.31 16.20 38.41
CA TYR E 235 -16.35 15.11 38.36
C TYR E 235 -15.17 15.56 37.49
N LEU E 236 -14.10 16.02 38.14
CA LEU E 236 -12.91 16.55 37.49
C LEU E 236 -11.76 15.54 37.56
N ILE E 237 -11.11 15.23 36.44
CA ILE E 237 -10.02 14.24 36.41
C ILE E 237 -8.66 14.89 36.17
N LEU E 238 -7.68 14.52 36.99
CA LEU E 238 -6.32 15.00 36.88
C LEU E 238 -5.49 13.80 36.41
N ASP E 239 -5.15 13.83 35.12
CA ASP E 239 -4.09 13.12 34.40
C ASP E 239 -2.88 12.56 35.14
N GLU E 240 -2.22 11.57 34.54
CA GLU E 240 -0.92 11.13 35.02
C GLU E 240 0.16 12.17 34.84
N TYR E 241 -0.07 13.20 34.01
CA TYR E 241 0.85 14.33 33.83
C TYR E 241 0.37 15.57 34.57
N MET E 242 -0.69 15.43 35.38
CA MET E 242 -1.33 16.52 36.11
C MET E 242 -1.95 17.53 35.16
N ARG E 243 -2.64 17.01 34.15
CA ARG E 243 -3.45 17.79 33.22
C ARG E 243 -4.93 17.53 33.48
N PHE E 244 -5.78 18.54 33.34
CA PHE E 244 -7.22 18.25 33.47
C PHE E 244 -7.73 17.65 32.17
N LEU E 245 -8.76 16.79 32.28
CA LEU E 245 -9.50 16.27 31.12
C LEU E 245 -10.80 17.05 30.90
N ASP E 246 -11.26 17.08 29.64
CA ASP E 246 -12.46 17.85 29.33
C ASP E 246 -13.69 17.04 29.74
N ARG E 247 -14.89 17.58 29.43
CA ARG E 247 -16.12 16.91 29.82
C ARG E 247 -16.33 15.57 29.14
N ASN E 248 -15.47 15.18 28.22
CA ASN E 248 -15.53 13.88 27.57
C ASN E 248 -14.36 13.00 27.92
N GLY E 249 -13.57 13.38 28.92
CA GLY E 249 -12.40 12.61 29.21
C GLY E 249 -11.28 12.66 28.20
N GLN E 250 -11.29 13.60 27.25
CA GLN E 250 -10.18 13.77 26.32
C GLN E 250 -9.66 15.20 26.37
N GLN E 251 -8.95 15.58 25.30
CA GLN E 251 -8.38 16.92 25.09
C GLN E 251 -7.76 17.53 26.34
N PRO E 252 -6.75 16.88 26.93
CA PRO E 252 -6.16 17.41 28.18
C PRO E 252 -5.66 18.83 28.06
N SER E 253 -5.63 19.52 29.19
CA SER E 253 -4.99 20.83 29.27
C SER E 253 -3.48 20.66 29.26
N LYS E 254 -2.75 21.77 29.28
CA LYS E 254 -1.36 21.61 29.68
C LYS E 254 -1.34 21.24 31.16
N SER E 255 -0.22 20.72 31.63
CA SER E 255 -0.15 20.35 33.04
C SER E 255 -0.31 21.57 33.94
N ILE E 256 -1.04 21.39 35.05
CA ILE E 256 -1.09 22.45 36.04
C ILE E 256 0.30 22.80 36.52
N LEU E 257 1.27 21.88 36.36
CA LEU E 257 2.62 22.17 36.76
C LEU E 257 3.24 23.27 35.92
N GLU E 258 2.76 23.48 34.68
CA GLU E 258 3.25 24.59 33.88
C GLU E 258 2.31 25.78 33.77
N VAL E 259 1.01 25.58 33.62
CA VAL E 259 0.11 26.71 33.43
C VAL E 259 -0.71 27.05 34.66
N GLY E 260 -0.67 26.23 35.71
CA GLY E 260 -1.44 26.51 36.91
C GLY E 260 -2.86 25.97 36.84
N VAL E 261 -3.58 26.07 37.96
CA VAL E 261 -4.88 25.41 38.04
C VAL E 261 -5.94 26.19 37.26
N GLN E 262 -5.95 27.52 37.37
CA GLN E 262 -6.98 28.29 36.69
C GLN E 262 -6.89 28.17 35.18
N GLN E 263 -5.71 28.47 34.61
CA GLN E 263 -5.60 28.42 33.16
C GLN E 263 -5.86 27.02 32.63
N ALA E 264 -5.53 25.99 33.40
CA ALA E 264 -5.77 24.64 32.91
C ALA E 264 -7.26 24.30 32.94
N LEU E 265 -8.00 24.88 33.88
CA LEU E 265 -9.44 24.65 33.89
C LEU E 265 -10.08 25.27 32.66
N GLN E 266 -9.68 26.49 32.29
CA GLN E 266 -10.26 27.13 31.12
C GLN E 266 -10.00 26.30 29.87
N ALA E 267 -8.81 25.72 29.76
CA ALA E 267 -8.46 25.00 28.54
C ALA E 267 -9.33 23.77 28.31
N VAL E 268 -10.03 23.27 29.32
CA VAL E 268 -10.89 22.11 29.17
C VAL E 268 -12.36 22.49 29.33
N PHE E 269 -12.67 23.78 29.24
CA PHE E 269 -14.04 24.26 29.26
C PHE E 269 -14.76 23.80 30.53
N TRP E 270 -14.08 23.98 31.66
CA TRP E 270 -14.60 23.55 32.94
C TRP E 270 -15.95 24.19 33.22
N ASP E 271 -16.89 23.36 33.66
CA ASP E 271 -18.25 23.76 34.01
C ASP E 271 -18.82 22.67 34.91
N GLU E 272 -19.12 23.01 36.17
CA GLU E 272 -19.53 22.02 37.17
C GLU E 272 -20.55 21.05 36.57
N GLU E 273 -21.65 21.58 36.00
CA GLU E 273 -22.78 20.74 35.59
C GLU E 273 -22.49 19.90 34.36
N ALA E 274 -21.39 20.14 33.66
CA ALA E 274 -21.15 19.38 32.45
C ALA E 274 -20.23 18.20 32.67
N PHE E 275 -19.46 18.18 33.76
CA PHE E 275 -18.49 17.10 34.02
C PHE E 275 -19.20 16.02 34.82
N VAL E 276 -19.84 15.10 34.09
CA VAL E 276 -20.51 13.98 34.71
C VAL E 276 -19.49 12.98 35.21
N GLU E 277 -19.94 12.11 36.11
CA GLU E 277 -19.05 11.09 36.64
C GLU E 277 -18.76 10.02 35.60
N ARG E 278 -17.47 9.73 35.40
CA ARG E 278 -17.03 8.70 34.46
C ARG E 278 -16.98 7.29 35.08
N GLY E 279 -17.48 7.10 36.32
CA GLY E 279 -17.41 5.80 36.96
C GLY E 279 -18.28 4.74 36.30
N GLY E 280 -19.38 5.16 35.70
CA GLY E 280 -20.25 4.20 35.07
C GLY E 280 -19.91 3.95 33.64
N ILE E 281 -18.87 4.61 33.15
CA ILE E 281 -18.60 4.75 31.71
C ILE E 281 -17.49 3.82 31.31
N TYR E 282 -17.71 3.03 30.25
CA TYR E 282 -16.63 2.15 29.79
C TYR E 282 -15.62 2.86 28.89
N ASP E 283 -16.04 3.83 28.06
CA ASP E 283 -15.14 4.77 27.33
C ASP E 283 -14.08 4.14 26.39
N TRP E 284 -14.40 4.01 25.09
CA TRP E 284 -13.51 3.45 24.05
C TRP E 284 -13.26 4.41 22.85
N GLY F 7 -21.43 40.51 24.04
CA GLY F 7 -21.32 40.06 22.65
C GLY F 7 -20.16 40.67 21.86
N GLN F 8 -19.20 41.25 22.62
CA GLN F 8 -18.33 42.27 22.08
C GLN F 8 -16.87 41.80 21.98
N VAL F 9 -16.14 42.53 21.13
CA VAL F 9 -14.76 42.35 20.70
C VAL F 9 -13.79 42.98 21.70
N PRO F 10 -12.62 42.40 21.92
CA PRO F 10 -11.67 43.03 22.83
C PRO F 10 -11.16 44.31 22.22
N VAL F 11 -10.61 45.17 23.09
CA VAL F 11 -9.99 46.42 22.65
C VAL F 11 -8.97 46.17 21.56
N SER F 12 -8.15 45.13 21.70
CA SER F 12 -7.08 44.82 20.77
C SER F 12 -7.42 43.57 19.98
N VAL F 13 -7.18 43.63 18.66
CA VAL F 13 -7.26 42.48 17.78
C VAL F 13 -5.90 42.28 17.12
N ASN F 14 -5.48 41.04 16.98
CA ASN F 14 -4.26 40.69 16.27
C ASN F 14 -4.61 40.16 14.89
N TYR F 15 -4.18 40.86 13.85
CA TYR F 15 -4.55 40.53 12.48
C TYR F 15 -3.35 39.81 11.87
N HIS F 16 -3.41 38.49 11.86
CA HIS F 16 -2.37 37.72 11.21
C HIS F 16 -2.74 37.65 9.74
N PHE F 17 -2.49 38.77 9.04
CA PHE F 17 -3.03 38.89 7.69
C PHE F 17 -2.30 38.03 6.67
N SER F 18 -1.24 37.33 7.07
CA SER F 18 -0.65 36.36 6.18
C SER F 18 -0.05 35.25 7.02
N ARG F 19 -0.02 34.05 6.46
CA ARG F 19 0.41 32.86 7.19
C ARG F 19 1.91 32.65 7.01
N LYS F 20 2.49 31.90 7.95
CA LYS F 20 3.92 31.64 7.99
C LYS F 20 4.33 30.51 7.03
N CYS F 21 5.52 30.63 6.43
CA CYS F 21 6.22 29.51 5.73
C CYS F 21 7.58 29.96 5.15
N ALA F 32 7.44 29.88 -5.41
CA ALA F 32 6.53 31.04 -5.51
C ALA F 32 5.54 31.24 -4.29
N THR F 33 5.35 32.50 -3.84
CA THR F 33 4.60 32.82 -2.60
C THR F 33 3.16 32.34 -2.68
N THR F 34 2.74 31.71 -1.60
CA THR F 34 1.56 30.86 -1.53
C THR F 34 0.45 31.49 -0.70
N SER F 35 0.84 32.22 0.36
CA SER F 35 -0.09 32.59 1.42
C SER F 35 -1.18 33.48 0.87
N HIS F 36 -2.43 33.12 1.15
CA HIS F 36 -3.55 34.01 0.87
C HIS F 36 -3.38 35.31 1.66
N VAL F 37 -3.74 36.43 1.02
CA VAL F 37 -3.90 37.71 1.70
C VAL F 37 -5.18 38.34 1.18
N GLU F 38 -6.00 38.90 2.07
CA GLU F 38 -7.21 39.57 1.60
C GLU F 38 -6.84 40.70 0.64
N LYS F 39 -7.72 40.96 -0.32
CA LYS F 39 -7.57 42.17 -1.12
C LYS F 39 -7.83 43.39 -0.24
N PRO F 40 -7.09 44.48 -0.45
CA PRO F 40 -7.25 45.66 0.42
C PRO F 40 -8.68 46.10 0.64
N GLU F 41 -9.51 46.13 -0.41
CA GLU F 41 -10.90 46.57 -0.22
C GLU F 41 -11.62 45.67 0.78
N ASN F 42 -11.30 44.37 0.79
CA ASN F 42 -11.94 43.47 1.74
C ASN F 42 -11.36 43.63 3.13
N ALA F 43 -10.02 43.71 3.22
CA ALA F 43 -9.40 43.96 4.51
C ALA F 43 -9.98 45.21 5.14
N LYS F 44 -10.19 46.26 4.32
CA LYS F 44 -10.72 47.50 4.86
C LYS F 44 -12.13 47.29 5.41
N ARG F 45 -12.88 46.43 4.75
CA ARG F 45 -14.24 46.15 5.17
C ARG F 45 -14.26 45.39 6.49
N GLY F 46 -13.45 44.33 6.59
CA GLY F 46 -13.38 43.56 7.81
C GLY F 46 -12.90 44.39 8.98
N LEU F 47 -11.86 45.20 8.77
CA LEU F 47 -11.39 46.07 9.86
C LEU F 47 -12.48 47.05 10.28
N THR F 48 -13.33 47.49 9.35
CA THR F 48 -14.43 48.35 9.74
C THR F 48 -15.43 47.62 10.60
N LEU F 49 -15.78 46.39 10.21
CA LEU F 49 -16.68 45.57 11.04
C LEU F 49 -16.15 45.45 12.47
N LEU F 50 -14.83 45.30 12.62
CA LEU F 50 -14.26 45.19 13.95
C LEU F 50 -14.32 46.51 14.71
N LYS F 51 -14.06 47.63 14.04
CA LYS F 51 -14.17 48.92 14.72
C LYS F 51 -15.57 49.12 15.24
N GLN F 52 -16.57 48.82 14.39
CA GLN F 52 -17.95 48.94 14.81
C GLN F 52 -18.26 47.97 15.93
N ALA F 53 -17.57 46.86 16.00
CA ALA F 53 -17.76 45.92 17.09
C ALA F 53 -16.99 46.29 18.35
N GLY F 54 -16.24 47.38 18.36
CA GLY F 54 -15.56 47.83 19.56
C GLY F 54 -14.05 47.74 19.52
N MET F 55 -13.45 47.30 18.43
CA MET F 55 -11.99 47.29 18.34
C MET F 55 -11.49 48.73 18.36
N LYS F 56 -10.40 48.96 19.09
CA LYS F 56 -9.78 50.27 19.16
C LYS F 56 -8.29 50.24 18.93
N LYS F 57 -7.63 49.08 19.09
CA LYS F 57 -6.21 48.89 18.83
C LYS F 57 -6.05 47.68 17.92
N ILE F 58 -5.21 47.82 16.91
CA ILE F 58 -4.89 46.70 16.04
C ILE F 58 -3.39 46.42 16.11
N ASN F 59 -3.05 45.14 15.94
CA ASN F 59 -1.68 44.67 15.94
C ASN F 59 -1.46 43.80 14.69
N PHE F 60 -0.72 44.30 13.70
CA PHE F 60 -0.46 43.52 12.48
C PHE F 60 0.64 42.52 12.75
N ALA F 61 0.30 41.24 12.75
CA ALA F 61 1.32 40.25 13.02
C ALA F 61 1.14 39.09 12.07
N GLY F 62 1.35 37.89 12.55
CA GLY F 62 1.28 36.73 11.69
C GLY F 62 2.61 36.34 11.11
N GLY F 63 3.53 37.29 10.98
CA GLY F 63 4.85 37.02 10.42
C GLY F 63 4.61 36.71 8.97
N GLU F 64 5.40 37.27 8.09
CA GLU F 64 6.26 38.39 8.36
C GLU F 64 5.60 39.54 7.64
N PRO F 65 5.03 40.48 8.38
CA PRO F 65 4.25 41.53 7.71
C PRO F 65 5.07 42.33 6.74
N PHE F 66 6.35 42.59 7.02
CA PHE F 66 7.08 43.42 6.06
C PHE F 66 7.42 42.71 4.76
N LEU F 67 6.98 41.46 4.59
CA LEU F 67 7.00 40.83 3.30
C LEU F 67 5.92 41.37 2.35
N TYR F 68 4.94 42.12 2.84
CA TYR F 68 3.89 42.68 1.99
C TYR F 68 3.78 44.16 2.32
N PRO F 69 4.81 44.94 1.98
CA PRO F 69 4.83 46.35 2.41
C PRO F 69 3.67 47.18 1.91
N LYS F 70 3.18 46.89 0.70
CA LYS F 70 2.13 47.73 0.14
C LYS F 70 0.83 47.51 0.87
N PHE F 71 0.42 46.24 1.03
CA PHE F 71 -0.73 45.92 1.86
C PHE F 71 -0.57 46.46 3.27
N LEU F 72 0.59 46.23 3.89
CA LEU F 72 0.80 46.69 5.26
C LEU F 72 0.67 48.20 5.35
N GLY F 73 1.27 48.90 4.38
CA GLY F 73 1.17 50.35 4.36
C GLY F 73 -0.25 50.86 4.21
N GLU F 74 -0.99 50.31 3.24
CA GLU F 74 -2.37 50.79 3.03
C GLU F 74 -3.19 50.57 4.27
N MET F 75 -3.03 49.41 4.89
CA MET F 75 -3.84 49.02 6.05
C MET F 75 -3.47 49.80 7.29
N ILE F 76 -2.18 50.15 7.45
CA ILE F 76 -1.77 51.03 8.54
C ILE F 76 -2.34 52.42 8.35
N ASP F 77 -2.13 53.00 7.16
CA ASP F 77 -2.74 54.29 6.84
C ASP F 77 -4.25 54.24 7.05
N PHE F 78 -4.89 53.18 6.54
CA PHE F 78 -6.34 53.06 6.68
C PHE F 78 -6.79 53.03 8.15
N CYS F 79 -6.07 52.31 8.99
CA CYS F 79 -6.54 52.15 10.37
C CYS F 79 -6.37 53.43 11.18
N LYS F 80 -5.26 54.15 10.95
CA LYS F 80 -4.99 55.30 11.79
C LYS F 80 -5.77 56.50 11.30
N GLU F 81 -5.73 56.75 9.97
CA GLU F 81 -6.28 57.99 9.42
C GLU F 81 -7.79 57.94 9.32
N THR F 82 -8.34 56.88 8.73
CA THR F 82 -9.79 56.84 8.58
C THR F 82 -10.52 56.08 9.70
N LEU F 83 -9.99 54.96 10.22
CA LEU F 83 -10.68 54.32 11.34
C LEU F 83 -10.39 54.98 12.70
N GLN F 84 -9.37 55.83 12.77
CA GLN F 84 -9.00 56.57 13.99
C GLN F 84 -8.89 55.64 15.19
N LEU F 85 -7.97 54.69 15.06
CA LEU F 85 -7.69 53.73 16.12
C LEU F 85 -6.65 54.32 17.06
N GLU F 86 -6.77 54.01 18.36
CA GLU F 86 -5.84 54.59 19.31
C GLU F 86 -4.44 54.06 19.08
N SER F 87 -4.31 52.79 18.71
CA SER F 87 -3.03 52.12 18.56
C SER F 87 -2.95 51.28 17.29
N VAL F 88 -1.87 51.45 16.54
CA VAL F 88 -1.54 50.60 15.39
C VAL F 88 -0.14 50.05 15.60
N SER F 89 0.01 48.72 15.70
CA SER F 89 1.29 48.07 16.03
C SER F 89 1.65 47.02 14.98
N ILE F 90 2.95 46.71 14.90
CA ILE F 90 3.47 45.73 13.94
C ILE F 90 4.52 44.88 14.65
N VAL F 91 4.50 43.58 14.39
CA VAL F 91 5.50 42.64 14.89
C VAL F 91 6.28 42.13 13.70
N THR F 92 7.61 42.21 13.77
CA THR F 92 8.47 41.84 12.66
C THR F 92 9.72 41.20 13.20
N ASN F 93 10.40 40.38 12.39
CA ASN F 93 11.76 39.99 12.73
C ASN F 93 12.79 40.99 12.21
N GLY F 94 12.32 42.14 11.73
CA GLY F 94 13.21 43.22 11.35
C GLY F 94 13.99 43.00 10.07
N SER F 95 14.06 41.76 9.62
CA SER F 95 14.89 41.43 8.47
C SER F 95 14.54 42.30 7.25
N LEU F 96 13.26 42.40 6.89
CA LEU F 96 12.86 43.11 5.67
C LEU F 96 12.47 44.58 5.89
N VAL F 97 12.61 45.11 7.11
CA VAL F 97 12.20 46.49 7.35
C VAL F 97 13.17 47.44 6.66
N LYS F 98 12.62 48.46 6.02
CA LYS F 98 13.41 49.50 5.35
C LYS F 98 12.98 50.86 5.85
N GLU F 99 13.94 51.76 6.00
CA GLU F 99 13.67 53.05 6.66
C GLU F 99 12.67 53.92 5.89
N GLN F 100 12.63 53.80 4.56
CA GLN F 100 11.65 54.54 3.76
C GLN F 100 10.24 54.26 4.25
N PHE F 101 9.97 52.98 4.55
CA PHE F 101 8.66 52.58 5.06
C PHE F 101 8.32 53.31 6.34
N LEU F 102 9.23 53.32 7.32
CA LEU F 102 8.91 54.02 8.57
C LEU F 102 8.90 55.52 8.40
N GLN F 103 9.67 56.03 7.44
CA GLN F 103 9.56 57.45 7.12
C GLN F 103 8.21 57.77 6.49
N LYS F 104 7.83 57.02 5.47
CA LYS F 104 6.54 57.27 4.81
C LYS F 104 5.36 57.07 5.74
N HIS F 105 5.44 56.13 6.70
CA HIS F 105 4.25 55.70 7.45
C HIS F 105 4.34 55.88 8.96
N GLY F 106 5.50 56.25 9.50
CA GLY F 106 5.68 56.39 10.95
C GLY F 106 4.65 57.26 11.64
N ARG F 107 4.06 58.25 10.94
CA ARG F 107 3.01 59.07 11.55
C ARG F 107 1.85 58.20 12.04
N ASN F 108 1.67 57.02 11.43
CA ASN F 108 0.55 56.15 11.74
C ASN F 108 0.95 54.90 12.50
N ILE F 109 2.23 54.59 12.60
CA ILE F 109 2.72 53.46 13.37
C ILE F 109 2.98 53.91 14.79
N ASP F 110 2.28 53.32 15.75
CA ASP F 110 2.49 53.65 17.16
C ASP F 110 3.61 52.82 17.80
N ILE F 111 3.56 51.50 17.65
CA ILE F 111 4.54 50.55 18.21
C ILE F 111 5.09 49.68 17.09
N LEU F 112 6.41 49.55 17.02
CA LEU F 112 7.08 48.55 16.20
C LEU F 112 7.80 47.61 17.15
N ALA F 113 7.43 46.32 17.10
CA ALA F 113 8.01 45.30 17.96
C ALA F 113 8.82 44.34 17.09
N VAL F 114 10.12 44.24 17.40
CA VAL F 114 11.01 43.29 16.75
C VAL F 114 11.16 42.11 17.66
N SER F 115 10.97 40.92 17.12
CA SER F 115 11.18 39.72 17.91
C SER F 115 12.65 39.37 17.89
N CYS F 116 13.21 39.22 19.06
CA CYS F 116 14.63 38.98 19.20
C CYS F 116 14.81 37.99 20.33
N ASP F 117 15.33 36.82 20.00
CA ASP F 117 15.46 35.79 21.03
C ASP F 117 16.88 35.66 21.54
N SER F 118 17.87 36.11 20.78
CA SER F 118 19.24 35.96 21.22
C SER F 118 20.14 36.85 20.38
N PHE F 119 21.28 37.18 20.93
CA PHE F 119 22.30 37.93 20.22
C PHE F 119 23.46 37.04 19.82
N ASN F 120 23.45 35.75 20.15
CA ASN F 120 24.49 34.83 19.72
C ASN F 120 24.02 34.04 18.53
N GLU F 121 24.81 34.07 17.45
CA GLU F 121 24.46 33.31 16.26
C GLU F 121 24.21 31.84 16.58
N ALA F 122 25.05 31.21 17.39
CA ALA F 122 24.84 29.80 17.69
C ALA F 122 23.50 29.58 18.38
N THR F 123 23.17 30.43 19.35
CA THR F 123 21.90 30.26 20.03
C THR F 123 20.72 30.45 19.08
N ASN F 124 20.81 31.41 18.17
CA ASN F 124 19.69 31.60 17.25
C ASN F 124 19.53 30.40 16.32
N ILE F 125 20.63 29.80 15.87
CA ILE F 125 20.53 28.67 14.95
C ILE F 125 19.77 27.53 15.60
N LYS F 126 20.11 27.19 16.85
CA LYS F 126 19.48 26.06 17.52
C LYS F 126 18.00 26.31 17.78
N ILE F 127 17.67 27.52 18.24
CA ILE F 127 16.27 27.89 18.41
C ILE F 127 15.49 27.66 17.12
N GLY F 128 16.10 27.98 15.98
CA GLY F 128 15.47 27.74 14.71
C GLY F 128 15.07 29.00 13.99
N ARG F 129 15.96 29.98 13.91
CA ARG F 129 15.75 31.20 13.12
C ARG F 129 17.06 31.66 12.51
N GLY F 130 17.88 30.71 12.09
CA GLY F 130 19.32 30.85 12.16
C GLY F 130 19.98 31.40 10.92
N SER F 131 21.13 32.04 11.16
CA SER F 131 21.79 32.89 10.20
C SER F 131 22.90 33.63 10.92
N GLY F 132 22.53 34.66 11.69
CA GLY F 132 23.44 35.65 12.22
C GLY F 132 23.97 36.50 11.07
N ASP F 133 24.41 37.72 11.35
CA ASP F 133 24.34 38.28 12.68
C ASP F 133 23.44 39.51 12.54
N ASN F 134 22.14 39.29 12.76
CA ASN F 134 21.08 40.29 12.59
C ASN F 134 21.20 41.50 13.51
N VAL F 135 22.33 41.64 14.20
CA VAL F 135 22.36 42.53 15.35
C VAL F 135 22.41 43.98 14.91
N GLN F 136 23.20 44.29 13.88
CA GLN F 136 23.24 45.70 13.50
C GLN F 136 21.91 46.16 12.94
N LYS F 137 21.17 45.28 12.24
CA LYS F 137 19.84 45.67 11.76
C LYS F 137 18.91 46.02 12.92
N LEU F 138 19.02 45.31 14.04
CA LEU F 138 18.24 45.66 15.23
C LEU F 138 18.58 47.07 15.70
N TYR F 139 19.87 47.43 15.68
CA TYR F 139 20.27 48.78 16.12
C TYR F 139 19.74 49.84 15.17
N GLU F 140 19.78 49.58 13.86
CA GLU F 140 19.23 50.52 12.89
C GLU F 140 17.76 50.75 13.14
N ILE F 141 16.98 49.66 13.23
CA ILE F 141 15.56 49.77 13.54
C ILE F 141 15.36 50.58 14.80
N GLY F 142 16.17 50.32 15.81
CA GLY F 142 16.03 51.07 17.06
C GLY F 142 16.15 52.56 16.84
N SER F 143 17.13 52.97 16.05
CA SER F 143 17.31 54.40 15.88
C SER F 143 16.22 54.98 14.98
N TRP F 144 15.89 54.29 13.87
CA TRP F 144 14.77 54.74 13.04
C TRP F 144 13.52 54.98 13.88
N CYS F 145 13.27 54.13 14.86
CA CYS F 145 12.07 54.35 15.66
C CYS F 145 12.19 55.63 16.49
N GLN F 146 13.39 55.96 16.96
CA GLN F 146 13.56 57.25 17.61
C GLN F 146 13.49 58.37 16.60
N LYS F 147 14.05 58.15 15.41
CA LYS F 147 14.06 59.18 14.39
C LYS F 147 12.65 59.55 13.91
N TYR F 148 11.68 58.64 14.02
CA TYR F 148 10.35 58.90 13.47
C TYR F 148 9.26 58.78 14.53
N ASP F 149 9.61 58.83 15.81
CA ASP F 149 8.63 58.83 16.91
C ASP F 149 7.73 57.59 16.91
N ILE F 150 8.34 56.42 16.68
CA ILE F 150 7.68 55.13 16.83
C ILE F 150 8.25 54.48 18.07
N LYS F 151 7.37 54.03 18.97
CA LYS F 151 7.83 53.29 20.13
C LYS F 151 8.47 51.96 19.73
N PHE F 152 9.54 51.62 20.43
CA PHE F 152 10.37 50.46 20.12
C PHE F 152 10.16 49.42 21.21
N LYS F 153 9.71 48.22 20.79
CA LYS F 153 9.41 47.11 21.69
C LYS F 153 10.22 45.90 21.22
N LEU F 154 10.72 45.10 22.15
CA LEU F 154 11.39 43.85 21.82
C LEU F 154 10.60 42.70 22.41
N ASN F 155 10.45 41.62 21.63
CA ASN F 155 9.76 40.42 22.07
C ASN F 155 10.76 39.27 22.13
N THR F 156 10.94 38.70 23.31
CA THR F 156 11.90 37.63 23.51
C THR F 156 11.19 36.44 24.15
N VAL F 157 11.33 35.29 23.52
CA VAL F 157 10.95 34.02 24.13
C VAL F 157 12.20 33.43 24.77
N VAL F 158 12.17 33.23 26.09
CA VAL F 158 13.30 32.60 26.77
C VAL F 158 12.98 31.12 26.91
N ASN F 159 13.94 30.29 26.51
CA ASN F 159 13.78 28.86 26.33
C ASN F 159 15.05 28.17 26.80
N LYS F 160 15.19 26.88 26.47
CA LYS F 160 16.37 26.11 26.89
C LYS F 160 17.66 26.74 26.40
N PHE F 161 17.67 27.26 25.18
CA PHE F 161 18.96 27.61 24.59
C PHE F 161 19.43 29.00 24.99
N ASN F 162 18.56 29.90 25.40
CA ASN F 162 19.00 31.26 25.67
C ASN F 162 18.81 31.67 27.12
N HIS F 163 18.46 30.75 28.02
CA HIS F 163 18.01 31.19 29.34
C HIS F 163 19.15 31.63 30.24
N LEU F 164 20.39 31.28 29.93
CA LEU F 164 21.53 31.80 30.66
C LEU F 164 22.16 33.01 30.01
N GLU F 165 21.67 33.42 28.84
CA GLU F 165 22.24 34.54 28.12
C GLU F 165 22.12 35.82 28.93
N ASP F 166 23.13 36.70 28.79
CA ASP F 166 23.14 38.00 29.43
C ASP F 166 23.04 39.06 28.35
N MET F 167 21.91 39.77 28.32
CA MET F 167 21.62 40.72 27.26
C MET F 167 21.63 42.17 27.75
N ASN F 168 22.11 42.43 28.98
CA ASN F 168 21.98 43.77 29.54
C ASN F 168 22.68 44.82 28.66
N ASP F 169 23.89 44.51 28.18
CA ASP F 169 24.62 45.50 27.39
C ASP F 169 23.83 45.90 26.17
N HIS F 170 23.37 44.92 25.40
CA HIS F 170 22.54 45.21 24.24
C HIS F 170 21.28 45.96 24.63
N LEU F 171 20.58 45.53 25.69
CA LEU F 171 19.34 46.22 26.04
C LEU F 171 19.61 47.65 26.52
N ASN F 172 20.79 47.92 27.08
CA ASN F 172 21.16 49.27 27.46
C ASN F 172 21.35 50.16 26.23
N ALA F 173 22.00 49.64 25.18
CA ALA F 173 22.14 50.39 23.95
C ALA F 173 20.79 50.59 23.27
N LEU F 174 20.09 49.49 22.95
CA LEU F 174 18.82 49.53 22.24
C LEU F 174 17.82 50.46 22.91
N GLN F 175 17.67 50.35 24.23
CA GLN F 175 16.73 51.15 24.99
C GLN F 175 15.31 51.06 24.42
N PRO F 176 14.73 49.85 24.37
CA PRO F 176 13.35 49.74 23.92
C PRO F 176 12.44 50.28 25.00
N PHE F 177 11.27 50.74 24.59
CA PHE F 177 10.36 51.21 25.62
C PHE F 177 9.73 50.05 26.36
N ARG F 178 9.73 48.88 25.77
CA ARG F 178 9.26 47.72 26.50
C ARG F 178 9.94 46.49 25.93
N TRP F 179 10.28 45.57 26.84
CA TRP F 179 10.96 44.32 26.53
C TRP F 179 10.11 43.21 27.10
N LYS F 180 9.35 42.55 26.24
CA LYS F 180 8.42 41.53 26.67
C LYS F 180 9.15 40.18 26.63
N CYS F 181 9.26 39.51 27.79
CA CYS F 181 9.96 38.24 27.86
C CYS F 181 8.96 37.16 28.23
N PHE F 182 8.77 36.20 27.32
CA PHE F 182 7.83 35.12 27.51
C PHE F 182 8.55 33.88 27.95
N GLN F 183 8.04 33.19 28.96
CA GLN F 183 8.48 31.82 29.19
C GLN F 183 7.95 30.97 28.06
N VAL F 184 8.80 30.14 27.46
CA VAL F 184 8.35 29.34 26.33
C VAL F 184 7.29 28.36 26.80
N LEU F 185 6.32 28.10 25.94
CA LEU F 185 5.31 27.07 26.14
C LEU F 185 5.17 26.34 24.82
N ILE F 186 5.23 25.01 24.84
CA ILE F 186 5.16 24.21 23.62
C ILE F 186 3.89 23.35 23.67
N VAL F 187 3.04 23.47 22.63
CA VAL F 187 1.78 22.73 22.56
C VAL F 187 1.91 21.61 21.53
N THR F 188 1.07 20.59 21.71
CA THR F 188 1.27 19.35 20.99
C THR F 188 -0.06 18.79 20.48
N LEU F 197 6.86 14.42 21.46
CA LEU F 197 8.03 14.65 20.61
C LEU F 197 9.14 15.31 21.38
N ARG F 198 9.64 14.63 22.45
CA ARG F 198 10.87 14.86 23.23
C ARG F 198 11.60 16.19 22.98
N ASN F 199 11.38 16.83 21.81
CA ASN F 199 11.76 18.21 21.51
C ASN F 199 10.79 19.27 22.11
N ALA F 200 9.79 18.88 22.92
CA ALA F 200 9.02 19.84 23.74
C ALA F 200 9.54 19.94 25.17
N HIS F 201 9.59 18.82 25.92
CA HIS F 201 10.29 18.82 27.21
C HIS F 201 11.82 18.96 27.06
N SER F 202 12.30 18.97 25.80
CA SER F 202 13.59 19.51 25.40
C SER F 202 13.81 20.92 25.94
N LEU F 203 12.94 21.81 25.47
CA LEU F 203 13.13 23.23 25.23
C LEU F 203 12.39 24.04 26.25
N THR F 204 11.54 23.39 27.03
CA THR F 204 10.93 24.00 28.18
C THR F 204 12.01 24.32 29.18
N ILE F 205 11.73 25.32 29.99
CA ILE F 205 12.57 25.67 31.11
C ILE F 205 11.70 25.70 32.34
N SER F 206 12.30 25.41 33.49
CA SER F 206 11.60 25.46 34.76
C SER F 206 11.21 26.91 35.10
N ASP F 207 10.22 27.07 35.99
CA ASP F 207 9.87 28.41 36.42
C ASP F 207 11.04 29.08 37.13
N ASP F 208 11.90 28.27 37.78
CA ASP F 208 13.11 28.80 38.43
C ASP F 208 14.07 29.40 37.41
N GLU F 209 14.38 28.64 36.35
CA GLU F 209 15.23 29.15 35.29
C GLU F 209 14.65 30.43 34.68
N PHE F 210 13.32 30.49 34.51
CA PHE F 210 12.74 31.69 33.95
C PHE F 210 12.90 32.88 34.89
N ASP F 211 12.82 32.64 36.20
CA ASP F 211 13.00 33.74 37.12
C ASP F 211 14.46 34.17 37.18
N ARG F 212 15.39 33.19 37.18
CA ARG F 212 16.80 33.53 37.12
C ARG F 212 17.12 34.42 35.93
N PHE F 213 16.52 34.13 34.76
CA PHE F 213 16.74 34.98 33.58
C PHE F 213 16.26 36.39 33.86
N CYS F 214 15.09 36.53 34.47
CA CYS F 214 14.56 37.86 34.69
C CYS F 214 15.37 38.60 35.76
N GLU F 215 15.81 37.87 36.79
CA GLU F 215 16.64 38.43 37.84
C GLU F 215 17.94 38.97 37.26
N ARG F 216 18.60 38.18 36.42
CA ARG F 216 19.82 38.63 35.76
C ARG F 216 19.62 39.90 34.95
N HIS F 217 18.39 40.31 34.66
CA HIS F 217 18.16 41.52 33.88
C HIS F 217 17.34 42.56 34.64
N SER F 218 17.36 42.48 35.98
CA SER F 218 16.54 43.34 36.84
C SER F 218 16.88 44.82 36.74
N SER F 219 18.08 45.17 36.26
CA SER F 219 18.42 46.57 36.06
C SER F 219 17.70 47.18 34.88
N GLN F 220 16.90 46.39 34.18
CA GLN F 220 16.31 46.83 32.93
C GLN F 220 14.88 47.29 33.24
N THR F 221 14.69 48.61 33.27
CA THR F 221 13.38 49.16 33.61
C THR F 221 12.31 48.77 32.59
N CYS F 222 12.70 48.40 31.36
CA CYS F 222 11.72 48.00 30.36
C CYS F 222 11.29 46.53 30.46
N LEU F 223 11.88 45.71 31.32
CA LEU F 223 11.56 44.28 31.37
C LEU F 223 10.13 44.05 31.82
N VAL F 224 9.34 43.36 31.00
CA VAL F 224 8.00 42.90 31.39
C VAL F 224 7.92 41.40 31.20
N PRO F 225 7.94 40.61 32.26
CA PRO F 225 7.88 39.16 32.11
C PRO F 225 6.46 38.65 31.97
N GLU F 226 6.35 37.50 31.30
CA GLU F 226 5.11 36.74 31.24
C GLU F 226 5.46 35.27 31.39
N PRO F 227 5.34 34.71 32.59
CA PRO F 227 5.51 33.28 32.77
C PRO F 227 4.26 32.52 32.40
N ASN F 228 4.44 31.22 32.15
CA ASN F 228 3.32 30.35 31.85
C ASN F 228 2.24 30.36 32.93
N ARG F 229 2.62 30.49 34.22
CA ARG F 229 1.65 30.57 35.32
C ARG F 229 0.56 31.61 35.10
N LEU F 230 0.90 32.72 34.44
CA LEU F 230 -0.05 33.82 34.40
C LEU F 230 0.16 34.56 33.07
N MET F 231 -0.49 34.05 32.02
CA MET F 231 -0.47 34.73 30.72
C MET F 231 -1.54 35.82 30.67
N ALA F 232 -1.31 36.78 29.79
CA ALA F 232 -2.29 37.84 29.54
C ALA F 232 -3.52 37.27 28.84
N LYS F 233 -4.65 37.88 29.11
CA LYS F 233 -5.90 37.34 28.59
C LYS F 233 -6.42 38.18 27.41
N SER F 234 -7.64 37.88 26.99
CA SER F 234 -8.33 38.60 25.90
C SER F 234 -7.50 38.66 24.63
N TYR F 235 -6.81 37.57 24.32
CA TYR F 235 -5.89 37.56 23.19
C TYR F 235 -6.59 36.89 22.01
N LEU F 236 -7.01 37.69 21.03
CA LEU F 236 -7.84 37.26 19.92
C LEU F 236 -7.09 37.40 18.61
N ILE F 237 -7.08 36.35 17.80
CA ILE F 237 -6.36 36.33 16.53
C ILE F 237 -7.36 36.31 15.38
N LEU F 238 -7.17 37.22 14.44
CA LEU F 238 -7.89 37.30 13.17
C LEU F 238 -6.92 36.84 12.09
N ASP F 239 -7.28 35.78 11.38
CA ASP F 239 -6.31 35.13 10.52
C ASP F 239 -6.35 35.72 9.12
N GLU F 240 -5.62 35.11 8.19
CA GLU F 240 -5.46 35.71 6.89
C GLU F 240 -6.74 35.69 6.07
N TYR F 241 -7.72 34.87 6.43
CA TYR F 241 -9.02 34.91 5.78
C TYR F 241 -10.00 35.76 6.56
N MET F 242 -9.51 36.44 7.60
CA MET F 242 -10.32 37.26 8.53
C MET F 242 -11.35 36.41 9.27
N ARG F 243 -10.94 35.20 9.62
CA ARG F 243 -11.72 34.43 10.56
C ARG F 243 -10.98 34.35 11.90
N PHE F 244 -11.74 34.15 12.98
CA PHE F 244 -11.18 34.10 14.33
C PHE F 244 -10.70 32.69 14.64
N LEU F 245 -9.66 32.60 15.45
CA LEU F 245 -9.16 31.32 15.93
C LEU F 245 -9.69 31.07 17.33
N ASP F 246 -9.72 29.80 17.74
CA ASP F 246 -10.25 29.47 19.06
C ASP F 246 -9.15 29.54 20.11
N ARG F 247 -9.46 29.13 21.34
CA ARG F 247 -8.52 29.31 22.44
C ARG F 247 -7.28 28.46 22.27
N ASN F 248 -7.21 27.65 21.21
CA ASN F 248 -6.04 26.85 20.90
C ASN F 248 -5.32 27.31 19.64
N GLY F 249 -5.76 28.39 19.02
CA GLY F 249 -5.23 28.76 17.71
C GLY F 249 -5.76 27.95 16.56
N GLN F 250 -6.74 27.06 16.78
CA GLN F 250 -7.27 26.16 15.77
C GLN F 250 -8.73 26.49 15.47
N GLN F 251 -9.33 25.62 14.65
CA GLN F 251 -10.78 25.56 14.44
C GLN F 251 -11.38 26.91 14.11
N PRO F 252 -10.91 27.57 13.03
CA PRO F 252 -11.39 28.92 12.75
C PRO F 252 -12.87 28.98 12.42
N SER F 253 -13.47 30.14 12.72
CA SER F 253 -14.85 30.46 12.35
C SER F 253 -14.96 30.69 10.85
N LYS F 254 -16.17 31.00 10.38
CA LYS F 254 -16.24 31.52 9.03
C LYS F 254 -15.72 32.95 9.06
N SER F 255 -15.43 33.50 7.90
CA SER F 255 -14.91 34.86 7.88
C SER F 255 -15.91 35.85 8.49
N ILE F 256 -15.41 36.87 9.20
CA ILE F 256 -16.32 37.92 9.61
C ILE F 256 -16.99 38.57 8.39
N LEU F 257 -16.34 38.48 7.22
CA LEU F 257 -16.88 38.99 5.95
C LEU F 257 -18.14 38.23 5.52
N GLU F 258 -18.29 36.99 5.97
CA GLU F 258 -19.45 36.18 5.66
C GLU F 258 -20.51 36.23 6.75
N VAL F 259 -20.12 36.00 8.01
CA VAL F 259 -21.09 35.87 9.09
C VAL F 259 -21.03 37.02 10.08
N GLY F 260 -20.08 37.93 9.97
CA GLY F 260 -20.02 39.06 10.87
C GLY F 260 -19.30 38.74 12.17
N VAL F 261 -19.02 39.81 12.91
CA VAL F 261 -18.14 39.69 14.07
C VAL F 261 -18.79 38.83 15.15
N GLN F 262 -20.05 39.11 15.47
CA GLN F 262 -20.66 38.48 16.63
C GLN F 262 -20.83 36.99 16.42
N GLN F 263 -21.35 36.57 15.26
CA GLN F 263 -21.57 35.15 15.05
C GLN F 263 -20.26 34.41 14.96
N ALA F 264 -19.22 35.08 14.48
CA ALA F 264 -17.90 34.46 14.40
C ALA F 264 -17.32 34.22 15.79
N LEU F 265 -17.44 35.20 16.68
CA LEU F 265 -17.01 35.02 18.07
C LEU F 265 -17.67 33.80 18.71
N GLN F 266 -18.97 33.60 18.49
CA GLN F 266 -19.63 32.43 19.07
C GLN F 266 -19.11 31.12 18.48
N ALA F 267 -18.78 31.11 17.19
CA ALA F 267 -18.28 29.87 16.60
C ALA F 267 -16.97 29.43 17.24
N VAL F 268 -16.16 30.35 17.78
CA VAL F 268 -14.90 29.98 18.42
C VAL F 268 -14.99 30.00 19.94
N PHE F 269 -16.18 29.99 20.52
CA PHE F 269 -16.35 29.93 21.98
C PHE F 269 -15.60 31.06 22.66
N TRP F 270 -15.81 32.29 22.18
CA TRP F 270 -15.07 33.42 22.69
C TRP F 270 -15.35 33.58 24.18
N ASP F 271 -14.28 33.81 24.94
CA ASP F 271 -14.34 33.97 26.40
C ASP F 271 -13.03 34.63 26.82
N GLU F 272 -13.11 35.92 27.19
CA GLU F 272 -11.91 36.72 27.45
C GLU F 272 -10.91 35.98 28.32
N GLU F 273 -11.41 35.36 29.40
CA GLU F 273 -10.50 34.73 30.34
C GLU F 273 -9.80 33.50 29.75
N ALA F 274 -10.35 32.86 28.72
CA ALA F 274 -9.79 31.61 28.22
C ALA F 274 -8.82 31.79 27.06
N PHE F 275 -8.77 32.99 26.48
CA PHE F 275 -7.94 33.25 25.30
C PHE F 275 -6.63 33.89 25.75
N VAL F 276 -5.61 33.04 26.00
CA VAL F 276 -4.32 33.50 26.50
C VAL F 276 -3.43 33.95 25.34
N GLU F 277 -2.47 34.81 25.68
CA GLU F 277 -1.37 35.23 24.80
C GLU F 277 -0.71 34.05 24.12
N ARG F 278 -0.72 34.05 22.78
CA ARG F 278 -0.02 33.03 22.03
C ARG F 278 1.44 33.42 21.76
N GLY F 279 1.90 34.56 22.27
CA GLY F 279 3.24 35.05 21.94
C GLY F 279 4.39 34.23 22.51
N GLY F 280 4.21 33.62 23.67
CA GLY F 280 5.24 32.74 24.17
C GLY F 280 5.08 31.32 23.69
N ILE F 281 4.05 31.06 22.94
CA ILE F 281 3.67 29.70 22.58
C ILE F 281 4.41 29.27 21.32
N TYR F 282 4.85 28.05 21.29
CA TYR F 282 5.31 27.40 20.07
C TYR F 282 4.22 26.41 19.65
N ASP F 283 3.41 26.80 18.64
CA ASP F 283 2.19 26.09 18.22
C ASP F 283 2.50 24.97 17.20
N TRP F 284 2.38 23.71 17.62
CA TRP F 284 2.83 22.57 16.80
C TRP F 284 1.72 21.50 16.54
N GLY G 7 43.40 -3.32 26.10
CA GLY G 7 42.88 -2.89 24.80
C GLY G 7 43.92 -2.26 23.89
N GLN G 8 44.42 -1.06 24.23
CA GLN G 8 43.77 -0.09 25.12
C GLN G 8 43.58 1.10 24.20
N VAL G 9 43.04 2.23 24.68
CA VAL G 9 42.77 3.31 23.73
C VAL G 9 44.11 3.83 23.20
N PRO G 10 44.12 4.26 21.95
CA PRO G 10 45.30 4.93 21.42
C PRO G 10 45.49 6.25 22.14
N VAL G 11 46.67 6.85 21.95
CA VAL G 11 46.99 8.09 22.63
C VAL G 11 45.96 9.15 22.30
N SER G 12 45.26 9.00 21.19
CA SER G 12 44.44 10.07 20.64
C SER G 12 43.03 9.54 20.36
N VAL G 13 42.01 10.31 20.76
CA VAL G 13 40.62 9.92 20.64
C VAL G 13 39.84 11.08 20.07
N ASN G 14 39.01 10.83 19.06
CA ASN G 14 38.21 11.87 18.44
C ASN G 14 36.82 11.80 19.05
N TYR G 15 36.39 12.87 19.69
CA TYR G 15 35.12 12.85 20.41
C TYR G 15 34.10 13.61 19.57
N HIS G 16 33.35 12.89 18.74
CA HIS G 16 32.28 13.54 17.97
C HIS G 16 31.11 13.81 18.90
N PHE G 17 31.23 14.89 19.68
CA PHE G 17 30.30 15.03 20.79
C PHE G 17 28.92 15.51 20.36
N SER G 18 28.73 15.87 19.08
CA SER G 18 27.41 16.16 18.58
C SER G 18 27.35 15.71 17.14
N ARG G 19 26.16 15.31 16.71
CA ARG G 19 25.88 14.84 15.34
C ARG G 19 25.62 16.13 14.50
N LYS G 20 25.99 16.33 13.21
CA LYS G 20 26.27 15.49 12.03
C LYS G 20 24.93 15.41 11.27
N THR G 34 18.93 21.10 18.08
CA THR G 34 18.28 19.80 18.27
C THR G 34 19.17 18.63 17.83
N SER G 35 19.70 17.91 18.83
CA SER G 35 20.74 16.87 18.72
C SER G 35 21.20 16.53 20.13
N HIS G 36 21.53 15.27 20.41
CA HIS G 36 21.96 14.91 21.76
C HIS G 36 23.40 15.34 22.01
N VAL G 37 23.64 15.78 23.24
CA VAL G 37 24.97 16.14 23.74
C VAL G 37 24.99 15.74 25.21
N GLU G 38 26.09 15.15 25.67
CA GLU G 38 26.17 14.75 27.07
C GLU G 38 26.06 15.98 27.98
N LYS G 39 25.47 15.78 29.16
CA LYS G 39 25.62 16.79 30.17
C LYS G 39 27.10 16.85 30.55
N PRO G 40 27.62 18.04 30.90
CA PRO G 40 29.06 18.16 31.22
C PRO G 40 29.61 17.19 32.27
N GLU G 41 28.83 16.85 33.31
CA GLU G 41 29.32 15.92 34.33
C GLU G 41 29.62 14.58 33.72
N ASN G 42 28.71 14.09 32.87
CA ASN G 42 28.93 12.78 32.26
C ASN G 42 30.09 12.82 31.30
N ALA G 43 30.15 13.86 30.46
CA ALA G 43 31.28 14.01 29.55
C ALA G 43 32.58 13.97 30.32
N LYS G 44 32.64 14.72 31.42
CA LYS G 44 33.86 14.73 32.22
C LYS G 44 34.18 13.34 32.75
N ARG G 45 33.15 12.60 33.19
CA ARG G 45 33.42 11.27 33.70
C ARG G 45 33.94 10.38 32.59
N GLY G 46 33.31 10.44 31.41
CA GLY G 46 33.78 9.64 30.30
C GLY G 46 35.18 10.01 29.87
N LEU G 47 35.45 11.31 29.77
CA LEU G 47 36.78 11.71 29.36
C LEU G 47 37.80 11.23 30.37
N THR G 48 37.41 11.13 31.65
CA THR G 48 38.35 10.65 32.65
C THR G 48 38.61 9.16 32.50
N LEU G 49 37.54 8.38 32.28
CA LEU G 49 37.71 6.96 31.98
C LEU G 49 38.71 6.76 30.83
N LEU G 50 38.61 7.59 29.78
CA LEU G 50 39.50 7.49 28.63
C LEU G 50 40.94 7.83 29.02
N LYS G 51 41.12 8.84 29.87
CA LYS G 51 42.47 9.21 30.29
C LYS G 51 43.10 8.08 31.10
N GLN G 52 42.34 7.51 32.05
CA GLN G 52 42.82 6.35 32.79
C GLN G 52 43.09 5.17 31.87
N ALA G 53 42.51 5.16 30.69
CA ALA G 53 42.74 4.07 29.75
C ALA G 53 43.96 4.31 28.88
N GLY G 54 44.59 5.48 28.99
CA GLY G 54 45.76 5.75 28.19
C GLY G 54 45.63 6.91 27.22
N MET G 55 44.50 7.61 27.24
CA MET G 55 44.32 8.75 26.35
C MET G 55 45.20 9.93 26.80
N LYS G 56 45.98 10.45 25.87
CA LYS G 56 46.83 11.60 26.11
C LYS G 56 46.46 12.80 25.25
N LYS G 57 45.78 12.60 24.12
CA LYS G 57 45.39 13.68 23.23
C LYS G 57 43.92 13.54 22.90
N ILE G 58 43.21 14.65 22.85
CA ILE G 58 41.81 14.61 22.45
C ILE G 58 41.59 15.58 21.30
N ASN G 59 40.65 15.22 20.44
CA ASN G 59 40.30 15.99 19.25
C ASN G 59 38.79 16.16 19.22
N PHE G 60 38.31 17.40 19.27
CA PHE G 60 36.89 17.64 19.53
C PHE G 60 36.10 17.63 18.25
N ALA G 61 35.22 16.64 18.18
CA ALA G 61 33.98 16.49 17.42
C ALA G 61 34.19 16.60 15.95
N GLY G 62 33.05 16.52 15.31
CA GLY G 62 32.88 16.60 13.88
C GLY G 62 31.43 16.21 14.10
N GLY G 63 30.53 17.19 14.10
CA GLY G 63 30.87 18.60 14.03
C GLY G 63 29.46 19.06 14.15
N GLU G 64 29.15 20.35 14.18
CA GLU G 64 30.09 21.45 14.21
C GLU G 64 30.27 21.89 15.65
N PRO G 65 31.45 21.67 16.22
CA PRO G 65 31.61 21.92 17.66
C PRO G 65 31.17 23.29 18.13
N PHE G 66 31.49 24.35 17.38
CA PHE G 66 31.20 25.71 17.85
C PHE G 66 29.71 26.04 17.85
N LEU G 67 28.86 25.09 17.47
CA LEU G 67 27.44 25.22 17.74
C LEU G 67 27.16 25.18 19.24
N TYR G 68 28.08 24.61 20.02
CA TYR G 68 27.88 24.44 21.46
C TYR G 68 29.06 25.04 22.20
N PRO G 69 29.17 26.38 22.20
CA PRO G 69 30.35 27.01 22.77
C PRO G 69 30.51 26.78 24.26
N LYS G 70 29.42 26.78 25.02
CA LYS G 70 29.58 26.63 26.47
C LYS G 70 30.11 25.24 26.81
N PHE G 71 29.55 24.19 26.18
CA PHE G 71 30.06 22.84 26.35
C PHE G 71 31.51 22.71 25.86
N LEU G 72 31.79 23.13 24.62
CA LEU G 72 33.16 23.12 24.10
C LEU G 72 34.13 23.78 25.08
N GLY G 73 33.75 24.95 25.59
CA GLY G 73 34.63 25.67 26.49
C GLY G 73 34.93 24.89 27.75
N GLU G 74 33.88 24.36 28.40
CA GLU G 74 34.09 23.59 29.63
C GLU G 74 34.98 22.38 29.38
N MET G 75 34.71 21.65 28.31
CA MET G 75 35.42 20.40 28.07
C MET G 75 36.85 20.66 27.65
N ILE G 76 37.09 21.72 26.89
CA ILE G 76 38.46 22.11 26.58
C ILE G 76 39.23 22.38 27.87
N ASP G 77 38.63 23.19 28.76
CA ASP G 77 39.32 23.55 29.99
C ASP G 77 39.56 22.33 30.86
N PHE G 78 38.51 21.53 31.06
CA PHE G 78 38.65 20.33 31.85
C PHE G 78 39.79 19.47 31.33
N CYS G 79 39.90 19.36 30.00
CA CYS G 79 40.90 18.48 29.41
C CYS G 79 42.32 19.01 29.58
N LYS G 80 42.51 20.32 29.42
CA LYS G 80 43.87 20.84 29.58
C LYS G 80 44.23 21.03 31.04
N GLU G 81 43.29 21.55 31.83
CA GLU G 81 43.58 21.94 33.21
C GLU G 81 43.47 20.76 34.17
N THR G 82 42.31 20.13 34.27
CA THR G 82 42.26 19.08 35.28
C THR G 82 42.78 17.73 34.76
N LEU G 83 42.58 17.34 33.49
CA LEU G 83 43.15 16.07 33.04
C LEU G 83 44.59 16.17 32.54
N GLN G 84 45.11 17.37 32.34
CA GLN G 84 46.47 17.59 31.84
C GLN G 84 46.82 16.71 30.64
N LEU G 85 46.01 16.86 29.61
CA LEU G 85 46.24 16.19 28.35
C LEU G 85 47.30 16.94 27.55
N GLU G 86 48.10 16.18 26.82
CA GLU G 86 49.17 16.80 26.02
C GLU G 86 48.61 17.71 24.93
N SER G 87 47.54 17.28 24.29
CA SER G 87 47.02 17.95 23.11
C SER G 87 45.50 18.02 23.14
N VAL G 88 44.98 19.23 22.96
CA VAL G 88 43.56 19.49 22.80
C VAL G 88 43.39 20.16 21.45
N SER G 89 42.66 19.52 20.55
CA SER G 89 42.41 20.12 19.25
C SER G 89 40.92 20.17 18.98
N ILE G 90 40.52 21.07 18.07
CA ILE G 90 39.13 21.18 17.63
C ILE G 90 39.11 21.16 16.10
N VAL G 91 38.09 20.54 15.52
CA VAL G 91 37.84 20.62 14.09
C VAL G 91 36.56 21.41 13.89
N THR G 92 36.61 22.43 13.02
CA THR G 92 35.43 23.26 12.77
C THR G 92 35.37 23.62 11.30
N ASN G 93 34.19 24.07 10.87
CA ASN G 93 34.06 24.68 9.56
C ASN G 93 34.31 26.20 9.58
N GLY G 94 34.51 26.81 10.75
CA GLY G 94 34.92 28.17 10.85
C GLY G 94 33.81 29.16 11.07
N SER G 95 32.62 28.88 10.57
CA SER G 95 31.60 29.93 10.50
C SER G 95 31.21 30.45 11.86
N LEU G 96 31.26 29.62 12.88
CA LEU G 96 30.73 30.07 14.16
C LEU G 96 31.80 30.47 15.12
N VAL G 97 33.07 30.40 14.72
CA VAL G 97 34.18 30.76 15.58
C VAL G 97 34.15 32.26 15.84
N LYS G 98 34.07 32.66 17.10
CA LYS G 98 34.08 34.07 17.46
C LYS G 98 35.36 34.36 18.22
N GLU G 99 35.95 35.54 17.97
CA GLU G 99 37.28 35.81 18.52
C GLU G 99 37.30 35.64 20.02
N GLN G 100 36.21 35.98 20.69
CA GLN G 100 36.25 36.02 22.14
C GLN G 100 36.45 34.61 22.73
N PHE G 101 35.90 33.58 22.08
CA PHE G 101 36.13 32.21 22.54
C PHE G 101 37.61 31.85 22.52
N LEU G 102 38.32 32.23 21.45
CA LEU G 102 39.72 31.85 21.34
C LEU G 102 40.57 32.55 22.40
N GLN G 103 40.27 33.79 22.70
CA GLN G 103 41.07 34.50 23.68
C GLN G 103 40.82 34.00 25.09
N LYS G 104 39.56 33.66 25.43
CA LYS G 104 39.22 33.06 26.72
C LYS G 104 39.88 31.69 26.91
N HIS G 105 39.90 30.86 25.87
CA HIS G 105 40.31 29.46 25.98
C HIS G 105 41.62 29.12 25.27
N GLY G 106 42.24 30.08 24.56
CA GLY G 106 43.43 29.75 23.77
C GLY G 106 44.58 29.18 24.57
N ARG G 107 44.66 29.51 25.87
CA ARG G 107 45.65 28.86 26.72
C ARG G 107 45.49 27.35 26.67
N ASN G 108 44.30 26.85 26.34
CA ASN G 108 44.01 25.43 26.44
C ASN G 108 43.77 24.76 25.11
N ILE G 109 43.78 25.51 24.01
CA ILE G 109 43.64 24.96 22.68
C ILE G 109 45.02 24.84 22.03
N ASP G 110 45.45 23.61 21.77
CA ASP G 110 46.74 23.40 21.09
C ASP G 110 46.64 23.57 19.57
N ILE G 111 45.61 23.00 18.94
CA ILE G 111 45.42 23.05 17.50
C ILE G 111 43.98 23.40 17.18
N LEU G 112 43.77 24.39 16.32
CA LEU G 112 42.44 24.66 15.75
C LEU G 112 42.52 24.33 14.28
N ALA G 113 41.78 23.30 13.85
CA ALA G 113 41.79 22.85 12.46
C ALA G 113 40.48 23.24 11.80
N VAL G 114 40.55 23.99 10.70
CA VAL G 114 39.39 24.40 9.93
C VAL G 114 39.32 23.56 8.68
N SER G 115 38.13 23.13 8.29
CA SER G 115 38.01 22.31 7.08
C SER G 115 37.60 23.20 5.92
N CYS G 116 38.42 23.20 4.89
CA CYS G 116 38.22 24.05 3.74
C CYS G 116 38.55 23.23 2.50
N ASP G 117 37.55 22.99 1.66
CA ASP G 117 37.81 22.16 0.49
C ASP G 117 38.14 22.97 -0.74
N SER G 118 37.79 24.26 -0.76
CA SER G 118 38.01 25.07 -1.95
C SER G 118 37.89 26.54 -1.59
N PHE G 119 38.51 27.38 -2.42
CA PHE G 119 38.37 28.83 -2.30
C PHE G 119 37.42 29.43 -3.33
N ASN G 120 36.86 28.61 -4.20
CA ASN G 120 35.92 29.07 -5.22
C ASN G 120 34.51 28.70 -4.79
N GLU G 121 33.62 29.69 -4.87
CA GLU G 121 32.24 29.49 -4.44
C GLU G 121 31.57 28.40 -5.27
N ALA G 122 31.72 28.45 -6.59
CA ALA G 122 31.09 27.42 -7.42
C ALA G 122 31.51 26.02 -7.00
N THR G 123 32.79 25.84 -6.68
CA THR G 123 33.25 24.53 -6.22
C THR G 123 32.63 24.17 -4.89
N ASN G 124 32.58 25.11 -3.95
CA ASN G 124 31.97 24.83 -2.66
C ASN G 124 30.51 24.43 -2.82
N ILE G 125 29.77 25.11 -3.70
CA ILE G 125 28.37 24.77 -3.93
C ILE G 125 28.23 23.35 -4.50
N LYS G 126 29.08 22.97 -5.43
CA LYS G 126 28.98 21.65 -6.03
C LYS G 126 29.42 20.54 -5.06
N ILE G 127 30.46 20.79 -4.26
CA ILE G 127 30.86 19.82 -3.23
C ILE G 127 29.74 19.64 -2.20
N GLY G 128 28.99 20.70 -1.89
CA GLY G 128 27.89 20.58 -0.96
C GLY G 128 28.12 21.33 0.33
N ARG G 129 28.85 22.44 0.26
CA ARG G 129 29.14 23.27 1.42
C ARG G 129 28.51 24.65 1.30
N GLY G 130 27.58 24.82 0.35
CA GLY G 130 26.91 26.07 0.04
C GLY G 130 27.86 27.26 -0.02
N SER G 131 27.84 28.08 1.05
CA SER G 131 28.79 29.16 1.25
C SER G 131 28.76 30.17 0.10
N GLY G 132 29.59 31.20 0.20
CA GLY G 132 29.49 32.32 -0.70
C GLY G 132 29.52 33.70 -0.05
N ASP G 133 30.72 34.11 0.31
CA ASP G 133 31.92 33.33 0.03
C ASP G 133 32.62 33.04 1.36
N ASN G 134 32.62 31.77 1.83
CA ASN G 134 33.15 31.32 3.15
C ASN G 134 34.67 31.01 3.13
N VAL G 135 35.45 31.98 2.63
CA VAL G 135 36.88 32.14 2.92
C VAL G 135 37.17 33.40 3.72
N GLN G 136 36.14 34.22 4.04
CA GLN G 136 36.33 35.37 4.94
C GLN G 136 36.83 34.90 6.30
N LYS G 137 36.13 33.93 6.93
CA LYS G 137 36.49 33.54 8.28
C LYS G 137 37.81 32.80 8.30
N LEU G 138 38.29 32.29 7.17
CA LEU G 138 39.55 31.57 7.19
C LEU G 138 40.69 32.44 7.69
N TYR G 139 40.79 33.65 7.17
CA TYR G 139 41.90 34.49 7.57
C TYR G 139 41.71 35.02 8.95
N GLU G 140 40.51 35.54 9.22
CA GLU G 140 40.14 35.95 10.56
C GLU G 140 40.64 34.94 11.57
N ILE G 141 40.36 33.66 11.32
CA ILE G 141 40.69 32.61 12.27
C ILE G 141 42.20 32.40 12.32
N GLY G 142 42.85 32.36 11.16
CA GLY G 142 44.30 32.29 11.15
C GLY G 142 44.92 33.44 11.93
N SER G 143 44.39 34.64 11.73
CA SER G 143 44.85 35.79 12.50
C SER G 143 44.68 35.54 13.99
N TRP G 144 43.48 35.15 14.41
CA TRP G 144 43.22 34.84 15.80
C TRP G 144 44.17 33.76 16.32
N CYS G 145 44.49 32.77 15.49
CA CYS G 145 45.33 31.70 16.00
C CYS G 145 46.72 32.22 16.27
N GLN G 146 47.19 33.15 15.43
CA GLN G 146 48.48 33.78 15.66
C GLN G 146 48.41 34.64 16.90
N LYS G 147 47.33 35.41 17.03
CA LYS G 147 47.16 36.30 18.16
C LYS G 147 47.19 35.56 19.48
N TYR G 148 46.66 34.32 19.56
CA TYR G 148 46.48 33.68 20.86
C TYR G 148 47.26 32.39 20.96
N ASP G 149 48.28 32.22 20.12
CA ASP G 149 49.28 31.17 20.26
C ASP G 149 48.66 29.79 20.10
N ILE G 150 47.85 29.63 19.05
CA ILE G 150 47.17 28.38 18.72
C ILE G 150 47.72 27.93 17.38
N LYS G 151 48.16 26.68 17.30
CA LYS G 151 48.58 26.14 16.00
C LYS G 151 47.36 26.06 15.09
N PHE G 152 47.49 26.58 13.87
CA PHE G 152 46.42 26.65 12.88
C PHE G 152 46.59 25.54 11.83
N LYS G 153 45.54 24.74 11.62
CA LYS G 153 45.62 23.62 10.70
C LYS G 153 44.49 23.69 9.69
N LEU G 154 44.76 23.32 8.42
CA LEU G 154 43.74 23.18 7.39
C LEU G 154 43.57 21.72 7.00
N ASN G 155 42.31 21.26 6.96
CA ASN G 155 41.96 19.94 6.43
C ASN G 155 41.19 20.09 5.12
N THR G 156 41.77 19.60 4.02
CA THR G 156 41.15 19.67 2.72
C THR G 156 40.86 18.28 2.20
N VAL G 157 39.65 18.05 1.69
CA VAL G 157 39.34 16.82 0.97
C VAL G 157 39.47 17.07 -0.53
N VAL G 158 40.41 16.37 -1.18
CA VAL G 158 40.61 16.51 -2.62
C VAL G 158 39.65 15.57 -3.35
N ASN G 159 38.86 16.12 -4.27
CA ASN G 159 37.79 15.37 -4.91
C ASN G 159 37.61 15.86 -6.35
N LYS G 160 36.59 15.32 -7.04
CA LYS G 160 36.46 15.62 -8.47
C LYS G 160 36.31 17.10 -8.73
N PHE G 161 35.70 17.83 -7.81
CA PHE G 161 35.35 19.21 -8.06
C PHE G 161 36.47 20.17 -7.72
N ASN G 162 37.49 19.76 -6.98
CA ASN G 162 38.53 20.72 -6.66
C ASN G 162 39.93 20.23 -7.01
N HIS G 163 40.06 19.10 -7.70
CA HIS G 163 41.39 18.50 -7.82
C HIS G 163 42.28 19.27 -8.77
N LEU G 164 41.70 20.17 -9.58
CA LEU G 164 42.48 21.02 -10.48
C LEU G 164 42.84 22.35 -9.85
N GLU G 165 42.13 22.76 -8.81
CA GLU G 165 42.33 24.07 -8.20
C GLU G 165 43.80 24.30 -7.81
N ASP G 166 44.28 25.53 -8.03
CA ASP G 166 45.55 25.97 -7.45
C ASP G 166 45.24 26.77 -6.19
N MET G 167 45.80 26.34 -5.06
CA MET G 167 45.52 27.05 -3.82
C MET G 167 46.77 27.67 -3.22
N ASN G 168 47.85 27.83 -4.00
CA ASN G 168 49.12 28.26 -3.42
C ASN G 168 49.03 29.67 -2.84
N ASP G 169 48.36 30.60 -3.54
CA ASP G 169 48.34 31.97 -3.05
C ASP G 169 47.64 32.07 -1.71
N HIS G 170 46.49 31.38 -1.57
CA HIS G 170 45.77 31.42 -0.31
C HIS G 170 46.54 30.69 0.80
N LEU G 171 47.21 29.60 0.46
CA LEU G 171 47.95 28.89 1.50
C LEU G 171 49.19 29.65 1.92
N ASN G 172 49.76 30.45 1.00
CA ASN G 172 50.88 31.32 1.36
C ASN G 172 50.43 32.45 2.27
N ALA G 173 49.24 33.01 2.01
CA ALA G 173 48.71 34.02 2.93
C ALA G 173 48.35 33.41 4.28
N LEU G 174 47.63 32.28 4.27
CA LEU G 174 47.11 31.72 5.50
C LEU G 174 48.21 31.08 6.35
N GLN G 175 49.14 30.37 5.71
CA GLN G 175 50.25 29.74 6.40
C GLN G 175 49.85 28.88 7.61
N PRO G 176 49.07 27.83 7.38
CA PRO G 176 48.81 26.90 8.47
C PRO G 176 50.09 26.18 8.81
N PHE G 177 50.14 25.71 10.05
CA PHE G 177 51.29 24.91 10.42
C PHE G 177 51.23 23.55 9.78
N ARG G 178 50.04 23.09 9.41
CA ARG G 178 49.84 21.79 8.76
C ARG G 178 48.65 21.89 7.82
N TRP G 179 48.80 21.35 6.62
CA TRP G 179 47.75 21.32 5.60
C TRP G 179 47.53 19.86 5.22
N LYS G 180 46.58 19.23 5.89
CA LYS G 180 46.23 17.83 5.64
C LYS G 180 45.32 17.78 4.42
N CYS G 181 45.78 17.07 3.36
CA CYS G 181 45.03 16.85 2.13
C CYS G 181 44.71 15.37 1.99
N PHE G 182 43.42 15.05 2.09
CA PHE G 182 42.88 13.70 1.97
C PHE G 182 42.36 13.46 0.57
N GLN G 183 42.76 12.34 -0.03
CA GLN G 183 42.06 11.84 -1.20
C GLN G 183 40.66 11.37 -0.81
N VAL G 184 39.64 11.85 -1.52
CA VAL G 184 38.27 11.49 -1.16
C VAL G 184 38.06 9.99 -1.28
N LEU G 185 37.22 9.46 -0.40
CA LEU G 185 36.77 8.08 -0.42
C LEU G 185 35.29 8.12 -0.10
N ILE G 186 34.45 7.55 -0.95
CA ILE G 186 33.01 7.50 -0.70
C ILE G 186 32.60 6.08 -0.36
N VAL G 187 31.95 5.89 0.81
CA VAL G 187 31.51 4.59 1.29
C VAL G 187 30.00 4.50 1.19
N THR G 188 29.50 3.28 0.96
CA THR G 188 28.10 3.07 0.58
C THR G 188 27.54 1.72 1.09
N LYS G 195 20.85 5.17 -5.79
CA LYS G 195 20.88 6.56 -6.25
C LYS G 195 22.32 7.11 -6.40
N THR G 196 23.05 7.23 -5.26
CA THR G 196 24.47 7.60 -5.24
C THR G 196 25.25 6.78 -6.26
N LEU G 197 25.72 5.55 -5.94
CA LEU G 197 26.48 4.62 -6.81
C LEU G 197 27.07 5.15 -8.12
N ARG G 198 26.23 5.73 -9.01
CA ARG G 198 26.68 6.64 -10.07
C ARG G 198 27.33 7.88 -9.44
N ASN G 199 26.51 8.70 -8.71
CA ASN G 199 26.91 9.80 -7.80
C ASN G 199 27.98 9.41 -6.75
N ALA G 200 28.33 8.08 -6.65
CA ALA G 200 29.58 7.64 -6.01
C ALA G 200 30.79 7.89 -6.93
N HIS G 201 30.98 7.07 -7.99
CA HIS G 201 32.16 7.20 -8.85
C HIS G 201 32.36 8.62 -9.42
N SER G 202 31.27 9.30 -9.82
CA SER G 202 31.11 10.76 -9.92
C SER G 202 32.20 11.63 -9.28
N LEU G 203 32.44 11.40 -7.98
CA LEU G 203 33.15 12.32 -7.08
C LEU G 203 34.58 11.85 -6.72
N THR G 204 34.93 10.63 -7.10
CA THR G 204 36.25 10.08 -6.85
C THR G 204 37.27 10.66 -7.84
N ILE G 205 38.54 10.57 -7.47
CA ILE G 205 39.64 10.97 -8.34
C ILE G 205 40.66 9.84 -8.37
N SER G 206 41.42 9.78 -9.46
CA SER G 206 42.41 8.73 -9.58
C SER G 206 43.61 9.02 -8.70
N ASP G 207 44.47 8.02 -8.52
CA ASP G 207 45.68 8.23 -7.74
C ASP G 207 46.61 9.23 -8.43
N ASP G 208 46.52 9.34 -9.76
CA ASP G 208 47.32 10.33 -10.49
C ASP G 208 46.78 11.73 -10.28
N GLU G 209 45.48 11.92 -10.53
CA GLU G 209 44.82 13.21 -10.26
C GLU G 209 45.16 13.73 -8.87
N PHE G 210 45.08 12.85 -7.87
CA PHE G 210 45.50 13.22 -6.53
C PHE G 210 46.97 13.57 -6.48
N ASP G 211 47.83 12.78 -7.12
CA ASP G 211 49.26 13.06 -6.98
C ASP G 211 49.62 14.38 -7.64
N ARG G 212 48.91 14.73 -8.72
CA ARG G 212 49.17 15.99 -9.40
C ARG G 212 48.61 17.19 -8.65
N PHE G 213 47.56 17.01 -7.84
CA PHE G 213 47.19 18.07 -6.90
C PHE G 213 48.33 18.34 -5.93
N CYS G 214 48.93 17.29 -5.40
CA CYS G 214 49.99 17.46 -4.42
C CYS G 214 51.23 18.08 -5.06
N GLU G 215 51.55 17.64 -6.28
CA GLU G 215 52.71 18.20 -6.97
C GLU G 215 52.50 19.66 -7.30
N ARG G 216 51.27 20.04 -7.70
CA ARG G 216 50.95 21.43 -7.95
C ARG G 216 51.12 22.30 -6.71
N HIS G 217 51.21 21.69 -5.54
CA HIS G 217 51.37 22.43 -4.30
C HIS G 217 52.69 22.04 -3.63
N SER G 218 53.66 21.59 -4.45
CA SER G 218 54.93 21.11 -3.91
C SER G 218 55.64 22.17 -3.08
N SER G 219 55.37 23.45 -3.35
CA SER G 219 56.05 24.51 -2.64
C SER G 219 55.53 24.74 -1.21
N GLN G 220 54.49 24.04 -0.73
CA GLN G 220 53.94 24.27 0.60
C GLN G 220 54.56 23.27 1.57
N THR G 221 55.45 23.76 2.44
CA THR G 221 56.14 22.84 3.34
C THR G 221 55.16 22.19 4.33
N CYS G 222 54.01 22.85 4.57
CA CYS G 222 52.99 22.38 5.51
C CYS G 222 52.14 21.25 4.95
N LEU G 223 52.30 20.92 3.66
CA LEU G 223 51.41 19.96 3.00
C LEU G 223 51.66 18.56 3.51
N VAL G 224 50.61 17.90 3.98
CA VAL G 224 50.68 16.49 4.33
C VAL G 224 49.61 15.73 3.56
N PRO G 225 49.95 15.00 2.52
CA PRO G 225 48.94 14.25 1.77
C PRO G 225 48.58 12.97 2.50
N GLU G 226 47.36 12.50 2.26
CA GLU G 226 46.95 11.17 2.68
C GLU G 226 46.08 10.51 1.58
N PRO G 227 46.74 9.64 0.80
CA PRO G 227 45.97 8.93 -0.25
C PRO G 227 45.25 7.74 0.32
N ASN G 228 44.24 7.27 -0.44
CA ASN G 228 43.47 6.11 -0.01
C ASN G 228 44.34 4.85 0.11
N ARG G 229 45.38 4.72 -0.74
CA ARG G 229 46.39 3.66 -0.63
C ARG G 229 46.92 3.49 0.77
N LEU G 230 47.09 4.58 1.51
CA LEU G 230 47.81 4.46 2.78
C LEU G 230 47.23 5.49 3.76
N MET G 231 46.23 5.06 4.51
CA MET G 231 45.55 5.93 5.46
C MET G 231 46.16 5.73 6.83
N ALA G 232 46.15 6.79 7.64
CA ALA G 232 46.60 6.69 9.01
C ALA G 232 45.78 5.64 9.77
N LYS G 233 46.36 5.14 10.85
CA LYS G 233 45.73 4.06 11.60
C LYS G 233 45.39 4.52 13.02
N SER G 234 44.81 3.62 13.81
CA SER G 234 44.45 3.91 15.21
C SER G 234 43.48 5.07 15.34
N TYR G 235 42.62 5.29 14.36
CA TYR G 235 41.65 6.39 14.38
C TYR G 235 40.37 5.90 15.06
N LEU G 236 40.11 6.40 16.28
CA LEU G 236 38.97 5.95 17.09
C LEU G 236 37.99 7.09 17.31
N ILE G 237 36.70 6.83 17.05
CA ILE G 237 35.66 7.83 17.19
C ILE G 237 34.82 7.52 18.42
N LEU G 238 34.60 8.53 19.24
CA LEU G 238 33.76 8.47 20.43
C LEU G 238 32.56 9.35 20.12
N ASP G 239 31.35 8.76 20.05
CA ASP G 239 30.20 9.49 19.50
C ASP G 239 29.49 10.30 20.58
N GLU G 240 28.30 10.82 20.26
CA GLU G 240 27.67 11.78 21.17
C GLU G 240 27.09 11.13 22.41
N TYR G 241 26.91 9.81 22.41
CA TYR G 241 26.55 9.06 23.61
C TYR G 241 27.79 8.45 24.27
N MET G 242 28.98 8.83 23.81
CA MET G 242 30.23 8.30 24.29
C MET G 242 30.30 6.79 24.04
N ARG G 243 29.91 6.39 22.83
CA ARG G 243 30.08 5.03 22.34
C ARG G 243 31.15 5.01 21.28
N PHE G 244 31.96 3.97 21.26
CA PHE G 244 32.90 3.80 20.18
C PHE G 244 32.20 3.33 18.90
N LEU G 245 32.71 3.75 17.75
CA LEU G 245 32.22 3.24 16.47
C LEU G 245 33.16 2.18 15.95
N ASP G 246 32.66 1.33 15.06
CA ASP G 246 33.47 0.22 14.58
C ASP G 246 34.34 0.72 13.42
N ARG G 247 35.05 -0.19 12.74
CA ARG G 247 36.00 0.24 11.70
C ARG G 247 35.30 0.79 10.48
N ASN G 248 33.96 0.73 10.41
CA ASN G 248 33.19 1.40 9.38
C ASN G 248 32.48 2.63 9.87
N GLY G 249 32.77 3.07 11.09
CA GLY G 249 32.05 4.19 11.62
C GLY G 249 30.61 3.91 11.93
N GLN G 250 30.25 2.66 12.22
CA GLN G 250 28.90 2.38 12.72
C GLN G 250 28.97 1.29 13.77
N GLN G 251 27.82 0.62 13.98
CA GLN G 251 27.71 -0.46 14.98
C GLN G 251 28.18 -0.03 16.35
N PRO G 252 27.69 1.09 16.89
CA PRO G 252 28.28 1.61 18.13
C PRO G 252 28.16 0.64 19.29
N SER G 253 29.17 0.68 20.16
CA SER G 253 29.18 -0.05 21.41
C SER G 253 28.11 0.51 22.33
N LYS G 254 27.94 -0.08 23.50
CA LYS G 254 27.26 0.65 24.54
C LYS G 254 28.17 1.79 25.02
N SER G 255 27.61 2.78 25.70
CA SER G 255 28.42 3.89 26.18
C SER G 255 29.53 3.43 27.13
N ILE G 256 30.71 4.06 27.05
CA ILE G 256 31.73 3.78 28.05
C ILE G 256 31.24 4.15 29.45
N LEU G 257 30.24 5.02 29.54
CA LEU G 257 29.61 5.35 30.81
C LEU G 257 28.77 4.21 31.37
N GLU G 258 28.36 3.27 30.52
CA GLU G 258 27.71 2.05 30.99
C GLU G 258 28.68 0.89 31.15
N VAL G 259 29.47 0.58 30.13
CA VAL G 259 30.24 -0.65 30.15
C VAL G 259 31.73 -0.43 30.30
N GLY G 260 32.19 0.81 30.26
CA GLY G 260 33.61 1.07 30.49
C GLY G 260 34.42 0.91 29.23
N VAL G 261 35.65 1.40 29.27
CA VAL G 261 36.36 1.56 28.01
C VAL G 261 36.69 0.23 27.37
N GLN G 262 37.27 -0.70 28.15
CA GLN G 262 37.77 -1.95 27.58
C GLN G 262 36.65 -2.79 26.99
N GLN G 263 35.52 -2.88 27.68
CA GLN G 263 34.44 -3.70 27.16
C GLN G 263 33.83 -3.09 25.90
N ALA G 264 33.76 -1.76 25.84
CA ALA G 264 33.26 -1.11 24.63
C ALA G 264 34.19 -1.33 23.46
N LEU G 265 35.51 -1.28 23.70
CA LEU G 265 36.48 -1.56 22.64
C LEU G 265 36.24 -2.94 22.04
N GLN G 266 35.98 -3.96 22.88
CA GLN G 266 35.75 -5.30 22.35
C GLN G 266 34.48 -5.35 21.52
N ALA G 267 33.46 -4.60 21.93
CA ALA G 267 32.20 -4.63 21.21
C ALA G 267 32.33 -4.09 19.79
N VAL G 268 33.36 -3.30 19.48
CA VAL G 268 33.58 -2.77 18.13
C VAL G 268 34.76 -3.43 17.43
N PHE G 269 35.25 -4.55 17.95
CA PHE G 269 36.37 -5.26 17.33
C PHE G 269 37.57 -4.35 17.16
N TRP G 270 37.92 -3.63 18.22
CA TRP G 270 39.01 -2.67 18.12
C TRP G 270 40.28 -3.37 17.68
N ASP G 271 41.04 -2.69 16.83
CA ASP G 271 42.20 -3.23 16.13
C ASP G 271 42.89 -2.06 15.43
N GLU G 272 44.05 -1.61 15.95
CA GLU G 272 44.66 -0.35 15.49
C GLU G 272 44.74 -0.31 13.97
N GLU G 273 45.30 -1.37 13.36
CA GLU G 273 45.57 -1.40 11.93
C GLU G 273 44.30 -1.31 11.11
N ALA G 274 43.18 -1.76 11.65
CA ALA G 274 41.97 -1.74 10.88
C ALA G 274 41.18 -0.45 11.02
N PHE G 275 41.48 0.40 12.00
CA PHE G 275 40.67 1.61 12.21
C PHE G 275 41.36 2.77 11.50
N VAL G 276 41.12 2.83 10.19
CA VAL G 276 41.76 3.83 9.34
C VAL G 276 41.15 5.19 9.64
N GLU G 277 41.87 6.22 9.21
CA GLU G 277 41.41 7.58 9.41
C GLU G 277 40.20 7.86 8.52
N ARG G 278 39.09 8.19 9.15
CA ARG G 278 37.99 8.82 8.44
C ARG G 278 38.25 10.32 8.37
N GLY G 279 37.34 11.10 7.84
CA GLY G 279 37.71 12.49 7.64
C GLY G 279 38.38 12.74 6.31
N GLY G 280 39.09 11.73 5.77
CA GLY G 280 39.17 11.65 4.33
C GLY G 280 37.95 11.03 3.68
N ILE G 281 37.02 10.52 4.48
CA ILE G 281 35.95 9.62 4.04
C ILE G 281 34.63 10.36 4.09
N TYR G 282 33.92 10.43 2.96
CA TYR G 282 32.51 10.82 2.92
C TYR G 282 31.65 9.60 3.28
N ASP G 283 31.13 9.58 4.53
CA ASP G 283 30.46 8.43 5.18
C ASP G 283 28.95 8.41 4.88
N TRP G 284 28.60 7.87 3.71
CA TRP G 284 27.19 7.83 3.26
C TRP G 284 26.54 6.48 3.64
N GLY H 7 40.56 -19.94 22.29
CA GLY H 7 40.63 -20.48 20.94
C GLY H 7 39.78 -21.73 20.75
N GLN H 8 39.77 -22.60 21.78
CA GLN H 8 39.02 -23.86 21.87
C GLN H 8 37.68 -23.52 22.49
N VAL H 9 36.87 -24.54 22.72
CA VAL H 9 35.62 -24.24 23.44
C VAL H 9 35.97 -23.94 24.90
N PRO H 10 35.28 -23.02 25.56
CA PRO H 10 35.62 -22.71 26.96
C PRO H 10 35.20 -23.87 27.83
N VAL H 11 35.66 -23.82 29.08
CA VAL H 11 35.31 -24.86 30.04
C VAL H 11 33.79 -25.04 30.10
N SER H 12 33.07 -23.93 30.05
CA SER H 12 31.63 -23.94 30.28
C SER H 12 30.87 -23.54 29.02
N VAL H 13 29.75 -24.20 28.74
CA VAL H 13 28.93 -23.87 27.57
C VAL H 13 27.48 -23.82 27.99
N ASN H 14 26.76 -22.79 27.53
CA ASN H 14 25.34 -22.64 27.87
C ASN H 14 24.51 -23.12 26.70
N TYR H 15 23.75 -24.18 26.92
CA TYR H 15 22.95 -24.80 25.88
C TYR H 15 21.54 -24.25 26.04
N HIS H 16 21.19 -23.23 25.25
CA HIS H 16 19.82 -22.70 25.26
C HIS H 16 18.99 -23.56 24.33
N PHE H 17 18.56 -24.72 24.84
CA PHE H 17 18.09 -25.78 23.94
C PHE H 17 16.67 -25.58 23.48
N SER H 18 16.02 -24.49 23.89
CA SER H 18 14.75 -24.03 23.35
C SER H 18 14.68 -22.51 23.49
N ARG H 19 14.16 -21.83 22.46
CA ARG H 19 13.77 -20.42 22.59
C ARG H 19 12.42 -20.48 23.34
N LYS H 20 11.97 -19.58 24.22
CA LYS H 20 12.19 -18.14 24.45
C LYS H 20 11.13 -17.42 23.56
N CYS H 21 9.89 -17.95 23.58
CA CYS H 21 8.75 -17.33 22.89
C CYS H 21 7.40 -17.93 23.36
N THR H 33 2.68 -24.03 19.91
CA THR H 33 3.27 -25.15 20.64
C THR H 33 4.81 -25.20 20.51
N THR H 34 5.28 -25.03 19.27
CA THR H 34 6.42 -25.78 18.78
C THR H 34 7.63 -24.89 18.47
N SER H 35 8.35 -24.49 19.54
CA SER H 35 9.75 -24.14 19.38
C SER H 35 10.55 -25.40 19.04
N HIS H 36 11.46 -25.28 18.08
CA HIS H 36 12.31 -26.40 17.72
C HIS H 36 13.15 -26.84 18.91
N VAL H 37 13.24 -28.16 19.12
CA VAL H 37 14.20 -28.76 20.06
C VAL H 37 14.83 -29.96 19.36
N GLU H 38 16.11 -30.19 19.61
CA GLU H 38 16.78 -31.32 18.98
C GLU H 38 16.19 -32.65 19.43
N LYS H 39 16.26 -33.65 18.54
CA LYS H 39 16.02 -35.01 18.97
C LYS H 39 17.10 -35.42 19.96
N PRO H 40 16.79 -36.26 20.95
CA PRO H 40 17.82 -36.69 21.89
C PRO H 40 19.06 -37.28 21.22
N GLU H 41 18.92 -38.08 20.15
CA GLU H 41 20.10 -38.69 19.53
C GLU H 41 21.07 -37.61 19.06
N ASN H 42 20.54 -36.60 18.37
CA ASN H 42 21.40 -35.54 17.85
C ASN H 42 22.02 -34.73 18.97
N ALA H 43 21.22 -34.36 19.98
CA ALA H 43 21.74 -33.52 21.06
C ALA H 43 22.92 -34.19 21.75
N LYS H 44 22.89 -35.51 21.91
CA LYS H 44 24.01 -36.17 22.56
C LYS H 44 25.25 -36.15 21.69
N ARG H 45 25.05 -36.22 20.38
CA ARG H 45 26.19 -36.16 19.46
C ARG H 45 26.91 -34.82 19.61
N GLY H 46 26.14 -33.72 19.58
CA GLY H 46 26.75 -32.41 19.70
C GLY H 46 27.36 -32.17 21.06
N LEU H 47 26.68 -32.62 22.12
CA LEU H 47 27.28 -32.45 23.43
C LEU H 47 28.56 -33.26 23.54
N THR H 48 28.63 -34.39 22.84
CA THR H 48 29.88 -35.16 22.78
C THR H 48 30.99 -34.38 22.07
N LEU H 49 30.66 -33.79 20.91
CA LEU H 49 31.62 -32.94 20.20
C LEU H 49 32.12 -31.81 21.11
N LEU H 50 31.22 -31.19 21.86
CA LEU H 50 31.63 -30.16 22.80
C LEU H 50 32.53 -30.71 23.91
N LYS H 51 32.20 -31.89 24.44
CA LYS H 51 33.09 -32.51 25.43
C LYS H 51 34.46 -32.74 24.83
N GLN H 52 34.49 -33.33 23.62
CA GLN H 52 35.72 -33.59 22.90
C GLN H 52 36.50 -32.33 22.60
N ALA H 53 35.84 -31.17 22.56
CA ALA H 53 36.50 -29.91 22.28
C ALA H 53 37.07 -29.25 23.52
N GLY H 54 36.74 -29.74 24.72
CA GLY H 54 37.25 -29.16 25.95
C GLY H 54 36.22 -28.72 26.99
N MET H 55 34.94 -29.00 26.71
CA MET H 55 33.86 -28.61 27.59
C MET H 55 33.79 -29.56 28.78
N LYS H 56 33.91 -29.00 29.98
CA LYS H 56 33.77 -29.79 31.19
C LYS H 56 32.51 -29.43 31.98
N LYS H 57 31.89 -28.28 31.71
CA LYS H 57 30.70 -27.84 32.43
C LYS H 57 29.61 -27.44 31.44
N ILE H 58 28.37 -27.82 31.72
CA ILE H 58 27.28 -27.40 30.89
C ILE H 58 26.21 -26.72 31.74
N ASN H 59 25.47 -25.83 31.11
CA ASN H 59 24.42 -25.08 31.80
C ASN H 59 23.21 -25.04 30.87
N PHE H 60 22.11 -25.66 31.27
CA PHE H 60 20.89 -25.72 30.45
C PHE H 60 20.06 -24.46 30.73
N ALA H 61 19.89 -23.61 29.72
CA ALA H 61 19.13 -22.38 29.86
C ALA H 61 18.22 -22.20 28.66
N GLY H 62 18.03 -20.96 28.22
CA GLY H 62 17.15 -20.72 27.08
C GLY H 62 15.77 -20.40 27.58
N GLY H 63 14.78 -20.54 26.72
CA GLY H 63 13.43 -20.64 27.21
C GLY H 63 13.34 -21.68 28.31
N GLU H 64 12.32 -21.53 29.17
CA GLU H 64 12.09 -22.41 30.32
C GLU H 64 12.46 -23.87 30.07
N PRO H 65 13.59 -24.36 30.57
CA PRO H 65 13.91 -25.77 30.33
C PRO H 65 12.88 -26.73 30.93
N PHE H 66 12.29 -26.41 32.07
CA PHE H 66 11.32 -27.36 32.63
C PHE H 66 10.04 -27.46 31.83
N LEU H 67 9.92 -26.74 30.74
CA LEU H 67 8.84 -27.02 29.81
C LEU H 67 9.08 -28.31 29.03
N TYR H 68 10.29 -28.85 29.05
CA TYR H 68 10.63 -30.08 28.34
C TYR H 68 11.25 -31.06 29.33
N PRO H 69 10.45 -31.59 30.27
CA PRO H 69 11.04 -32.44 31.31
C PRO H 69 11.78 -33.65 30.76
N LYS H 70 11.22 -34.39 29.80
CA LYS H 70 11.84 -35.65 29.40
C LYS H 70 13.16 -35.42 28.74
N PHE H 71 13.23 -34.40 27.87
CA PHE H 71 14.48 -34.05 27.20
C PHE H 71 15.51 -33.58 28.21
N LEU H 72 15.10 -32.67 29.11
CA LEU H 72 16.00 -32.19 30.15
C LEU H 72 16.61 -33.33 30.95
N GLY H 73 15.76 -34.23 31.46
CA GLY H 73 16.26 -35.31 32.29
C GLY H 73 17.16 -36.26 31.52
N GLU H 74 16.82 -36.52 30.26
CA GLU H 74 17.69 -37.34 29.42
C GLU H 74 19.07 -36.72 29.29
N MET H 75 19.13 -35.41 29.01
CA MET H 75 20.42 -34.79 28.78
C MET H 75 21.20 -34.60 30.07
N ILE H 76 20.52 -34.21 31.17
CA ILE H 76 21.18 -34.15 32.47
C ILE H 76 21.84 -35.48 32.79
N ASP H 77 21.08 -36.57 32.59
CA ASP H 77 21.61 -37.90 32.86
C ASP H 77 22.76 -38.20 31.93
N PHE H 78 22.61 -37.88 30.64
CA PHE H 78 23.66 -38.18 29.66
C PHE H 78 24.93 -37.42 29.96
N CYS H 79 24.81 -36.17 30.43
CA CYS H 79 26.00 -35.34 30.64
C CYS H 79 26.79 -35.79 31.86
N LYS H 80 26.11 -36.15 32.94
CA LYS H 80 26.78 -36.49 34.20
C LYS H 80 27.31 -37.93 34.17
N GLU H 81 26.51 -38.87 33.68
CA GLU H 81 26.90 -40.28 33.71
C GLU H 81 27.81 -40.65 32.53
N THR H 82 27.32 -40.55 31.29
CA THR H 82 28.10 -40.92 30.11
C THR H 82 29.28 -39.98 29.88
N LEU H 83 29.02 -38.68 29.70
CA LEU H 83 30.10 -37.76 29.38
C LEU H 83 30.94 -37.40 30.59
N GLN H 84 30.43 -37.65 31.79
CA GLN H 84 31.14 -37.37 33.03
C GLN H 84 31.64 -35.93 33.07
N LEU H 85 30.69 -35.01 33.06
CA LEU H 85 31.01 -33.59 33.13
C LEU H 85 31.16 -33.17 34.59
N GLU H 86 32.15 -32.29 34.84
CA GLU H 86 32.36 -31.79 36.20
C GLU H 86 31.14 -31.08 36.77
N SER H 87 30.33 -30.43 35.94
CA SER H 87 29.24 -29.59 36.42
C SER H 87 28.05 -29.63 35.47
N VAL H 88 26.87 -29.84 36.01
CA VAL H 88 25.63 -29.81 35.24
C VAL H 88 24.71 -28.82 35.93
N SER H 89 24.39 -27.71 35.26
CA SER H 89 23.59 -26.65 35.85
C SER H 89 22.31 -26.46 35.05
N ILE H 90 21.27 -25.93 35.71
CA ILE H 90 20.00 -25.58 35.08
C ILE H 90 19.58 -24.19 35.55
N VAL H 91 19.04 -23.39 34.63
CA VAL H 91 18.45 -22.11 34.98
C VAL H 91 16.98 -22.19 34.66
N THR H 92 16.14 -21.64 35.55
CA THR H 92 14.71 -21.77 35.39
C THR H 92 14.03 -20.64 36.13
N ASN H 93 12.77 -20.41 35.77
CA ASN H 93 11.92 -19.53 36.55
C ASN H 93 11.13 -20.29 37.62
N GLY H 94 11.35 -21.61 37.73
CA GLY H 94 10.81 -22.40 38.81
C GLY H 94 9.36 -22.79 38.70
N SER H 95 8.57 -22.14 37.85
CA SER H 95 7.12 -22.35 37.82
C SER H 95 6.75 -23.80 37.55
N LEU H 96 7.54 -24.49 36.72
CA LEU H 96 7.17 -25.83 36.29
C LEU H 96 8.09 -26.92 36.86
N VAL H 97 8.90 -26.60 37.85
CA VAL H 97 9.76 -27.59 38.50
C VAL H 97 8.89 -28.44 39.41
N LYS H 98 8.81 -29.74 39.12
CA LYS H 98 8.08 -30.66 39.95
C LYS H 98 9.05 -31.42 40.85
N GLU H 99 8.66 -31.68 42.09
CA GLU H 99 9.61 -32.31 43.01
C GLU H 99 10.06 -33.69 42.54
N GLN H 100 9.20 -34.45 41.85
CA GLN H 100 9.58 -35.78 41.39
C GLN H 100 10.82 -35.73 40.52
N PHE H 101 10.87 -34.76 39.58
CA PHE H 101 12.03 -34.58 38.71
C PHE H 101 13.32 -34.42 39.52
N LEU H 102 13.32 -33.51 40.48
CA LEU H 102 14.54 -33.26 41.24
C LEU H 102 14.95 -34.50 42.02
N GLN H 103 13.98 -35.24 42.54
CA GLN H 103 14.32 -36.47 43.23
C GLN H 103 14.92 -37.50 42.28
N LYS H 104 14.26 -37.71 41.13
CA LYS H 104 14.71 -38.71 40.16
C LYS H 104 16.10 -38.39 39.59
N HIS H 105 16.40 -37.09 39.36
CA HIS H 105 17.63 -36.68 38.67
C HIS H 105 18.64 -35.91 39.57
N GLY H 106 18.35 -35.74 40.87
CA GLY H 106 19.19 -34.90 41.69
C GLY H 106 20.63 -35.37 41.80
N ARG H 107 20.87 -36.69 41.65
CA ARG H 107 22.24 -37.22 41.63
C ARG H 107 23.08 -36.53 40.57
N ASN H 108 22.44 -36.07 39.48
CA ASN H 108 23.12 -35.56 38.30
C ASN H 108 23.01 -34.05 38.14
N ILE H 109 22.42 -33.33 39.08
CA ILE H 109 22.20 -31.89 38.99
C ILE H 109 23.10 -31.25 40.03
N ASP H 110 24.16 -30.59 39.59
CA ASP H 110 25.02 -29.94 40.56
C ASP H 110 24.40 -28.64 41.08
N ILE H 111 23.86 -27.81 40.19
CA ILE H 111 23.38 -26.47 40.53
C ILE H 111 22.05 -26.25 39.84
N LEU H 112 21.04 -25.89 40.59
CA LEU H 112 19.78 -25.43 40.04
C LEU H 112 19.64 -23.95 40.37
N ALA H 113 19.48 -23.13 39.34
CA ALA H 113 19.51 -21.69 39.49
C ALA H 113 18.14 -21.17 39.11
N VAL H 114 17.53 -20.43 40.02
CA VAL H 114 16.22 -19.85 39.79
C VAL H 114 16.40 -18.36 39.60
N SER H 115 15.76 -17.82 38.58
CA SER H 115 15.81 -16.39 38.34
C SER H 115 14.69 -15.75 39.13
N CYS H 116 15.02 -14.73 39.90
CA CYS H 116 14.03 -14.10 40.75
C CYS H 116 14.37 -12.64 40.91
N ASP H 117 13.49 -11.76 40.44
CA ASP H 117 13.88 -10.37 40.41
C ASP H 117 13.29 -9.57 41.55
N SER H 118 12.23 -10.07 42.17
CA SER H 118 11.61 -9.35 43.24
C SER H 118 10.71 -10.31 44.00
N PHE H 119 10.42 -9.95 45.25
CA PHE H 119 9.44 -10.68 46.03
C PHE H 119 8.11 -9.96 46.14
N ASN H 120 8.01 -8.74 45.61
CA ASN H 120 6.76 -8.00 45.54
C ASN H 120 6.06 -8.26 44.23
N GLU H 121 4.75 -8.50 44.29
CA GLU H 121 4.02 -8.79 43.07
C GLU H 121 3.96 -7.58 42.14
N ALA H 122 3.73 -6.38 42.71
CA ALA H 122 3.68 -5.20 41.86
C ALA H 122 4.98 -5.01 41.09
N THR H 123 6.12 -5.19 41.77
CA THR H 123 7.41 -5.04 41.10
C THR H 123 7.57 -6.06 39.98
N ASN H 124 7.21 -7.33 40.22
CA ASN H 124 7.33 -8.34 39.17
C ASN H 124 6.50 -7.98 37.95
N ILE H 125 5.24 -7.59 38.18
CA ILE H 125 4.36 -7.20 37.07
C ILE H 125 5.00 -6.12 36.22
N LYS H 126 5.46 -5.05 36.86
CA LYS H 126 6.12 -3.97 36.14
C LYS H 126 7.37 -4.43 35.41
N ILE H 127 8.10 -5.41 35.92
CA ILE H 127 9.28 -5.86 35.21
C ILE H 127 8.89 -6.68 33.99
N GLY H 128 7.70 -7.28 33.97
CA GLY H 128 7.26 -8.04 32.82
C GLY H 128 7.38 -9.52 33.08
N ARG H 129 7.01 -9.94 34.28
CA ARG H 129 7.13 -11.32 34.72
C ARG H 129 5.82 -11.88 35.24
N GLY H 130 4.72 -11.18 34.98
CA GLY H 130 3.40 -11.70 35.24
C GLY H 130 3.03 -11.79 36.71
N SER H 131 1.81 -12.28 36.92
CA SER H 131 1.12 -12.22 38.18
C SER H 131 1.63 -13.30 39.13
N GLY H 132 1.06 -13.29 40.34
CA GLY H 132 1.39 -14.24 41.38
C GLY H 132 2.75 -14.01 42.02
N ASP H 133 3.31 -14.92 42.84
CA ASP H 133 3.03 -16.36 43.17
C ASP H 133 4.47 -16.90 43.17
N ASN H 134 5.34 -15.91 42.93
CA ASN H 134 6.79 -16.00 43.06
C ASN H 134 7.23 -16.79 44.28
N VAL H 135 6.88 -16.28 45.46
CA VAL H 135 7.50 -16.70 46.70
C VAL H 135 7.28 -18.19 46.95
N GLN H 136 6.07 -18.69 46.73
CA GLN H 136 5.79 -20.07 47.12
C GLN H 136 6.72 -21.04 46.41
N LYS H 137 6.88 -20.89 45.10
CA LYS H 137 7.67 -21.88 44.38
C LYS H 137 9.14 -21.72 44.71
N LEU H 138 9.56 -20.52 45.06
CA LEU H 138 10.95 -20.30 45.47
C LEU H 138 11.27 -21.03 46.78
N TYR H 139 10.36 -20.97 47.76
CA TYR H 139 10.61 -21.65 49.02
C TYR H 139 10.50 -23.15 48.87
N GLU H 140 9.57 -23.62 48.04
CA GLU H 140 9.56 -25.05 47.75
C GLU H 140 10.88 -25.49 47.13
N ILE H 141 11.41 -24.72 46.18
CA ILE H 141 12.56 -25.20 45.44
C ILE H 141 13.81 -25.17 46.31
N GLY H 142 13.97 -24.12 47.13
CA GLY H 142 15.09 -24.11 48.07
C GLY H 142 15.06 -25.30 49.00
N SER H 143 13.84 -25.65 49.47
CA SER H 143 13.65 -26.81 50.33
C SER H 143 14.02 -28.09 49.61
N TRP H 144 13.42 -28.31 48.43
CA TRP H 144 13.74 -29.52 47.67
C TRP H 144 15.23 -29.61 47.33
N CYS H 145 15.92 -28.47 47.18
CA CYS H 145 17.33 -28.56 46.83
C CYS H 145 18.15 -29.12 47.98
N GLN H 146 17.87 -28.65 49.20
CA GLN H 146 18.47 -29.23 50.39
C GLN H 146 18.18 -30.71 50.47
N LYS H 147 16.93 -31.09 50.23
CA LYS H 147 16.49 -32.47 50.35
C LYS H 147 17.31 -33.41 49.46
N TYR H 148 17.58 -33.03 48.21
CA TYR H 148 18.25 -33.94 47.28
C TYR H 148 19.68 -33.51 46.98
N ASP H 149 20.25 -32.65 47.82
CA ASP H 149 21.64 -32.23 47.73
C ASP H 149 21.96 -31.60 46.37
N ILE H 150 21.28 -30.48 46.11
CA ILE H 150 21.47 -29.71 44.89
C ILE H 150 21.82 -28.29 45.32
N LYS H 151 22.94 -27.77 44.82
CA LYS H 151 23.31 -26.41 45.16
C LYS H 151 22.26 -25.47 44.60
N PHE H 152 21.80 -24.56 45.46
CA PHE H 152 20.67 -23.71 45.16
C PHE H 152 21.19 -22.30 44.86
N LYS H 153 20.94 -21.81 43.63
CA LYS H 153 21.44 -20.53 43.17
C LYS H 153 20.26 -19.61 42.85
N LEU H 154 20.43 -18.32 43.15
CA LEU H 154 19.43 -17.30 42.84
C LEU H 154 20.03 -16.29 41.88
N ASN H 155 19.32 -16.07 40.75
CA ASN H 155 19.73 -15.09 39.74
C ASN H 155 18.79 -13.90 39.77
N THR H 156 19.34 -12.73 40.06
CA THR H 156 18.56 -11.51 40.16
C THR H 156 19.11 -10.45 39.23
N VAL H 157 18.23 -9.86 38.44
CA VAL H 157 18.59 -8.69 37.65
C VAL H 157 18.04 -7.48 38.39
N VAL H 158 18.92 -6.59 38.82
CA VAL H 158 18.48 -5.42 39.57
C VAL H 158 18.36 -4.26 38.61
N ASN H 159 17.18 -3.63 38.61
CA ASN H 159 16.78 -2.68 37.59
C ASN H 159 15.99 -1.57 38.27
N LYS H 160 15.31 -0.74 37.49
CA LYS H 160 14.71 0.46 38.05
C LYS H 160 13.56 0.12 39.00
N PHE H 161 12.88 -1.00 38.79
CA PHE H 161 11.71 -1.30 39.61
C PHE H 161 12.02 -1.99 40.92
N ASN H 162 13.17 -2.65 41.03
CA ASN H 162 13.50 -3.37 42.24
C ASN H 162 14.77 -2.87 42.92
N HIS H 163 15.39 -1.80 42.44
CA HIS H 163 16.69 -1.44 42.99
C HIS H 163 16.59 -0.88 44.40
N LEU H 164 15.39 -0.60 44.89
CA LEU H 164 15.23 -0.15 46.26
C LEU H 164 14.78 -1.24 47.22
N GLU H 165 14.43 -2.42 46.70
CA GLU H 165 13.84 -3.48 47.50
C GLU H 165 14.84 -3.99 48.53
N ASP H 166 14.32 -4.35 49.69
CA ASP H 166 15.12 -5.01 50.72
C ASP H 166 14.75 -6.47 50.72
N MET H 167 15.72 -7.30 50.36
CA MET H 167 15.48 -8.72 50.20
C MET H 167 16.12 -9.56 51.28
N ASN H 168 16.76 -8.93 52.28
CA ASN H 168 17.59 -9.67 53.23
C ASN H 168 16.84 -10.81 53.92
N ASP H 169 15.62 -10.54 54.43
CA ASP H 169 14.87 -11.58 55.14
C ASP H 169 14.65 -12.81 54.27
N HIS H 170 14.13 -12.61 53.04
CA HIS H 170 13.92 -13.75 52.14
C HIS H 170 15.23 -14.48 51.88
N LEU H 171 16.34 -13.76 51.85
CA LEU H 171 17.57 -14.47 51.57
C LEU H 171 18.14 -15.16 52.80
N ASN H 172 17.91 -14.62 53.99
CA ASN H 172 18.26 -15.36 55.21
C ASN H 172 17.47 -16.66 55.32
N ALA H 173 16.19 -16.64 54.91
CA ALA H 173 15.40 -17.87 54.92
C ALA H 173 15.81 -18.81 53.79
N LEU H 174 15.99 -18.28 52.58
CA LEU H 174 16.19 -19.13 51.42
C LEU H 174 17.58 -19.72 51.35
N GLN H 175 18.59 -18.93 51.72
CA GLN H 175 19.96 -19.41 51.86
C GLN H 175 20.48 -20.15 50.63
N PRO H 176 20.57 -19.49 49.49
CA PRO H 176 21.23 -20.10 48.34
C PRO H 176 22.73 -20.05 48.54
N PHE H 177 23.44 -20.94 47.86
CA PHE H 177 24.88 -20.89 48.04
C PHE H 177 25.50 -19.76 47.25
N ARG H 178 24.79 -19.25 46.26
CA ARG H 178 25.23 -18.17 45.41
C ARG H 178 24.02 -17.33 45.01
N TRP H 179 24.12 -16.02 45.23
CA TRP H 179 23.11 -15.04 44.85
C TRP H 179 23.76 -14.06 43.86
N LYS H 180 23.54 -14.30 42.56
CA LYS H 180 24.15 -13.51 41.50
C LYS H 180 23.27 -12.31 41.18
N CYS H 181 23.77 -11.10 41.43
CA CYS H 181 23.01 -9.88 41.17
C CYS H 181 23.63 -9.10 40.00
N PHE H 182 22.94 -9.13 38.85
CA PHE H 182 23.41 -8.43 37.66
C PHE H 182 22.84 -7.01 37.62
N GLN H 183 23.69 -6.03 37.27
CA GLN H 183 23.18 -4.73 36.86
C GLN H 183 22.49 -4.83 35.49
N VAL H 184 21.25 -4.33 35.39
CA VAL H 184 20.53 -4.44 34.13
C VAL H 184 21.33 -3.75 33.02
N LEU H 185 21.29 -4.34 31.83
CA LEU H 185 21.86 -3.76 30.63
C LEU H 185 20.88 -4.02 29.52
N ILE H 186 20.46 -2.99 28.82
CA ILE H 186 19.46 -3.15 27.76
C ILE H 186 20.09 -2.86 26.40
N VAL H 187 19.82 -3.74 25.45
CA VAL H 187 20.38 -3.60 24.10
C VAL H 187 19.26 -3.29 23.12
N THR H 188 19.64 -2.56 22.07
CA THR H 188 18.69 -1.97 21.14
C THR H 188 19.29 -1.89 19.74
N LEU H 197 11.37 1.50 21.14
CA LEU H 197 11.64 0.54 22.21
C LEU H 197 11.80 1.24 23.55
N ARG H 198 10.95 2.27 23.76
CA ARG H 198 10.98 3.16 24.92
C ARG H 198 12.30 3.91 24.93
N ASN H 199 12.35 5.05 25.63
CA ASN H 199 13.67 5.51 26.08
C ASN H 199 14.02 4.63 27.28
N ALA H 200 14.24 3.33 27.01
CA ALA H 200 14.40 2.31 28.06
C ALA H 200 15.72 2.53 28.80
N HIS H 201 16.39 3.67 28.54
CA HIS H 201 17.30 4.28 29.51
C HIS H 201 16.53 4.54 30.82
N SER H 202 15.20 4.37 30.78
CA SER H 202 14.32 4.55 31.94
C SER H 202 14.22 3.31 32.81
N LEU H 203 14.40 2.10 32.24
CA LEU H 203 14.60 0.90 33.06
C LEU H 203 16.04 0.75 33.55
N THR H 204 17.01 1.49 33.00
CA THR H 204 18.37 1.35 33.49
C THR H 204 18.51 1.96 34.86
N ILE H 205 19.59 1.61 35.54
CA ILE H 205 19.90 2.27 36.81
C ILE H 205 21.34 2.72 36.79
N SER H 206 21.60 3.81 37.51
CA SER H 206 22.95 4.35 37.61
C SER H 206 23.83 3.35 38.35
N ASP H 207 25.15 3.52 38.21
CA ASP H 207 26.03 2.63 38.96
C ASP H 207 25.85 2.82 40.47
N ASP H 208 25.66 4.06 40.92
CA ASP H 208 25.47 4.30 42.35
C ASP H 208 24.24 3.57 42.86
N GLU H 209 23.12 3.67 42.14
CA GLU H 209 21.92 2.94 42.56
C GLU H 209 22.21 1.45 42.69
N PHE H 210 23.11 0.92 41.86
CA PHE H 210 23.42 -0.51 41.93
C PHE H 210 24.29 -0.84 43.13
N ASP H 211 25.19 0.05 43.55
CA ASP H 211 25.97 -0.29 44.73
C ASP H 211 25.18 -0.10 46.00
N ARG H 212 24.24 0.85 46.01
CA ARG H 212 23.40 0.99 47.19
C ARG H 212 22.52 -0.24 47.38
N PHE H 213 22.09 -0.87 46.28
CA PHE H 213 21.44 -2.16 46.41
C PHE H 213 22.39 -3.21 46.95
N CYS H 214 23.65 -3.17 46.53
CA CYS H 214 24.58 -4.18 47.02
C CYS H 214 24.98 -3.92 48.46
N GLU H 215 24.99 -2.65 48.88
CA GLU H 215 25.38 -2.34 50.25
C GLU H 215 24.23 -2.65 51.19
N ARG H 216 23.00 -2.38 50.75
CA ARG H 216 21.82 -2.79 51.46
C ARG H 216 21.78 -4.28 51.71
N HIS H 217 22.62 -5.06 51.07
CA HIS H 217 22.58 -6.50 51.28
C HIS H 217 23.96 -7.00 51.64
N SER H 218 24.81 -6.14 52.21
CA SER H 218 26.22 -6.46 52.42
C SER H 218 26.43 -7.62 53.38
N SER H 219 25.48 -7.88 54.28
CA SER H 219 25.51 -9.02 55.20
C SER H 219 25.33 -10.37 54.52
N GLN H 220 25.01 -10.40 53.23
CA GLN H 220 24.63 -11.62 52.56
C GLN H 220 25.88 -12.25 51.97
N THR H 221 26.42 -13.28 52.64
CA THR H 221 27.69 -13.86 52.18
C THR H 221 27.56 -14.47 50.78
N CYS H 222 26.37 -14.91 50.40
CA CYS H 222 26.21 -15.51 49.08
C CYS H 222 26.21 -14.50 47.94
N LEU H 223 26.21 -13.20 48.24
CA LEU H 223 26.01 -12.15 47.25
C LEU H 223 27.22 -11.99 46.35
N VAL H 224 26.99 -12.03 45.04
CA VAL H 224 28.02 -11.85 44.04
C VAL H 224 27.53 -10.81 43.04
N PRO H 225 27.96 -9.55 43.13
CA PRO H 225 27.49 -8.55 42.17
C PRO H 225 28.26 -8.66 40.86
N GLU H 226 27.55 -8.36 39.77
CA GLU H 226 28.18 -8.22 38.45
C GLU H 226 27.68 -6.93 37.82
N PRO H 227 28.45 -5.86 37.91
CA PRO H 227 28.06 -4.60 37.28
C PRO H 227 28.48 -4.55 35.81
N ASN H 228 27.77 -3.68 35.06
CA ASN H 228 28.04 -3.53 33.63
C ASN H 228 29.49 -3.17 33.36
N ARG H 229 30.04 -2.23 34.14
CA ARG H 229 31.45 -1.88 34.25
C ARG H 229 32.44 -3.03 34.06
N LEU H 230 32.05 -4.24 34.47
CA LEU H 230 32.95 -5.39 34.45
C LEU H 230 32.17 -6.71 34.46
N MET H 231 31.67 -7.13 33.31
CA MET H 231 30.93 -8.37 33.22
C MET H 231 31.89 -9.55 33.08
N ALA H 232 31.38 -10.75 33.38
CA ALA H 232 32.17 -11.96 33.26
C ALA H 232 32.37 -12.34 31.79
N LYS H 233 33.48 -13.00 31.50
CA LYS H 233 33.83 -13.26 30.12
C LYS H 233 33.64 -14.76 29.77
N SER H 234 34.15 -15.15 28.60
CA SER H 234 34.08 -16.53 28.11
C SER H 234 32.67 -17.10 28.11
N TYR H 235 31.67 -16.24 27.94
CA TYR H 235 30.28 -16.67 27.98
C TYR H 235 29.81 -17.05 26.57
N LEU H 236 29.59 -18.34 26.33
CA LEU H 236 29.29 -18.86 25.01
C LEU H 236 27.91 -19.50 25.01
N ILE H 237 27.07 -19.16 24.04
CA ILE H 237 25.72 -19.70 23.95
C ILE H 237 25.64 -20.64 22.75
N LEU H 238 25.03 -21.79 22.97
CA LEU H 238 24.78 -22.81 21.96
C LEU H 238 23.26 -22.89 21.87
N ASP H 239 22.72 -22.66 20.68
CA ASP H 239 21.28 -22.42 20.62
C ASP H 239 20.53 -23.69 20.26
N GLU H 240 19.23 -23.55 19.98
CA GLU H 240 18.37 -24.72 19.89
C GLU H 240 18.69 -25.59 18.68
N TYR H 241 19.42 -25.06 17.69
CA TYR H 241 19.94 -25.88 16.61
C TYR H 241 21.40 -26.26 16.83
N MET H 242 21.90 -26.03 18.04
CA MET H 242 23.30 -26.26 18.39
C MET H 242 24.21 -25.43 17.47
N ARG H 243 23.81 -24.19 17.26
CA ARG H 243 24.65 -23.20 16.62
C ARG H 243 25.18 -22.25 17.66
N PHE H 244 26.43 -21.84 17.54
CA PHE H 244 26.96 -20.83 18.45
C PHE H 244 26.41 -19.46 18.08
N LEU H 245 26.18 -18.62 19.09
CA LEU H 245 25.84 -17.22 18.87
C LEU H 245 27.10 -16.37 18.97
N ASP H 246 27.04 -15.16 18.43
CA ASP H 246 28.21 -14.29 18.45
C ASP H 246 28.21 -13.41 19.71
N ARG H 247 29.14 -12.45 19.77
CA ARG H 247 29.32 -11.66 20.98
C ARG H 247 28.14 -10.71 21.25
N ASN H 248 27.19 -10.64 20.34
CA ASN H 248 25.96 -9.87 20.49
C ASN H 248 24.75 -10.75 20.68
N GLY H 249 24.94 -12.05 20.80
CA GLY H 249 23.81 -12.92 20.95
C GLY H 249 23.06 -13.19 19.68
N GLN H 250 23.69 -13.03 18.52
CA GLN H 250 23.00 -13.27 17.27
C GLN H 250 24.02 -13.75 16.22
N GLN H 251 23.67 -13.59 14.93
CA GLN H 251 24.49 -14.04 13.82
C GLN H 251 24.97 -15.49 14.00
N PRO H 252 24.04 -16.46 14.11
CA PRO H 252 24.45 -17.82 14.45
C PRO H 252 25.29 -18.47 13.37
N SER H 253 26.20 -19.35 13.80
CA SER H 253 26.98 -20.19 12.89
C SER H 253 26.11 -21.28 12.29
N LYS H 254 26.70 -22.11 11.46
CA LYS H 254 26.00 -23.34 11.18
C LYS H 254 26.08 -24.22 12.43
N SER H 255 25.22 -25.24 12.51
CA SER H 255 25.23 -26.14 13.67
C SER H 255 26.57 -26.87 13.80
N ILE H 256 27.01 -27.09 15.04
CA ILE H 256 28.21 -27.91 15.23
C ILE H 256 27.98 -29.31 14.68
N LEU H 257 26.72 -29.73 14.60
CA LEU H 257 26.39 -31.00 13.97
C LEU H 257 26.70 -31.01 12.48
N GLU H 258 26.77 -29.84 11.85
CA GLU H 258 27.04 -29.78 10.43
C GLU H 258 28.49 -29.45 10.10
N VAL H 259 29.14 -28.56 10.84
CA VAL H 259 30.48 -28.11 10.50
C VAL H 259 31.49 -28.32 11.62
N GLY H 260 31.05 -28.75 12.81
CA GLY H 260 31.95 -29.03 13.90
C GLY H 260 32.22 -27.83 14.77
N VAL H 261 32.88 -28.09 15.90
CA VAL H 261 32.98 -27.06 16.93
C VAL H 261 33.88 -25.93 16.49
N GLN H 262 35.09 -26.24 16.00
CA GLN H 262 36.02 -25.16 15.74
C GLN H 262 35.61 -24.33 14.54
N GLN H 263 35.10 -24.98 13.49
CA GLN H 263 34.66 -24.17 12.36
C GLN H 263 33.52 -23.24 12.78
N ALA H 264 32.61 -23.73 13.61
CA ALA H 264 31.51 -22.90 14.09
C ALA H 264 32.01 -21.76 14.97
N LEU H 265 33.04 -22.02 15.80
CA LEU H 265 33.61 -20.96 16.61
C LEU H 265 34.18 -19.83 15.74
N GLN H 266 34.84 -20.15 14.63
CA GLN H 266 35.33 -19.09 13.76
C GLN H 266 34.19 -18.30 13.13
N ALA H 267 33.07 -18.97 12.81
CA ALA H 267 31.95 -18.29 12.17
C ALA H 267 31.40 -17.11 13.00
N VAL H 268 31.57 -17.14 14.33
CA VAL H 268 31.00 -16.12 15.22
C VAL H 268 32.09 -15.29 15.88
N PHE H 269 33.32 -15.36 15.36
CA PHE H 269 34.47 -14.55 15.81
C PHE H 269 34.72 -14.77 17.28
N TRP H 270 34.84 -16.03 17.66
CA TRP H 270 34.97 -16.38 19.06
C TRP H 270 36.23 -15.74 19.63
N ASP H 271 36.09 -15.16 20.82
CA ASP H 271 37.19 -14.42 21.45
C ASP H 271 36.86 -14.30 22.94
N GLU H 272 37.56 -15.05 23.80
CA GLU H 272 37.16 -15.21 25.20
C GLU H 272 36.78 -13.88 25.82
N GLU H 273 37.64 -12.86 25.63
CA GLU H 273 37.47 -11.59 26.36
C GLU H 273 36.29 -10.77 25.85
N ALA H 274 35.84 -11.01 24.64
CA ALA H 274 34.76 -10.22 24.07
C ALA H 274 33.39 -10.82 24.30
N PHE H 275 33.29 -12.06 24.79
CA PHE H 275 31.99 -12.72 24.92
C PHE H 275 31.55 -12.55 26.36
N VAL H 276 30.88 -11.44 26.62
CA VAL H 276 30.48 -11.12 27.98
C VAL H 276 29.26 -11.95 28.37
N GLU H 277 29.12 -12.14 29.67
CA GLU H 277 27.93 -12.74 30.25
C GLU H 277 26.68 -11.97 29.87
N ARG H 278 25.68 -12.71 29.39
CA ARG H 278 24.41 -12.14 28.97
C ARG H 278 23.29 -12.28 30.01
N GLY H 279 23.58 -12.84 31.20
CA GLY H 279 22.56 -13.00 32.23
C GLY H 279 22.00 -11.67 32.72
N GLY H 280 22.79 -10.62 32.68
CA GLY H 280 22.22 -9.36 33.09
C GLY H 280 21.55 -8.59 31.98
N ILE H 281 21.40 -9.17 30.80
CA ILE H 281 21.09 -8.44 29.58
C ILE H 281 19.64 -8.69 29.20
N TYR H 282 18.89 -7.62 29.03
CA TYR H 282 17.57 -7.68 28.40
C TYR H 282 17.77 -7.47 26.90
N ASP H 283 17.76 -8.58 26.13
CA ASP H 283 18.17 -8.64 24.72
C ASP H 283 17.04 -8.22 23.76
N TRP H 284 16.98 -6.90 23.46
CA TRP H 284 15.96 -6.31 22.56
C TRP H 284 16.54 -5.88 21.21
N GLN I 8 48.67 -10.62 5.64
CA GLN I 8 49.16 -10.70 4.26
C GLN I 8 48.30 -11.71 3.45
N VAL I 9 48.33 -11.57 2.12
CA VAL I 9 47.47 -12.28 1.16
C VAL I 9 47.91 -13.74 1.01
N PRO I 10 46.99 -14.68 0.80
CA PRO I 10 47.41 -16.08 0.66
C PRO I 10 48.06 -16.30 -0.68
N VAL I 11 48.72 -17.44 -0.81
CA VAL I 11 49.40 -17.72 -2.07
C VAL I 11 48.38 -17.83 -3.19
N SER I 12 47.14 -18.16 -2.87
CA SER I 12 46.13 -18.47 -3.86
C SER I 12 44.91 -17.58 -3.68
N VAL I 13 44.49 -16.93 -4.77
CA VAL I 13 43.39 -15.97 -4.74
C VAL I 13 42.40 -16.31 -5.84
N ASN I 14 41.12 -16.28 -5.52
CA ASN I 14 40.08 -16.64 -6.48
C ASN I 14 39.43 -15.38 -7.02
N TYR I 15 39.70 -15.06 -8.29
CA TYR I 15 39.19 -13.85 -8.91
C TYR I 15 37.85 -14.18 -9.55
N HIS I 16 36.75 -13.81 -8.88
CA HIS I 16 35.42 -13.97 -9.45
C HIS I 16 35.15 -12.76 -10.34
N PHE I 17 35.76 -12.75 -11.54
CA PHE I 17 35.80 -11.50 -12.29
C PHE I 17 34.48 -11.14 -12.96
N SER I 18 33.52 -12.06 -13.02
CA SER I 18 32.19 -11.73 -13.47
C SER I 18 31.19 -12.49 -12.60
N ARG I 19 30.07 -11.85 -12.26
CA ARG I 19 29.17 -12.48 -11.31
C ARG I 19 28.09 -13.28 -12.03
N LYS I 20 27.45 -14.16 -11.27
CA LYS I 20 26.46 -15.10 -11.80
C LYS I 20 25.17 -14.37 -12.20
N CYS I 21 24.63 -14.71 -13.38
CA CYS I 21 23.41 -14.07 -13.89
C CYS I 21 22.21 -15.05 -13.92
N ASN I 22 21.63 -15.31 -15.10
CA ASN I 22 20.57 -16.31 -15.25
C ASN I 22 20.35 -16.63 -16.73
N ALA I 32 20.27 -7.92 -23.19
CA ALA I 32 20.35 -8.16 -21.75
C ALA I 32 21.63 -8.97 -21.38
N THR I 33 22.68 -8.29 -20.87
CA THR I 33 24.01 -8.94 -20.74
C THR I 33 24.91 -8.45 -19.62
N THR I 34 24.65 -7.19 -19.20
CA THR I 34 25.34 -6.53 -18.10
C THR I 34 25.61 -7.49 -16.92
N SER I 35 26.86 -7.82 -16.73
CA SER I 35 27.46 -7.99 -15.42
C SER I 35 28.70 -7.11 -15.46
N HIS I 36 29.02 -6.41 -14.39
CA HIS I 36 30.20 -5.57 -14.46
C HIS I 36 31.43 -6.46 -14.62
N VAL I 37 32.32 -6.05 -15.51
CA VAL I 37 33.63 -6.69 -15.62
C VAL I 37 34.66 -5.58 -15.73
N GLU I 38 35.73 -5.67 -14.94
CA GLU I 38 36.76 -4.64 -14.96
C GLU I 38 37.33 -4.47 -16.37
N LYS I 39 37.82 -3.27 -16.65
CA LYS I 39 38.55 -3.06 -17.89
C LYS I 39 39.92 -3.73 -17.79
N PRO I 40 40.42 -4.30 -18.89
CA PRO I 40 41.67 -5.10 -18.79
C PRO I 40 42.83 -4.35 -18.15
N GLU I 41 42.94 -3.03 -18.32
CA GLU I 41 44.09 -2.34 -17.74
C GLU I 41 43.94 -2.16 -16.23
N ASN I 42 42.71 -1.97 -15.74
CA ASN I 42 42.47 -1.98 -14.29
C ASN I 42 42.72 -3.35 -13.69
N ALA I 43 42.13 -4.40 -14.30
CA ALA I 43 42.34 -5.75 -13.81
C ALA I 43 43.83 -6.05 -13.70
N LYS I 44 44.60 -5.62 -14.71
CA LYS I 44 46.03 -5.92 -14.67
C LYS I 44 46.70 -5.20 -13.51
N ARG I 45 46.25 -3.98 -13.22
CA ARG I 45 46.79 -3.23 -12.09
C ARG I 45 46.51 -3.97 -10.78
N GLY I 46 45.27 -4.45 -10.63
CA GLY I 46 44.90 -5.17 -9.41
C GLY I 46 45.66 -6.47 -9.25
N LEU I 47 45.72 -7.28 -10.31
CA LEU I 47 46.48 -8.51 -10.21
C LEU I 47 47.94 -8.21 -9.89
N THR I 48 48.47 -7.08 -10.39
CA THR I 48 49.83 -6.70 -10.05
C THR I 48 49.96 -6.44 -8.55
N LEU I 49 49.05 -5.63 -7.99
CA LEU I 49 48.97 -5.41 -6.56
C LEU I 49 48.95 -6.71 -5.76
N LEU I 50 48.20 -7.71 -6.22
CA LEU I 50 48.15 -8.96 -5.49
C LEU I 50 49.46 -9.73 -5.61
N LYS I 51 50.08 -9.72 -6.79
CA LYS I 51 51.38 -10.37 -6.96
C LYS I 51 52.40 -9.76 -6.01
N GLN I 52 52.46 -8.42 -5.99
CA GLN I 52 53.32 -7.70 -5.07
C GLN I 52 53.01 -8.02 -3.62
N ALA I 53 51.79 -8.43 -3.32
CA ALA I 53 51.41 -8.71 -1.93
C ALA I 53 51.65 -10.15 -1.53
N GLY I 54 52.13 -10.99 -2.43
CA GLY I 54 52.42 -12.37 -2.09
C GLY I 54 51.61 -13.39 -2.85
N MET I 55 50.69 -12.99 -3.72
CA MET I 55 49.96 -13.97 -4.49
C MET I 55 50.88 -14.62 -5.48
N LYS I 56 50.88 -15.95 -5.49
CA LYS I 56 51.65 -16.75 -6.43
C LYS I 56 50.77 -17.55 -7.40
N LYS I 57 49.52 -17.86 -7.01
CA LYS I 57 48.59 -18.64 -7.82
C LYS I 57 47.24 -17.92 -7.92
N ILE I 58 46.69 -17.87 -9.13
CA ILE I 58 45.40 -17.25 -9.40
C ILE I 58 44.43 -18.33 -9.87
N ASN I 59 43.14 -18.06 -9.65
CA ASN I 59 42.07 -18.95 -10.08
C ASN I 59 40.91 -18.09 -10.56
N PHE I 60 40.58 -18.19 -11.83
CA PHE I 60 39.49 -17.43 -12.43
C PHE I 60 38.19 -18.21 -12.28
N ALA I 61 37.24 -17.64 -11.57
CA ALA I 61 35.88 -18.17 -11.43
C ALA I 61 34.89 -16.92 -11.49
N GLY I 62 33.73 -16.87 -10.83
CA GLY I 62 32.82 -17.97 -10.56
C GLY I 62 31.77 -17.65 -11.59
N GLY I 63 31.60 -18.57 -12.55
CA GLY I 63 30.50 -18.58 -13.50
C GLY I 63 30.34 -17.30 -14.25
N GLU I 64 30.41 -17.38 -15.57
CA GLU I 64 30.95 -18.50 -16.27
C GLU I 64 32.05 -17.81 -17.02
N PRO I 65 33.30 -18.11 -16.71
CA PRO I 65 34.37 -17.29 -17.27
C PRO I 65 34.53 -17.43 -18.76
N PHE I 66 34.02 -18.50 -19.38
CA PHE I 66 34.15 -18.59 -20.83
C PHE I 66 33.08 -17.79 -21.54
N LEU I 67 32.25 -17.08 -20.79
CA LEU I 67 31.36 -16.08 -21.34
C LEU I 67 32.08 -14.81 -21.72
N TYR I 68 33.34 -14.65 -21.30
CA TYR I 68 34.14 -13.46 -21.55
C TYR I 68 35.52 -13.90 -22.02
N PRO I 69 35.62 -14.47 -23.22
CA PRO I 69 36.91 -15.07 -23.64
C PRO I 69 38.03 -14.08 -23.84
N LYS I 70 37.73 -12.90 -24.38
CA LYS I 70 38.79 -11.93 -24.64
C LYS I 70 39.46 -11.46 -23.35
N PHE I 71 38.65 -11.03 -22.39
CA PHE I 71 39.14 -10.74 -21.04
C PHE I 71 39.88 -11.95 -20.45
N LEU I 72 39.26 -13.13 -20.48
CA LEU I 72 39.88 -14.32 -19.89
C LEU I 72 41.25 -14.57 -20.50
N GLY I 73 41.34 -14.55 -21.84
CA GLY I 73 42.62 -14.78 -22.48
C GLY I 73 43.67 -13.76 -22.08
N GLU I 74 43.32 -12.47 -22.15
CA GLU I 74 44.24 -11.42 -21.78
C GLU I 74 44.78 -11.59 -20.37
N MET I 75 43.88 -11.89 -19.42
CA MET I 75 44.30 -12.02 -18.03
C MET I 75 45.07 -13.32 -17.79
N ILE I 76 44.68 -14.41 -18.44
CA ILE I 76 45.47 -15.62 -18.35
C ILE I 76 46.89 -15.35 -18.85
N ASP I 77 47.01 -14.71 -20.02
CA ASP I 77 48.34 -14.47 -20.59
C ASP I 77 49.14 -13.56 -19.69
N PHE I 78 48.53 -12.44 -19.30
CA PHE I 78 49.19 -11.47 -18.43
C PHE I 78 49.65 -12.11 -17.13
N CYS I 79 48.87 -13.05 -16.60
CA CYS I 79 49.24 -13.62 -15.31
C CYS I 79 50.43 -14.54 -15.42
N LYS I 80 50.50 -15.30 -16.51
CA LYS I 80 51.60 -16.26 -16.57
C LYS I 80 52.82 -15.67 -17.26
N GLU I 81 52.63 -14.82 -18.28
CA GLU I 81 53.75 -14.22 -18.99
C GLU I 81 54.35 -13.05 -18.21
N THR I 82 53.54 -12.04 -17.90
CA THR I 82 54.08 -10.86 -17.22
C THR I 82 54.27 -11.08 -15.73
N LEU I 83 53.22 -11.48 -15.00
CA LEU I 83 53.35 -11.66 -13.55
C LEU I 83 54.12 -12.92 -13.19
N GLN I 84 54.31 -13.84 -14.15
CA GLN I 84 55.03 -15.09 -13.94
C GLN I 84 54.57 -15.82 -12.69
N LEU I 85 53.28 -16.14 -12.65
CA LEU I 85 52.67 -16.80 -11.51
C LEU I 85 52.82 -18.30 -11.63
N GLU I 86 52.92 -18.98 -10.49
CA GLU I 86 53.16 -20.41 -10.49
C GLU I 86 51.99 -21.16 -11.12
N SER I 87 50.76 -20.87 -10.70
CA SER I 87 49.60 -21.60 -11.17
C SER I 87 48.54 -20.63 -11.67
N VAL I 88 48.00 -20.90 -12.85
CA VAL I 88 46.87 -20.17 -13.42
C VAL I 88 45.77 -21.19 -13.73
N SER I 89 44.63 -21.09 -13.05
CA SER I 89 43.54 -22.05 -13.21
C SER I 89 42.21 -21.36 -13.48
N ILE I 90 41.29 -22.13 -14.05
CA ILE I 90 39.97 -21.65 -14.47
C ILE I 90 38.95 -22.68 -14.03
N VAL I 91 37.77 -22.20 -13.65
CA VAL I 91 36.64 -23.06 -13.31
C VAL I 91 35.54 -22.78 -14.30
N THR I 92 34.94 -23.82 -14.87
CA THR I 92 33.90 -23.58 -15.86
C THR I 92 32.88 -24.68 -15.81
N ASN I 93 31.68 -24.39 -16.31
CA ASN I 93 30.68 -25.44 -16.49
C ASN I 93 30.89 -26.19 -17.81
N GLY I 94 31.80 -25.74 -18.67
CA GLY I 94 32.20 -26.50 -19.81
C GLY I 94 31.47 -26.18 -21.09
N SER I 95 30.24 -25.69 -21.03
CA SER I 95 29.48 -25.53 -22.27
C SER I 95 30.17 -24.55 -23.22
N LEU I 96 30.63 -23.41 -22.71
CA LEU I 96 31.16 -22.40 -23.61
C LEU I 96 32.64 -22.56 -23.97
N VAL I 97 33.28 -23.65 -23.53
CA VAL I 97 34.71 -23.83 -23.80
C VAL I 97 34.85 -24.22 -25.27
N LYS I 98 35.47 -23.36 -26.05
CA LYS I 98 35.76 -23.64 -27.45
C LYS I 98 37.24 -23.99 -27.53
N GLU I 99 37.58 -25.02 -28.29
CA GLU I 99 38.96 -25.50 -28.28
C GLU I 99 39.93 -24.53 -28.91
N GLN I 100 39.47 -23.66 -29.81
CA GLN I 100 40.32 -22.57 -30.29
C GLN I 100 41.00 -21.85 -29.14
N PHE I 101 40.30 -21.69 -28.00
CA PHE I 101 40.83 -20.99 -26.83
C PHE I 101 41.98 -21.76 -26.20
N LEU I 102 41.74 -23.03 -25.82
CA LEU I 102 42.80 -23.83 -25.21
C LEU I 102 44.05 -23.87 -26.08
N GLN I 103 43.88 -23.79 -27.39
CA GLN I 103 45.05 -23.73 -28.28
C GLN I 103 45.84 -22.45 -28.07
N LYS I 104 45.19 -21.31 -28.28
CA LYS I 104 45.87 -20.02 -28.20
C LYS I 104 46.55 -19.82 -26.84
N HIS I 105 45.89 -20.21 -25.75
CA HIS I 105 46.30 -19.82 -24.40
C HIS I 105 46.77 -20.99 -23.53
N GLY I 106 46.71 -22.23 -24.03
CA GLY I 106 46.91 -23.38 -23.17
C GLY I 106 48.28 -23.44 -22.53
N ARG I 107 49.30 -22.85 -23.17
CA ARG I 107 50.62 -22.83 -22.54
C ARG I 107 50.58 -22.09 -21.21
N ASN I 108 49.59 -21.21 -21.04
CA ASN I 108 49.47 -20.35 -19.86
C ASN I 108 48.42 -20.84 -18.89
N ILE I 109 47.78 -21.97 -19.14
CA ILE I 109 46.73 -22.53 -18.28
C ILE I 109 47.28 -23.79 -17.60
N ASP I 110 47.36 -23.79 -16.28
CA ASP I 110 47.90 -24.97 -15.59
C ASP I 110 46.83 -25.97 -15.18
N ILE I 111 45.60 -25.53 -14.87
CA ILE I 111 44.52 -26.39 -14.41
C ILE I 111 43.22 -25.88 -15.00
N LEU I 112 42.44 -26.76 -15.62
CA LEU I 112 41.09 -26.42 -16.02
C LEU I 112 40.13 -27.31 -15.23
N ALA I 113 39.32 -26.70 -14.36
CA ALA I 113 38.41 -27.44 -13.51
C ALA I 113 37.01 -27.29 -14.06
N VAL I 114 36.40 -28.40 -14.44
CA VAL I 114 35.04 -28.39 -14.94
C VAL I 114 34.15 -28.87 -13.81
N SER I 115 33.05 -28.17 -13.59
CA SER I 115 32.16 -28.59 -12.50
C SER I 115 31.10 -29.52 -13.08
N CYS I 116 30.96 -30.68 -12.44
CA CYS I 116 30.08 -31.74 -12.93
C CYS I 116 29.46 -32.43 -11.72
N ASP I 117 28.14 -32.32 -11.56
CA ASP I 117 27.51 -32.92 -10.39
C ASP I 117 26.90 -34.28 -10.68
N SER I 118 26.69 -34.62 -11.96
CA SER I 118 26.00 -35.83 -12.32
C SER I 118 26.17 -36.10 -13.80
N PHE I 119 26.05 -37.38 -14.18
CA PHE I 119 25.96 -37.77 -15.58
C PHE I 119 24.56 -38.20 -16.00
N ASN I 120 23.63 -38.33 -15.07
CA ASN I 120 22.26 -38.69 -15.38
C ASN I 120 21.43 -37.41 -15.51
N GLU I 121 20.78 -37.25 -16.66
CA GLU I 121 20.20 -35.96 -16.99
C GLU I 121 19.07 -35.59 -16.04
N ALA I 122 18.29 -36.57 -15.60
CA ALA I 122 17.23 -36.25 -14.65
C ALA I 122 17.81 -35.65 -13.38
N THR I 123 18.92 -36.20 -12.89
CA THR I 123 19.56 -35.65 -11.70
C THR I 123 20.01 -34.22 -11.93
N ASN I 124 20.64 -33.94 -13.08
CA ASN I 124 21.08 -32.58 -13.33
C ASN I 124 19.93 -31.59 -13.25
N ILE I 125 18.77 -31.97 -13.80
CA ILE I 125 17.63 -31.05 -13.81
C ILE I 125 17.16 -30.77 -12.39
N LYS I 126 16.97 -31.82 -11.60
CA LYS I 126 16.54 -31.64 -10.22
C LYS I 126 17.52 -30.78 -9.45
N ILE I 127 18.83 -30.91 -9.72
CA ILE I 127 19.83 -30.08 -9.08
C ILE I 127 19.76 -28.63 -9.57
N GLY I 128 19.35 -28.40 -10.81
CA GLY I 128 19.25 -27.05 -11.32
C GLY I 128 20.31 -26.70 -12.34
N ARG I 129 20.50 -27.57 -13.35
CA ARG I 129 21.49 -27.32 -14.39
C ARG I 129 21.07 -27.91 -15.73
N GLY I 130 19.82 -28.37 -15.86
CA GLY I 130 19.44 -29.16 -17.02
C GLY I 130 19.11 -28.24 -18.18
N SER I 131 19.17 -28.78 -19.39
CA SER I 131 19.32 -30.22 -19.60
C SER I 131 20.73 -30.63 -20.02
N GLY I 132 20.98 -31.95 -19.93
CA GLY I 132 22.08 -32.63 -20.61
C GLY I 132 21.68 -32.84 -22.07
N ASP I 133 22.31 -33.81 -22.74
CA ASP I 133 23.40 -34.58 -22.16
C ASP I 133 24.70 -33.88 -22.55
N ASN I 134 25.10 -32.95 -21.67
CA ASN I 134 26.38 -32.28 -21.57
C ASN I 134 27.56 -33.28 -21.31
N VAL I 135 27.34 -34.59 -21.37
CA VAL I 135 28.37 -35.51 -20.91
C VAL I 135 29.50 -35.61 -21.92
N GLN I 136 29.18 -35.58 -23.20
CA GLN I 136 30.28 -35.78 -24.13
C GLN I 136 31.14 -34.52 -24.28
N LYS I 137 30.65 -33.36 -23.87
CA LYS I 137 31.52 -32.20 -23.84
C LYS I 137 32.56 -32.30 -22.74
N LEU I 138 32.24 -32.99 -21.65
CA LEU I 138 33.23 -33.26 -20.62
C LEU I 138 34.39 -34.09 -21.17
N TYR I 139 34.07 -35.09 -22.00
CA TYR I 139 35.10 -35.92 -22.62
C TYR I 139 35.95 -35.10 -23.57
N GLU I 140 35.31 -34.23 -24.37
CA GLU I 140 36.07 -33.39 -25.28
C GLU I 140 37.03 -32.51 -24.52
N ILE I 141 36.58 -31.91 -23.41
CA ILE I 141 37.44 -31.04 -22.58
C ILE I 141 38.54 -31.86 -21.95
N GLY I 142 38.21 -33.04 -21.42
CA GLY I 142 39.25 -33.94 -20.95
C GLY I 142 40.28 -34.22 -22.02
N SER I 143 39.84 -34.36 -23.28
CA SER I 143 40.78 -34.65 -24.36
C SER I 143 41.60 -33.43 -24.72
N TRP I 144 40.97 -32.27 -24.89
CA TRP I 144 41.73 -31.06 -25.17
C TRP I 144 42.77 -30.79 -24.09
N CYS I 145 42.51 -31.22 -22.86
CA CYS I 145 43.48 -31.02 -21.79
C CYS I 145 44.73 -31.85 -22.03
N GLN I 146 44.58 -33.14 -22.36
CA GLN I 146 45.73 -33.92 -22.81
C GLN I 146 46.34 -33.29 -24.06
N LYS I 147 45.50 -32.91 -25.01
CA LYS I 147 45.98 -32.37 -26.25
C LYS I 147 46.85 -31.12 -26.05
N TYR I 148 46.62 -30.33 -24.98
CA TYR I 148 47.34 -29.06 -24.82
C TYR I 148 48.09 -28.93 -23.50
N ASP I 149 48.29 -30.03 -22.77
CA ASP I 149 49.15 -30.03 -21.59
C ASP I 149 48.53 -29.22 -20.46
N ILE I 150 47.25 -29.48 -20.19
CA ILE I 150 46.51 -28.82 -19.13
C ILE I 150 46.02 -29.88 -18.16
N LYS I 151 46.27 -29.65 -16.86
CA LYS I 151 45.78 -30.59 -15.85
C LYS I 151 44.27 -30.47 -15.82
N PHE I 152 43.60 -31.62 -15.75
CA PHE I 152 42.16 -31.75 -15.88
C PHE I 152 41.59 -32.08 -14.51
N LYS I 153 40.74 -31.20 -13.99
CA LYS I 153 40.18 -31.35 -12.67
C LYS I 153 38.66 -31.36 -12.77
N LEU I 154 38.01 -32.24 -11.99
CA LEU I 154 36.56 -32.27 -11.85
C LEU I 154 36.17 -31.80 -10.47
N ASN I 155 35.15 -30.92 -10.41
CA ASN I 155 34.60 -30.42 -9.15
C ASN I 155 33.16 -30.90 -9.00
N THR I 156 32.90 -31.69 -7.97
CA THR I 156 31.58 -32.28 -7.80
C THR I 156 31.00 -31.98 -6.43
N VAL I 157 29.78 -31.48 -6.39
CA VAL I 157 29.10 -31.24 -5.13
C VAL I 157 28.12 -32.37 -4.92
N VAL I 158 28.31 -33.17 -3.89
CA VAL I 158 27.42 -34.32 -3.70
C VAL I 158 26.30 -33.88 -2.75
N ASN I 159 25.08 -34.24 -3.11
CA ASN I 159 23.88 -33.70 -2.51
C ASN I 159 22.79 -34.77 -2.54
N LYS I 160 21.54 -34.35 -2.25
CA LYS I 160 20.44 -35.31 -2.10
C LYS I 160 20.17 -36.06 -3.39
N PHE I 161 20.38 -35.43 -4.53
CA PHE I 161 19.91 -36.00 -5.77
C PHE I 161 20.93 -36.89 -6.49
N ASN I 162 22.20 -36.85 -6.03
CA ASN I 162 23.28 -37.60 -6.65
C ASN I 162 24.12 -38.38 -5.63
N HIS I 163 23.75 -38.38 -4.36
CA HIS I 163 24.60 -39.10 -3.42
C HIS I 163 24.55 -40.60 -3.60
N LEU I 164 23.61 -41.12 -4.39
CA LEU I 164 23.57 -42.56 -4.64
C LEU I 164 24.22 -42.91 -5.95
N GLU I 165 24.57 -41.93 -6.76
CA GLU I 165 25.08 -42.19 -8.10
C GLU I 165 26.38 -42.97 -8.03
N ASP I 166 26.58 -43.84 -9.02
CA ASP I 166 27.88 -44.45 -9.26
C ASP I 166 28.49 -43.79 -10.48
N MET I 167 29.71 -43.27 -10.32
CA MET I 167 30.36 -42.56 -11.40
C MET I 167 31.67 -43.19 -11.82
N ASN I 168 32.01 -44.37 -11.26
CA ASN I 168 33.33 -44.97 -11.47
C ASN I 168 33.64 -45.15 -12.95
N ASP I 169 32.68 -45.67 -13.73
CA ASP I 169 32.95 -45.91 -15.15
C ASP I 169 33.39 -44.61 -15.82
N HIS I 170 32.57 -43.56 -15.68
CA HIS I 170 32.87 -42.27 -16.30
C HIS I 170 34.21 -41.71 -15.85
N LEU I 171 34.62 -41.95 -14.61
CA LEU I 171 35.89 -41.39 -14.14
C LEU I 171 37.10 -42.24 -14.46
N ASN I 172 36.94 -43.54 -14.67
CA ASN I 172 38.02 -44.31 -15.27
C ASN I 172 38.26 -43.86 -16.71
N ALA I 173 37.18 -43.49 -17.43
CA ALA I 173 37.30 -42.94 -18.77
C ALA I 173 38.01 -41.59 -18.76
N LEU I 174 37.51 -40.65 -17.92
CA LEU I 174 37.93 -39.26 -17.98
C LEU I 174 39.32 -39.04 -17.37
N GLN I 175 39.62 -39.73 -16.28
CA GLN I 175 40.94 -39.72 -15.66
C GLN I 175 41.41 -38.29 -15.40
N PRO I 176 40.72 -37.54 -14.56
CA PRO I 176 41.21 -36.22 -14.19
C PRO I 176 42.33 -36.40 -13.20
N PHE I 177 43.24 -35.43 -13.18
CA PHE I 177 44.30 -35.49 -12.19
C PHE I 177 43.74 -35.34 -10.78
N ARG I 178 42.58 -34.72 -10.62
CA ARG I 178 41.98 -34.51 -9.31
C ARG I 178 40.47 -34.47 -9.46
N TRP I 179 39.78 -35.17 -8.57
CA TRP I 179 38.32 -35.20 -8.52
C TRP I 179 37.95 -34.73 -7.12
N LYS I 180 37.61 -33.45 -6.99
CA LYS I 180 37.25 -32.88 -5.71
C LYS I 180 35.74 -33.02 -5.47
N CYS I 181 35.37 -33.68 -4.36
CA CYS I 181 33.97 -33.97 -4.02
C CYS I 181 33.59 -33.24 -2.75
N PHE I 182 32.75 -32.22 -2.91
CA PHE I 182 32.30 -31.40 -1.80
C PHE I 182 31.01 -31.94 -1.25
N GLN I 183 30.92 -32.04 0.07
CA GLN I 183 29.62 -32.22 0.70
C GLN I 183 28.80 -30.95 0.60
N VAL I 184 27.57 -31.05 0.10
CA VAL I 184 26.76 -29.84 -0.02
C VAL I 184 26.66 -29.15 1.33
N LEU I 185 26.64 -27.83 1.31
CA LEU I 185 26.36 -27.01 2.48
C LEU I 185 25.52 -25.84 2.01
N ILE I 186 24.37 -25.61 2.63
CA ILE I 186 23.48 -24.52 2.25
C ILE I 186 23.46 -23.45 3.34
N VAL I 187 23.64 -22.19 2.97
CA VAL I 187 23.57 -21.11 3.94
C VAL I 187 22.20 -20.44 3.87
N THR I 188 21.85 -19.73 4.95
CA THR I 188 20.52 -19.13 5.13
C THR I 188 20.62 -17.83 5.96
N ALA I 200 15.29 -25.74 0.43
CA ALA I 200 16.48 -26.60 0.47
C ALA I 200 16.94 -26.99 1.91
N HIS I 201 15.96 -27.24 2.77
CA HIS I 201 16.24 -27.78 4.10
C HIS I 201 16.63 -29.25 4.02
N SER I 202 16.12 -29.97 3.02
CA SER I 202 16.35 -31.39 2.86
C SER I 202 17.14 -31.71 1.60
N LEU I 203 17.65 -30.70 0.90
CA LEU I 203 18.69 -30.96 -0.11
C LEU I 203 20.02 -31.38 0.52
N THR I 204 20.15 -31.33 1.85
CA THR I 204 21.33 -31.79 2.58
C THR I 204 21.43 -33.30 2.59
N ILE I 205 22.63 -33.79 2.86
CA ILE I 205 22.85 -35.20 3.08
C ILE I 205 23.60 -35.38 4.39
N SER I 206 23.25 -36.44 5.11
CA SER I 206 23.97 -36.84 6.32
C SER I 206 25.43 -37.07 6.02
N ASP I 207 26.25 -37.05 7.06
CA ASP I 207 27.66 -37.30 6.82
C ASP I 207 27.87 -38.76 6.41
N ASP I 208 27.06 -39.68 6.95
CA ASP I 208 27.14 -41.08 6.50
C ASP I 208 26.83 -41.19 5.01
N GLU I 209 25.76 -40.53 4.54
CA GLU I 209 25.47 -40.49 3.11
C GLU I 209 26.67 -39.96 2.31
N PHE I 210 27.37 -38.95 2.84
CA PHE I 210 28.55 -38.45 2.13
C PHE I 210 29.65 -39.50 2.07
N ASP I 211 29.91 -40.19 3.18
CA ASP I 211 31.04 -41.14 3.16
C ASP I 211 30.74 -42.38 2.32
N ARG I 212 29.50 -42.87 2.31
CA ARG I 212 29.20 -44.01 1.45
C ARG I 212 29.41 -43.64 -0.01
N PHE I 213 29.11 -42.40 -0.37
CA PHE I 213 29.47 -41.93 -1.71
C PHE I 213 30.96 -42.04 -1.94
N CYS I 214 31.76 -41.65 -0.95
CA CYS I 214 33.20 -41.68 -1.12
C CYS I 214 33.75 -43.11 -1.14
N GLU I 215 33.18 -44.00 -0.33
CA GLU I 215 33.66 -45.37 -0.38
C GLU I 215 33.23 -46.02 -1.68
N ARG I 216 31.99 -45.77 -2.09
CA ARG I 216 31.54 -46.21 -3.39
C ARG I 216 32.51 -45.83 -4.51
N HIS I 217 33.42 -44.89 -4.29
CA HIS I 217 34.36 -44.50 -5.34
C HIS I 217 35.82 -44.64 -4.90
N SER I 218 36.10 -45.51 -3.92
CA SER I 218 37.43 -45.60 -3.33
C SER I 218 38.47 -46.10 -4.33
N SER I 219 38.03 -46.80 -5.38
CA SER I 219 38.91 -47.15 -6.49
C SER I 219 39.55 -45.93 -7.14
N GLN I 220 38.96 -44.74 -7.01
CA GLN I 220 39.44 -43.59 -7.76
C GLN I 220 40.57 -42.94 -7.00
N THR I 221 41.78 -43.02 -7.55
CA THR I 221 42.90 -42.40 -6.87
C THR I 221 42.76 -40.89 -6.85
N CYS I 222 42.07 -40.33 -7.84
CA CYS I 222 41.96 -38.87 -7.94
C CYS I 222 41.00 -38.26 -6.92
N LEU I 223 40.26 -39.07 -6.16
CA LEU I 223 39.20 -38.56 -5.30
C LEU I 223 39.77 -37.80 -4.12
N VAL I 224 39.36 -36.55 -3.95
CA VAL I 224 39.71 -35.76 -2.77
C VAL I 224 38.42 -35.28 -2.13
N PRO I 225 37.98 -35.90 -1.05
CA PRO I 225 36.73 -35.46 -0.43
C PRO I 225 36.99 -34.21 0.39
N GLU I 226 35.92 -33.42 0.53
CA GLU I 226 35.90 -32.28 1.44
C GLU I 226 34.55 -32.34 2.14
N PRO I 227 34.50 -32.93 3.33
CA PRO I 227 33.26 -32.93 4.11
C PRO I 227 33.06 -31.63 4.87
N ASN I 228 31.80 -31.38 5.21
CA ASN I 228 31.47 -30.19 5.97
C ASN I 228 32.26 -30.08 7.28
N ARG I 229 32.52 -31.21 7.97
CA ARG I 229 33.23 -31.14 9.25
C ARG I 229 34.62 -30.54 9.12
N LEU I 230 35.19 -30.48 7.91
CA LEU I 230 36.59 -30.06 7.82
C LEU I 230 36.86 -29.54 6.41
N MET I 231 36.55 -28.27 6.20
CA MET I 231 36.77 -27.64 4.92
C MET I 231 38.14 -27.00 4.86
N ALA I 232 38.64 -26.83 3.64
CA ALA I 232 39.92 -26.16 3.44
C ALA I 232 39.84 -24.69 3.83
N LYS I 233 40.97 -24.15 4.24
CA LYS I 233 41.11 -22.80 4.77
C LYS I 233 41.77 -21.86 3.74
N SER I 234 41.98 -20.58 4.14
CA SER I 234 42.64 -19.54 3.31
C SER I 234 41.94 -19.32 1.97
N TYR I 235 40.63 -19.53 1.91
CA TYR I 235 39.87 -19.31 0.69
C TYR I 235 39.47 -17.84 0.61
N LEU I 236 40.17 -17.07 -0.21
CA LEU I 236 39.93 -15.64 -0.39
C LEU I 236 39.29 -15.38 -1.75
N ILE I 237 38.22 -14.60 -1.80
CA ILE I 237 37.53 -14.29 -3.05
C ILE I 237 37.68 -12.80 -3.39
N LEU I 238 38.02 -12.54 -4.65
CA LEU I 238 38.19 -11.21 -5.22
C LEU I 238 37.06 -11.03 -6.22
N ASP I 239 36.15 -10.09 -5.96
CA ASP I 239 34.93 -10.06 -6.75
C ASP I 239 35.11 -9.22 -8.02
N GLU I 240 34.03 -8.99 -8.74
CA GLU I 240 34.13 -8.41 -10.06
C GLU I 240 34.64 -6.98 -10.02
N TYR I 241 34.56 -6.31 -8.88
CA TYR I 241 35.10 -4.97 -8.73
C TYR I 241 36.45 -5.00 -8.04
N MET I 242 37.03 -6.19 -7.94
CA MET I 242 38.28 -6.43 -7.23
C MET I 242 38.18 -5.92 -5.80
N ARG I 243 37.09 -6.31 -5.14
CA ARG I 243 36.95 -6.21 -3.71
C ARG I 243 37.05 -7.58 -3.07
N PHE I 244 37.59 -7.65 -1.86
CA PHE I 244 37.59 -8.91 -1.12
C PHE I 244 36.24 -9.13 -0.47
N LEU I 245 35.84 -10.37 -0.39
CA LEU I 245 34.65 -10.78 0.35
C LEU I 245 35.04 -11.26 1.74
N ASP I 246 34.09 -11.23 2.67
CA ASP I 246 34.40 -11.63 4.04
C ASP I 246 34.20 -13.14 4.21
N ARG I 247 34.43 -13.63 5.43
CA ARG I 247 34.37 -15.07 5.67
C ARG I 247 33.00 -15.68 5.39
N ASN I 248 31.97 -14.88 5.15
CA ASN I 248 30.63 -15.35 4.83
C ASN I 248 30.28 -15.10 3.36
N GLY I 249 31.26 -14.70 2.56
CA GLY I 249 31.08 -14.37 1.16
C GLY I 249 30.36 -13.06 0.90
N GLN I 250 30.39 -12.14 1.87
CA GLN I 250 29.58 -10.92 1.82
C GLN I 250 30.38 -9.73 2.32
N GLN I 251 29.68 -8.62 2.53
CA GLN I 251 30.27 -7.40 3.09
C GLN I 251 31.62 -7.04 2.45
N PRO I 252 31.63 -6.77 1.14
CA PRO I 252 32.92 -6.56 0.45
C PRO I 252 33.64 -5.29 0.89
N SER I 253 34.97 -5.37 0.88
CA SER I 253 35.81 -4.21 1.10
C SER I 253 35.60 -3.17 0.00
N LYS I 254 36.27 -2.01 0.14
CA LYS I 254 36.44 -1.18 -1.04
C LYS I 254 37.38 -1.91 -2.00
N SER I 255 37.43 -1.47 -3.26
CA SER I 255 38.28 -2.17 -4.22
C SER I 255 39.75 -2.04 -3.85
N ILE I 256 40.55 -3.05 -4.19
CA ILE I 256 41.97 -2.91 -3.95
C ILE I 256 42.56 -1.81 -4.83
N LEU I 257 41.88 -1.51 -5.94
CA LEU I 257 42.31 -0.41 -6.80
C LEU I 257 42.15 0.94 -6.13
N GLU I 258 41.36 1.05 -5.06
CA GLU I 258 41.22 2.27 -4.27
C GLU I 258 42.02 2.28 -2.97
N VAL I 259 41.96 1.21 -2.20
CA VAL I 259 42.56 1.19 -0.88
C VAL I 259 43.74 0.26 -0.77
N GLY I 260 44.03 -0.53 -1.81
CA GLY I 260 45.15 -1.44 -1.77
C GLY I 260 44.84 -2.73 -1.03
N VAL I 261 45.72 -3.72 -1.23
CA VAL I 261 45.46 -5.09 -0.72
C VAL I 261 45.31 -5.11 0.80
N GLN I 262 46.27 -4.55 1.55
CA GLN I 262 46.32 -4.78 3.00
C GLN I 262 45.16 -4.10 3.72
N GLN I 263 44.83 -2.85 3.34
CA GLN I 263 43.69 -2.23 3.99
C GLN I 263 42.38 -2.93 3.65
N ALA I 264 42.24 -3.45 2.42
CA ALA I 264 41.04 -4.18 2.06
C ALA I 264 40.93 -5.47 2.84
N LEU I 265 42.07 -6.14 3.10
CA LEU I 265 42.04 -7.38 3.88
C LEU I 265 41.52 -7.13 5.29
N GLN I 266 41.94 -6.01 5.90
CA GLN I 266 41.46 -5.66 7.23
C GLN I 266 39.97 -5.33 7.21
N ALA I 267 39.52 -4.60 6.19
CA ALA I 267 38.11 -4.28 6.05
C ALA I 267 37.23 -5.51 6.07
N VAL I 268 37.81 -6.67 5.85
CA VAL I 268 37.06 -7.90 5.67
C VAL I 268 37.39 -8.92 6.76
N PHE I 269 38.06 -8.47 7.83
CA PHE I 269 38.44 -9.32 8.96
C PHE I 269 39.13 -10.56 8.46
N TRP I 270 40.12 -10.36 7.60
CA TRP I 270 40.86 -11.46 7.00
C TRP I 270 41.58 -12.24 8.10
N ASP I 271 41.28 -13.53 8.16
CA ASP I 271 41.88 -14.47 9.12
C ASP I 271 41.97 -15.78 8.39
N GLU I 272 43.19 -16.25 8.17
CA GLU I 272 43.37 -17.40 7.30
C GLU I 272 42.49 -18.58 7.73
N GLU I 273 42.40 -18.85 9.04
CA GLU I 273 41.68 -20.01 9.57
C GLU I 273 40.15 -19.91 9.43
N ALA I 274 39.60 -18.70 9.36
CA ALA I 274 38.16 -18.51 9.29
C ALA I 274 37.62 -18.50 7.87
N PHE I 275 38.48 -18.43 6.87
CA PHE I 275 37.97 -18.25 5.51
C PHE I 275 37.87 -19.62 4.84
N VAL I 276 36.77 -20.32 5.15
CA VAL I 276 36.60 -21.68 4.64
C VAL I 276 36.28 -21.64 3.16
N GLU I 277 36.60 -22.75 2.49
CA GLU I 277 36.37 -22.86 1.06
C GLU I 277 34.88 -22.85 0.75
N ARG I 278 34.49 -22.04 -0.25
CA ARG I 278 33.10 -21.85 -0.64
C ARG I 278 32.66 -22.73 -1.82
N GLY I 279 33.55 -23.58 -2.37
CA GLY I 279 33.20 -24.45 -3.49
C GLY I 279 32.12 -25.49 -3.20
N GLY I 280 31.82 -25.75 -1.93
CA GLY I 280 30.75 -26.69 -1.65
C GLY I 280 29.52 -26.04 -1.06
N ILE I 281 29.53 -24.68 -0.98
CA ILE I 281 28.45 -23.88 -0.41
C ILE I 281 27.47 -23.51 -1.52
N TYR I 282 26.19 -23.64 -1.22
CA TYR I 282 25.13 -23.06 -2.04
C TYR I 282 24.65 -21.79 -1.35
N ASP I 283 24.87 -20.62 -2.00
CA ASP I 283 24.69 -19.30 -1.35
C ASP I 283 23.24 -19.01 -0.98
N TRP I 284 22.31 -19.07 -1.96
CA TRP I 284 20.91 -18.70 -1.66
C TRP I 284 20.75 -17.20 -1.28
N GLY J 7 -19.40 -45.88 -5.43
CA GLY J 7 -19.09 -47.15 -4.77
C GLY J 7 -17.79 -46.98 -4.03
N GLN J 8 -16.89 -47.94 -4.25
CA GLN J 8 -15.51 -47.85 -3.80
C GLN J 8 -14.57 -47.53 -4.92
N VAL J 9 -13.27 -47.64 -4.62
CA VAL J 9 -12.22 -47.15 -5.51
C VAL J 9 -12.44 -47.78 -6.87
N PRO J 10 -12.29 -47.04 -7.96
CA PRO J 10 -12.47 -47.64 -9.29
C PRO J 10 -11.41 -48.68 -9.55
N VAL J 11 -11.66 -49.47 -10.58
CA VAL J 11 -10.66 -50.40 -11.07
C VAL J 11 -9.34 -49.68 -11.32
N SER J 12 -9.39 -48.40 -11.70
CA SER J 12 -8.23 -47.68 -12.19
C SER J 12 -8.00 -46.42 -11.38
N VAL J 13 -6.75 -46.22 -10.92
CA VAL J 13 -6.33 -45.05 -10.16
C VAL J 13 -5.14 -44.42 -10.86
N ASN J 14 -5.20 -43.11 -11.04
CA ASN J 14 -4.10 -42.36 -11.64
C ASN J 14 -3.31 -41.75 -10.51
N TYR J 15 -2.05 -42.13 -10.38
CA TYR J 15 -1.21 -41.69 -9.29
C TYR J 15 -0.30 -40.63 -9.88
N HIS J 16 -0.58 -39.37 -9.56
CA HIS J 16 0.27 -38.26 -9.98
C HIS J 16 1.32 -38.07 -8.92
N PHE J 17 2.37 -38.89 -8.98
CA PHE J 17 3.24 -38.99 -7.82
C PHE J 17 4.18 -37.80 -7.69
N SER J 18 4.27 -36.96 -8.71
CA SER J 18 5.00 -35.71 -8.60
C SER J 18 4.21 -34.63 -9.34
N ARG J 19 4.46 -33.37 -8.98
CA ARG J 19 3.65 -32.23 -9.36
C ARG J 19 4.18 -31.60 -10.66
N LYS J 20 3.25 -31.18 -11.54
CA LYS J 20 3.64 -30.58 -12.83
C LYS J 20 4.11 -29.12 -12.63
N THR J 34 11.65 -28.01 -6.54
CA THR J 34 11.27 -29.38 -6.89
C THR J 34 10.08 -29.96 -6.03
N SER J 35 9.29 -30.85 -6.65
CA SER J 35 8.08 -31.39 -6.03
C SER J 35 8.41 -32.24 -4.80
N HIS J 36 7.41 -32.40 -3.94
CA HIS J 36 7.39 -33.48 -2.95
C HIS J 36 7.10 -34.80 -3.64
N VAL J 37 7.81 -35.86 -3.24
CA VAL J 37 7.48 -37.23 -3.65
C VAL J 37 7.51 -38.10 -2.40
N GLU J 38 6.60 -39.08 -2.33
CA GLU J 38 6.53 -39.96 -1.17
C GLU J 38 7.81 -40.78 -1.04
N LYS J 39 8.14 -41.14 0.18
CA LYS J 39 9.19 -42.13 0.37
C LYS J 39 8.68 -43.48 -0.13
N PRO J 40 9.51 -44.27 -0.83
CA PRO J 40 9.00 -45.52 -1.40
C PRO J 40 8.33 -46.43 -0.38
N GLU J 41 8.80 -46.40 0.87
CA GLU J 41 8.14 -47.21 1.89
C GLU J 41 6.67 -46.83 2.03
N ASN J 42 6.38 -45.52 2.05
CA ASN J 42 5.00 -45.05 2.22
C ASN J 42 4.18 -45.25 0.98
N ALA J 43 4.76 -44.99 -0.19
CA ALA J 43 4.04 -45.19 -1.45
C ALA J 43 3.55 -46.63 -1.57
N LYS J 44 4.42 -47.59 -1.27
CA LYS J 44 4.01 -48.99 -1.22
C LYS J 44 2.85 -49.20 -0.24
N ARG J 45 2.87 -48.51 0.90
CA ARG J 45 1.78 -48.69 1.87
C ARG J 45 0.46 -48.19 1.28
N GLY J 46 0.49 -47.03 0.64
CA GLY J 46 -0.73 -46.49 0.10
C GLY J 46 -1.20 -47.25 -1.12
N LEU J 47 -0.28 -47.66 -2.00
CA LEU J 47 -0.72 -48.47 -3.12
C LEU J 47 -1.32 -49.80 -2.64
N THR J 48 -0.81 -50.33 -1.52
CA THR J 48 -1.41 -51.54 -0.96
C THR J 48 -2.84 -51.27 -0.50
N LEU J 49 -3.03 -50.18 0.28
CA LEU J 49 -4.36 -49.79 0.72
C LEU J 49 -5.33 -49.69 -0.44
N LEU J 50 -4.85 -49.24 -1.59
CA LEU J 50 -5.75 -49.03 -2.71
C LEU J 50 -6.14 -50.35 -3.34
N LYS J 51 -5.21 -51.30 -3.37
CA LYS J 51 -5.51 -52.59 -4.00
C LYS J 51 -6.48 -53.38 -3.15
N GLN J 52 -6.29 -53.35 -1.83
CA GLN J 52 -7.27 -53.86 -0.88
C GLN J 52 -8.62 -53.20 -1.01
N ALA J 53 -8.71 -52.06 -1.68
CA ALA J 53 -9.99 -51.37 -1.79
C ALA J 53 -10.64 -51.58 -3.13
N GLY J 54 -9.96 -52.22 -4.06
CA GLY J 54 -10.58 -52.52 -5.31
C GLY J 54 -9.70 -52.19 -6.49
N MET J 55 -8.55 -51.58 -6.24
CA MET J 55 -7.72 -51.13 -7.34
C MET J 55 -7.11 -52.33 -8.06
N LYS J 56 -7.26 -52.36 -9.37
CA LYS J 56 -6.65 -53.41 -10.17
C LYS J 56 -5.70 -52.87 -11.22
N LYS J 57 -5.81 -51.59 -11.60
CA LYS J 57 -4.94 -50.97 -12.59
C LYS J 57 -4.40 -49.66 -12.03
N ILE J 58 -3.14 -49.38 -12.29
CA ILE J 58 -2.56 -48.12 -11.86
C ILE J 58 -1.96 -47.42 -13.06
N ASN J 59 -1.96 -46.09 -13.00
CA ASN J 59 -1.45 -45.22 -14.05
C ASN J 59 -0.57 -44.15 -13.41
N PHE J 60 0.70 -44.11 -13.80
CA PHE J 60 1.65 -43.14 -13.26
C PHE J 60 1.74 -41.90 -14.16
N ALA J 61 1.42 -40.75 -13.59
CA ALA J 61 1.44 -39.45 -14.25
C ALA J 61 1.82 -38.49 -13.11
N GLY J 62 1.57 -37.18 -13.13
CA GLY J 62 1.38 -36.35 -14.30
C GLY J 62 2.42 -35.27 -14.18
N GLY J 63 3.37 -35.46 -13.27
CA GLY J 63 4.44 -34.49 -13.21
C GLY J 63 5.32 -34.64 -14.43
N GLU J 64 6.12 -35.68 -14.40
CA GLU J 64 6.89 -36.19 -15.51
C GLU J 64 7.59 -37.38 -14.90
N PRO J 65 7.02 -38.57 -15.07
CA PRO J 65 7.49 -39.69 -14.24
C PRO J 65 8.98 -39.95 -14.38
N PHE J 66 9.58 -39.79 -15.57
CA PHE J 66 10.99 -40.16 -15.73
C PHE J 66 11.96 -39.12 -15.22
N LEU J 67 11.46 -38.06 -14.59
CA LEU J 67 12.29 -37.25 -13.71
C LEU J 67 12.72 -38.00 -12.45
N TYR J 68 12.05 -39.10 -12.14
CA TYR J 68 12.28 -39.86 -10.91
C TYR J 68 12.42 -41.33 -11.26
N PRO J 69 13.52 -41.71 -11.90
CA PRO J 69 13.62 -43.07 -12.41
C PRO J 69 13.68 -44.13 -11.33
N LYS J 70 14.39 -43.89 -10.24
CA LYS J 70 14.46 -44.92 -9.21
C LYS J 70 13.09 -45.19 -8.60
N PHE J 71 12.40 -44.14 -8.18
CA PHE J 71 11.06 -44.29 -7.61
C PHE J 71 10.11 -44.97 -8.60
N LEU J 72 10.01 -44.42 -9.81
CA LEU J 72 9.13 -45.00 -10.81
C LEU J 72 9.43 -46.49 -10.98
N GLY J 73 10.71 -46.83 -11.15
CA GLY J 73 11.08 -48.21 -11.35
C GLY J 73 10.70 -49.10 -10.19
N GLU J 74 10.96 -48.65 -8.95
CA GLU J 74 10.54 -49.42 -7.79
C GLU J 74 9.04 -49.67 -7.81
N MET J 75 8.25 -48.64 -8.14
CA MET J 75 6.81 -48.78 -8.02
C MET J 75 6.24 -49.59 -9.18
N ILE J 76 6.81 -49.42 -10.39
CA ILE J 76 6.48 -50.31 -11.49
C ILE J 76 6.59 -51.75 -11.02
N ASP J 77 7.74 -52.09 -10.44
CA ASP J 77 8.01 -53.46 -10.05
C ASP J 77 7.09 -53.88 -8.91
N PHE J 78 6.97 -53.04 -7.88
CA PHE J 78 6.10 -53.38 -6.75
C PHE J 78 4.68 -53.63 -7.21
N CYS J 79 4.21 -52.88 -8.21
CA CYS J 79 2.80 -52.98 -8.56
C CYS J 79 2.51 -54.25 -9.32
N LYS J 80 3.47 -54.71 -10.12
CA LYS J 80 3.22 -55.90 -10.92
C LYS J 80 3.55 -57.16 -10.13
N GLU J 81 4.68 -57.15 -9.43
CA GLU J 81 5.16 -58.37 -8.80
C GLU J 81 4.50 -58.62 -7.46
N THR J 82 4.57 -57.64 -6.55
CA THR J 82 4.00 -57.80 -5.21
C THR J 82 2.47 -57.69 -5.23
N LEU J 83 1.91 -56.60 -5.76
CA LEU J 83 0.45 -56.43 -5.67
C LEU J 83 -0.29 -57.19 -6.78
N GLN J 84 0.40 -57.61 -7.83
CA GLN J 84 -0.17 -58.32 -8.98
C GLN J 84 -1.35 -57.56 -9.58
N LEU J 85 -1.03 -56.39 -10.10
CA LEU J 85 -2.04 -55.55 -10.69
C LEU J 85 -2.21 -55.96 -12.14
N GLU J 86 -3.47 -55.94 -12.61
CA GLU J 86 -3.75 -56.33 -13.99
C GLU J 86 -3.02 -55.43 -14.97
N SER J 87 -2.96 -54.14 -14.70
CA SER J 87 -2.36 -53.20 -15.64
C SER J 87 -1.54 -52.15 -14.89
N VAL J 88 -0.36 -51.87 -15.42
CA VAL J 88 0.54 -50.83 -14.92
C VAL J 88 0.92 -49.99 -16.11
N SER J 89 0.59 -48.70 -16.07
CA SER J 89 0.89 -47.83 -17.20
C SER J 89 1.56 -46.58 -16.70
N ILE J 90 2.26 -45.93 -17.62
CA ILE J 90 2.95 -44.68 -17.39
C ILE J 90 2.58 -43.76 -18.54
N VAL J 91 2.48 -42.48 -18.26
CA VAL J 91 2.39 -41.48 -19.32
C VAL J 91 3.56 -40.52 -19.16
N THR J 92 4.25 -40.22 -20.25
CA THR J 92 5.44 -39.40 -20.22
C THR J 92 5.45 -38.47 -21.43
N ASN J 93 6.29 -37.44 -21.38
CA ASN J 93 6.51 -36.70 -22.61
C ASN J 93 7.62 -37.31 -23.45
N GLY J 94 8.32 -38.32 -22.94
CA GLY J 94 9.28 -39.06 -23.71
C GLY J 94 10.72 -38.58 -23.66
N SER J 95 10.97 -37.31 -23.33
CA SER J 95 12.33 -36.78 -23.51
C SER J 95 13.38 -37.42 -22.57
N LEU J 96 13.00 -37.89 -21.37
CA LEU J 96 13.94 -38.49 -20.43
C LEU J 96 13.89 -40.00 -20.37
N VAL J 97 13.20 -40.64 -21.31
CA VAL J 97 13.07 -42.08 -21.33
C VAL J 97 14.32 -42.65 -21.96
N LYS J 98 15.10 -43.40 -21.18
CA LYS J 98 16.28 -44.12 -21.64
C LYS J 98 15.95 -45.60 -21.92
N GLU J 99 16.63 -46.19 -22.92
CA GLU J 99 16.24 -47.53 -23.35
C GLU J 99 16.46 -48.56 -22.25
N GLN J 100 17.58 -48.46 -21.52
CA GLN J 100 17.91 -49.42 -20.47
C GLN J 100 16.76 -49.59 -19.49
N PHE J 101 16.14 -48.47 -19.09
CA PHE J 101 15.00 -48.51 -18.17
C PHE J 101 13.88 -49.39 -18.70
N LEU J 102 13.55 -49.26 -19.99
CA LEU J 102 12.48 -50.07 -20.56
C LEU J 102 12.89 -51.53 -20.67
N GLN J 103 14.18 -51.78 -20.91
CA GLN J 103 14.69 -53.15 -20.93
C GLN J 103 14.56 -53.79 -19.55
N LYS J 104 15.05 -53.09 -18.51
CA LYS J 104 15.01 -53.62 -17.15
C LYS J 104 13.58 -53.86 -16.67
N HIS J 105 12.67 -52.91 -16.89
CA HIS J 105 11.37 -52.95 -16.23
C HIS J 105 10.24 -53.39 -17.14
N GLY J 106 10.50 -53.67 -18.41
CA GLY J 106 9.42 -53.87 -19.36
C GLY J 106 8.53 -55.06 -19.04
N ARG J 107 9.06 -56.06 -18.31
CA ARG J 107 8.24 -57.18 -17.85
C ARG J 107 7.03 -56.66 -17.07
N ASN J 108 7.15 -55.50 -16.43
CA ASN J 108 6.14 -54.98 -15.52
C ASN J 108 5.44 -53.70 -16.00
N ILE J 109 5.70 -53.26 -17.21
CA ILE J 109 5.06 -52.08 -17.78
C ILE J 109 4.13 -52.56 -18.88
N ASP J 110 2.83 -52.40 -18.70
CA ASP J 110 1.91 -52.85 -19.74
C ASP J 110 1.72 -51.83 -20.85
N ILE J 111 1.56 -50.56 -20.49
CA ILE J 111 1.30 -49.49 -21.45
C ILE J 111 2.24 -48.35 -21.16
N LEU J 112 2.89 -47.84 -22.21
CA LEU J 112 3.60 -46.57 -22.13
C LEU J 112 2.93 -45.61 -23.08
N ALA J 113 2.38 -44.53 -22.55
CA ALA J 113 1.73 -43.51 -23.37
C ALA J 113 2.60 -42.26 -23.40
N VAL J 114 2.86 -41.77 -24.60
CA VAL J 114 3.70 -40.59 -24.78
C VAL J 114 2.80 -39.44 -25.20
N SER J 115 3.04 -38.28 -24.60
CA SER J 115 2.27 -37.08 -24.88
C SER J 115 2.84 -36.39 -26.12
N CYS J 116 1.99 -36.24 -27.13
CA CYS J 116 2.46 -35.72 -28.41
C CYS J 116 1.33 -34.93 -29.06
N ASP J 117 1.47 -33.60 -29.12
CA ASP J 117 0.38 -32.80 -29.65
C ASP J 117 0.63 -32.37 -31.07
N SER J 118 1.86 -32.44 -31.54
CA SER J 118 2.11 -31.98 -32.89
C SER J 118 3.43 -32.52 -33.37
N PHE J 119 3.59 -32.54 -34.68
CA PHE J 119 4.87 -32.88 -35.26
C PHE J 119 5.57 -31.66 -35.86
N ASN J 120 4.98 -30.48 -35.79
CA ASN J 120 5.62 -29.25 -36.27
C ASN J 120 6.16 -28.48 -35.08
N GLU J 121 7.40 -28.00 -35.21
CA GLU J 121 8.03 -27.24 -34.13
C GLU J 121 7.26 -25.96 -33.86
N ALA J 122 6.90 -25.23 -34.91
CA ALA J 122 6.16 -23.99 -34.71
C ALA J 122 4.88 -24.25 -33.93
N THR J 123 4.12 -25.27 -34.33
CA THR J 123 2.92 -25.62 -33.55
C THR J 123 3.27 -25.96 -32.10
N ASN J 124 4.36 -26.69 -31.86
CA ASN J 124 4.60 -27.11 -30.48
C ASN J 124 4.95 -25.92 -29.62
N ILE J 125 5.70 -24.97 -30.18
CA ILE J 125 6.05 -23.76 -29.44
C ILE J 125 4.81 -23.04 -29.01
N LYS J 126 3.87 -22.86 -29.94
CA LYS J 126 2.61 -22.22 -29.62
C LYS J 126 1.82 -22.99 -28.55
N ILE J 127 1.58 -24.29 -28.73
CA ILE J 127 0.82 -25.02 -27.71
C ILE J 127 1.39 -24.79 -26.30
N GLY J 128 2.71 -24.66 -26.19
CA GLY J 128 3.31 -24.30 -24.91
C GLY J 128 4.25 -25.35 -24.36
N ARG J 129 4.98 -26.00 -25.26
CA ARG J 129 5.85 -27.10 -24.88
C ARG J 129 7.15 -27.17 -25.66
N GLY J 130 7.35 -26.35 -26.71
CA GLY J 130 8.51 -26.44 -27.60
C GLY J 130 9.74 -26.01 -26.83
N SER J 131 10.93 -26.01 -27.44
CA SER J 131 11.14 -26.27 -28.86
C SER J 131 11.93 -27.58 -29.15
N GLY J 132 12.40 -27.71 -30.40
CA GLY J 132 12.63 -29.03 -31.01
C GLY J 132 11.25 -29.70 -31.13
N ASP J 133 11.07 -30.91 -31.68
CA ASP J 133 11.83 -31.81 -32.58
C ASP J 133 12.41 -32.99 -31.81
N ASN J 134 11.80 -33.16 -30.63
CA ASN J 134 11.60 -34.43 -29.96
C ASN J 134 11.20 -35.60 -30.88
N VAL J 135 11.02 -35.38 -32.19
CA VAL J 135 10.27 -36.35 -33.00
C VAL J 135 11.04 -37.65 -33.16
N GLN J 136 12.35 -37.55 -33.33
CA GLN J 136 13.15 -38.77 -33.47
C GLN J 136 12.99 -39.63 -32.22
N LYS J 137 12.91 -39.00 -31.05
CA LYS J 137 12.76 -39.75 -29.81
C LYS J 137 11.43 -40.48 -29.75
N LEU J 138 10.36 -39.91 -30.30
CA LEU J 138 9.09 -40.62 -30.32
C LEU J 138 9.25 -41.96 -31.03
N TYR J 139 9.83 -41.93 -32.25
CA TYR J 139 10.01 -43.15 -33.03
C TYR J 139 10.86 -44.16 -32.27
N GLU J 140 11.98 -43.72 -31.70
CA GLU J 140 12.80 -44.66 -30.92
C GLU J 140 11.96 -45.35 -29.85
N ILE J 141 11.22 -44.59 -29.04
CA ILE J 141 10.39 -45.18 -28.00
C ILE J 141 9.45 -46.21 -28.60
N GLY J 142 8.71 -45.81 -29.65
CA GLY J 142 7.86 -46.77 -30.33
C GLY J 142 8.59 -48.06 -30.67
N SER J 143 9.81 -47.94 -31.18
CA SER J 143 10.62 -49.13 -31.46
C SER J 143 11.00 -49.87 -30.19
N TRP J 144 11.42 -49.16 -29.14
CA TRP J 144 11.74 -49.83 -27.88
C TRP J 144 10.53 -50.50 -27.26
N CYS J 145 9.32 -50.00 -27.53
CA CYS J 145 8.13 -50.63 -26.97
C CYS J 145 7.84 -51.96 -27.65
N GLN J 146 7.97 -52.02 -28.99
CA GLN J 146 7.89 -53.28 -29.70
C GLN J 146 8.97 -54.23 -29.22
N LYS J 147 10.20 -53.73 -29.08
CA LYS J 147 11.34 -54.56 -28.69
C LYS J 147 11.09 -55.25 -27.38
N TYR J 148 10.62 -54.53 -26.36
CA TYR J 148 10.44 -55.11 -25.04
C TYR J 148 8.98 -55.46 -24.76
N ASP J 149 8.17 -55.60 -25.79
CA ASP J 149 6.76 -56.03 -25.65
C ASP J 149 6.02 -55.16 -24.65
N ILE J 150 5.90 -53.89 -25.00
CA ILE J 150 5.13 -52.91 -24.22
C ILE J 150 4.13 -52.26 -25.17
N LYS J 151 2.88 -52.19 -24.75
CA LYS J 151 1.88 -51.52 -25.57
C LYS J 151 2.18 -50.03 -25.62
N PHE J 152 2.14 -49.47 -26.83
CA PHE J 152 2.60 -48.13 -27.13
C PHE J 152 1.38 -47.25 -27.41
N LYS J 153 1.15 -46.25 -26.56
CA LYS J 153 -0.02 -45.39 -26.66
C LYS J 153 0.39 -43.95 -26.98
N LEU J 154 -0.42 -43.26 -27.79
CA LEU J 154 -0.25 -41.83 -28.04
C LEU J 154 -1.44 -41.05 -27.52
N ASN J 155 -1.17 -39.99 -26.73
CA ASN J 155 -2.18 -39.02 -26.30
C ASN J 155 -2.00 -37.67 -27.02
N THR J 156 -3.05 -37.19 -27.65
CA THR J 156 -2.99 -35.91 -28.33
C THR J 156 -4.14 -35.05 -27.87
N VAL J 157 -3.84 -33.80 -27.53
CA VAL J 157 -4.88 -32.81 -27.28
C VAL J 157 -5.04 -31.99 -28.55
N VAL J 158 -6.22 -32.06 -29.14
CA VAL J 158 -6.59 -31.29 -30.33
C VAL J 158 -7.08 -29.92 -29.89
N ASN J 159 -6.41 -28.88 -30.38
CA ASN J 159 -6.62 -27.53 -29.88
C ASN J 159 -6.59 -26.58 -31.08
N LYS J 160 -6.54 -25.26 -30.81
CA LYS J 160 -6.65 -24.30 -31.91
C LYS J 160 -5.49 -24.41 -32.86
N PHE J 161 -4.35 -24.88 -32.37
CA PHE J 161 -3.12 -24.72 -33.10
C PHE J 161 -2.76 -25.92 -33.96
N ASN J 162 -3.22 -27.13 -33.59
CA ASN J 162 -2.91 -28.35 -34.32
C ASN J 162 -4.13 -28.98 -34.98
N HIS J 163 -5.32 -28.37 -34.88
CA HIS J 163 -6.55 -29.01 -35.34
C HIS J 163 -6.62 -29.13 -36.85
N LEU J 164 -5.70 -28.51 -37.59
CA LEU J 164 -5.66 -28.69 -39.03
C LEU J 164 -4.56 -29.64 -39.48
N GLU J 165 -3.65 -30.02 -38.58
CA GLU J 165 -2.54 -30.92 -38.88
C GLU J 165 -3.02 -32.23 -39.49
N ASP J 166 -2.23 -32.73 -40.44
CA ASP J 166 -2.35 -34.09 -40.92
C ASP J 166 -1.26 -34.92 -40.28
N MET J 167 -1.65 -35.99 -39.62
CA MET J 167 -0.69 -36.79 -38.88
C MET J 167 -0.69 -38.24 -39.35
N ASN J 168 -1.32 -38.55 -40.49
CA ASN J 168 -1.49 -39.95 -40.91
C ASN J 168 -0.15 -40.62 -41.19
N ASP J 169 0.73 -39.96 -41.97
CA ASP J 169 2.04 -40.56 -42.28
C ASP J 169 2.79 -40.97 -41.02
N HIS J 170 2.90 -40.06 -40.04
CA HIS J 170 3.51 -40.41 -38.77
C HIS J 170 2.77 -41.57 -38.12
N LEU J 171 1.46 -41.45 -37.97
CA LEU J 171 0.72 -42.51 -37.29
C LEU J 171 0.84 -43.87 -37.99
N ASN J 172 0.90 -43.89 -39.33
CA ASN J 172 1.23 -45.12 -40.05
C ASN J 172 2.61 -45.64 -39.67
N ALA J 173 3.62 -44.77 -39.67
CA ALA J 173 4.96 -45.18 -39.23
C ALA J 173 4.98 -45.71 -37.79
N LEU J 174 4.39 -44.97 -36.83
CA LEU J 174 4.58 -45.36 -35.43
C LEU J 174 3.65 -46.48 -34.99
N GLN J 175 2.47 -46.59 -35.60
CA GLN J 175 1.50 -47.66 -35.29
C GLN J 175 1.33 -47.88 -33.81
N PRO J 176 0.79 -46.93 -33.07
CA PRO J 176 0.48 -47.22 -31.67
C PRO J 176 -0.70 -48.16 -31.64
N PHE J 177 -0.87 -48.83 -30.50
CA PHE J 177 -2.06 -49.65 -30.34
C PHE J 177 -3.29 -48.82 -29.98
N ARG J 178 -3.10 -47.59 -29.56
CA ARG J 178 -4.19 -46.70 -29.18
C ARG J 178 -3.68 -45.28 -29.38
N TRP J 179 -4.49 -44.46 -30.05
CA TRP J 179 -4.23 -43.04 -30.25
C TRP J 179 -5.40 -42.25 -29.70
N LYS J 180 -5.33 -41.85 -28.43
CA LYS J 180 -6.41 -41.08 -27.82
C LYS J 180 -6.28 -39.60 -28.19
N CYS J 181 -7.30 -39.06 -28.84
CA CYS J 181 -7.35 -37.65 -29.23
C CYS J 181 -8.41 -36.96 -28.40
N PHE J 182 -7.99 -36.06 -27.50
CA PHE J 182 -8.92 -35.30 -26.68
C PHE J 182 -9.26 -33.98 -27.32
N GLN J 183 -10.53 -33.60 -27.28
CA GLN J 183 -10.89 -32.22 -27.57
C GLN J 183 -10.51 -31.32 -26.40
N VAL J 184 -9.73 -30.27 -26.68
CA VAL J 184 -9.23 -29.45 -25.60
C VAL J 184 -10.40 -28.85 -24.79
N LEU J 185 -10.22 -28.80 -23.48
CA LEU J 185 -11.12 -28.13 -22.54
C LEU J 185 -10.25 -27.25 -21.62
N ILE J 186 -10.53 -25.95 -21.58
CA ILE J 186 -9.83 -25.05 -20.65
C ILE J 186 -10.75 -24.70 -19.48
N VAL J 187 -10.24 -24.81 -18.25
CA VAL J 187 -11.01 -24.40 -17.07
C VAL J 187 -10.47 -23.09 -16.53
N THR J 188 -11.35 -22.34 -15.89
CA THR J 188 -11.03 -21.01 -15.44
C THR J 188 -11.84 -20.66 -14.20
N THR J 196 -7.06 -13.75 -18.42
CA THR J 196 -6.72 -14.51 -19.63
C THR J 196 -7.89 -15.36 -20.10
N LEU J 197 -9.13 -14.84 -19.93
CA LEU J 197 -10.40 -15.52 -20.27
C LEU J 197 -10.57 -15.73 -21.77
N ARG J 198 -9.94 -14.93 -22.61
CA ARG J 198 -9.95 -15.41 -23.96
C ARG J 198 -8.60 -15.91 -24.46
N ASN J 199 -7.47 -15.60 -23.80
CA ASN J 199 -6.24 -16.42 -23.93
C ASN J 199 -6.57 -17.89 -23.78
N ALA J 200 -7.64 -18.20 -23.03
CA ALA J 200 -8.35 -19.48 -23.05
C ALA J 200 -9.25 -19.65 -24.30
N HIS J 201 -10.32 -18.84 -24.46
CA HIS J 201 -11.25 -19.04 -25.57
C HIS J 201 -10.55 -19.03 -26.94
N SER J 202 -9.43 -18.26 -27.05
CA SER J 202 -8.31 -18.29 -28.06
C SER J 202 -7.66 -19.60 -28.18
N LEU J 203 -8.15 -20.67 -27.58
CA LEU J 203 -7.56 -21.98 -27.77
C LEU J 203 -8.62 -23.08 -27.97
N THR J 204 -9.88 -22.83 -27.65
CA THR J 204 -10.94 -23.80 -27.89
C THR J 204 -11.11 -24.06 -29.39
N ILE J 205 -11.73 -25.19 -29.69
CA ILE J 205 -12.14 -25.47 -31.07
C ILE J 205 -13.59 -25.95 -31.05
N SER J 206 -14.28 -25.69 -32.15
CA SER J 206 -15.68 -26.05 -32.23
C SER J 206 -15.84 -27.56 -32.23
N ASP J 207 -17.06 -28.04 -31.93
CA ASP J 207 -17.30 -29.47 -32.01
C ASP J 207 -17.12 -29.98 -33.43
N ASP J 208 -17.25 -29.09 -34.43
CA ASP J 208 -17.07 -29.49 -35.84
C ASP J 208 -15.61 -29.55 -36.24
N GLU J 209 -14.83 -28.54 -35.83
CA GLU J 209 -13.40 -28.57 -36.06
C GLU J 209 -12.82 -29.87 -35.53
N PHE J 210 -13.25 -30.30 -34.35
CA PHE J 210 -12.75 -31.56 -33.79
C PHE J 210 -13.17 -32.76 -34.65
N ASP J 211 -14.43 -32.78 -35.09
CA ASP J 211 -14.88 -33.84 -36.00
C ASP J 211 -14.02 -33.87 -37.27
N ARG J 212 -13.73 -32.70 -37.85
CA ARG J 212 -12.98 -32.71 -39.09
C ARG J 212 -11.55 -33.21 -38.88
N PHE J 213 -10.95 -32.99 -37.70
CA PHE J 213 -9.67 -33.59 -37.38
C PHE J 213 -9.78 -35.10 -37.29
N CYS J 214 -10.81 -35.59 -36.58
CA CYS J 214 -11.02 -37.02 -36.50
C CYS J 214 -11.28 -37.65 -37.89
N GLU J 215 -12.03 -36.95 -38.77
CA GLU J 215 -12.32 -37.53 -40.07
C GLU J 215 -11.12 -37.49 -40.98
N ARG J 216 -10.31 -36.43 -40.88
CA ARG J 216 -9.04 -36.39 -41.60
C ARG J 216 -8.19 -37.58 -41.26
N HIS J 217 -8.50 -38.29 -40.18
CA HIS J 217 -7.70 -39.41 -39.71
C HIS J 217 -8.56 -40.66 -39.57
N SER J 218 -9.67 -40.74 -40.32
CA SER J 218 -10.58 -41.88 -40.17
C SER J 218 -9.89 -43.21 -40.46
N SER J 219 -8.89 -43.20 -41.34
CA SER J 219 -8.20 -44.42 -41.72
C SER J 219 -7.37 -45.05 -40.61
N GLN J 220 -7.24 -44.40 -39.44
CA GLN J 220 -6.39 -44.91 -38.38
C GLN J 220 -7.21 -45.79 -37.44
N THR J 221 -6.94 -47.09 -37.43
CA THR J 221 -7.73 -47.98 -36.60
C THR J 221 -7.53 -47.67 -35.11
N CYS J 222 -6.35 -47.16 -34.73
CA CYS J 222 -6.05 -46.94 -33.33
C CYS J 222 -6.68 -45.68 -32.77
N LEU J 223 -7.37 -44.89 -33.60
CA LEU J 223 -7.89 -43.60 -33.14
C LEU J 223 -9.12 -43.78 -32.24
N VAL J 224 -8.99 -43.30 -31.01
CA VAL J 224 -10.10 -43.20 -30.04
C VAL J 224 -10.32 -41.74 -29.72
N PRO J 225 -11.35 -41.10 -30.29
CA PRO J 225 -11.60 -39.69 -29.98
C PRO J 225 -12.41 -39.53 -28.70
N GLU J 226 -12.17 -38.42 -28.02
CA GLU J 226 -12.87 -38.08 -26.80
C GLU J 226 -13.32 -36.64 -26.88
N PRO J 227 -14.54 -36.37 -27.36
CA PRO J 227 -15.04 -35.00 -27.44
C PRO J 227 -15.42 -34.50 -26.07
N ASN J 228 -15.43 -33.16 -25.92
CA ASN J 228 -15.84 -32.56 -24.65
C ASN J 228 -17.22 -33.03 -24.25
N ARG J 229 -18.13 -33.16 -25.22
CA ARG J 229 -19.52 -33.47 -24.94
C ARG J 229 -19.72 -34.86 -24.37
N LEU J 230 -18.67 -35.67 -24.30
CA LEU J 230 -18.79 -37.02 -23.75
C LEU J 230 -17.45 -37.59 -23.30
N MET J 231 -17.00 -37.22 -22.11
CA MET J 231 -15.71 -37.61 -21.58
C MET J 231 -15.84 -38.89 -20.77
N ALA J 232 -14.73 -39.63 -20.67
CA ALA J 232 -14.70 -40.88 -19.93
C ALA J 232 -14.97 -40.61 -18.45
N LYS J 233 -15.55 -41.59 -17.76
CA LYS J 233 -15.96 -41.42 -16.37
C LYS J 233 -14.99 -42.15 -15.42
N SER J 234 -15.33 -42.12 -14.13
CA SER J 234 -14.57 -42.84 -13.09
C SER J 234 -13.07 -42.48 -13.09
N TYR J 235 -12.74 -41.24 -13.43
CA TYR J 235 -11.34 -40.84 -13.45
C TYR J 235 -10.97 -40.27 -12.08
N LEU J 236 -10.15 -40.99 -11.34
CA LEU J 236 -9.77 -40.58 -10.01
C LEU J 236 -8.26 -40.32 -9.95
N ILE J 237 -7.88 -39.20 -9.34
CA ILE J 237 -6.48 -38.81 -9.24
C ILE J 237 -6.01 -38.92 -7.80
N LEU J 238 -4.84 -39.52 -7.62
CA LEU J 238 -4.12 -39.62 -6.36
C LEU J 238 -2.94 -38.64 -6.43
N ASP J 239 -2.97 -37.59 -5.59
CA ASP J 239 -1.91 -36.63 -5.28
C ASP J 239 -0.50 -37.13 -5.19
N GLU J 240 0.46 -36.21 -5.13
CA GLU J 240 1.78 -36.64 -4.69
C GLU J 240 1.87 -36.83 -3.18
N TYR J 241 0.83 -36.48 -2.42
CA TYR J 241 0.75 -36.81 -1.00
C TYR J 241 -0.21 -37.97 -0.77
N MET J 242 -0.69 -38.58 -1.87
CA MET J 242 -1.67 -39.66 -1.85
C MET J 242 -3.00 -39.20 -1.27
N ARG J 243 -3.42 -38.01 -1.66
CA ARG J 243 -4.76 -37.50 -1.41
C ARG J 243 -5.57 -37.61 -2.68
N PHE J 244 -6.87 -37.78 -2.55
CA PHE J 244 -7.71 -37.77 -3.72
C PHE J 244 -8.08 -36.33 -4.09
N LEU J 245 -8.31 -36.08 -5.37
CA LEU J 245 -8.81 -34.79 -5.84
C LEU J 245 -10.29 -34.94 -6.16
N ASP J 246 -11.00 -33.80 -6.17
CA ASP J 246 -12.45 -33.82 -6.36
C ASP J 246 -12.76 -33.81 -7.87
N ARG J 247 -14.02 -33.62 -8.24
CA ARG J 247 -14.38 -33.70 -9.64
C ARG J 247 -13.81 -32.55 -10.47
N ASN J 248 -13.22 -31.54 -9.85
CA ASN J 248 -12.51 -30.45 -10.51
C ASN J 248 -11.00 -30.53 -10.37
N GLY J 249 -10.47 -31.58 -9.77
CA GLY J 249 -9.04 -31.62 -9.58
C GLY J 249 -8.51 -30.75 -8.48
N GLN J 250 -9.35 -30.31 -7.55
CA GLN J 250 -8.91 -29.43 -6.48
C GLN J 250 -9.37 -30.03 -5.15
N GLN J 251 -9.32 -29.24 -4.09
CA GLN J 251 -9.88 -29.64 -2.78
C GLN J 251 -9.46 -31.02 -2.30
N PRO J 252 -8.16 -31.29 -2.19
CA PRO J 252 -7.74 -32.64 -1.79
C PRO J 252 -8.30 -33.07 -0.44
N SER J 253 -8.57 -34.38 -0.33
CA SER J 253 -8.84 -35.02 0.95
C SER J 253 -7.60 -34.99 1.82
N LYS J 254 -7.69 -35.56 3.02
CA LYS J 254 -6.47 -35.91 3.70
C LYS J 254 -5.87 -37.15 3.01
N SER J 255 -4.58 -37.40 3.25
CA SER J 255 -3.95 -38.54 2.60
C SER J 255 -4.65 -39.85 2.96
N ILE J 256 -4.67 -40.79 2.02
CA ILE J 256 -5.16 -42.11 2.39
C ILE J 256 -4.32 -42.72 3.50
N LEU J 257 -3.07 -42.26 3.67
CA LEU J 257 -2.20 -42.80 4.71
C LEU J 257 -2.59 -42.36 6.10
N GLU J 258 -3.40 -41.31 6.23
CA GLU J 258 -3.93 -40.89 7.53
C GLU J 258 -5.36 -41.35 7.78
N VAL J 259 -6.24 -41.28 6.77
CA VAL J 259 -7.66 -41.56 6.93
C VAL J 259 -8.13 -42.75 6.11
N GLY J 260 -7.25 -43.38 5.33
CA GLY J 260 -7.63 -44.54 4.54
C GLY J 260 -8.44 -44.18 3.29
N VAL J 261 -8.75 -45.21 2.51
CA VAL J 261 -9.33 -44.98 1.19
C VAL J 261 -10.76 -44.45 1.30
N GLN J 262 -11.62 -45.13 2.07
CA GLN J 262 -13.06 -44.84 2.02
C GLN J 262 -13.37 -43.46 2.55
N GLN J 263 -12.76 -43.11 3.68
CA GLN J 263 -13.01 -41.81 4.26
C GLN J 263 -12.50 -40.71 3.35
N ALA J 264 -11.43 -40.95 2.60
CA ALA J 264 -10.97 -39.95 1.66
C ALA J 264 -11.90 -39.83 0.46
N LEU J 265 -12.47 -40.94 0.00
CA LEU J 265 -13.41 -40.83 -1.11
C LEU J 265 -14.61 -39.97 -0.73
N GLN J 266 -15.13 -40.14 0.49
CA GLN J 266 -16.21 -39.29 0.95
C GLN J 266 -15.77 -37.84 0.97
N ALA J 267 -14.61 -37.54 1.59
CA ALA J 267 -14.08 -36.19 1.74
C ALA J 267 -14.04 -35.43 0.41
N VAL J 268 -14.11 -36.14 -0.69
CA VAL J 268 -13.90 -35.58 -2.00
C VAL J 268 -15.14 -35.73 -2.87
N PHE J 269 -16.26 -36.16 -2.27
CA PHE J 269 -17.56 -36.33 -2.93
C PHE J 269 -17.46 -37.29 -4.10
N TRP J 270 -16.76 -38.40 -3.89
CA TRP J 270 -16.56 -39.38 -4.93
C TRP J 270 -17.88 -39.84 -5.53
N ASP J 271 -17.93 -39.88 -6.87
CA ASP J 271 -19.11 -40.30 -7.62
C ASP J 271 -18.72 -40.55 -9.06
N GLU J 272 -18.86 -41.80 -9.53
CA GLU J 272 -18.23 -42.24 -10.77
C GLU J 272 -18.64 -41.35 -11.93
N GLU J 273 -19.93 -41.08 -12.08
CA GLU J 273 -20.39 -40.35 -13.27
C GLU J 273 -19.89 -38.90 -13.29
N ALA J 274 -19.49 -38.36 -12.14
CA ALA J 274 -19.08 -36.96 -12.03
C ALA J 274 -17.59 -36.76 -12.22
N PHE J 275 -16.78 -37.82 -12.09
CA PHE J 275 -15.34 -37.66 -12.17
C PHE J 275 -14.93 -37.88 -13.62
N VAL J 276 -15.02 -36.80 -14.40
CA VAL J 276 -14.70 -36.86 -15.81
C VAL J 276 -13.20 -36.96 -16.00
N GLU J 277 -12.85 -37.51 -17.13
CA GLU J 277 -11.46 -37.65 -17.55
C GLU J 277 -10.82 -36.29 -17.76
N ARG J 278 -9.73 -36.05 -17.04
CA ARG J 278 -9.01 -34.78 -17.08
C ARG J 278 -7.92 -34.70 -18.17
N GLY J 279 -7.71 -35.75 -18.98
CA GLY J 279 -6.63 -35.72 -19.96
C GLY J 279 -6.81 -34.66 -21.05
N GLY J 280 -8.03 -34.28 -21.35
CA GLY J 280 -8.16 -33.25 -22.35
C GLY J 280 -8.22 -31.86 -21.78
N ILE J 281 -7.94 -31.71 -20.48
CA ILE J 281 -8.29 -30.53 -19.73
C ILE J 281 -7.03 -29.75 -19.39
N TYR J 282 -6.80 -28.63 -20.08
CA TYR J 282 -5.82 -27.66 -19.63
C TYR J 282 -6.33 -27.00 -18.34
N ASP J 283 -5.63 -27.26 -17.22
CA ASP J 283 -6.10 -26.93 -15.85
C ASP J 283 -5.54 -25.57 -15.38
N TRP J 284 -6.34 -24.49 -15.51
CA TRP J 284 -5.90 -23.13 -15.12
C TRP J 284 -6.86 -22.52 -14.08
N GLN K 8 -31.14 -36.38 -14.86
CA GLN K 8 -32.21 -36.06 -15.83
C GLN K 8 -32.72 -34.65 -15.61
N VAL K 9 -32.96 -33.92 -16.70
CA VAL K 9 -33.29 -32.50 -16.58
C VAL K 9 -34.72 -32.33 -16.08
N PRO K 10 -34.99 -31.37 -15.20
CA PRO K 10 -36.37 -31.13 -14.76
C PRO K 10 -37.25 -30.63 -15.89
N VAL K 11 -38.55 -30.78 -15.68
CA VAL K 11 -39.53 -30.38 -16.68
C VAL K 11 -39.34 -28.92 -17.08
N SER K 12 -39.01 -28.07 -16.10
CA SER K 12 -38.95 -26.63 -16.29
C SER K 12 -37.53 -26.11 -16.05
N VAL K 13 -37.06 -25.23 -16.93
CA VAL K 13 -35.72 -24.65 -16.82
C VAL K 13 -35.85 -23.12 -16.87
N ASN K 14 -35.22 -22.45 -15.93
CA ASN K 14 -35.18 -20.99 -15.91
C ASN K 14 -33.95 -20.50 -16.65
N TYR K 15 -34.15 -19.89 -17.82
CA TYR K 15 -33.08 -19.33 -18.64
C TYR K 15 -32.88 -17.86 -18.28
N HIS K 16 -31.84 -17.57 -17.49
CA HIS K 16 -31.43 -16.18 -17.22
C HIS K 16 -30.51 -15.73 -18.35
N PHE K 17 -31.11 -15.46 -19.52
CA PHE K 17 -30.31 -15.24 -20.72
C PHE K 17 -29.49 -13.95 -20.70
N SER K 18 -29.76 -13.04 -19.77
CA SER K 18 -28.95 -11.84 -19.64
C SER K 18 -28.78 -11.56 -18.15
N ARG K 19 -27.63 -10.97 -17.79
CA ARG K 19 -27.25 -10.75 -16.40
C ARG K 19 -27.77 -9.41 -15.89
N LYS K 20 -27.94 -9.35 -14.57
CA LYS K 20 -28.55 -8.24 -13.85
C LYS K 20 -27.49 -7.28 -13.33
N ALA K 32 -22.79 2.80 -21.58
CA ALA K 32 -22.85 1.75 -22.62
C ALA K 32 -22.56 0.36 -22.00
N THR K 33 -23.44 -0.62 -22.21
CA THR K 33 -23.33 -1.88 -21.44
C THR K 33 -24.00 -3.14 -22.08
N THR K 34 -23.44 -4.35 -21.96
CA THR K 34 -22.17 -4.81 -21.33
C THR K 34 -22.37 -6.33 -21.27
N SER K 35 -23.57 -6.69 -20.76
CA SER K 35 -23.91 -8.07 -20.47
C SER K 35 -23.85 -8.96 -21.70
N HIS K 36 -23.21 -10.12 -21.52
CA HIS K 36 -23.20 -11.15 -22.54
C HIS K 36 -24.60 -11.71 -22.75
N VAL K 37 -24.97 -11.88 -24.01
CA VAL K 37 -26.17 -12.62 -24.40
C VAL K 37 -25.76 -13.51 -25.54
N GLU K 38 -26.10 -14.80 -25.46
CA GLU K 38 -25.80 -15.71 -26.55
C GLU K 38 -26.41 -15.21 -27.85
N LYS K 39 -25.72 -15.51 -28.94
CA LYS K 39 -26.31 -15.30 -30.25
C LYS K 39 -27.44 -16.31 -30.46
N PRO K 40 -28.47 -15.94 -31.22
CA PRO K 40 -29.65 -16.82 -31.36
C PRO K 40 -29.34 -18.24 -31.84
N GLU K 41 -28.44 -18.42 -32.81
CA GLU K 41 -28.10 -19.78 -33.25
C GLU K 41 -27.64 -20.63 -32.08
N ASN K 42 -26.75 -20.07 -31.24
CA ASN K 42 -26.28 -20.82 -30.09
C ASN K 42 -27.39 -21.08 -29.11
N ALA K 43 -28.19 -20.06 -28.80
CA ALA K 43 -29.29 -20.25 -27.86
C ALA K 43 -30.22 -21.34 -28.38
N LYS K 44 -30.48 -21.34 -29.68
CA LYS K 44 -31.38 -22.35 -30.26
C LYS K 44 -30.81 -23.75 -30.08
N ARG K 45 -29.50 -23.89 -30.24
CA ARG K 45 -28.90 -25.19 -30.09
C ARG K 45 -28.85 -25.61 -28.62
N GLY K 46 -28.57 -24.67 -27.71
CA GLY K 46 -28.66 -24.96 -26.30
C GLY K 46 -30.05 -25.39 -25.87
N LEU K 47 -31.07 -24.64 -26.29
CA LEU K 47 -32.44 -25.01 -25.93
C LEU K 47 -32.81 -26.36 -26.55
N THR K 48 -32.39 -26.62 -27.80
CA THR K 48 -32.66 -27.93 -28.38
C THR K 48 -32.06 -29.04 -27.52
N LEU K 49 -30.79 -28.88 -27.16
CA LEU K 49 -30.13 -29.82 -26.26
C LEU K 49 -30.95 -30.04 -25.00
N LEU K 50 -31.49 -28.95 -24.45
CA LEU K 50 -32.28 -29.09 -23.24
C LEU K 50 -33.58 -29.83 -23.51
N LYS K 51 -34.20 -29.61 -24.68
CA LYS K 51 -35.44 -30.33 -25.00
C LYS K 51 -35.17 -31.82 -25.11
N GLN K 52 -34.12 -32.18 -25.86
CA GLN K 52 -33.69 -33.57 -25.98
C GLN K 52 -33.37 -34.20 -24.65
N ALA K 53 -33.06 -33.41 -23.63
CA ALA K 53 -32.72 -33.90 -22.30
C ALA K 53 -33.90 -33.97 -21.36
N GLY K 54 -35.10 -33.62 -21.82
CA GLY K 54 -36.29 -33.75 -21.00
C GLY K 54 -36.98 -32.46 -20.65
N MET K 55 -36.55 -31.31 -21.16
CA MET K 55 -37.21 -30.06 -20.82
C MET K 55 -38.52 -29.96 -21.59
N LYS K 56 -39.58 -29.60 -20.86
CA LYS K 56 -40.88 -29.35 -21.48
C LYS K 56 -41.35 -27.92 -21.29
N LYS K 57 -40.76 -27.18 -20.37
CA LYS K 57 -41.21 -25.85 -19.95
C LYS K 57 -40.01 -24.93 -19.81
N ILE K 58 -40.13 -23.71 -20.35
CA ILE K 58 -39.04 -22.75 -20.22
C ILE K 58 -39.57 -21.45 -19.64
N ASN K 59 -38.70 -20.81 -18.84
CA ASN K 59 -38.96 -19.53 -18.19
C ASN K 59 -37.82 -18.55 -18.51
N PHE K 60 -38.15 -17.44 -19.18
CA PHE K 60 -37.16 -16.42 -19.58
C PHE K 60 -37.09 -15.39 -18.47
N ALA K 61 -36.06 -15.47 -17.66
CA ALA K 61 -35.96 -14.53 -16.57
C ALA K 61 -34.54 -13.97 -16.56
N GLY K 62 -33.99 -13.74 -15.37
CA GLY K 62 -32.70 -13.14 -15.24
C GLY K 62 -32.72 -11.63 -15.33
N GLY K 63 -33.66 -11.07 -16.08
CA GLY K 63 -34.01 -9.69 -15.90
C GLY K 63 -32.95 -8.89 -16.55
N GLU K 64 -33.34 -7.78 -17.17
CA GLU K 64 -34.73 -7.53 -17.50
C GLU K 64 -34.87 -8.05 -18.91
N PRO K 65 -35.67 -9.09 -19.10
CA PRO K 65 -35.76 -9.71 -20.45
C PRO K 65 -36.22 -8.76 -21.55
N PHE K 66 -37.13 -7.83 -21.24
CA PHE K 66 -37.63 -6.96 -22.31
C PHE K 66 -36.64 -5.90 -22.71
N LEU K 67 -35.46 -5.89 -22.11
CA LEU K 67 -34.37 -5.09 -22.60
C LEU K 67 -33.76 -5.67 -23.88
N TYR K 68 -34.16 -6.87 -24.28
CA TYR K 68 -33.61 -7.54 -25.45
C TYR K 68 -34.75 -8.12 -26.28
N PRO K 69 -35.62 -7.27 -26.83
CA PRO K 69 -36.86 -7.80 -27.44
C PRO K 69 -36.62 -8.70 -28.64
N LYS K 70 -35.64 -8.41 -29.49
CA LYS K 70 -35.43 -9.25 -30.67
C LYS K 70 -35.09 -10.67 -30.28
N PHE K 71 -34.04 -10.82 -29.45
CA PHE K 71 -33.66 -12.11 -28.92
C PHE K 71 -34.83 -12.80 -28.22
N LEU K 72 -35.50 -12.06 -27.33
CA LEU K 72 -36.65 -12.62 -26.61
C LEU K 72 -37.72 -13.07 -27.59
N GLY K 73 -38.05 -12.24 -28.57
CA GLY K 73 -39.02 -12.64 -29.58
C GLY K 73 -38.62 -13.92 -30.29
N GLU K 74 -37.38 -13.94 -30.80
CA GLU K 74 -36.88 -15.13 -31.50
C GLU K 74 -36.96 -16.36 -30.62
N MET K 75 -36.46 -16.26 -29.40
CA MET K 75 -36.44 -17.47 -28.58
C MET K 75 -37.83 -17.90 -28.18
N ILE K 76 -38.76 -16.96 -28.01
CA ILE K 76 -40.12 -17.37 -27.70
C ILE K 76 -40.72 -18.10 -28.89
N ASP K 77 -40.55 -17.55 -30.10
CA ASP K 77 -41.11 -18.22 -31.28
C ASP K 77 -40.45 -19.57 -31.46
N PHE K 78 -39.12 -19.61 -31.41
CA PHE K 78 -38.41 -20.88 -31.54
C PHE K 78 -38.93 -21.91 -30.55
N CYS K 79 -39.12 -21.51 -29.30
CA CYS K 79 -39.53 -22.47 -28.29
C CYS K 79 -40.91 -23.01 -28.61
N LYS K 80 -41.92 -22.14 -28.76
CA LYS K 80 -43.27 -22.68 -28.97
C LYS K 80 -43.39 -23.33 -30.34
N GLU K 81 -42.89 -22.67 -31.39
CA GLU K 81 -43.13 -23.18 -32.74
C GLU K 81 -42.30 -24.42 -33.04
N THR K 82 -40.98 -24.32 -33.01
CA THR K 82 -40.22 -25.47 -33.49
C THR K 82 -39.86 -26.50 -32.41
N LEU K 83 -39.72 -26.13 -31.12
CA LEU K 83 -39.48 -27.12 -30.07
C LEU K 83 -40.76 -27.65 -29.42
N GLN K 84 -41.90 -26.98 -29.62
CA GLN K 84 -43.21 -27.36 -29.10
C GLN K 84 -43.16 -27.74 -27.63
N LEU K 85 -42.75 -26.78 -26.80
CA LEU K 85 -42.70 -27.01 -25.37
C LEU K 85 -44.04 -26.62 -24.79
N GLU K 86 -44.42 -27.30 -23.71
CA GLU K 86 -45.75 -27.10 -23.16
C GLU K 86 -45.94 -25.67 -22.67
N SER K 87 -44.90 -25.07 -22.07
CA SER K 87 -45.04 -23.77 -21.43
C SER K 87 -43.87 -22.84 -21.73
N VAL K 88 -44.17 -21.65 -22.23
CA VAL K 88 -43.19 -20.59 -22.40
C VAL K 88 -43.65 -19.44 -21.51
N SER K 89 -42.82 -19.07 -20.53
CA SER K 89 -43.13 -18.01 -19.56
C SER K 89 -42.07 -16.93 -19.66
N ILE K 90 -42.41 -15.75 -19.12
CA ILE K 90 -41.47 -14.64 -19.07
C ILE K 90 -41.66 -13.93 -17.74
N VAL K 91 -40.57 -13.43 -17.16
CA VAL K 91 -40.64 -12.62 -15.95
C VAL K 91 -40.09 -11.25 -16.27
N THR K 92 -40.77 -10.20 -15.82
CA THR K 92 -40.37 -8.84 -16.17
C THR K 92 -40.77 -7.90 -15.05
N ASN K 93 -40.10 -6.76 -14.97
CA ASN K 93 -40.57 -5.67 -14.14
C ASN K 93 -41.69 -4.87 -14.79
N GLY K 94 -41.94 -5.06 -16.10
CA GLY K 94 -43.04 -4.43 -16.78
C GLY K 94 -42.72 -3.15 -17.53
N SER K 95 -41.66 -2.44 -17.14
CA SER K 95 -41.41 -1.11 -17.69
C SER K 95 -41.27 -1.14 -19.20
N LEU K 96 -40.45 -2.02 -19.73
CA LEU K 96 -40.17 -2.00 -21.15
C LEU K 96 -41.16 -2.82 -21.98
N VAL K 97 -42.23 -3.36 -21.39
CA VAL K 97 -43.19 -4.18 -22.11
C VAL K 97 -44.03 -3.28 -23.01
N LYS K 98 -43.83 -3.36 -24.33
CA LYS K 98 -44.63 -2.60 -25.27
C LYS K 98 -45.72 -3.50 -25.83
N GLU K 99 -46.88 -2.91 -26.11
CA GLU K 99 -48.03 -3.74 -26.45
C GLU K 99 -47.85 -4.48 -27.77
N GLN K 100 -47.18 -3.86 -28.75
CA GLN K 100 -47.00 -4.49 -30.05
C GLN K 100 -46.30 -5.85 -29.94
N PHE K 101 -45.37 -5.98 -28.98
CA PHE K 101 -44.64 -7.23 -28.77
C PHE K 101 -45.56 -8.34 -28.28
N LEU K 102 -46.43 -8.03 -27.30
CA LEU K 102 -47.40 -9.03 -26.88
C LEU K 102 -48.39 -9.35 -28.00
N GLN K 103 -48.76 -8.33 -28.78
CA GLN K 103 -49.64 -8.55 -29.93
C GLN K 103 -49.02 -9.54 -30.92
N LYS K 104 -47.73 -9.33 -31.23
CA LYS K 104 -47.03 -10.15 -32.20
C LYS K 104 -46.72 -11.55 -31.66
N HIS K 105 -46.24 -11.65 -30.43
CA HIS K 105 -45.72 -12.93 -29.97
C HIS K 105 -46.70 -13.67 -29.06
N GLY K 106 -47.85 -13.08 -28.75
CA GLY K 106 -48.72 -13.60 -27.72
C GLY K 106 -49.22 -15.00 -27.97
N ARG K 107 -49.33 -15.42 -29.23
CA ARG K 107 -49.71 -16.80 -29.50
C ARG K 107 -48.73 -17.79 -28.86
N ASN K 108 -47.50 -17.35 -28.58
CA ASN K 108 -46.43 -18.23 -28.11
C ASN K 108 -46.00 -17.98 -26.67
N ILE K 109 -46.64 -17.05 -25.98
CA ILE K 109 -46.38 -16.75 -24.57
C ILE K 109 -47.53 -17.33 -23.75
N ASP K 110 -47.24 -18.31 -22.91
CA ASP K 110 -48.32 -18.87 -22.10
C ASP K 110 -48.55 -18.04 -20.84
N ILE K 111 -47.49 -17.72 -20.12
CA ILE K 111 -47.54 -16.96 -18.87
C ILE K 111 -46.67 -15.72 -19.03
N LEU K 112 -47.11 -14.60 -18.47
CA LEU K 112 -46.23 -13.44 -18.33
C LEU K 112 -46.37 -12.96 -16.91
N ALA K 113 -45.31 -13.16 -16.12
CA ALA K 113 -45.28 -12.82 -14.70
C ALA K 113 -44.56 -11.49 -14.53
N VAL K 114 -45.18 -10.57 -13.82
CA VAL K 114 -44.60 -9.26 -13.54
C VAL K 114 -44.17 -9.25 -12.09
N SER K 115 -42.97 -8.75 -11.84
CA SER K 115 -42.47 -8.64 -10.48
C SER K 115 -43.03 -7.38 -9.87
N CYS K 116 -43.75 -7.51 -8.77
CA CYS K 116 -44.38 -6.36 -8.13
C CYS K 116 -44.39 -6.54 -6.63
N ASP K 117 -43.69 -5.66 -5.93
CA ASP K 117 -43.54 -5.80 -4.49
C ASP K 117 -44.35 -4.81 -3.69
N SER K 118 -44.84 -3.74 -4.30
CA SER K 118 -45.60 -2.75 -3.54
C SER K 118 -46.28 -1.80 -4.50
N PHE K 119 -47.43 -1.25 -4.08
CA PHE K 119 -48.10 -0.18 -4.81
C PHE K 119 -47.80 1.21 -4.26
N ASN K 120 -46.97 1.34 -3.22
CA ASN K 120 -46.59 2.62 -2.64
C ASN K 120 -45.16 3.00 -3.03
N GLU K 121 -45.01 4.19 -3.63
CA GLU K 121 -43.70 4.59 -4.14
C GLU K 121 -42.63 4.54 -3.06
N ALA K 122 -42.96 4.95 -1.83
CA ALA K 122 -41.94 4.96 -0.79
C ALA K 122 -41.52 3.55 -0.42
N THR K 123 -42.48 2.64 -0.34
CA THR K 123 -42.09 1.26 -0.07
C THR K 123 -41.14 0.77 -1.16
N ASN K 124 -41.48 1.03 -2.42
CA ASN K 124 -40.65 0.53 -3.51
C ASN K 124 -39.25 1.14 -3.47
N ILE K 125 -39.13 2.42 -3.11
CA ILE K 125 -37.82 3.02 -3.02
C ILE K 125 -36.96 2.31 -1.96
N LYS K 126 -37.50 2.08 -0.77
CA LYS K 126 -36.75 1.36 0.27
C LYS K 126 -36.41 -0.07 -0.14
N ILE K 127 -37.34 -0.77 -0.78
CA ILE K 127 -37.00 -2.12 -1.25
C ILE K 127 -35.85 -2.06 -2.23
N GLY K 128 -35.68 -0.95 -2.90
CA GLY K 128 -34.58 -0.81 -3.81
C GLY K 128 -34.97 -0.89 -5.25
N ARG K 129 -36.18 -0.49 -5.59
CA ARG K 129 -36.67 -0.65 -6.93
C ARG K 129 -36.95 0.69 -7.60
N GLY K 130 -36.43 1.78 -7.04
CA GLY K 130 -36.54 3.09 -7.67
C GLY K 130 -37.92 3.71 -7.52
N SER K 131 -38.07 4.86 -8.16
CA SER K 131 -39.33 5.58 -8.07
C SER K 131 -40.40 4.89 -8.90
N GLY K 132 -41.61 4.81 -8.35
CA GLY K 132 -42.79 4.56 -9.17
C GLY K 132 -43.16 5.90 -9.79
N ASP K 133 -44.43 6.14 -10.13
CA ASP K 133 -45.58 5.32 -9.81
C ASP K 133 -46.03 4.51 -11.05
N ASN K 134 -45.34 3.40 -11.34
CA ASN K 134 -45.65 2.58 -12.52
C ASN K 134 -46.86 1.66 -12.33
N VAL K 135 -47.84 2.07 -11.50
CA VAL K 135 -49.01 1.23 -11.25
C VAL K 135 -49.93 1.22 -12.46
N GLN K 136 -49.96 2.29 -13.24
CA GLN K 136 -50.81 2.29 -14.40
C GLN K 136 -50.33 1.25 -15.43
N LYS K 137 -49.01 1.14 -15.59
CA LYS K 137 -48.44 0.18 -16.53
C LYS K 137 -48.77 -1.26 -16.16
N LEU K 138 -48.87 -1.54 -14.85
CA LEU K 138 -49.29 -2.88 -14.43
C LEU K 138 -50.69 -3.20 -14.95
N TYR K 139 -51.60 -2.22 -14.86
CA TYR K 139 -52.96 -2.45 -15.32
C TYR K 139 -53.00 -2.62 -16.83
N GLU K 140 -52.24 -1.79 -17.55
CA GLU K 140 -52.13 -1.93 -19.01
C GLU K 140 -51.69 -3.34 -19.40
N ILE K 141 -50.75 -3.90 -18.64
CA ILE K 141 -50.22 -5.21 -18.97
C ILE K 141 -51.25 -6.28 -18.67
N GLY K 142 -51.95 -6.16 -17.54
CA GLY K 142 -53.04 -7.08 -17.27
C GLY K 142 -54.07 -7.08 -18.40
N SER K 143 -54.46 -5.87 -18.85
CA SER K 143 -55.34 -5.74 -20.01
C SER K 143 -54.78 -6.47 -21.22
N TRP K 144 -53.55 -6.11 -21.61
CA TRP K 144 -52.92 -6.77 -22.75
C TRP K 144 -52.96 -8.30 -22.63
N CYS K 145 -52.74 -8.85 -21.43
CA CYS K 145 -52.70 -10.29 -21.31
C CYS K 145 -54.06 -10.91 -21.56
N GLN K 146 -55.11 -10.30 -20.99
CA GLN K 146 -56.47 -10.75 -21.30
C GLN K 146 -56.77 -10.57 -22.78
N LYS K 147 -56.38 -9.43 -23.33
CA LYS K 147 -56.61 -9.14 -24.74
C LYS K 147 -55.94 -10.16 -25.66
N TYR K 148 -54.77 -10.68 -25.30
CA TYR K 148 -54.07 -11.55 -26.23
C TYR K 148 -53.93 -12.95 -25.69
N ASP K 149 -54.72 -13.30 -24.67
CA ASP K 149 -54.86 -14.66 -24.20
C ASP K 149 -53.56 -15.18 -23.60
N ILE K 150 -53.05 -14.43 -22.63
CA ILE K 150 -51.81 -14.75 -21.91
C ILE K 150 -52.17 -14.74 -20.44
N LYS K 151 -51.94 -15.85 -19.76
CA LYS K 151 -52.14 -15.84 -18.32
C LYS K 151 -51.23 -14.78 -17.68
N PHE K 152 -51.80 -14.07 -16.71
CA PHE K 152 -51.18 -12.92 -16.06
C PHE K 152 -50.79 -13.34 -14.64
N LYS K 153 -49.49 -13.30 -14.34
CA LYS K 153 -49.00 -13.71 -13.02
C LYS K 153 -48.31 -12.53 -12.37
N LEU K 154 -48.39 -12.46 -11.03
CA LEU K 154 -47.69 -11.46 -10.23
C LEU K 154 -46.85 -12.17 -9.19
N ASN K 155 -45.56 -11.78 -9.09
CA ASN K 155 -44.64 -12.27 -8.07
C ASN K 155 -44.35 -11.16 -7.07
N THR K 156 -44.56 -11.43 -5.80
CA THR K 156 -44.32 -10.44 -4.76
C THR K 156 -43.38 -11.03 -3.74
N VAL K 157 -42.36 -10.28 -3.36
CA VAL K 157 -41.53 -10.66 -2.22
C VAL K 157 -42.01 -9.87 -1.01
N VAL K 158 -42.44 -10.58 0.03
CA VAL K 158 -42.89 -9.96 1.26
C VAL K 158 -41.68 -9.79 2.15
N ASN K 159 -41.40 -8.55 2.55
CA ASN K 159 -40.18 -8.22 3.28
C ASN K 159 -40.54 -7.18 4.33
N LYS K 160 -39.52 -6.64 5.02
CA LYS K 160 -39.83 -5.74 6.14
C LYS K 160 -40.64 -4.53 5.70
N PHE K 161 -40.38 -4.03 4.50
CA PHE K 161 -40.95 -2.75 4.11
C PHE K 161 -42.37 -2.87 3.62
N ASN K 162 -42.80 -4.04 3.13
CA ASN K 162 -44.16 -4.15 2.63
C ASN K 162 -45.01 -5.16 3.38
N HIS K 163 -44.53 -5.77 4.45
CA HIS K 163 -45.32 -6.85 5.01
C HIS K 163 -46.62 -6.35 5.63
N LEU K 164 -46.74 -5.04 5.90
CA LEU K 164 -47.98 -4.51 6.45
C LEU K 164 -48.95 -4.00 5.39
N GLU K 165 -48.63 -4.09 4.10
CA GLU K 165 -49.40 -3.44 3.06
C GLU K 165 -50.69 -4.20 2.79
N ASP K 166 -51.73 -3.46 2.42
CA ASP K 166 -52.94 -4.08 1.90
C ASP K 166 -52.96 -3.92 0.39
N MET K 167 -53.17 -5.03 -0.32
CA MET K 167 -53.17 -4.98 -1.76
C MET K 167 -54.48 -5.48 -2.36
N ASN K 168 -55.47 -5.82 -1.54
CA ASN K 168 -56.67 -6.48 -2.06
C ASN K 168 -57.30 -5.64 -3.16
N ASP K 169 -57.50 -4.34 -2.91
CA ASP K 169 -58.14 -3.50 -3.90
C ASP K 169 -57.43 -3.64 -5.24
N HIS K 170 -56.11 -3.42 -5.24
CA HIS K 170 -55.36 -3.53 -6.48
C HIS K 170 -55.44 -4.93 -7.08
N LEU K 171 -55.45 -5.97 -6.26
CA LEU K 171 -55.46 -7.30 -6.82
C LEU K 171 -56.83 -7.69 -7.32
N ASN K 172 -57.88 -7.25 -6.63
CA ASN K 172 -59.24 -7.47 -7.12
C ASN K 172 -59.43 -6.86 -8.49
N ALA K 173 -58.76 -5.75 -8.77
CA ALA K 173 -58.86 -5.11 -10.09
C ALA K 173 -57.98 -5.84 -11.13
N LEU K 174 -56.75 -6.18 -10.76
CA LEU K 174 -55.84 -6.77 -11.75
C LEU K 174 -56.23 -8.20 -12.07
N GLN K 175 -56.71 -8.93 -11.06
CA GLN K 175 -57.11 -10.32 -11.16
C GLN K 175 -56.11 -11.18 -11.93
N PRO K 176 -54.93 -11.38 -11.38
CA PRO K 176 -54.00 -12.32 -12.00
C PRO K 176 -54.53 -13.74 -11.82
N PHE K 177 -54.13 -14.61 -12.74
CA PHE K 177 -54.42 -16.03 -12.59
C PHE K 177 -53.67 -16.62 -11.40
N ARG K 178 -52.49 -16.12 -11.09
CA ARG K 178 -51.76 -16.61 -9.93
C ARG K 178 -51.03 -15.44 -9.31
N TRP K 179 -50.92 -15.44 -7.99
CA TRP K 179 -50.20 -14.39 -7.25
C TRP K 179 -49.23 -15.08 -6.32
N LYS K 180 -47.96 -15.20 -6.73
CA LYS K 180 -46.95 -15.88 -5.94
C LYS K 180 -46.36 -14.92 -4.91
N CYS K 181 -46.42 -15.30 -3.63
CA CYS K 181 -45.91 -14.47 -2.54
C CYS K 181 -44.82 -15.21 -1.82
N PHE K 182 -43.60 -14.73 -1.95
CA PHE K 182 -42.43 -15.33 -1.34
C PHE K 182 -42.11 -14.62 -0.06
N GLN K 183 -41.84 -15.37 0.98
CA GLN K 183 -41.22 -14.77 2.15
C GLN K 183 -39.77 -14.50 1.82
N VAL K 184 -39.33 -13.25 2.00
CA VAL K 184 -37.95 -12.89 1.69
C VAL K 184 -36.95 -13.76 2.45
N LEU K 185 -35.83 -14.01 1.81
CA LEU K 185 -34.68 -14.72 2.36
C LEU K 185 -33.44 -14.05 1.81
N ILE K 186 -32.50 -13.71 2.69
CA ILE K 186 -31.28 -13.03 2.28
C ILE K 186 -30.07 -13.91 2.58
N VAL K 187 -29.19 -14.10 1.57
CA VAL K 187 -27.99 -14.93 1.71
C VAL K 187 -26.77 -14.05 1.97
N THR K 188 -25.82 -14.57 2.74
CA THR K 188 -24.68 -13.79 3.21
C THR K 188 -23.42 -14.65 3.38
N LYS K 195 -21.44 -4.51 8.04
CA LYS K 195 -20.82 -4.78 6.76
C LYS K 195 -21.87 -5.25 5.75
N THR K 196 -22.98 -4.50 5.61
CA THR K 196 -24.21 -4.94 4.91
C THR K 196 -24.66 -6.34 5.36
N LEU K 197 -24.46 -6.65 6.66
CA LEU K 197 -24.93 -7.88 7.28
C LEU K 197 -26.07 -7.62 8.25
N ARG K 198 -25.89 -6.66 9.16
CA ARG K 198 -26.99 -6.21 10.00
C ARG K 198 -28.23 -6.05 9.14
N ASN K 199 -27.99 -5.41 7.96
CA ASN K 199 -28.93 -5.24 6.85
C ASN K 199 -29.82 -6.43 6.54
N ALA K 200 -29.24 -7.61 6.40
CA ALA K 200 -30.08 -8.70 6.00
C ALA K 200 -31.08 -9.04 7.11
N HIS K 201 -30.61 -9.18 8.34
CA HIS K 201 -31.53 -9.45 9.42
C HIS K 201 -32.43 -8.26 9.75
N SER K 202 -32.15 -7.06 9.23
CA SER K 202 -33.09 -5.95 9.36
C SER K 202 -34.30 -6.20 8.45
N LEU K 203 -34.04 -6.70 7.21
CA LEU K 203 -35.04 -6.81 6.14
C LEU K 203 -35.87 -8.10 6.19
N THR K 204 -35.51 -9.06 7.05
CA THR K 204 -36.25 -10.29 7.19
C THR K 204 -37.50 -10.06 8.02
N ILE K 205 -38.46 -10.95 7.83
CA ILE K 205 -39.70 -10.93 8.57
C ILE K 205 -39.88 -12.29 9.24
N SER K 206 -40.36 -12.26 10.49
CA SER K 206 -40.74 -13.48 11.19
C SER K 206 -41.77 -14.26 10.39
N ASP K 207 -41.88 -15.55 10.67
CA ASP K 207 -42.85 -16.30 9.91
C ASP K 207 -44.25 -15.87 10.26
N ASP K 208 -44.48 -15.46 11.51
CA ASP K 208 -45.78 -14.90 11.90
C ASP K 208 -46.16 -13.70 11.04
N GLU K 209 -45.23 -12.76 10.87
CA GLU K 209 -45.47 -11.60 10.01
C GLU K 209 -45.86 -12.03 8.59
N PHE K 210 -45.20 -13.04 8.07
CA PHE K 210 -45.52 -13.50 6.72
C PHE K 210 -46.93 -14.07 6.64
N ASP K 211 -47.36 -14.84 7.67
CA ASP K 211 -48.70 -15.43 7.61
C ASP K 211 -49.76 -14.36 7.80
N ARG K 212 -49.48 -13.37 8.63
CA ARG K 212 -50.45 -12.30 8.75
C ARG K 212 -50.59 -11.55 7.42
N PHE K 213 -49.53 -11.47 6.63
CA PHE K 213 -49.67 -10.93 5.28
C PHE K 213 -50.60 -11.79 4.43
N CYS K 214 -50.47 -13.12 4.54
CA CYS K 214 -51.26 -14.00 3.68
C CYS K 214 -52.73 -14.05 4.11
N GLU K 215 -53.00 -13.99 5.41
CA GLU K 215 -54.39 -13.93 5.85
C GLU K 215 -55.01 -12.61 5.45
N ARG K 216 -54.28 -11.52 5.63
CA ARG K 216 -54.77 -10.21 5.24
C ARG K 216 -55.23 -10.21 3.79
N HIS K 217 -54.93 -11.26 3.02
CA HIS K 217 -55.34 -11.36 1.63
C HIS K 217 -56.06 -12.68 1.37
N SER K 218 -56.91 -13.10 2.33
CA SER K 218 -57.60 -14.40 2.24
C SER K 218 -58.55 -14.46 1.06
N SER K 219 -59.22 -13.34 0.77
CA SER K 219 -60.24 -13.26 -0.27
C SER K 219 -59.66 -13.39 -1.68
N GLN K 220 -58.42 -13.81 -1.78
CA GLN K 220 -57.73 -13.91 -3.07
C GLN K 220 -57.49 -15.38 -3.37
N THR K 221 -58.26 -15.93 -4.30
CA THR K 221 -58.03 -17.33 -4.67
C THR K 221 -56.69 -17.50 -5.40
N CYS K 222 -56.19 -16.45 -6.03
CA CYS K 222 -54.93 -16.49 -6.75
C CYS K 222 -53.71 -16.48 -5.85
N LEU K 223 -53.86 -16.39 -4.53
CA LEU K 223 -52.72 -16.29 -3.65
C LEU K 223 -52.06 -17.64 -3.44
N VAL K 224 -50.82 -17.80 -3.92
CA VAL K 224 -49.98 -18.95 -3.58
C VAL K 224 -48.81 -18.50 -2.70
N PRO K 225 -48.82 -18.79 -1.40
CA PRO K 225 -47.68 -18.41 -0.56
C PRO K 225 -46.54 -19.38 -0.75
N GLU K 226 -45.33 -18.89 -0.49
CA GLU K 226 -44.15 -19.74 -0.40
C GLU K 226 -43.32 -19.26 0.78
N PRO K 227 -43.48 -19.86 1.94
CA PRO K 227 -42.66 -19.49 3.08
C PRO K 227 -41.29 -20.13 3.00
N ASN K 228 -40.34 -19.51 3.70
CA ASN K 228 -39.00 -20.08 3.73
C ASN K 228 -39.00 -21.51 4.28
N ARG K 229 -39.92 -21.84 5.20
CA ARG K 229 -40.05 -23.19 5.75
C ARG K 229 -40.14 -24.26 4.66
N LEU K 230 -40.70 -23.90 3.51
CA LEU K 230 -41.01 -24.93 2.50
C LEU K 230 -41.06 -24.25 1.13
N MET K 231 -39.91 -24.22 0.46
CA MET K 231 -39.76 -23.64 -0.87
C MET K 231 -39.88 -24.75 -1.90
N ALA K 232 -40.37 -24.40 -3.08
CA ALA K 232 -40.47 -25.39 -4.15
C ALA K 232 -39.10 -25.97 -4.50
N LYS K 233 -39.10 -27.08 -5.22
CA LYS K 233 -37.86 -27.79 -5.52
C LYS K 233 -37.65 -27.83 -7.03
N SER K 234 -36.60 -28.55 -7.47
CA SER K 234 -36.31 -28.72 -8.91
C SER K 234 -36.14 -27.39 -9.65
N TYR K 235 -35.60 -26.40 -8.95
CA TYR K 235 -35.44 -25.07 -9.52
C TYR K 235 -34.02 -24.97 -10.10
N LEU K 236 -33.94 -25.00 -11.42
CA LEU K 236 -32.65 -25.02 -12.09
C LEU K 236 -32.50 -23.76 -12.95
N ILE K 237 -31.35 -23.11 -12.86
CA ILE K 237 -31.07 -21.86 -13.56
C ILE K 237 -30.02 -22.10 -14.65
N LEU K 238 -30.29 -21.61 -15.85
CA LEU K 238 -29.37 -21.59 -16.97
C LEU K 238 -28.93 -20.15 -17.16
N ASP K 239 -27.63 -19.86 -16.99
CA ASP K 239 -27.16 -18.46 -17.01
C ASP K 239 -26.90 -18.02 -18.45
N GLU K 240 -26.37 -16.82 -18.62
CA GLU K 240 -26.32 -16.22 -19.95
C GLU K 240 -25.33 -16.90 -20.88
N TYR K 241 -24.38 -17.67 -20.34
CA TYR K 241 -23.52 -18.52 -21.17
C TYR K 241 -24.06 -19.93 -21.29
N MET K 242 -25.32 -20.13 -20.89
CA MET K 242 -25.96 -21.45 -20.88
C MET K 242 -25.16 -22.44 -20.04
N ARG K 243 -24.77 -21.99 -18.84
CA ARG K 243 -24.19 -22.82 -17.80
C ARG K 243 -25.23 -23.01 -16.71
N PHE K 244 -25.16 -24.12 -15.99
CA PHE K 244 -26.05 -24.30 -14.85
C PHE K 244 -25.40 -23.74 -13.60
N LEU K 245 -26.24 -23.27 -12.68
CA LEU K 245 -25.81 -22.81 -11.36
C LEU K 245 -26.14 -23.87 -10.32
N ASP K 246 -25.42 -23.85 -9.21
CA ASP K 246 -25.58 -24.89 -8.20
C ASP K 246 -26.68 -24.51 -7.19
N ARG K 247 -26.74 -25.24 -6.06
CA ARG K 247 -27.69 -24.96 -4.98
C ARG K 247 -27.71 -23.53 -4.51
N ASN K 248 -26.57 -22.84 -4.56
CA ASN K 248 -26.45 -21.48 -4.05
C ASN K 248 -26.47 -20.44 -5.15
N GLY K 249 -26.81 -20.83 -6.37
CA GLY K 249 -26.83 -19.88 -7.45
C GLY K 249 -25.46 -19.47 -7.93
N GLN K 250 -24.45 -20.32 -7.74
CA GLN K 250 -23.11 -19.96 -8.17
C GLN K 250 -22.37 -21.22 -8.60
N GLN K 251 -21.04 -21.16 -8.62
CA GLN K 251 -20.20 -22.27 -9.07
C GLN K 251 -20.71 -22.82 -10.45
N PRO K 252 -20.89 -21.96 -11.44
CA PRO K 252 -21.48 -22.43 -12.70
C PRO K 252 -20.63 -23.52 -13.33
N SER K 253 -21.31 -24.48 -13.95
CA SER K 253 -20.65 -25.51 -14.75
C SER K 253 -20.08 -24.89 -16.00
N LYS K 254 -19.44 -25.71 -16.84
CA LYS K 254 -19.15 -25.22 -18.19
C LYS K 254 -20.46 -25.16 -18.99
N SER K 255 -20.47 -24.37 -20.06
CA SER K 255 -21.68 -24.26 -20.87
C SER K 255 -22.10 -25.63 -21.39
N ILE K 256 -23.41 -25.86 -21.46
CA ILE K 256 -23.90 -27.09 -22.07
C ILE K 256 -23.54 -27.14 -23.54
N LEU K 257 -23.21 -25.98 -24.12
CA LEU K 257 -22.74 -25.93 -25.51
C LEU K 257 -21.39 -26.63 -25.65
N GLU K 258 -20.59 -26.64 -24.57
CA GLU K 258 -19.29 -27.30 -24.56
C GLU K 258 -19.36 -28.75 -24.09
N VAL K 259 -20.04 -29.01 -22.98
CA VAL K 259 -19.98 -30.31 -22.31
C VAL K 259 -21.32 -31.05 -22.31
N GLY K 260 -22.35 -30.46 -22.88
CA GLY K 260 -23.66 -31.07 -22.89
C GLY K 260 -24.36 -30.99 -21.55
N VAL K 261 -25.61 -31.48 -21.55
CA VAL K 261 -26.47 -31.25 -20.38
C VAL K 261 -26.12 -32.19 -19.23
N GLN K 262 -25.96 -33.49 -19.46
CA GLN K 262 -25.73 -34.39 -18.34
C GLN K 262 -24.43 -34.05 -17.61
N GLN K 263 -23.33 -33.87 -18.36
CA GLN K 263 -22.07 -33.60 -17.69
C GLN K 263 -22.14 -32.29 -16.91
N ALA K 264 -22.85 -31.30 -17.44
CA ALA K 264 -22.99 -30.04 -16.72
C ALA K 264 -23.82 -30.20 -15.46
N LEU K 265 -24.86 -31.05 -15.49
CA LEU K 265 -25.64 -31.23 -14.27
C LEU K 265 -24.77 -31.80 -13.16
N GLN K 266 -23.91 -32.75 -13.49
CA GLN K 266 -23.04 -33.33 -12.48
C GLN K 266 -22.01 -32.34 -11.96
N ALA K 267 -21.52 -31.43 -12.82
CA ALA K 267 -20.54 -30.45 -12.37
C ALA K 267 -21.12 -29.55 -11.29
N VAL K 268 -22.44 -29.48 -11.20
CA VAL K 268 -23.15 -28.54 -10.37
C VAL K 268 -23.87 -29.25 -9.21
N PHE K 269 -23.62 -30.55 -9.07
CA PHE K 269 -24.17 -31.38 -8.00
C PHE K 269 -25.69 -31.41 -8.04
N TRP K 270 -26.24 -31.52 -9.24
CA TRP K 270 -27.68 -31.52 -9.43
C TRP K 270 -28.37 -32.57 -8.55
N ASP K 271 -29.48 -32.18 -7.96
CA ASP K 271 -30.25 -32.92 -6.97
C ASP K 271 -31.54 -32.15 -6.68
N GLU K 272 -32.69 -32.69 -7.11
CA GLU K 272 -33.93 -31.91 -7.17
C GLU K 272 -34.31 -31.36 -5.82
N GLU K 273 -34.23 -32.19 -4.76
CA GLU K 273 -34.62 -31.70 -3.44
C GLU K 273 -33.73 -30.56 -2.98
N ALA K 274 -32.45 -30.57 -3.36
CA ALA K 274 -31.52 -29.55 -2.87
C ALA K 274 -31.67 -28.22 -3.58
N PHE K 275 -32.23 -28.18 -4.78
CA PHE K 275 -32.24 -26.97 -5.61
C PHE K 275 -33.54 -26.22 -5.39
N VAL K 276 -33.56 -25.44 -4.30
CA VAL K 276 -34.79 -24.71 -3.92
C VAL K 276 -35.02 -23.52 -4.85
N GLU K 277 -36.28 -23.07 -4.87
CA GLU K 277 -36.66 -21.90 -5.66
C GLU K 277 -35.99 -20.64 -5.14
N ARG K 278 -35.10 -20.08 -5.94
CA ARG K 278 -34.71 -18.71 -5.77
C ARG K 278 -35.81 -17.81 -6.31
N GLY K 279 -35.82 -16.57 -5.87
CA GLY K 279 -36.99 -15.80 -6.27
C GLY K 279 -37.66 -15.32 -5.02
N GLY K 280 -37.68 -16.16 -4.01
CA GLY K 280 -37.92 -15.47 -2.78
C GLY K 280 -36.66 -14.93 -2.19
N ILE K 281 -35.57 -14.99 -2.95
CA ILE K 281 -34.22 -14.88 -2.42
C ILE K 281 -33.60 -13.60 -2.93
N TYR K 282 -33.00 -12.83 -2.04
CA TYR K 282 -32.15 -11.71 -2.41
C TYR K 282 -30.70 -12.16 -2.27
N ASP K 283 -30.01 -12.37 -3.43
CA ASP K 283 -28.65 -12.94 -3.48
C ASP K 283 -27.52 -11.96 -3.13
N TRP K 284 -27.71 -11.09 -2.13
CA TRP K 284 -26.71 -10.08 -1.78
C TRP K 284 -26.27 -10.16 -0.32
N GLN L 8 -33.85 -37.34 7.00
CA GLN L 8 -34.09 -36.96 8.41
C GLN L 8 -32.77 -36.81 9.19
N VAL L 9 -32.88 -36.10 10.31
CA VAL L 9 -31.74 -35.77 11.17
C VAL L 9 -31.23 -37.05 11.84
N PRO L 10 -29.96 -37.15 12.21
CA PRO L 10 -29.49 -38.31 12.99
C PRO L 10 -30.04 -38.31 14.41
N VAL L 11 -29.84 -39.44 15.08
CA VAL L 11 -30.32 -39.62 16.44
C VAL L 11 -29.72 -38.55 17.36
N SER L 12 -28.45 -38.25 17.15
CA SER L 12 -27.68 -37.39 18.04
C SER L 12 -27.25 -36.14 17.27
N VAL L 13 -27.48 -34.98 17.89
CA VAL L 13 -27.13 -33.69 17.32
C VAL L 13 -26.25 -32.95 18.33
N ASN L 14 -25.13 -32.40 17.85
CA ASN L 14 -24.21 -31.62 18.68
C ASN L 14 -24.51 -30.12 18.52
N TYR L 15 -25.00 -29.50 19.58
CA TYR L 15 -25.35 -28.08 19.57
C TYR L 15 -24.16 -27.31 20.16
N HIS L 16 -23.35 -26.71 19.27
CA HIS L 16 -22.31 -25.80 19.69
C HIS L 16 -22.93 -24.42 19.95
N PHE L 17 -23.65 -24.30 21.07
CA PHE L 17 -24.49 -23.12 21.20
C PHE L 17 -23.73 -21.82 21.39
N SER L 18 -22.41 -21.88 21.61
CA SER L 18 -21.53 -20.73 21.55
C SER L 18 -20.17 -21.14 20.98
N ARG L 19 -19.55 -20.26 20.21
CA ARG L 19 -18.11 -20.36 19.85
C ARG L 19 -17.38 -19.80 21.08
N LYS L 20 -16.09 -20.00 21.42
CA LYS L 20 -14.88 -20.66 20.87
C LYS L 20 -13.89 -19.47 20.76
N CYS L 21 -13.87 -18.65 21.83
CA CYS L 21 -13.04 -17.42 21.94
C CYS L 21 -11.76 -17.59 22.80
N ALA L 32 -13.70 -8.17 26.40
CA ALA L 32 -14.81 -7.35 26.90
C ALA L 32 -16.22 -7.69 26.28
N THR L 33 -16.29 -7.95 24.95
CA THR L 33 -17.50 -8.40 24.28
C THR L 33 -17.56 -9.94 24.35
N THR L 34 -18.34 -10.61 23.48
CA THR L 34 -18.35 -12.09 23.45
C THR L 34 -19.05 -12.59 22.18
N SER L 35 -19.23 -13.92 22.14
CA SER L 35 -19.92 -14.70 21.12
C SER L 35 -21.44 -14.48 21.13
N HIS L 36 -22.08 -14.82 20.01
CA HIS L 36 -23.54 -14.85 19.92
C HIS L 36 -24.10 -16.13 20.52
N VAL L 37 -25.24 -15.99 21.21
CA VAL L 37 -26.00 -17.13 21.74
C VAL L 37 -27.46 -16.86 21.46
N GLU L 38 -28.22 -17.91 21.09
CA GLU L 38 -29.64 -17.69 20.82
C GLU L 38 -30.36 -17.23 22.07
N LYS L 39 -31.37 -16.39 21.89
CA LYS L 39 -32.28 -16.14 23.01
C LYS L 39 -32.94 -17.46 23.36
N PRO L 40 -33.21 -17.71 24.65
CA PRO L 40 -33.66 -19.06 25.05
C PRO L 40 -34.97 -19.47 24.43
N GLU L 41 -35.82 -18.53 24.02
CA GLU L 41 -37.06 -18.96 23.37
C GLU L 41 -36.83 -19.40 21.93
N ASN L 42 -35.86 -18.80 21.24
CA ASN L 42 -35.52 -19.27 19.89
C ASN L 42 -34.89 -20.65 19.94
N ALA L 43 -33.85 -20.81 20.78
CA ALA L 43 -33.21 -22.12 20.94
C ALA L 43 -34.24 -23.20 21.22
N LYS L 44 -35.21 -22.93 22.11
CA LYS L 44 -36.27 -23.89 22.39
C LYS L 44 -37.03 -24.27 21.13
N ARG L 45 -37.33 -23.30 20.26
CA ARG L 45 -38.04 -23.60 19.03
C ARG L 45 -37.19 -24.48 18.13
N GLY L 46 -35.90 -24.15 18.03
CA GLY L 46 -35.02 -24.90 17.15
C GLY L 46 -34.83 -26.33 17.61
N LEU L 47 -34.63 -26.53 18.92
CA LEU L 47 -34.49 -27.90 19.39
C LEU L 47 -35.81 -28.64 19.26
N THR L 48 -36.92 -27.95 19.42
CA THR L 48 -38.20 -28.59 19.14
C THR L 48 -38.24 -29.10 17.71
N LEU L 49 -37.84 -28.25 16.76
CA LEU L 49 -37.78 -28.66 15.35
C LEU L 49 -36.92 -29.88 15.17
N LEU L 50 -35.76 -29.91 15.84
CA LEU L 50 -34.87 -31.06 15.71
C LEU L 50 -35.53 -32.34 16.23
N LYS L 51 -36.27 -32.24 17.35
CA LYS L 51 -36.97 -33.42 17.86
C LYS L 51 -37.96 -33.94 16.82
N GLN L 52 -38.81 -33.05 16.30
CA GLN L 52 -39.78 -33.44 15.28
C GLN L 52 -39.12 -34.11 14.09
N ALA L 53 -37.88 -33.74 13.78
CA ALA L 53 -37.16 -34.31 12.66
C ALA L 53 -36.49 -35.65 12.99
N GLY L 54 -36.59 -36.11 14.22
CA GLY L 54 -36.01 -37.39 14.60
C GLY L 54 -34.91 -37.34 15.64
N MET L 55 -34.59 -36.18 16.20
CA MET L 55 -33.49 -36.12 17.17
C MET L 55 -33.91 -36.79 18.46
N LYS L 56 -33.04 -37.63 19.00
CA LYS L 56 -33.33 -38.27 20.27
C LYS L 56 -32.27 -38.03 21.32
N LYS L 57 -31.05 -37.65 20.93
CA LYS L 57 -29.99 -37.29 21.85
C LYS L 57 -29.42 -35.93 21.47
N ILE L 58 -29.09 -35.12 22.50
CA ILE L 58 -28.55 -33.77 22.37
C ILE L 58 -27.22 -33.72 23.11
N ASN L 59 -26.26 -33.00 22.55
CA ASN L 59 -24.94 -32.82 23.16
C ASN L 59 -24.58 -31.33 23.09
N PHE L 60 -24.54 -30.66 24.23
CA PHE L 60 -24.21 -29.24 24.30
C PHE L 60 -22.69 -29.12 24.36
N ALA L 61 -22.11 -28.44 23.39
CA ALA L 61 -20.70 -28.67 23.22
C ALA L 61 -20.05 -27.43 22.63
N GLY L 62 -18.84 -27.67 22.13
CA GLY L 62 -17.74 -26.73 21.99
C GLY L 62 -18.13 -25.32 21.69
N GLY L 63 -17.99 -24.46 22.69
CA GLY L 63 -17.51 -24.81 24.02
C GLY L 63 -17.17 -23.41 24.35
N GLU L 64 -16.90 -23.01 25.59
CA GLU L 64 -17.06 -23.74 26.83
C GLU L 64 -18.44 -23.50 27.44
N PRO L 65 -19.32 -24.50 27.43
CA PRO L 65 -20.71 -24.23 27.83
C PRO L 65 -20.89 -23.69 29.23
N PHE L 66 -20.02 -24.02 30.19
CA PHE L 66 -20.24 -23.53 31.55
C PHE L 66 -19.92 -22.06 31.71
N LEU L 67 -19.58 -21.41 30.59
CA LEU L 67 -19.54 -19.95 30.53
C LEU L 67 -20.95 -19.35 30.57
N TYR L 68 -21.96 -20.12 30.14
CA TYR L 68 -23.33 -19.64 30.03
C TYR L 68 -24.25 -20.55 30.85
N PRO L 69 -24.14 -20.48 32.19
CA PRO L 69 -24.92 -21.42 33.02
C PRO L 69 -26.42 -21.26 32.87
N LYS L 70 -26.97 -20.05 32.94
CA LYS L 70 -28.43 -19.93 32.89
C LYS L 70 -28.96 -20.54 31.60
N PHE L 71 -28.37 -20.15 30.47
CA PHE L 71 -28.78 -20.74 29.20
C PHE L 71 -28.64 -22.26 29.24
N LEU L 72 -27.48 -22.75 29.66
CA LEU L 72 -27.24 -24.20 29.67
C LEU L 72 -28.23 -24.90 30.55
N GLY L 73 -28.42 -24.37 31.75
CA GLY L 73 -29.43 -24.86 32.66
C GLY L 73 -30.82 -24.92 32.06
N GLU L 74 -31.28 -23.79 31.50
CA GLU L 74 -32.61 -23.77 30.89
C GLU L 74 -32.78 -24.83 29.84
N MET L 75 -31.75 -25.03 28.99
CA MET L 75 -31.89 -25.91 27.84
C MET L 75 -31.73 -27.36 28.21
N ILE L 76 -30.85 -27.66 29.17
CA ILE L 76 -30.83 -29.01 29.72
C ILE L 76 -32.20 -29.39 30.23
N ASP L 77 -32.76 -28.56 31.14
CA ASP L 77 -34.08 -28.84 31.70
C ASP L 77 -35.11 -28.97 30.59
N PHE L 78 -35.08 -28.06 29.61
CA PHE L 78 -36.05 -28.13 28.53
C PHE L 78 -35.92 -29.42 27.74
N CYS L 79 -34.69 -29.86 27.47
CA CYS L 79 -34.51 -31.02 26.61
C CYS L 79 -35.02 -32.29 27.28
N LYS L 80 -34.75 -32.45 28.57
CA LYS L 80 -35.12 -33.66 29.27
C LYS L 80 -36.57 -33.62 29.75
N GLU L 81 -36.93 -32.58 30.50
CA GLU L 81 -38.30 -32.49 31.04
C GLU L 81 -39.34 -32.33 29.94
N THR L 82 -39.26 -31.22 29.17
CA THR L 82 -40.28 -30.87 28.18
C THR L 82 -40.16 -31.67 26.88
N LEU L 83 -38.96 -31.79 26.32
CA LEU L 83 -38.81 -32.43 25.02
C LEU L 83 -38.68 -33.93 25.12
N GLN L 84 -38.40 -34.44 26.33
CA GLN L 84 -38.24 -35.86 26.64
C GLN L 84 -37.25 -36.55 25.68
N LEU L 85 -35.98 -36.24 25.86
CA LEU L 85 -34.93 -36.84 25.07
C LEU L 85 -34.26 -37.95 25.85
N GLU L 86 -33.89 -39.03 25.15
CA GLU L 86 -33.26 -40.15 25.85
C GLU L 86 -31.97 -39.71 26.53
N SER L 87 -31.16 -38.89 25.85
CA SER L 87 -29.81 -38.59 26.30
C SER L 87 -29.56 -37.09 26.20
N VAL L 88 -28.93 -36.53 27.23
CA VAL L 88 -28.55 -35.12 27.27
C VAL L 88 -27.14 -35.07 27.81
N SER L 89 -26.20 -34.56 27.01
CA SER L 89 -24.79 -34.55 27.40
C SER L 89 -24.24 -33.13 27.37
N ILE L 90 -23.14 -32.93 28.09
CA ILE L 90 -22.41 -31.68 28.06
C ILE L 90 -20.93 -31.99 27.93
N VAL L 91 -20.19 -31.17 27.18
CA VAL L 91 -18.73 -31.29 27.10
C VAL L 91 -18.10 -30.05 27.71
N THR L 92 -17.12 -30.24 28.57
CA THR L 92 -16.54 -29.10 29.27
C THR L 92 -15.09 -29.40 29.55
N ASN L 93 -14.32 -28.34 29.79
CA ASN L 93 -12.95 -28.48 30.23
C ASN L 93 -12.81 -28.52 31.74
N GLY L 94 -13.88 -28.26 32.49
CA GLY L 94 -13.86 -28.56 33.90
C GLY L 94 -13.88 -27.35 34.81
N SER L 95 -12.90 -26.45 34.67
CA SER L 95 -13.03 -25.18 35.37
C SER L 95 -14.36 -24.57 34.97
N LEU L 96 -15.03 -23.94 35.93
CA LEU L 96 -16.33 -23.27 35.82
C LEU L 96 -17.49 -24.19 36.18
N VAL L 97 -17.29 -25.49 36.30
CA VAL L 97 -18.37 -26.33 36.79
C VAL L 97 -18.44 -26.15 38.30
N LYS L 98 -19.57 -25.66 38.78
CA LYS L 98 -19.82 -25.59 40.21
C LYS L 98 -20.72 -26.76 40.60
N GLU L 99 -20.53 -27.27 41.83
CA GLU L 99 -21.34 -28.43 42.26
C GLU L 99 -22.83 -28.11 42.30
N GLN L 100 -23.19 -26.87 42.64
CA GLN L 100 -24.56 -26.40 42.68
C GLN L 100 -25.30 -26.74 41.40
N PHE L 101 -24.71 -26.37 40.25
CA PHE L 101 -25.30 -26.65 38.94
C PHE L 101 -25.62 -28.14 38.79
N LEU L 102 -24.69 -29.03 39.17
CA LEU L 102 -24.91 -30.46 38.96
C LEU L 102 -25.96 -31.01 39.91
N GLN L 103 -26.03 -30.48 41.13
CA GLN L 103 -27.17 -30.78 41.97
C GLN L 103 -28.46 -30.30 41.32
N LYS L 104 -28.55 -29.01 41.02
CA LYS L 104 -29.80 -28.43 40.54
C LYS L 104 -30.29 -29.11 39.26
N HIS L 105 -29.37 -29.56 38.38
CA HIS L 105 -29.76 -30.07 37.05
C HIS L 105 -29.41 -31.53 36.80
N GLY L 106 -28.66 -32.21 37.70
CA GLY L 106 -28.19 -33.56 37.41
C GLY L 106 -29.31 -34.55 37.12
N ARG L 107 -30.51 -34.30 37.66
CA ARG L 107 -31.70 -35.06 37.27
C ARG L 107 -31.79 -35.18 35.75
N ASN L 108 -31.37 -34.15 34.99
CA ASN L 108 -31.56 -34.15 33.56
C ASN L 108 -30.28 -34.31 32.76
N ILE L 109 -29.13 -34.27 33.41
CA ILE L 109 -27.87 -34.46 32.73
C ILE L 109 -27.58 -35.96 32.72
N ASP L 110 -27.49 -36.53 31.52
CA ASP L 110 -27.19 -37.96 31.46
C ASP L 110 -25.68 -38.21 31.46
N ILE L 111 -24.92 -37.49 30.63
CA ILE L 111 -23.47 -37.66 30.55
C ILE L 111 -22.84 -36.30 30.68
N LEU L 112 -21.74 -36.24 31.41
CA LEU L 112 -20.91 -35.04 31.50
C LEU L 112 -19.50 -35.47 31.14
N ALA L 113 -19.10 -35.13 29.91
CA ALA L 113 -17.77 -35.45 29.41
C ALA L 113 -16.84 -34.27 29.68
N VAL L 114 -15.71 -34.53 30.32
CA VAL L 114 -14.71 -33.52 30.55
C VAL L 114 -13.55 -33.78 29.62
N SER L 115 -13.06 -32.73 28.95
CA SER L 115 -11.99 -32.91 27.99
C SER L 115 -10.67 -32.72 28.72
N CYS L 116 -9.81 -33.71 28.61
CA CYS L 116 -8.56 -33.75 29.36
C CYS L 116 -7.51 -34.43 28.51
N ASP L 117 -6.44 -33.71 28.19
CA ASP L 117 -5.43 -34.31 27.33
C ASP L 117 -4.17 -34.72 28.07
N SER L 118 -3.96 -34.25 29.29
CA SER L 118 -2.73 -34.56 30.01
C SER L 118 -2.87 -34.19 31.48
N PHE L 119 -2.05 -34.83 32.32
CA PHE L 119 -1.99 -34.55 33.75
C PHE L 119 -0.70 -33.83 34.15
N ASN L 120 0.18 -33.55 33.19
CA ASN L 120 1.40 -32.78 33.42
C ASN L 120 1.21 -31.36 32.88
N GLU L 121 1.50 -30.38 33.74
CA GLU L 121 1.28 -28.98 33.37
C GLU L 121 2.05 -28.62 32.10
N ALA L 122 3.33 -29.00 32.03
CA ALA L 122 4.11 -28.65 30.85
C ALA L 122 3.49 -29.24 29.59
N THR L 123 3.02 -30.50 29.64
CA THR L 123 2.39 -31.06 28.46
C THR L 123 1.16 -30.27 28.08
N ASN L 124 0.34 -29.89 29.06
CA ASN L 124 -0.86 -29.13 28.73
C ASN L 124 -0.49 -27.76 28.13
N ILE L 125 0.53 -27.11 28.67
CA ILE L 125 0.94 -25.81 28.14
C ILE L 125 1.32 -25.93 26.66
N LYS L 126 2.17 -26.91 26.34
CA LYS L 126 2.60 -27.10 24.96
C LYS L 126 1.42 -27.36 24.03
N ILE L 127 0.40 -28.06 24.50
CA ILE L 127 -0.78 -28.31 23.68
C ILE L 127 -1.63 -27.05 23.52
N GLY L 128 -1.54 -26.10 24.46
CA GLY L 128 -2.26 -24.84 24.41
C GLY L 128 -3.54 -24.83 25.23
N ARG L 129 -3.44 -24.98 26.57
CA ARG L 129 -4.63 -25.17 27.39
C ARG L 129 -4.50 -24.56 28.78
N GLY L 130 -3.70 -23.50 28.93
CA GLY L 130 -3.24 -23.10 30.27
C GLY L 130 -2.04 -24.02 30.51
N SER L 131 -1.32 -24.04 31.65
CA SER L 131 -1.51 -23.42 32.98
C SER L 131 -2.51 -24.18 33.87
N GLY L 132 -1.97 -25.14 34.63
CA GLY L 132 -2.68 -25.92 35.64
C GLY L 132 -2.48 -25.36 37.05
N ASP L 133 -2.59 -26.19 38.08
CA ASP L 133 -2.72 -27.62 37.92
C ASP L 133 -4.20 -28.03 37.86
N ASN L 134 -4.65 -28.39 36.66
CA ASN L 134 -6.05 -28.76 36.41
C ASN L 134 -6.55 -29.90 37.34
N VAL L 135 -5.65 -30.71 37.90
CA VAL L 135 -5.95 -32.11 38.20
C VAL L 135 -7.02 -32.26 39.27
N GLN L 136 -6.94 -31.49 40.35
CA GLN L 136 -7.87 -31.73 41.45
C GLN L 136 -9.31 -31.50 41.00
N LYS L 137 -9.54 -30.47 40.16
CA LYS L 137 -10.89 -30.17 39.72
C LYS L 137 -11.50 -31.34 38.97
N LEU L 138 -10.68 -32.09 38.21
CA LEU L 138 -11.17 -33.31 37.58
C LEU L 138 -11.71 -34.27 38.62
N TYR L 139 -10.99 -34.44 39.72
CA TYR L 139 -11.40 -35.38 40.74
C TYR L 139 -12.70 -34.93 41.40
N GLU L 140 -12.80 -33.65 41.75
CA GLU L 140 -14.04 -33.14 42.33
C GLU L 140 -15.23 -33.44 41.43
N ILE L 141 -15.05 -33.28 40.12
CA ILE L 141 -16.18 -33.45 39.19
C ILE L 141 -16.61 -34.89 39.13
N GLY L 142 -15.65 -35.81 38.96
CA GLY L 142 -16.00 -37.22 38.92
C GLY L 142 -16.76 -37.68 40.15
N SER L 143 -16.33 -37.23 41.33
CA SER L 143 -17.07 -37.61 42.52
C SER L 143 -18.45 -36.96 42.55
N TRP L 144 -18.53 -35.65 42.24
CA TRP L 144 -19.82 -34.99 42.05
C TRP L 144 -20.73 -35.77 41.09
N CYS L 145 -20.15 -36.43 40.09
CA CYS L 145 -20.97 -37.16 39.14
C CYS L 145 -21.55 -38.42 39.76
N GLN L 146 -20.82 -39.03 40.70
CA GLN L 146 -21.41 -40.13 41.48
C GLN L 146 -22.46 -39.60 42.45
N LYS L 147 -22.12 -38.56 43.21
CA LYS L 147 -23.07 -37.99 44.15
C LYS L 147 -24.39 -37.56 43.51
N TYR L 148 -24.46 -37.40 42.17
CA TYR L 148 -25.68 -36.93 41.53
C TYR L 148 -26.18 -37.79 40.36
N ASP L 149 -25.62 -39.00 40.19
CA ASP L 149 -26.07 -39.98 39.20
C ASP L 149 -25.86 -39.50 37.77
N ILE L 150 -24.73 -38.85 37.54
CA ILE L 150 -24.33 -38.44 36.21
C ILE L 150 -23.21 -39.35 35.76
N LYS L 151 -23.35 -39.92 34.57
CA LYS L 151 -22.25 -40.71 34.04
C LYS L 151 -21.09 -39.80 33.67
N PHE L 152 -19.89 -40.22 34.03
CA PHE L 152 -18.70 -39.37 33.95
C PHE L 152 -17.83 -39.87 32.82
N LYS L 153 -17.52 -39.00 31.85
CA LYS L 153 -16.79 -39.37 30.63
C LYS L 153 -15.58 -38.47 30.44
N LEU L 154 -14.55 -39.03 29.82
CA LEU L 154 -13.31 -38.31 29.55
C LEU L 154 -12.98 -38.36 28.07
N ASN L 155 -12.69 -37.20 27.51
CA ASN L 155 -12.29 -37.11 26.11
C ASN L 155 -10.83 -36.71 26.05
N THR L 156 -10.00 -37.56 25.47
CA THR L 156 -8.58 -37.26 25.28
C THR L 156 -8.22 -37.26 23.80
N VAL L 157 -7.46 -36.26 23.38
CA VAL L 157 -6.86 -36.26 22.06
C VAL L 157 -5.40 -36.66 22.22
N VAL L 158 -5.00 -37.75 21.56
CA VAL L 158 -3.62 -38.22 21.65
C VAL L 158 -2.83 -37.58 20.54
N ASN L 159 -1.71 -36.94 20.88
CA ASN L 159 -0.93 -36.15 19.93
C ASN L 159 0.54 -36.25 20.29
N LYS L 160 1.38 -35.41 19.67
CA LYS L 160 2.83 -35.55 19.80
C LYS L 160 3.33 -35.28 21.21
N PHE L 161 2.55 -34.57 22.03
CA PHE L 161 3.05 -34.15 23.33
C PHE L 161 2.64 -35.08 24.46
N ASN L 162 1.58 -35.86 24.29
CA ASN L 162 1.13 -36.76 25.33
C ASN L 162 1.13 -38.21 24.91
N HIS L 163 1.51 -38.54 23.68
CA HIS L 163 1.39 -39.93 23.26
C HIS L 163 2.25 -40.90 24.06
N LEU L 164 3.21 -40.41 24.85
CA LEU L 164 4.06 -41.26 25.67
C LEU L 164 3.66 -41.26 27.14
N GLU L 165 2.59 -40.57 27.50
CA GLU L 165 2.21 -40.37 28.89
C GLU L 165 1.59 -41.64 29.45
N ASP L 166 1.74 -41.84 30.77
CA ASP L 166 1.03 -42.91 31.46
C ASP L 166 -0.03 -42.30 32.35
N MET L 167 -1.28 -42.62 32.06
CA MET L 167 -2.42 -42.10 32.79
C MET L 167 -3.13 -43.16 33.60
N ASN L 168 -2.63 -44.41 33.59
CA ASN L 168 -3.34 -45.50 34.25
C ASN L 168 -3.59 -45.17 35.71
N ASP L 169 -2.53 -44.79 36.43
CA ASP L 169 -2.69 -44.45 37.84
C ASP L 169 -3.84 -43.48 38.03
N HIS L 170 -3.86 -42.40 37.26
CA HIS L 170 -4.97 -41.45 37.33
C HIS L 170 -6.28 -42.13 36.95
N LEU L 171 -6.36 -42.69 35.74
CA LEU L 171 -7.65 -43.21 35.31
C LEU L 171 -8.21 -44.30 36.25
N ASN L 172 -7.34 -45.05 36.95
CA ASN L 172 -7.83 -45.99 37.96
C ASN L 172 -8.53 -45.29 39.10
N ALA L 173 -8.08 -44.10 39.47
CA ALA L 173 -8.69 -43.33 40.54
C ALA L 173 -10.02 -42.68 40.13
N LEU L 174 -10.16 -42.20 38.89
CA LEU L 174 -11.39 -41.50 38.55
C LEU L 174 -12.48 -42.42 38.05
N GLN L 175 -12.11 -43.54 37.44
CA GLN L 175 -13.06 -44.54 36.96
C GLN L 175 -14.22 -43.93 36.18
N PRO L 176 -13.94 -43.23 35.10
CA PRO L 176 -15.02 -42.80 34.21
C PRO L 176 -15.64 -44.02 33.55
N PHE L 177 -16.87 -43.85 33.14
CA PHE L 177 -17.53 -44.95 32.48
C PHE L 177 -17.07 -45.10 31.04
N ARG L 178 -16.38 -44.08 30.51
CA ARG L 178 -15.92 -44.10 29.13
C ARG L 178 -14.77 -43.13 28.98
N TRP L 179 -13.71 -43.58 28.30
CA TRP L 179 -12.51 -42.79 28.09
C TRP L 179 -12.28 -42.81 26.60
N LYS L 180 -12.86 -41.84 25.89
CA LYS L 180 -12.71 -41.76 24.45
C LYS L 180 -11.34 -41.15 24.12
N CYS L 181 -10.53 -41.87 23.36
CA CYS L 181 -9.17 -41.44 23.05
C CYS L 181 -9.04 -41.25 21.54
N PHE L 182 -9.02 -40.00 21.09
CA PHE L 182 -8.96 -39.71 19.67
C PHE L 182 -7.52 -39.60 19.22
N GLN L 183 -7.23 -40.20 18.06
CA GLN L 183 -6.00 -39.85 17.38
C GLN L 183 -6.15 -38.47 16.76
N VAL L 184 -5.16 -37.61 17.00
CA VAL L 184 -5.25 -36.24 16.50
C VAL L 184 -5.13 -36.24 14.98
N LEU L 185 -5.87 -35.34 14.39
CA LEU L 185 -5.88 -35.06 12.98
C LEU L 185 -5.87 -33.55 12.85
N ILE L 186 -5.12 -33.02 11.89
CA ILE L 186 -5.10 -31.57 11.69
C ILE L 186 -5.53 -31.22 10.28
N VAL L 187 -6.38 -30.19 10.18
CA VAL L 187 -6.88 -29.68 8.90
C VAL L 187 -6.19 -28.35 8.56
N THR L 188 -5.95 -28.16 7.26
CA THR L 188 -5.20 -27.02 6.76
C THR L 188 -5.84 -26.38 5.52
N ARG L 198 1.28 -23.72 9.04
CA ARG L 198 1.83 -23.73 10.38
C ARG L 198 2.03 -25.18 10.88
N ASN L 199 3.02 -25.88 10.30
CA ASN L 199 3.13 -27.33 10.43
C ASN L 199 3.35 -27.83 11.85
N ALA L 200 2.35 -27.59 12.72
CA ALA L 200 2.00 -28.54 13.76
C ALA L 200 1.32 -29.76 13.09
N HIS L 201 1.65 -29.98 11.79
CA HIS L 201 1.77 -31.30 11.17
C HIS L 201 3.00 -32.06 11.70
N SER L 202 3.84 -31.39 12.51
CA SER L 202 4.63 -32.03 13.57
C SER L 202 3.96 -31.69 14.90
N LEU L 203 2.83 -32.36 15.08
CA LEU L 203 2.00 -32.43 16.27
C LEU L 203 1.11 -33.66 16.06
N THR L 204 1.12 -34.22 14.84
CA THR L 204 0.50 -35.48 14.40
C THR L 204 1.31 -36.68 14.77
N ILE L 205 0.65 -37.74 15.21
CA ILE L 205 1.36 -38.97 15.55
C ILE L 205 1.15 -40.11 14.53
N SER L 206 2.13 -41.05 14.46
CA SER L 206 1.97 -42.22 13.58
C SER L 206 0.87 -43.14 14.12
N ASP L 207 0.32 -43.99 13.25
CA ASP L 207 -0.73 -44.89 13.70
C ASP L 207 -0.19 -45.92 14.69
N ASP L 208 1.13 -46.17 14.69
CA ASP L 208 1.71 -47.06 15.67
C ASP L 208 1.93 -46.37 17.01
N GLU L 209 2.41 -45.12 16.98
CA GLU L 209 2.45 -44.32 18.20
C GLU L 209 1.08 -44.28 18.87
N PHE L 210 0.01 -44.15 18.08
CA PHE L 210 -1.33 -44.11 18.68
C PHE L 210 -1.67 -45.44 19.32
N ASP L 211 -1.38 -46.55 18.64
CA ASP L 211 -1.83 -47.81 19.22
C ASP L 211 -0.95 -48.26 20.36
N ARG L 212 0.30 -47.82 20.43
CA ARG L 212 1.07 -48.11 21.64
C ARG L 212 0.56 -47.32 22.83
N PHE L 213 -0.02 -46.14 22.59
CA PHE L 213 -0.69 -45.44 23.67
C PHE L 213 -1.89 -46.24 24.13
N CYS L 214 -2.61 -46.83 23.19
CA CYS L 214 -3.77 -47.62 23.56
C CYS L 214 -3.36 -48.89 24.29
N GLU L 215 -2.26 -49.54 23.86
CA GLU L 215 -1.84 -50.76 24.53
C GLU L 215 -1.27 -50.45 25.91
N ARG L 216 -0.53 -49.34 26.01
CA ARG L 216 -0.02 -48.90 27.30
C ARG L 216 -1.11 -48.75 28.34
N HIS L 217 -2.37 -48.65 27.92
CA HIS L 217 -3.51 -48.50 28.81
C HIS L 217 -4.50 -49.65 28.63
N SER L 218 -4.01 -50.83 28.21
CA SER L 218 -4.87 -51.98 27.93
C SER L 218 -5.68 -52.45 29.15
N SER L 219 -5.10 -52.31 30.36
CA SER L 219 -5.78 -52.62 31.62
C SER L 219 -7.05 -51.82 31.82
N GLN L 220 -7.28 -50.79 31.04
CA GLN L 220 -8.32 -49.82 31.31
C GLN L 220 -9.58 -50.26 30.57
N THR L 221 -10.58 -50.69 31.34
CA THR L 221 -11.76 -51.27 30.71
C THR L 221 -12.54 -50.24 29.90
N CYS L 222 -12.57 -48.98 30.36
CA CYS L 222 -13.38 -47.91 29.79
C CYS L 222 -12.84 -47.31 28.50
N LEU L 223 -11.65 -47.70 28.06
CA LEU L 223 -11.00 -47.02 26.95
C LEU L 223 -11.64 -47.38 25.61
N VAL L 224 -12.04 -46.35 24.88
CA VAL L 224 -12.49 -46.53 23.50
C VAL L 224 -11.59 -45.72 22.58
N PRO L 225 -10.71 -46.38 21.80
CA PRO L 225 -9.91 -45.64 20.84
C PRO L 225 -10.70 -45.34 19.58
N GLU L 226 -10.39 -44.18 18.99
CA GLU L 226 -10.89 -43.82 17.67
C GLU L 226 -9.70 -43.26 16.85
N PRO L 227 -9.14 -44.13 16.03
CA PRO L 227 -8.02 -43.66 15.17
C PRO L 227 -8.52 -42.94 13.93
N ASN L 228 -7.58 -42.25 13.29
CA ASN L 228 -7.93 -41.53 12.06
C ASN L 228 -8.45 -42.47 10.98
N ARG L 229 -7.94 -43.70 10.88
CA ARG L 229 -8.34 -44.52 9.74
C ARG L 229 -9.75 -45.08 9.86
N LEU L 230 -10.42 -44.88 11.00
CA LEU L 230 -11.82 -45.29 11.13
C LEU L 230 -12.46 -44.41 12.22
N MET L 231 -13.02 -43.28 11.79
CA MET L 231 -13.72 -42.36 12.67
C MET L 231 -15.23 -42.64 12.66
N ALA L 232 -15.90 -42.27 13.77
CA ALA L 232 -17.34 -42.45 13.90
C ALA L 232 -18.08 -41.56 12.91
N LYS L 233 -19.28 -41.97 12.52
CA LYS L 233 -20.02 -41.29 11.46
C LYS L 233 -21.28 -40.58 12.01
N SER L 234 -22.09 -40.03 11.11
CA SER L 234 -23.32 -39.33 11.50
C SER L 234 -23.08 -38.24 12.57
N TYR L 235 -21.97 -37.52 12.45
CA TYR L 235 -21.63 -36.46 13.40
C TYR L 235 -22.05 -35.09 12.83
N LEU L 236 -23.12 -34.53 13.39
CA LEU L 236 -23.74 -33.33 12.85
C LEU L 236 -23.65 -32.20 13.87
N ILE L 237 -23.15 -31.04 13.44
CA ILE L 237 -22.97 -29.90 14.32
C ILE L 237 -24.06 -28.89 14.05
N LEU L 238 -24.60 -28.31 15.12
CA LEU L 238 -25.56 -27.22 15.06
C LEU L 238 -24.85 -26.04 15.72
N ASP L 239 -24.67 -24.95 14.97
CA ASP L 239 -23.81 -23.87 15.43
C ASP L 239 -24.60 -22.83 16.23
N GLU L 240 -23.92 -21.74 16.61
CA GLU L 240 -24.49 -20.79 17.57
C GLU L 240 -25.73 -20.10 17.02
N TYR L 241 -25.84 -20.02 15.70
CA TYR L 241 -27.02 -19.47 15.02
C TYR L 241 -28.01 -20.56 14.65
N MET L 242 -27.76 -21.80 15.09
CA MET L 242 -28.60 -22.95 14.79
C MET L 242 -28.57 -23.28 13.31
N ARG L 243 -27.38 -23.22 12.73
CA ARG L 243 -27.12 -23.66 11.38
C ARG L 243 -26.30 -24.94 11.42
N PHE L 244 -26.48 -25.77 10.40
CA PHE L 244 -25.70 -26.99 10.26
C PHE L 244 -24.40 -26.67 9.54
N LEU L 245 -23.31 -27.30 9.97
CA LEU L 245 -22.05 -27.23 9.25
C LEU L 245 -21.90 -28.41 8.31
N ASP L 246 -21.10 -28.23 7.23
CA ASP L 246 -20.92 -29.27 6.22
C ASP L 246 -19.93 -30.33 6.74
N ARG L 247 -19.59 -31.30 5.88
CA ARG L 247 -18.71 -32.39 6.29
C ARG L 247 -17.29 -31.91 6.65
N ASN L 248 -16.98 -30.64 6.42
CA ASN L 248 -15.71 -30.04 6.81
C ASN L 248 -15.83 -29.06 7.97
N GLY L 249 -16.98 -29.00 8.64
CA GLY L 249 -17.20 -28.00 9.65
C GLY L 249 -17.31 -26.58 9.15
N GLN L 250 -17.68 -26.38 7.89
CA GLN L 250 -17.79 -25.03 7.33
C GLN L 250 -19.06 -24.89 6.52
N GLN L 251 -19.10 -23.85 5.69
CA GLN L 251 -20.19 -23.53 4.77
C GLN L 251 -21.55 -23.72 5.46
N PRO L 252 -21.83 -22.99 6.55
CA PRO L 252 -23.07 -23.25 7.29
C PRO L 252 -24.30 -22.97 6.45
N SER L 253 -25.32 -23.80 6.66
CA SER L 253 -26.63 -23.60 6.07
C SER L 253 -27.25 -22.31 6.60
N LYS L 254 -28.41 -21.95 6.06
CA LYS L 254 -29.17 -20.93 6.78
C LYS L 254 -29.70 -21.58 8.05
N SER L 255 -30.03 -20.76 9.06
CA SER L 255 -30.50 -21.32 10.31
C SER L 255 -31.73 -22.19 10.10
N ILE L 256 -31.90 -23.23 10.93
CA ILE L 256 -33.11 -24.03 10.83
C ILE L 256 -34.32 -23.23 11.29
N LEU L 257 -34.10 -22.11 11.99
CA LEU L 257 -35.18 -21.22 12.37
C LEU L 257 -35.73 -20.42 11.19
N GLU L 258 -35.01 -20.36 10.06
CA GLU L 258 -35.47 -19.71 8.82
C GLU L 258 -35.96 -20.69 7.77
N VAL L 259 -35.27 -21.81 7.56
CA VAL L 259 -35.55 -22.72 6.45
C VAL L 259 -35.98 -24.11 6.89
N GLY L 260 -35.93 -24.42 8.18
CA GLY L 260 -36.29 -25.74 8.64
C GLY L 260 -35.15 -26.75 8.53
N VAL L 261 -35.38 -27.90 9.14
CA VAL L 261 -34.30 -28.87 9.31
C VAL L 261 -33.88 -29.48 7.98
N GLN L 262 -34.83 -29.87 7.14
CA GLN L 262 -34.39 -30.65 5.97
C GLN L 262 -33.73 -29.80 4.91
N GLN L 263 -34.31 -28.64 4.61
CA GLN L 263 -33.68 -27.74 3.65
C GLN L 263 -32.28 -27.35 4.12
N ALA L 264 -32.10 -27.19 5.44
CA ALA L 264 -30.76 -26.99 5.99
C ALA L 264 -29.87 -28.19 5.73
N LEU L 265 -30.41 -29.39 5.90
CA LEU L 265 -29.57 -30.57 5.68
C LEU L 265 -29.12 -30.64 4.23
N GLN L 266 -30.00 -30.36 3.28
CA GLN L 266 -29.60 -30.38 1.87
C GLN L 266 -28.57 -29.30 1.58
N ALA L 267 -28.71 -28.13 2.20
CA ALA L 267 -27.78 -27.03 1.94
C ALA L 267 -26.36 -27.40 2.28
N VAL L 268 -26.17 -28.53 2.94
CA VAL L 268 -24.93 -28.90 3.56
C VAL L 268 -24.46 -30.25 3.05
N PHE L 269 -25.15 -30.79 2.07
CA PHE L 269 -24.79 -32.05 1.47
C PHE L 269 -24.74 -33.10 2.55
N TRP L 270 -25.73 -33.08 3.44
CA TRP L 270 -25.80 -34.05 4.51
C TRP L 270 -25.81 -35.47 3.93
N ASP L 271 -25.06 -36.35 4.57
CA ASP L 271 -24.80 -37.69 4.09
C ASP L 271 -24.08 -38.37 5.25
N GLU L 272 -24.75 -39.30 5.94
CA GLU L 272 -24.28 -39.69 7.27
C GLU L 272 -22.92 -40.38 7.23
N GLU L 273 -22.54 -40.99 6.09
CA GLU L 273 -21.24 -41.65 6.00
C GLU L 273 -20.10 -40.64 5.89
N ALA L 274 -20.37 -39.47 5.33
CA ALA L 274 -19.36 -38.46 5.09
C ALA L 274 -19.07 -37.57 6.29
N PHE L 275 -19.90 -37.62 7.33
CA PHE L 275 -19.81 -36.69 8.45
C PHE L 275 -19.08 -37.35 9.63
N VAL L 276 -17.76 -37.31 9.56
CA VAL L 276 -16.91 -37.95 10.56
C VAL L 276 -16.87 -37.12 11.85
N GLU L 277 -16.67 -37.82 12.96
CA GLU L 277 -16.45 -37.24 14.28
C GLU L 277 -15.33 -36.21 14.24
N ARG L 278 -15.67 -34.99 14.61
CA ARG L 278 -14.70 -33.90 14.64
C ARG L 278 -13.99 -33.78 15.99
N GLY L 279 -14.46 -34.50 17.02
CA GLY L 279 -13.89 -34.39 18.36
C GLY L 279 -12.39 -34.68 18.42
N GLY L 280 -11.85 -35.40 17.45
CA GLY L 280 -10.42 -35.65 17.47
C GLY L 280 -9.65 -34.80 16.47
N ILE L 281 -10.28 -33.72 16.01
CA ILE L 281 -9.77 -32.92 14.90
C ILE L 281 -9.40 -31.54 15.43
N TYR L 282 -8.23 -31.05 15.08
CA TYR L 282 -7.84 -29.67 15.33
C TYR L 282 -8.18 -28.84 14.09
N ASP L 283 -9.33 -28.12 14.13
CA ASP L 283 -9.93 -27.42 12.97
C ASP L 283 -9.33 -26.01 12.77
N TRP L 284 -8.37 -25.90 11.82
CA TRP L 284 -7.56 -24.67 11.59
C TRP L 284 -7.81 -23.99 10.26
#